data_7MK0
#
_entry.id   7MK0
#
_cell.length_a   127.842
_cell.length_b   127.842
_cell.length_c   275.494
_cell.angle_alpha   90.000
_cell.angle_beta   90.000
_cell.angle_gamma   120.000
#
_symmetry.space_group_name_H-M   'P 3'
#
_entity_poly.entity_id   1
_entity_poly.type   'polypeptide(L)'
_entity_poly.pdbx_seq_one_letter_code
;MTSERTFIAVKPDGVQRCLVGEIIQRFEKKGYKLVALKMLQPSAEQAQQHYIDLASKPFYKDLVAYFSSGPIVGMVWEGK
GVVKGGRVLLGATNPADSLPGTIRGDFAVDVGRNVCHGSDSVDSAKREIAFWFKPEELVNWTSHSVKQVYE
;
_entity_poly.pdbx_strand_id   A,B,C,D,E,F,G,H,I,J,K,L,M,N,O,P,Q,R,S,T,U,V,W,X
#
# COMPACT_ATOMS: atom_id res chain seq x y z
N MET A 1 30.18 19.58 -61.75
CA MET A 1 30.98 20.51 -60.89
C MET A 1 32.49 20.50 -61.18
N THR A 2 32.85 20.09 -62.40
CA THR A 2 34.23 20.07 -62.91
C THR A 2 34.94 21.44 -62.76
N SER A 3 34.14 22.49 -62.60
CA SER A 3 34.64 23.86 -62.57
C SER A 3 35.23 24.33 -61.24
N GLU A 4 34.95 23.58 -60.17
CA GLU A 4 35.45 23.84 -58.81
C GLU A 4 36.98 23.98 -58.72
N ARG A 5 37.46 24.90 -57.89
CA ARG A 5 38.89 25.01 -57.69
C ARG A 5 39.31 24.92 -56.22
N THR A 6 40.60 24.66 -55.99
CA THR A 6 41.19 24.70 -54.64
C THR A 6 42.51 25.49 -54.60
N PHE A 7 43.11 25.59 -53.42
CA PHE A 7 44.44 26.15 -53.33
C PHE A 7 45.40 25.27 -52.51
N ILE A 8 46.38 24.68 -53.20
CA ILE A 8 47.51 24.02 -52.56
C ILE A 8 48.75 24.95 -52.50
N ALA A 9 49.50 24.84 -51.40
CA ALA A 9 50.81 25.45 -51.31
C ALA A 9 51.81 24.46 -50.72
N VAL A 10 52.91 24.24 -51.42
CA VAL A 10 53.99 23.51 -50.78
C VAL A 10 54.74 24.52 -49.90
N LYS A 11 54.75 24.29 -48.59
CA LYS A 11 55.36 25.23 -47.65
C LYS A 11 56.89 25.23 -47.72
N PRO A 12 57.56 26.20 -47.03
CA PRO A 12 59.02 26.36 -47.02
C PRO A 12 59.82 25.06 -46.92
N ASP A 13 59.45 24.20 -45.97
CA ASP A 13 60.10 22.89 -45.83
C ASP A 13 59.86 21.99 -47.06
N GLY A 14 58.69 22.17 -47.69
CA GLY A 14 58.28 21.42 -48.88
C GLY A 14 59.22 21.52 -50.07
N VAL A 15 59.61 22.73 -50.42
CA VAL A 15 60.63 22.89 -51.45
C VAL A 15 61.98 22.42 -50.91
N GLN A 16 62.30 22.79 -49.68
CA GLN A 16 63.66 22.63 -49.16
C GLN A 16 64.14 21.19 -48.97
N ARG A 17 63.19 20.26 -48.99
CA ARG A 17 63.50 18.83 -48.93
C ARG A 17 63.38 18.21 -50.32
N CYS A 18 62.97 19.06 -51.27
CA CYS A 18 62.93 18.76 -52.70
C CYS A 18 61.78 17.80 -53.05
N LEU A 19 60.57 18.14 -52.59
CA LEU A 19 59.40 17.28 -52.84
C LEU A 19 58.29 17.92 -53.71
N VAL A 20 58.60 19.07 -54.29
CA VAL A 20 57.72 19.76 -55.24
C VAL A 20 57.24 18.85 -56.38
N GLY A 21 58.17 18.08 -56.95
CA GLY A 21 57.84 17.18 -58.06
C GLY A 21 56.91 16.03 -57.73
N GLU A 22 57.19 15.33 -56.64
CA GLU A 22 56.34 14.25 -56.14
C GLU A 22 54.90 14.72 -55.86
N ILE A 23 54.75 15.88 -55.22
CA ILE A 23 53.43 16.49 -54.92
C ILE A 23 52.66 16.85 -56.19
N ILE A 24 53.32 17.56 -57.09
CA ILE A 24 52.67 18.02 -58.31
C ILE A 24 52.24 16.85 -59.21
N GLN A 25 53.06 15.80 -59.30
CA GLN A 25 52.73 14.57 -60.06
C GLN A 25 51.44 13.90 -59.56
N ARG A 26 51.27 13.81 -58.24
CA ARG A 26 50.12 13.12 -57.67
C ARG A 26 48.82 13.83 -57.97
N PHE A 27 48.87 15.15 -58.01
CA PHE A 27 47.68 15.89 -58.38
C PHE A 27 47.43 15.79 -59.87
N GLU A 28 48.51 15.59 -60.60
CA GLU A 28 48.40 15.49 -62.02
C GLU A 28 47.85 14.13 -62.42
N LYS A 29 48.41 13.07 -61.82
CA LYS A 29 48.13 11.70 -62.25
C LYS A 29 46.74 11.28 -61.82
N LYS A 30 46.22 11.94 -60.78
CA LYS A 30 44.83 11.80 -60.35
C LYS A 30 43.86 12.26 -61.42
N GLY A 31 44.16 13.39 -62.07
CA GLY A 31 43.37 13.87 -63.20
C GLY A 31 42.76 15.26 -63.06
N TYR A 32 43.40 16.10 -62.25
CA TYR A 32 43.03 17.51 -62.12
C TYR A 32 43.87 18.36 -63.05
N LYS A 33 43.29 19.47 -63.51
CA LYS A 33 43.99 20.43 -64.35
C LYS A 33 44.62 21.55 -63.49
N LEU A 34 45.94 21.70 -63.62
CA LEU A 34 46.61 22.82 -62.96
C LEU A 34 46.26 24.07 -63.74
N VAL A 35 45.81 25.10 -63.03
CA VAL A 35 45.33 26.34 -63.67
C VAL A 35 46.31 27.51 -63.42
N ALA A 36 46.81 27.60 -62.18
CA ALA A 36 47.78 28.61 -61.77
C ALA A 36 48.89 28.00 -60.91
N LEU A 37 50.11 28.49 -61.11
CA LEU A 37 51.31 27.92 -60.48
C LEU A 37 52.43 28.95 -60.48
N LYS A 38 53.09 29.12 -59.35
CA LYS A 38 54.25 30.02 -59.27
C LYS A 38 55.13 29.61 -58.11
N MET A 39 56.20 30.36 -57.89
CA MET A 39 57.08 30.16 -56.76
C MET A 39 57.37 31.51 -56.14
N LEU A 40 57.02 31.69 -54.87
CA LEU A 40 57.32 32.95 -54.18
C LEU A 40 57.68 32.80 -52.71
N GLN A 41 58.55 33.68 -52.24
CA GLN A 41 58.69 33.92 -50.82
C GLN A 41 57.61 34.93 -50.48
N PRO A 42 56.64 34.54 -49.64
CA PRO A 42 55.65 35.51 -49.23
C PRO A 42 56.27 36.54 -48.29
N SER A 43 55.99 37.82 -48.52
CA SER A 43 56.30 38.83 -47.52
C SER A 43 55.49 38.49 -46.27
N ALA A 44 56.07 38.75 -45.10
CA ALA A 44 55.31 38.52 -43.86
C ALA A 44 53.93 39.20 -43.95
N GLU A 45 53.85 40.25 -44.77
CA GLU A 45 52.63 41.03 -45.00
C GLU A 45 51.54 40.19 -45.68
N GLN A 46 51.94 39.40 -46.67
CA GLN A 46 51.01 38.51 -47.37
C GLN A 46 50.62 37.34 -46.47
N ALA A 47 51.62 36.67 -45.88
CA ALA A 47 51.38 35.59 -44.90
C ALA A 47 50.37 35.98 -43.83
N GLN A 48 50.34 37.26 -43.48
CA GLN A 48 49.43 37.84 -42.49
C GLN A 48 47.93 37.76 -42.85
N GLN A 49 47.57 38.27 -44.03
CA GLN A 49 46.19 38.26 -44.53
C GLN A 49 45.66 36.85 -44.80
N HIS A 50 46.55 35.96 -45.25
CA HIS A 50 46.31 34.51 -45.35
C HIS A 50 45.96 33.97 -43.99
N TYR A 51 46.62 34.47 -42.95
CA TYR A 51 46.40 34.00 -41.59
C TYR A 51 45.64 35.00 -40.72
N ILE A 52 45.00 35.98 -41.34
CA ILE A 52 44.29 37.03 -40.59
C ILE A 52 43.18 36.44 -39.72
N ASP A 53 42.77 35.21 -40.05
CA ASP A 53 41.80 34.47 -39.24
C ASP A 53 42.45 33.95 -37.95
N LEU A 54 43.77 33.80 -37.97
CA LEU A 54 44.54 33.36 -36.81
C LEU A 54 45.59 34.39 -36.36
N ALA A 55 45.46 35.62 -36.86
CA ALA A 55 46.33 36.76 -36.46
C ALA A 55 46.29 37.02 -34.95
N SER A 56 45.26 36.47 -34.32
CA SER A 56 45.06 36.60 -32.89
C SER A 56 45.30 35.28 -32.14
N LYS A 57 45.79 34.27 -32.85
CA LYS A 57 46.20 33.01 -32.21
C LYS A 57 47.59 33.14 -31.57
N PRO A 58 47.87 32.36 -30.50
CA PRO A 58 49.18 32.19 -29.87
C PRO A 58 50.36 31.83 -30.77
N PHE A 59 50.15 30.94 -31.75
CA PHE A 59 51.25 30.52 -32.64
C PHE A 59 51.36 31.40 -33.90
N TYR A 60 50.59 32.47 -33.95
CA TYR A 60 50.63 33.38 -35.10
C TYR A 60 52.02 33.92 -35.35
N LYS A 61 52.76 34.15 -34.27
CA LYS A 61 54.13 34.68 -34.34
C LYS A 61 55.09 33.69 -35.02
N ASP A 62 55.01 32.42 -34.62
CA ASP A 62 55.78 31.34 -35.22
C ASP A 62 55.25 30.97 -36.62
N LEU A 63 53.93 30.88 -36.75
CA LEU A 63 53.30 30.46 -37.99
C LEU A 63 53.67 31.34 -39.17
N VAL A 64 53.66 32.66 -38.96
CA VAL A 64 54.14 33.63 -39.95
C VAL A 64 55.62 33.38 -40.29
N ALA A 65 56.43 33.22 -39.26
CA ALA A 65 57.88 33.04 -39.41
C ALA A 65 58.21 31.76 -40.15
N TYR A 66 57.49 30.69 -39.82
CA TYR A 66 57.66 29.40 -40.50
C TYR A 66 57.32 29.54 -41.98
N PHE A 67 56.27 30.29 -42.27
CA PHE A 67 55.78 30.53 -43.62
C PHE A 67 56.67 31.49 -44.41
N SER A 68 57.36 32.38 -43.71
CA SER A 68 58.20 33.38 -44.37
C SER A 68 59.65 32.92 -44.59
N SER A 69 60.00 31.83 -43.91
CA SER A 69 61.36 31.27 -43.88
C SER A 69 61.87 30.74 -45.20
N GLY A 70 60.96 30.34 -46.09
CA GLY A 70 61.37 29.77 -47.37
C GLY A 70 60.53 30.17 -48.56
N PRO A 71 60.92 29.70 -49.76
CA PRO A 71 60.11 30.00 -50.93
C PRO A 71 58.98 28.99 -50.98
N ILE A 72 57.95 29.28 -51.77
CA ILE A 72 56.71 28.48 -51.77
C ILE A 72 56.13 28.33 -53.19
N VAL A 73 55.71 27.10 -53.51
CA VAL A 73 55.06 26.79 -54.79
C VAL A 73 53.53 26.99 -54.73
N GLY A 74 53.10 28.22 -55.06
CA GLY A 74 51.70 28.63 -54.96
C GLY A 74 50.86 28.08 -56.10
N MET A 75 49.76 27.40 -55.76
CA MET A 75 49.03 26.56 -56.74
C MET A 75 47.49 26.64 -56.69
N VAL A 76 46.87 26.56 -57.87
CA VAL A 76 45.40 26.50 -58.05
C VAL A 76 44.98 25.29 -58.91
N TRP A 77 44.30 24.35 -58.26
CA TRP A 77 43.91 23.12 -58.94
C TRP A 77 42.42 23.05 -59.16
N GLU A 78 42.03 22.36 -60.23
CA GLU A 78 40.69 22.50 -60.84
C GLU A 78 40.05 21.13 -61.10
N GLY A 79 38.72 21.10 -61.07
CA GLY A 79 37.99 19.87 -61.34
C GLY A 79 37.03 19.40 -60.25
N LYS A 80 36.45 18.21 -60.45
CA LYS A 80 35.48 17.65 -59.51
C LYS A 80 36.04 17.21 -58.16
N GLY A 81 35.42 17.72 -57.10
CA GLY A 81 35.83 17.43 -55.73
C GLY A 81 37.29 17.75 -55.46
N VAL A 82 37.84 18.70 -56.22
CA VAL A 82 39.23 19.13 -56.07
C VAL A 82 39.55 19.65 -54.65
N VAL A 83 38.55 20.24 -53.96
CA VAL A 83 38.72 20.80 -52.62
C VAL A 83 38.82 19.67 -51.59
N LYS A 84 37.79 18.83 -51.54
CA LYS A 84 37.73 17.74 -50.57
C LYS A 84 38.76 16.66 -50.86
N GLY A 85 38.87 16.27 -52.14
CA GLY A 85 39.76 15.18 -52.55
C GLY A 85 41.22 15.53 -52.40
N GLY A 86 41.53 16.80 -52.66
CA GLY A 86 42.88 17.33 -52.54
C GLY A 86 43.40 17.34 -51.11
N ARG A 87 42.54 17.77 -50.19
CA ARG A 87 42.89 17.84 -48.77
C ARG A 87 43.08 16.45 -48.22
N VAL A 88 42.23 15.52 -48.65
CA VAL A 88 42.35 14.09 -48.32
C VAL A 88 43.65 13.51 -48.88
N LEU A 89 43.99 13.89 -50.11
CA LEU A 89 45.24 13.47 -50.75
C LEU A 89 46.44 13.98 -49.93
N LEU A 90 46.30 15.15 -49.35
CA LEU A 90 47.30 15.62 -48.42
C LEU A 90 47.24 14.83 -47.09
N GLY A 91 46.03 14.40 -46.69
CA GLY A 91 45.85 13.68 -45.43
C GLY A 91 45.57 14.57 -44.24
N ALA A 92 45.83 14.07 -43.05
CA ALA A 92 45.58 14.80 -41.79
C ALA A 92 46.54 15.98 -41.53
N THR A 93 46.02 17.01 -40.85
CA THR A 93 46.80 18.18 -40.41
C THR A 93 48.13 17.80 -39.76
N ASN A 94 48.09 16.82 -38.86
CA ASN A 94 49.26 16.25 -38.24
C ASN A 94 49.69 15.08 -39.11
N PRO A 95 50.94 15.13 -39.64
CA PRO A 95 51.46 13.99 -40.41
C PRO A 95 51.62 12.70 -39.58
N ALA A 96 51.52 12.80 -38.26
CA ALA A 96 51.55 11.63 -37.36
C ALA A 96 50.25 10.85 -37.45
N ASP A 97 49.18 11.57 -37.81
CA ASP A 97 47.86 11.03 -38.11
C ASP A 97 47.62 10.80 -39.61
N SER A 98 48.51 11.30 -40.47
CA SER A 98 48.38 11.14 -41.93
C SER A 98 48.72 9.73 -42.44
N LEU A 99 47.88 9.22 -43.34
CA LEU A 99 47.90 7.80 -43.76
C LEU A 99 48.90 7.52 -44.88
N PRO A 100 49.38 6.27 -44.99
CA PRO A 100 50.18 5.93 -46.17
C PRO A 100 49.41 6.22 -47.44
N GLY A 101 50.11 6.77 -48.43
CA GLY A 101 49.47 7.20 -49.66
C GLY A 101 49.35 8.70 -49.70
N THR A 102 49.38 9.33 -48.51
CA THR A 102 49.30 10.80 -48.42
C THR A 102 50.67 11.44 -48.56
N ILE A 103 50.68 12.71 -48.96
CA ILE A 103 51.90 13.48 -49.12
C ILE A 103 52.58 13.69 -47.75
N ARG A 104 51.79 14.14 -46.78
CA ARG A 104 52.26 14.25 -45.40
C ARG A 104 52.43 12.85 -44.78
N GLY A 105 51.65 11.88 -45.23
CA GLY A 105 51.76 10.52 -44.72
C GLY A 105 52.98 9.77 -45.25
N ASP A 106 53.45 10.17 -46.42
CA ASP A 106 54.57 9.49 -47.07
C ASP A 106 55.89 10.17 -46.77
N PHE A 107 55.84 11.48 -46.56
CA PHE A 107 57.07 12.28 -46.55
C PHE A 107 57.40 13.06 -45.26
N ALA A 108 56.42 13.30 -44.38
CA ALA A 108 56.67 14.19 -43.23
C ALA A 108 56.39 13.57 -41.84
N VAL A 109 56.75 14.32 -40.78
CA VAL A 109 56.76 13.80 -39.39
C VAL A 109 56.04 14.66 -38.34
N ASP A 110 56.07 15.97 -38.53
CA ASP A 110 55.67 16.94 -37.52
C ASP A 110 54.64 17.91 -38.08
N VAL A 111 53.77 18.39 -37.20
CA VAL A 111 52.81 19.42 -37.56
C VAL A 111 53.51 20.78 -37.75
N GLY A 112 54.59 21.01 -36.99
CA GLY A 112 55.50 22.17 -37.18
C GLY A 112 56.20 22.19 -38.53
N ARG A 113 56.31 21.02 -39.16
CA ARG A 113 56.80 20.92 -40.52
C ARG A 113 55.89 19.97 -41.29
N ASN A 114 54.65 20.38 -41.52
CA ASN A 114 53.74 19.56 -42.33
C ASN A 114 53.80 19.81 -43.84
N VAL A 115 54.91 20.38 -44.30
CA VAL A 115 55.33 20.39 -45.72
C VAL A 115 54.41 21.07 -46.77
N CYS A 116 53.19 21.43 -46.37
CA CYS A 116 52.12 21.63 -47.34
C CYS A 116 50.75 22.17 -46.82
N HIS A 117 50.08 23.01 -47.61
CA HIS A 117 48.69 23.40 -47.30
C HIS A 117 47.69 22.99 -48.36
N GLY A 118 46.46 22.71 -47.94
CA GLY A 118 45.36 22.45 -48.88
C GLY A 118 44.05 23.05 -48.43
N SER A 119 43.44 23.90 -49.28
CA SER A 119 42.20 24.64 -48.96
C SER A 119 41.14 23.84 -48.22
N ASP A 120 40.85 24.26 -46.99
CA ASP A 120 39.92 23.54 -46.12
C ASP A 120 38.46 23.73 -46.54
N SER A 121 38.19 24.76 -47.34
CA SER A 121 36.85 24.99 -47.88
C SER A 121 36.86 25.78 -49.19
N VAL A 122 35.74 25.72 -49.92
CA VAL A 122 35.53 26.55 -51.12
C VAL A 122 35.68 28.03 -50.77
N ASP A 123 35.10 28.44 -49.65
CA ASP A 123 35.23 29.80 -49.11
C ASP A 123 36.68 30.25 -48.92
N SER A 124 37.47 29.38 -48.27
CA SER A 124 38.92 29.60 -48.09
C SER A 124 39.67 29.55 -49.41
N ALA A 125 39.31 28.58 -50.26
CA ALA A 125 39.87 28.41 -51.61
C ALA A 125 39.76 29.67 -52.45
N LYS A 126 38.53 30.12 -52.71
CA LYS A 126 38.27 31.31 -53.53
C LYS A 126 38.89 32.60 -52.99
N ARG A 127 38.91 32.72 -51.66
CA ARG A 127 39.64 33.79 -50.99
C ARG A 127 41.15 33.61 -51.18
N GLU A 128 41.63 32.37 -51.03
CA GLU A 128 43.05 32.04 -51.23
C GLU A 128 43.54 32.14 -52.68
N ILE A 129 42.63 31.93 -53.65
CA ILE A 129 42.94 32.08 -55.08
C ILE A 129 43.03 33.55 -55.41
N ALA A 130 42.05 34.31 -54.93
CA ALA A 130 42.03 35.75 -55.17
C ALA A 130 43.18 36.45 -54.44
N PHE A 131 43.61 35.87 -53.32
CA PHE A 131 44.63 36.49 -52.48
C PHE A 131 46.03 36.36 -53.05
N TRP A 132 46.35 35.19 -53.63
CA TRP A 132 47.66 34.96 -54.22
C TRP A 132 47.76 35.31 -55.70
N PHE A 133 46.67 35.07 -56.43
CA PHE A 133 46.68 35.23 -57.88
C PHE A 133 45.70 36.26 -58.43
N LYS A 134 46.15 36.92 -59.48
CA LYS A 134 45.31 37.77 -60.30
C LYS A 134 44.49 36.86 -61.22
N PRO A 135 43.35 37.35 -61.75
CA PRO A 135 42.65 36.59 -62.79
C PRO A 135 43.50 36.41 -64.05
N GLU A 136 44.27 37.44 -64.45
CA GLU A 136 45.15 37.27 -65.61
C GLU A 136 46.26 36.25 -65.32
N GLU A 137 46.03 35.38 -64.33
CA GLU A 137 47.00 34.36 -63.95
C GLU A 137 46.44 32.94 -63.99
N LEU A 138 45.11 32.84 -64.00
CA LEU A 138 44.42 31.54 -64.08
C LEU A 138 44.23 31.12 -65.54
N VAL A 139 44.83 29.98 -65.89
CA VAL A 139 44.94 29.59 -67.30
C VAL A 139 44.03 28.44 -67.67
N ASN A 140 42.97 28.82 -68.37
CA ASN A 140 41.75 28.04 -68.58
C ASN A 140 41.75 27.34 -69.94
N TRP A 141 41.98 26.02 -69.91
CA TRP A 141 42.07 25.21 -71.12
C TRP A 141 41.43 23.88 -70.88
N THR A 142 41.73 22.91 -71.73
CA THR A 142 41.14 21.57 -71.60
C THR A 142 42.11 20.43 -71.90
N SER A 143 42.14 19.48 -70.96
CA SER A 143 42.92 18.25 -71.04
C SER A 143 42.45 17.37 -72.18
N HIS A 144 43.40 16.82 -72.93
CA HIS A 144 43.14 15.93 -74.05
C HIS A 144 42.40 14.67 -73.64
N SER A 145 42.45 14.36 -72.35
CA SER A 145 41.75 13.22 -71.80
C SER A 145 40.72 13.64 -70.75
N VAL A 146 40.32 14.93 -70.77
CA VAL A 146 39.24 15.39 -69.88
C VAL A 146 37.95 14.62 -70.11
N LYS A 147 37.61 14.39 -71.38
CA LYS A 147 36.46 13.57 -71.78
C LYS A 147 36.56 12.13 -71.22
N GLN A 148 37.75 11.78 -70.76
CA GLN A 148 37.98 10.47 -70.18
C GLN A 148 38.09 10.49 -68.65
N VAL A 149 38.31 11.69 -68.11
CA VAL A 149 38.13 11.95 -66.68
C VAL A 149 36.67 12.26 -66.44
N TYR A 150 36.04 12.91 -67.41
CA TYR A 150 34.71 13.50 -67.23
C TYR A 150 33.60 13.04 -68.19
N GLU A 151 32.42 12.83 -67.61
CA GLU A 151 31.16 12.65 -68.34
C GLU A 151 30.63 14.02 -68.76
N MET B 1 62.28 13.93 -27.63
CA MET B 1 61.63 12.80 -28.38
C MET B 1 62.13 12.63 -29.83
N THR B 2 62.68 13.71 -30.40
CA THR B 2 63.27 13.69 -31.75
C THR B 2 64.43 12.68 -31.83
N SER B 3 64.88 12.19 -30.68
CA SER B 3 66.12 11.41 -30.65
C SER B 3 65.90 9.89 -30.55
N GLU B 4 64.63 9.50 -30.60
CA GLU B 4 64.19 8.11 -30.57
C GLU B 4 64.78 7.29 -31.72
N ARG B 5 65.10 6.02 -31.45
CA ARG B 5 65.47 5.09 -32.53
C ARG B 5 64.55 3.88 -32.60
N THR B 6 64.49 3.26 -33.78
CA THR B 6 63.69 2.06 -33.98
C THR B 6 64.42 0.99 -34.81
N PHE B 7 64.07 -0.27 -34.59
CA PHE B 7 64.66 -1.34 -35.36
C PHE B 7 63.66 -1.82 -36.40
N ILE B 8 64.06 -1.67 -37.66
CA ILE B 8 63.31 -2.15 -38.80
C ILE B 8 64.23 -3.17 -39.45
N ALA B 9 63.74 -4.40 -39.60
CA ALA B 9 64.50 -5.47 -40.24
C ALA B 9 63.72 -6.02 -41.42
N VAL B 10 64.32 -5.97 -42.60
CA VAL B 10 63.67 -6.56 -43.78
C VAL B 10 63.89 -8.07 -43.80
N LYS B 11 62.79 -8.80 -43.85
CA LYS B 11 62.80 -10.23 -43.65
C LYS B 11 63.37 -11.01 -44.85
N PRO B 12 63.66 -12.33 -44.69
CA PRO B 12 64.28 -13.09 -45.79
C PRO B 12 63.58 -12.95 -47.14
N ASP B 13 62.25 -12.95 -47.13
CA ASP B 13 61.50 -12.74 -48.35
C ASP B 13 61.67 -11.31 -48.87
N GLY B 14 61.89 -10.37 -47.95
CA GLY B 14 62.16 -8.98 -48.29
C GLY B 14 63.43 -8.83 -49.08
N VAL B 15 64.46 -9.56 -48.66
CA VAL B 15 65.75 -9.60 -49.35
C VAL B 15 65.62 -10.20 -50.75
N GLN B 16 64.98 -11.37 -50.79
CA GLN B 16 64.77 -12.18 -51.99
C GLN B 16 63.92 -11.57 -53.08
N ARG B 17 63.00 -10.70 -52.68
CA ARG B 17 62.05 -10.10 -53.61
C ARG B 17 62.40 -8.72 -54.15
N CYS B 18 63.69 -8.35 -54.12
CA CYS B 18 64.17 -7.18 -54.86
C CYS B 18 63.67 -5.83 -54.29
N LEU B 19 63.63 -5.71 -52.96
CA LEU B 19 62.93 -4.56 -52.36
C LEU B 19 63.71 -3.75 -51.32
N VAL B 20 64.99 -4.12 -51.09
CA VAL B 20 65.83 -3.51 -50.04
C VAL B 20 65.94 -1.97 -50.11
N GLY B 21 66.27 -1.45 -51.28
CA GLY B 21 66.30 -0.02 -51.53
C GLY B 21 64.95 0.65 -51.41
N GLU B 22 63.92 0.07 -52.03
CA GLU B 22 62.59 0.68 -51.99
C GLU B 22 62.15 0.84 -50.55
N ILE B 23 62.62 -0.07 -49.70
CA ILE B 23 62.31 -0.03 -48.28
C ILE B 23 63.08 1.13 -47.59
N ILE B 24 64.38 1.21 -47.84
CA ILE B 24 65.25 2.30 -47.35
C ILE B 24 64.73 3.67 -47.80
N GLN B 25 64.38 3.78 -49.08
CA GLN B 25 63.86 5.02 -49.64
C GLN B 25 62.60 5.46 -48.90
N ARG B 26 61.83 4.51 -48.39
CA ARG B 26 60.55 4.81 -47.75
C ARG B 26 60.70 5.53 -46.42
N PHE B 27 61.72 5.14 -45.63
CA PHE B 27 62.06 5.89 -44.41
C PHE B 27 62.78 7.18 -44.77
N GLU B 28 63.65 7.08 -45.77
CA GLU B 28 64.49 8.19 -46.18
C GLU B 28 63.65 9.37 -46.69
N LYS B 29 62.61 9.08 -47.45
CA LYS B 29 61.74 10.11 -48.01
C LYS B 29 60.82 10.70 -46.95
N LYS B 30 60.47 9.88 -45.96
CA LYS B 30 59.56 10.27 -44.86
C LYS B 30 60.20 11.35 -44.02
N GLY B 31 61.49 11.21 -43.78
CA GLY B 31 62.25 12.25 -43.10
C GLY B 31 63.17 11.66 -42.07
N TYR B 32 63.39 10.34 -42.16
CA TYR B 32 64.09 9.55 -41.15
C TYR B 32 65.58 9.34 -41.43
N LYS B 33 66.37 9.30 -40.36
CA LYS B 33 67.83 9.24 -40.47
C LYS B 33 68.37 7.84 -40.20
N LEU B 34 69.09 7.28 -41.17
CA LEU B 34 69.74 5.97 -41.05
C LEU B 34 70.82 6.04 -39.99
N VAL B 35 70.68 5.21 -38.96
CA VAL B 35 71.61 5.20 -37.84
C VAL B 35 72.65 4.10 -38.01
N ALA B 36 72.21 2.97 -38.58
CA ALA B 36 73.04 1.78 -38.72
C ALA B 36 72.40 0.70 -39.59
N LEU B 37 73.25 -0.07 -40.24
CA LEU B 37 72.81 -1.08 -41.17
C LEU B 37 73.86 -2.20 -41.26
N LYS B 38 73.36 -3.39 -41.56
CA LYS B 38 74.17 -4.49 -42.07
C LYS B 38 73.32 -5.57 -42.78
N MET B 39 73.99 -6.31 -43.65
CA MET B 39 73.39 -7.48 -44.29
C MET B 39 74.05 -8.70 -43.67
N LEU B 40 73.25 -9.43 -42.90
CA LEU B 40 73.69 -10.63 -42.20
C LEU B 40 72.77 -11.84 -42.42
N GLN B 41 73.26 -13.02 -42.01
CA GLN B 41 72.39 -14.16 -41.83
C GLN B 41 72.23 -14.32 -40.31
N PRO B 42 71.02 -14.06 -39.80
CA PRO B 42 70.83 -14.17 -38.35
C PRO B 42 70.86 -15.63 -37.92
N SER B 43 71.59 -15.92 -36.84
CA SER B 43 71.71 -17.29 -36.36
C SER B 43 70.43 -17.76 -35.66
N ALA B 44 70.29 -19.07 -35.48
CA ALA B 44 69.19 -19.63 -34.68
C ALA B 44 69.26 -19.17 -33.22
N GLU B 45 70.42 -19.24 -32.59
CA GLU B 45 70.51 -18.67 -31.25
C GLU B 45 70.27 -17.14 -31.26
N GLN B 46 70.44 -16.51 -32.43
CA GLN B 46 70.08 -15.09 -32.61
C GLN B 46 68.55 -14.86 -32.67
N ALA B 47 67.91 -15.47 -33.66
CA ALA B 47 66.46 -15.33 -33.88
C ALA B 47 65.58 -15.78 -32.70
N GLN B 48 65.89 -16.93 -32.11
CA GLN B 48 65.22 -17.44 -30.90
C GLN B 48 65.27 -16.42 -29.75
N GLN B 49 66.43 -15.79 -29.59
CA GLN B 49 66.64 -14.79 -28.56
C GLN B 49 65.95 -13.49 -28.92
N HIS B 50 65.99 -13.14 -30.20
CA HIS B 50 65.23 -12.00 -30.76
C HIS B 50 63.75 -12.16 -30.51
N TYR B 51 63.28 -13.41 -30.61
CA TYR B 51 61.89 -13.74 -30.48
C TYR B 51 61.58 -14.60 -29.26
N ILE B 52 62.41 -14.54 -28.21
CA ILE B 52 62.23 -15.41 -27.04
C ILE B 52 60.83 -15.32 -26.43
N ASP B 53 60.13 -14.24 -26.79
CA ASP B 53 58.72 -14.05 -26.48
C ASP B 53 57.90 -15.07 -27.26
N LEU B 54 58.49 -15.58 -28.34
CA LEU B 54 57.87 -16.60 -29.21
C LEU B 54 58.73 -17.86 -29.36
N ALA B 55 59.63 -18.10 -28.41
CA ALA B 55 60.48 -19.29 -28.45
C ALA B 55 59.71 -20.54 -28.07
N SER B 56 58.61 -20.38 -27.33
CA SER B 56 57.81 -21.53 -26.91
C SER B 56 56.51 -21.73 -27.73
N LYS B 57 56.35 -20.99 -28.82
CA LYS B 57 55.10 -21.06 -29.58
C LYS B 57 55.03 -22.26 -30.51
N PRO B 58 53.83 -22.84 -30.72
CA PRO B 58 53.73 -24.01 -31.61
C PRO B 58 54.33 -23.81 -33.02
N PHE B 59 54.72 -22.59 -33.35
CA PHE B 59 55.36 -22.32 -34.64
C PHE B 59 56.82 -21.89 -34.49
N TYR B 60 57.39 -22.08 -33.31
CA TYR B 60 58.70 -21.50 -32.99
C TYR B 60 59.88 -21.95 -33.84
N LYS B 61 59.97 -23.25 -34.12
CA LYS B 61 61.06 -23.82 -34.95
C LYS B 61 61.05 -23.36 -36.42
N ASP B 62 59.91 -23.56 -37.08
CA ASP B 62 59.76 -23.20 -38.47
C ASP B 62 59.86 -21.68 -38.64
N LEU B 63 59.48 -20.94 -37.60
CA LEU B 63 59.71 -19.49 -37.56
C LEU B 63 61.21 -19.17 -37.62
N VAL B 64 61.99 -19.79 -36.74
CA VAL B 64 63.43 -19.52 -36.70
C VAL B 64 64.06 -20.04 -37.99
N ALA B 65 63.58 -21.20 -38.47
CA ALA B 65 64.11 -21.79 -39.71
C ALA B 65 63.90 -20.91 -40.96
N TYR B 66 62.72 -20.30 -41.11
CA TYR B 66 62.41 -19.31 -42.19
C TYR B 66 63.29 -18.07 -42.09
N PHE B 67 63.24 -17.43 -40.92
CA PHE B 67 64.07 -16.27 -40.65
C PHE B 67 65.56 -16.59 -40.70
N SER B 68 65.91 -17.87 -40.73
CA SER B 68 67.31 -18.24 -40.89
C SER B 68 67.64 -18.64 -42.32
N SER B 69 66.59 -18.87 -43.11
CA SER B 69 66.76 -19.42 -44.47
C SER B 69 67.32 -18.45 -45.52
N GLY B 70 67.20 -17.14 -45.28
CA GLY B 70 67.73 -16.14 -46.20
C GLY B 70 68.37 -15.01 -45.41
N PRO B 71 69.14 -14.12 -46.06
CA PRO B 71 69.72 -13.00 -45.31
C PRO B 71 68.70 -11.91 -45.02
N ILE B 72 68.96 -11.11 -43.98
CA ILE B 72 68.05 -10.06 -43.57
C ILE B 72 68.81 -8.76 -43.55
N VAL B 73 68.15 -7.66 -43.89
CA VAL B 73 68.80 -6.37 -43.68
C VAL B 73 68.33 -5.70 -42.39
N GLY B 74 69.15 -5.80 -41.35
CA GLY B 74 68.89 -5.10 -40.11
C GLY B 74 69.13 -3.61 -40.27
N MET B 75 68.14 -2.83 -39.88
CA MET B 75 68.29 -1.39 -39.94
C MET B 75 68.02 -0.78 -38.57
N VAL B 76 68.58 0.41 -38.35
CA VAL B 76 68.28 1.21 -37.16
C VAL B 76 67.82 2.58 -37.71
N TRP B 77 66.64 3.03 -37.30
CA TRP B 77 66.07 4.30 -37.82
C TRP B 77 65.74 5.36 -36.80
N GLU B 78 66.36 6.53 -36.92
CA GLU B 78 66.20 7.59 -35.91
C GLU B 78 65.10 8.60 -36.24
N GLY B 79 64.51 9.20 -35.20
CA GLY B 79 63.62 10.34 -35.39
C GLY B 79 62.49 10.45 -34.37
N LYS B 80 61.80 11.59 -34.38
CA LYS B 80 60.65 11.84 -33.51
C LYS B 80 59.52 10.86 -33.80
N GLY B 81 59.24 9.98 -32.84
CA GLY B 81 58.22 8.94 -32.99
C GLY B 81 58.52 7.98 -34.12
N VAL B 82 59.80 7.72 -34.36
CA VAL B 82 60.21 6.81 -35.42
C VAL B 82 59.66 5.38 -35.23
N VAL B 83 59.40 4.98 -33.98
CA VAL B 83 58.84 3.66 -33.70
C VAL B 83 57.37 3.63 -34.13
N LYS B 84 56.60 4.58 -33.62
CA LYS B 84 55.17 4.63 -33.89
C LYS B 84 54.88 4.89 -35.36
N GLY B 85 55.68 5.76 -36.00
CA GLY B 85 55.53 6.10 -37.42
C GLY B 85 55.93 4.97 -38.35
N GLY B 86 57.05 4.34 -38.03
CA GLY B 86 57.61 3.25 -38.84
C GLY B 86 56.72 2.03 -39.01
N ARG B 87 56.01 1.63 -37.95
CA ARG B 87 55.08 0.49 -38.03
C ARG B 87 53.95 0.83 -38.96
N VAL B 88 53.55 2.10 -38.94
CA VAL B 88 52.45 2.62 -39.75
C VAL B 88 52.83 2.68 -41.23
N LEU B 89 54.05 3.16 -41.51
CA LEU B 89 54.62 3.07 -42.86
C LEU B 89 54.69 1.62 -43.34
N LEU B 90 54.93 0.70 -42.41
CA LEU B 90 55.07 -0.70 -42.76
C LEU B 90 53.72 -1.36 -43.01
N GLY B 91 52.72 -1.02 -42.20
CA GLY B 91 51.42 -1.68 -42.29
C GLY B 91 51.23 -2.69 -41.18
N ALA B 92 50.05 -3.29 -41.15
CA ALA B 92 49.64 -4.19 -40.09
C ALA B 92 50.29 -5.56 -40.19
N THR B 93 50.52 -6.18 -39.03
CA THR B 93 51.00 -7.56 -38.89
C THR B 93 50.43 -8.49 -39.95
N ASN B 94 49.12 -8.39 -40.21
CA ASN B 94 48.47 -9.16 -41.28
C ASN B 94 48.43 -8.34 -42.56
N PRO B 95 49.18 -8.76 -43.61
CA PRO B 95 49.20 -7.98 -44.85
C PRO B 95 47.86 -7.98 -45.58
N ALA B 96 46.94 -8.82 -45.13
CA ALA B 96 45.57 -8.84 -45.66
C ALA B 96 44.82 -7.67 -45.06
N ASP B 97 45.29 -7.26 -43.87
CA ASP B 97 44.74 -6.10 -43.17
C ASP B 97 45.53 -4.81 -43.48
N SER B 98 46.67 -4.95 -44.15
CA SER B 98 47.53 -3.79 -44.44
C SER B 98 47.00 -3.01 -45.65
N LEU B 99 46.96 -1.68 -45.51
CA LEU B 99 46.32 -0.79 -46.49
C LEU B 99 47.29 -0.24 -47.55
N PRO B 100 46.78 0.45 -48.60
CA PRO B 100 47.66 0.89 -49.67
C PRO B 100 48.73 1.84 -49.16
N GLY B 101 49.95 1.69 -49.65
CA GLY B 101 51.00 2.66 -49.32
C GLY B 101 51.89 2.25 -48.15
N THR B 102 51.54 1.13 -47.55
CA THR B 102 52.31 0.53 -46.48
C THR B 102 53.31 -0.42 -47.12
N ILE B 103 54.32 -0.84 -46.36
CA ILE B 103 55.27 -1.82 -46.90
C ILE B 103 54.61 -3.19 -47.13
N ARG B 104 53.80 -3.64 -46.18
CA ARG B 104 53.10 -4.93 -46.32
C ARG B 104 51.89 -4.88 -47.27
N GLY B 105 51.19 -3.74 -47.31
CA GLY B 105 50.02 -3.59 -48.17
C GLY B 105 50.36 -3.45 -49.64
N ASP B 106 51.55 -2.96 -49.96
CA ASP B 106 51.94 -2.69 -51.34
C ASP B 106 52.63 -3.87 -52.01
N PHE B 107 53.28 -4.69 -51.20
CA PHE B 107 54.18 -5.75 -51.69
C PHE B 107 53.73 -7.17 -51.35
N ALA B 108 53.37 -7.39 -50.09
CA ALA B 108 53.05 -8.73 -49.58
C ALA B 108 51.55 -9.12 -49.60
N VAL B 109 51.23 -10.32 -49.12
CA VAL B 109 49.85 -10.86 -49.18
C VAL B 109 49.42 -11.74 -47.98
N ASP B 110 50.39 -12.37 -47.32
CA ASP B 110 50.15 -13.39 -46.28
C ASP B 110 51.20 -13.31 -45.16
N VAL B 111 50.71 -13.36 -43.93
CA VAL B 111 51.46 -12.99 -42.70
C VAL B 111 52.79 -13.76 -42.45
N GLY B 112 52.80 -15.05 -42.82
CA GLY B 112 53.97 -15.89 -42.66
C GLY B 112 55.09 -15.45 -43.59
N ARG B 113 54.73 -14.64 -44.58
CA ARG B 113 55.69 -13.97 -45.44
C ARG B 113 55.36 -12.46 -45.53
N ASN B 114 55.57 -11.77 -44.41
CA ASN B 114 55.21 -10.34 -44.28
C ASN B 114 56.37 -9.35 -44.48
N VAL B 115 57.42 -9.84 -45.15
CA VAL B 115 58.48 -9.01 -45.73
C VAL B 115 59.29 -8.13 -44.76
N CYS B 116 58.68 -7.62 -43.69
CA CYS B 116 59.37 -6.62 -42.85
C CYS B 116 58.95 -6.61 -41.37
N HIS B 117 59.92 -6.33 -40.48
CA HIS B 117 59.68 -6.21 -39.03
C HIS B 117 59.91 -4.78 -38.59
N GLY B 118 59.08 -4.33 -37.67
CA GLY B 118 59.25 -3.00 -37.09
C GLY B 118 59.12 -3.06 -35.59
N SER B 119 60.01 -2.35 -34.90
CA SER B 119 59.96 -2.25 -33.43
C SER B 119 58.55 -1.80 -32.96
N ASP B 120 57.98 -2.54 -32.01
CA ASP B 120 56.61 -2.29 -31.56
C ASP B 120 56.51 -1.36 -30.35
N SER B 121 57.64 -1.13 -29.69
CA SER B 121 57.73 -0.21 -28.54
C SER B 121 59.14 0.32 -28.36
N VAL B 122 59.27 1.40 -27.58
CA VAL B 122 60.58 1.98 -27.27
C VAL B 122 61.48 0.97 -26.54
N ASP B 123 60.90 0.27 -25.56
CA ASP B 123 61.57 -0.84 -24.87
C ASP B 123 62.01 -1.93 -25.84
N SER B 124 61.11 -2.32 -26.75
CA SER B 124 61.39 -3.39 -27.72
C SER B 124 62.46 -2.97 -28.73
N ALA B 125 62.45 -1.71 -29.16
CA ALA B 125 63.47 -1.23 -30.06
C ALA B 125 64.85 -1.31 -29.38
N LYS B 126 64.97 -0.69 -28.21
CA LYS B 126 66.28 -0.64 -27.51
C LYS B 126 66.82 -2.04 -27.13
N ARG B 127 65.92 -2.98 -26.88
CA ARG B 127 66.25 -4.40 -26.83
C ARG B 127 66.61 -4.88 -28.23
N GLU B 128 65.80 -4.50 -29.22
CA GLU B 128 66.00 -4.93 -30.60
C GLU B 128 67.22 -4.26 -31.25
N ILE B 129 67.67 -3.14 -30.69
CA ILE B 129 68.90 -2.49 -31.13
C ILE B 129 70.14 -3.15 -30.49
N ALA B 130 70.13 -3.25 -29.15
CA ALA B 130 71.29 -3.70 -28.39
C ALA B 130 71.65 -5.18 -28.62
N PHE B 131 70.62 -6.02 -28.76
CA PHE B 131 70.84 -7.42 -29.10
C PHE B 131 71.28 -7.62 -30.57
N TRP B 132 70.69 -6.84 -31.49
CA TRP B 132 71.06 -6.95 -32.91
C TRP B 132 72.24 -6.14 -33.38
N PHE B 133 72.48 -4.98 -32.75
CA PHE B 133 73.58 -4.10 -33.17
C PHE B 133 74.57 -3.76 -32.06
N LYS B 134 75.85 -3.75 -32.44
CA LYS B 134 76.97 -3.33 -31.57
C LYS B 134 76.91 -1.81 -31.31
N PRO B 135 77.35 -1.36 -30.12
CA PRO B 135 77.46 0.05 -29.76
C PRO B 135 78.02 1.01 -30.83
N GLU B 136 79.09 0.61 -31.52
CA GLU B 136 79.83 1.49 -32.48
C GLU B 136 79.25 1.57 -33.91
N GLU B 137 78.59 0.48 -34.33
CA GLU B 137 77.84 0.44 -35.58
C GLU B 137 76.60 1.32 -35.53
N LEU B 138 76.38 1.99 -34.41
CA LEU B 138 75.27 2.93 -34.25
C LEU B 138 75.78 4.37 -34.39
N VAL B 139 75.51 4.93 -35.57
CA VAL B 139 76.14 6.18 -36.04
C VAL B 139 75.47 7.44 -35.49
N ASN B 140 76.29 8.32 -34.93
CA ASN B 140 75.83 9.64 -34.50
C ASN B 140 76.27 10.74 -35.45
N TRP B 141 75.31 11.24 -36.23
CA TRP B 141 75.51 12.39 -37.11
C TRP B 141 74.27 13.23 -37.13
N THR B 142 74.39 14.45 -37.62
CA THR B 142 73.25 15.32 -37.85
C THR B 142 72.99 15.45 -39.35
N SER B 143 71.74 15.30 -39.78
CA SER B 143 71.40 15.45 -41.19
C SER B 143 71.41 16.93 -41.56
N HIS B 144 71.90 17.26 -42.75
CA HIS B 144 71.95 18.66 -43.24
C HIS B 144 70.58 19.31 -43.35
N SER B 145 69.54 18.47 -43.39
CA SER B 145 68.15 18.92 -43.55
C SER B 145 67.31 18.77 -42.27
N VAL B 146 67.98 18.46 -41.15
CA VAL B 146 67.32 18.36 -39.83
C VAL B 146 66.46 19.58 -39.51
N LYS B 147 67.02 20.76 -39.76
CA LYS B 147 66.35 22.08 -39.58
C LYS B 147 65.09 22.25 -40.45
N GLN B 148 65.04 21.55 -41.58
CA GLN B 148 63.88 21.57 -42.46
C GLN B 148 62.87 20.48 -42.10
N VAL B 149 63.30 19.53 -41.27
CA VAL B 149 62.39 18.50 -40.80
C VAL B 149 61.82 18.82 -39.40
N TYR B 150 62.63 19.41 -38.52
CA TYR B 150 62.17 19.81 -37.16
C TYR B 150 62.40 21.30 -36.87
N GLU B 151 61.92 21.77 -35.70
CA GLU B 151 61.93 23.20 -35.32
C GLU B 151 63.22 23.71 -34.68
N MET C 1 41.97 -21.77 -51.43
CA MET C 1 41.84 -20.31 -51.15
C MET C 1 42.63 -19.49 -52.15
N THR C 2 43.83 -19.99 -52.47
CA THR C 2 44.82 -19.30 -53.30
C THR C 2 44.37 -19.18 -54.75
N SER C 3 43.55 -20.13 -55.19
CA SER C 3 43.03 -20.16 -56.57
C SER C 3 41.70 -19.39 -56.78
N GLU C 4 41.25 -18.66 -55.76
CA GLU C 4 40.10 -17.76 -55.87
C GLU C 4 40.33 -16.78 -57.03
N ARG C 5 39.28 -16.56 -57.83
CA ARG C 5 39.38 -15.60 -58.94
C ARG C 5 38.34 -14.49 -58.88
N THR C 6 38.61 -13.40 -59.61
CA THR C 6 37.80 -12.21 -59.60
C THR C 6 37.77 -11.56 -60.97
N PHE C 7 36.71 -10.82 -61.28
CA PHE C 7 36.63 -10.04 -62.52
C PHE C 7 36.81 -8.55 -62.27
N ILE C 8 37.69 -7.93 -63.03
CA ILE C 8 37.84 -6.47 -62.97
C ILE C 8 37.92 -5.97 -64.40
N ALA C 9 37.23 -4.87 -64.68
CA ALA C 9 37.28 -4.22 -65.99
C ALA C 9 37.50 -2.74 -65.85
N VAL C 10 38.38 -2.18 -66.67
CA VAL C 10 38.43 -0.72 -66.75
C VAL C 10 37.38 -0.29 -67.78
N LYS C 11 36.56 0.69 -67.41
CA LYS C 11 35.52 1.21 -68.28
C LYS C 11 36.12 2.16 -69.35
N PRO C 12 35.27 2.85 -70.15
CA PRO C 12 35.78 3.63 -71.28
C PRO C 12 36.59 4.81 -70.82
N ASP C 13 36.09 5.52 -69.82
CA ASP C 13 36.79 6.66 -69.22
C ASP C 13 38.23 6.34 -68.82
N GLY C 14 38.52 5.08 -68.54
CA GLY C 14 39.85 4.66 -68.09
C GLY C 14 40.83 4.56 -69.23
N VAL C 15 40.49 3.74 -70.23
CA VAL C 15 41.32 3.51 -71.41
C VAL C 15 41.58 4.81 -72.17
N GLN C 16 40.52 5.59 -72.37
CA GLN C 16 40.71 6.90 -72.98
C GLN C 16 41.42 7.90 -72.06
N ARG C 17 41.56 7.59 -70.77
CA ARG C 17 42.35 8.44 -69.85
C ARG C 17 43.78 7.96 -69.62
N CYS C 18 44.26 7.11 -70.52
CA CYS C 18 45.64 6.60 -70.51
C CYS C 18 46.06 6.00 -69.14
N LEU C 19 45.11 5.37 -68.45
CA LEU C 19 45.32 4.85 -67.09
C LEU C 19 45.52 3.33 -67.03
N VAL C 20 45.43 2.69 -68.18
CA VAL C 20 45.46 1.22 -68.31
C VAL C 20 46.63 0.54 -67.58
N GLY C 21 47.83 1.04 -67.83
CA GLY C 21 49.03 0.54 -67.18
C GLY C 21 49.01 0.79 -65.69
N GLU C 22 48.56 1.97 -65.28
CA GLU C 22 48.46 2.29 -63.87
C GLU C 22 47.47 1.38 -63.12
N ILE C 23 46.31 1.08 -63.71
CA ILE C 23 45.32 0.16 -63.08
C ILE C 23 45.84 -1.28 -62.99
N ILE C 24 46.43 -1.79 -64.07
CA ILE C 24 47.07 -3.11 -64.07
C ILE C 24 48.20 -3.13 -63.04
N GLN C 25 48.95 -2.03 -62.95
CA GLN C 25 50.16 -1.99 -62.13
C GLN C 25 49.89 -2.12 -60.63
N ARG C 26 48.85 -1.48 -60.13
CA ARG C 26 48.59 -1.66 -58.71
C ARG C 26 48.19 -3.07 -58.28
N PHE C 27 47.61 -3.88 -59.16
CA PHE C 27 47.33 -5.31 -58.89
C PHE C 27 48.60 -6.16 -59.00
N GLU C 28 49.33 -6.02 -60.11
CA GLU C 28 50.59 -6.76 -60.32
C GLU C 28 51.66 -6.42 -59.26
N LYS C 29 51.82 -5.13 -59.00
CA LYS C 29 52.64 -4.66 -57.88
C LYS C 29 52.08 -5.10 -56.53
N LYS C 30 50.77 -5.36 -56.46
CA LYS C 30 50.16 -5.96 -55.28
C LYS C 30 50.64 -7.41 -55.20
N GLY C 31 50.70 -8.07 -56.34
CA GLY C 31 51.15 -9.44 -56.38
C GLY C 31 50.04 -10.41 -56.70
N TYR C 32 48.99 -9.92 -57.35
CA TYR C 32 47.97 -10.81 -57.90
C TYR C 32 48.32 -11.18 -59.32
N LYS C 33 48.09 -12.45 -59.65
CA LYS C 33 48.58 -13.04 -60.87
C LYS C 33 47.54 -12.82 -61.97
N LEU C 34 47.99 -12.39 -63.15
CA LEU C 34 47.11 -12.24 -64.31
C LEU C 34 46.69 -13.62 -64.84
N VAL C 35 45.39 -13.76 -65.08
CA VAL C 35 44.81 -15.03 -65.54
C VAL C 35 44.36 -14.91 -67.00
N ALA C 36 43.74 -13.77 -67.35
CA ALA C 36 43.23 -13.54 -68.70
C ALA C 36 42.94 -12.06 -68.87
N LEU C 37 43.34 -11.52 -70.03
CA LEU C 37 43.32 -10.07 -70.30
C LEU C 37 43.00 -9.74 -71.78
N LYS C 38 41.90 -9.03 -72.02
CA LYS C 38 41.52 -8.64 -73.39
C LYS C 38 40.84 -7.27 -73.54
N MET C 39 41.12 -6.60 -74.67
CA MET C 39 40.59 -5.25 -74.96
C MET C 39 39.39 -5.29 -75.92
N LEU C 40 38.21 -4.93 -75.41
CA LEU C 40 36.99 -5.09 -76.21
C LEU C 40 35.88 -4.06 -76.02
N GLN C 41 35.25 -3.72 -77.14
CA GLN C 41 34.04 -2.92 -77.17
C GLN C 41 32.88 -3.87 -76.92
N PRO C 42 32.33 -3.85 -75.70
CA PRO C 42 31.27 -4.79 -75.35
C PRO C 42 29.98 -4.43 -76.06
N SER C 43 29.33 -5.45 -76.63
CA SER C 43 28.10 -5.27 -77.42
C SER C 43 26.87 -4.92 -76.58
N ALA C 44 25.83 -4.43 -77.28
CA ALA C 44 24.54 -4.03 -76.68
C ALA C 44 23.90 -5.11 -75.80
N GLU C 45 23.78 -6.32 -76.35
CA GLU C 45 23.23 -7.45 -75.61
C GLU C 45 24.17 -7.88 -74.46
N GLN C 46 25.49 -7.79 -74.69
CA GLN C 46 26.51 -8.11 -73.68
C GLN C 46 26.47 -7.16 -72.50
N ALA C 47 26.51 -5.85 -72.79
CA ALA C 47 26.47 -4.81 -71.76
C ALA C 47 25.16 -4.92 -70.96
N GLN C 48 24.09 -5.27 -71.65
CA GLN C 48 22.84 -5.55 -70.98
C GLN C 48 22.91 -6.84 -70.16
N GLN C 49 23.58 -7.88 -70.65
CA GLN C 49 23.66 -9.13 -69.90
C GLN C 49 24.51 -9.09 -68.62
N HIS C 50 25.51 -8.20 -68.61
CA HIS C 50 26.32 -7.95 -67.41
C HIS C 50 25.49 -7.24 -66.35
N TYR C 51 24.73 -6.23 -66.79
CA TYR C 51 23.81 -5.48 -65.92
C TYR C 51 22.36 -5.96 -66.04
N ILE C 52 22.16 -7.23 -66.40
CA ILE C 52 20.83 -7.85 -66.46
C ILE C 52 20.09 -7.69 -65.14
N ASP C 53 20.86 -7.53 -64.06
CA ASP C 53 20.33 -7.24 -62.72
C ASP C 53 19.75 -5.85 -62.66
N LEU C 54 20.21 -4.98 -63.55
CA LEU C 54 19.78 -3.60 -63.55
C LEU C 54 18.85 -3.32 -64.73
N ALA C 55 18.10 -4.35 -65.15
CA ALA C 55 17.24 -4.28 -66.34
C ALA C 55 16.03 -3.34 -66.21
N SER C 56 15.56 -3.18 -64.98
CA SER C 56 14.42 -2.31 -64.66
C SER C 56 14.84 -0.87 -64.36
N LYS C 57 16.05 -0.47 -64.79
CA LYS C 57 16.70 0.79 -64.36
C LYS C 57 16.52 2.03 -65.26
N PRO C 58 16.33 3.23 -64.65
CA PRO C 58 16.17 4.40 -65.50
C PRO C 58 17.52 4.87 -66.03
N PHE C 59 18.60 4.52 -65.35
CA PHE C 59 19.95 4.81 -65.84
C PHE C 59 20.59 3.65 -66.64
N TYR C 60 19.74 2.73 -67.11
CA TYR C 60 20.16 1.50 -67.79
C TYR C 60 20.62 1.76 -69.22
N LYS C 61 19.72 2.32 -70.02
CA LYS C 61 20.01 2.73 -71.40
C LYS C 61 21.22 3.65 -71.47
N ASP C 62 21.35 4.57 -70.53
CA ASP C 62 22.54 5.41 -70.51
C ASP C 62 23.80 4.66 -70.01
N LEU C 63 23.64 3.71 -69.07
CA LEU C 63 24.76 2.88 -68.60
C LEU C 63 25.27 2.00 -69.75
N VAL C 64 24.35 1.31 -70.42
CA VAL C 64 24.65 0.57 -71.65
C VAL C 64 25.36 1.46 -72.65
N ALA C 65 24.93 2.72 -72.74
CA ALA C 65 25.47 3.69 -73.69
C ALA C 65 26.93 4.03 -73.39
N TYR C 66 27.23 4.26 -72.12
CA TYR C 66 28.56 4.69 -71.69
C TYR C 66 29.57 3.53 -71.74
N PHE C 67 29.20 2.40 -71.13
CA PHE C 67 30.00 1.17 -71.11
C PHE C 67 30.36 0.69 -72.52
N SER C 68 29.68 1.27 -73.53
CA SER C 68 29.82 0.91 -74.95
C SER C 68 30.28 2.10 -75.78
N SER C 69 30.35 3.27 -75.15
CA SER C 69 30.85 4.49 -75.81
C SER C 69 32.37 4.42 -76.07
N GLY C 70 33.06 3.54 -75.35
CA GLY C 70 34.50 3.34 -75.56
C GLY C 70 34.96 1.89 -75.45
N PRO C 71 36.26 1.65 -75.72
CA PRO C 71 36.85 0.33 -75.52
C PRO C 71 36.96 -0.03 -74.03
N ILE C 72 36.86 -1.33 -73.72
CA ILE C 72 36.94 -1.83 -72.34
C ILE C 72 38.12 -2.79 -72.19
N VAL C 73 38.65 -2.86 -70.98
CA VAL C 73 39.65 -3.85 -70.63
C VAL C 73 38.99 -4.84 -69.66
N GLY C 74 38.68 -6.05 -70.16
CA GLY C 74 38.10 -7.13 -69.35
C GLY C 74 39.18 -8.06 -68.81
N MET C 75 39.33 -8.08 -67.49
CA MET C 75 40.49 -8.75 -66.86
C MET C 75 40.12 -9.81 -65.81
N VAL C 76 41.06 -10.73 -65.62
CA VAL C 76 40.96 -11.80 -64.63
C VAL C 76 42.21 -11.82 -63.74
N TRP C 77 42.02 -12.04 -62.43
CA TRP C 77 43.08 -12.01 -61.44
C TRP C 77 42.88 -13.03 -60.34
N GLU C 78 43.93 -13.77 -60.00
CA GLU C 78 43.86 -14.91 -59.07
C GLU C 78 44.73 -14.76 -57.81
N GLY C 79 44.24 -15.34 -56.70
CA GLY C 79 44.89 -15.31 -55.38
C GLY C 79 43.91 -15.35 -54.21
N LYS C 80 44.43 -15.61 -53.00
CA LYS C 80 43.63 -15.60 -51.76
C LYS C 80 43.09 -14.20 -51.39
N GLY C 81 41.77 -14.11 -51.22
CA GLY C 81 41.13 -12.82 -50.90
C GLY C 81 41.27 -11.83 -52.04
N VAL C 82 41.31 -12.35 -53.26
CA VAL C 82 41.47 -11.51 -54.44
C VAL C 82 40.14 -10.76 -54.72
N VAL C 83 39.02 -11.42 -54.44
CA VAL C 83 37.66 -10.83 -54.56
C VAL C 83 37.43 -9.66 -53.58
N LYS C 84 37.54 -9.94 -52.28
CA LYS C 84 37.44 -8.92 -51.22
C LYS C 84 38.52 -7.84 -51.34
N GLY C 85 39.77 -8.26 -51.53
CA GLY C 85 40.92 -7.35 -51.48
C GLY C 85 40.99 -6.41 -52.65
N GLY C 86 40.66 -6.92 -53.83
CA GLY C 86 40.63 -6.13 -55.05
C GLY C 86 39.69 -4.93 -54.96
N ARG C 87 38.57 -5.11 -54.25
CA ARG C 87 37.60 -4.05 -54.02
C ARG C 87 38.25 -2.92 -53.21
N VAL C 88 39.07 -3.33 -52.24
CA VAL C 88 39.80 -2.39 -51.41
C VAL C 88 40.81 -1.63 -52.28
N LEU C 89 41.29 -2.28 -53.34
CA LEU C 89 42.22 -1.63 -54.26
C LEU C 89 41.55 -0.57 -55.11
N LEU C 90 40.35 -0.87 -55.59
CA LEU C 90 39.58 0.07 -56.39
C LEU C 90 39.01 1.22 -55.54
N GLY C 91 38.57 0.88 -54.33
CA GLY C 91 37.88 1.83 -53.45
C GLY C 91 36.38 1.61 -53.54
N ALA C 92 35.61 2.48 -52.89
CA ALA C 92 34.13 2.37 -52.91
C ALA C 92 33.49 2.96 -54.18
N THR C 93 32.23 2.63 -54.42
CA THR C 93 31.52 3.00 -55.66
C THR C 93 31.56 4.50 -55.99
N ASN C 94 31.28 5.36 -55.02
CA ASN C 94 31.52 6.81 -55.17
C ASN C 94 33.01 7.17 -55.07
N PRO C 95 33.58 7.75 -56.15
CA PRO C 95 34.97 8.22 -56.23
C PRO C 95 35.30 9.34 -55.24
N ALA C 96 34.30 10.08 -54.82
CA ALA C 96 34.48 11.11 -53.80
C ALA C 96 34.68 10.45 -52.42
N ASP C 97 34.22 9.20 -52.29
CA ASP C 97 34.42 8.43 -51.07
C ASP C 97 35.57 7.43 -51.16
N SER C 98 36.10 7.23 -52.37
CA SER C 98 37.27 6.37 -52.55
C SER C 98 38.55 7.00 -52.01
N LEU C 99 39.28 6.27 -51.18
CA LEU C 99 40.31 6.85 -50.30
C LEU C 99 41.68 6.99 -50.97
N PRO C 100 42.46 8.02 -50.58
CA PRO C 100 43.77 8.26 -51.21
C PRO C 100 44.59 6.99 -51.17
N GLY C 101 45.06 6.53 -52.33
CA GLY C 101 45.81 5.29 -52.40
C GLY C 101 45.06 4.13 -53.04
N THR C 102 43.73 4.26 -53.15
CA THR C 102 42.94 3.33 -53.96
C THR C 102 42.88 3.89 -55.37
N ILE C 103 42.44 3.06 -56.32
CA ILE C 103 42.34 3.39 -57.76
C ILE C 103 41.39 4.55 -57.99
N ARG C 104 40.16 4.39 -57.48
CA ARG C 104 39.12 5.41 -57.60
C ARG C 104 39.46 6.66 -56.79
N GLY C 105 40.20 6.48 -55.70
CA GLY C 105 40.62 7.62 -54.86
C GLY C 105 41.73 8.43 -55.49
N ASP C 106 42.53 7.77 -56.33
CA ASP C 106 43.64 8.42 -56.99
C ASP C 106 43.28 8.94 -58.38
N PHE C 107 42.30 8.31 -59.05
CA PHE C 107 42.07 8.58 -60.50
C PHE C 107 40.66 8.96 -61.00
N ALA C 108 39.76 9.44 -60.14
CA ALA C 108 38.38 9.78 -60.59
C ALA C 108 37.51 10.62 -59.65
N VAL C 109 36.61 11.41 -60.23
CA VAL C 109 35.82 12.37 -59.44
C VAL C 109 34.33 12.01 -59.26
N ASP C 110 33.80 11.18 -60.15
CA ASP C 110 32.35 10.88 -60.19
C ASP C 110 32.07 9.39 -60.32
N VAL C 111 30.93 8.98 -59.79
CA VAL C 111 30.43 7.59 -59.86
C VAL C 111 30.08 7.13 -61.28
N GLY C 112 29.53 8.05 -62.09
CA GLY C 112 29.13 7.75 -63.46
C GLY C 112 30.28 7.49 -64.41
N ARG C 113 31.48 7.95 -64.05
CA ARG C 113 32.70 7.65 -64.80
C ARG C 113 33.72 7.35 -63.73
N ASN C 114 33.65 6.11 -63.22
CA ASN C 114 34.45 5.68 -62.08
C ASN C 114 35.57 4.75 -62.50
N VAL C 115 35.98 4.88 -63.77
CA VAL C 115 37.18 4.21 -64.35
C VAL C 115 37.20 2.67 -64.34
N CYS C 116 36.83 2.05 -63.21
CA CYS C 116 36.98 0.60 -62.97
C CYS C 116 35.78 -0.11 -62.30
N HIS C 117 35.58 -1.38 -62.66
CA HIS C 117 34.55 -2.22 -62.06
C HIS C 117 35.13 -3.44 -61.44
N GLY C 118 34.71 -3.76 -60.23
CA GLY C 118 35.18 -4.95 -59.52
C GLY C 118 34.10 -5.93 -59.12
N SER C 119 34.42 -7.22 -59.16
CA SER C 119 33.54 -8.27 -58.66
C SER C 119 33.24 -7.95 -57.21
N ASP C 120 31.98 -8.11 -56.82
CA ASP C 120 31.54 -7.71 -55.48
C ASP C 120 31.46 -8.87 -54.50
N SER C 121 31.51 -10.09 -55.03
CA SER C 121 31.41 -11.32 -54.24
C SER C 121 31.98 -12.50 -55.02
N VAL C 122 32.13 -13.65 -54.37
CA VAL C 122 32.66 -14.84 -55.03
C VAL C 122 31.71 -15.36 -56.13
N ASP C 123 30.41 -15.46 -55.80
CA ASP C 123 29.38 -15.93 -56.72
C ASP C 123 29.33 -15.09 -58.01
N SER C 124 29.39 -13.78 -57.84
CA SER C 124 29.39 -12.84 -58.96
C SER C 124 30.63 -13.00 -59.83
N ALA C 125 31.76 -13.31 -59.21
CA ALA C 125 33.03 -13.39 -59.91
C ALA C 125 33.03 -14.44 -61.02
N LYS C 126 32.76 -15.69 -60.64
CA LYS C 126 32.64 -16.79 -61.59
C LYS C 126 31.57 -16.54 -62.66
N ARG C 127 30.52 -15.79 -62.31
CA ARG C 127 29.50 -15.42 -63.27
C ARG C 127 30.05 -14.39 -64.24
N GLU C 128 30.87 -13.47 -63.75
CA GLU C 128 31.40 -12.37 -64.58
C GLU C 128 32.56 -12.80 -65.51
N ILE C 129 33.33 -13.78 -65.08
CA ILE C 129 34.37 -14.32 -65.95
C ILE C 129 33.78 -15.32 -66.96
N ALA C 130 32.90 -16.21 -66.51
CA ALA C 130 32.28 -17.25 -67.37
C ALA C 130 31.48 -16.66 -68.52
N PHE C 131 30.87 -15.49 -68.27
CA PHE C 131 30.15 -14.75 -69.30
C PHE C 131 31.12 -14.04 -70.24
N TRP C 132 32.15 -13.42 -69.69
CA TRP C 132 33.08 -12.55 -70.43
C TRP C 132 34.22 -13.27 -71.09
N PHE C 133 34.69 -14.33 -70.44
CA PHE C 133 35.79 -15.09 -70.99
C PHE C 133 35.35 -16.49 -71.36
N LYS C 134 35.90 -16.96 -72.48
CA LYS C 134 35.85 -18.34 -72.90
C LYS C 134 36.78 -19.18 -72.01
N PRO C 135 36.57 -20.51 -71.94
CA PRO C 135 37.36 -21.34 -71.00
C PRO C 135 38.86 -21.38 -71.29
N GLU C 136 39.20 -21.44 -72.57
CA GLU C 136 40.56 -21.59 -73.07
C GLU C 136 41.44 -20.35 -72.91
N GLU C 137 40.78 -19.22 -72.65
CA GLU C 137 41.43 -17.93 -72.55
C GLU C 137 42.01 -17.74 -71.16
N LEU C 138 41.40 -18.44 -70.21
CA LEU C 138 41.84 -18.42 -68.82
C LEU C 138 43.14 -19.20 -68.67
N VAL C 139 44.23 -18.47 -68.44
CA VAL C 139 45.58 -19.01 -68.50
C VAL C 139 46.03 -19.67 -67.18
N ASN C 140 46.63 -20.86 -67.30
CA ASN C 140 47.28 -21.53 -66.17
C ASN C 140 48.81 -21.35 -66.22
N TRP C 141 49.38 -20.70 -65.20
CA TRP C 141 50.84 -20.58 -65.03
C TRP C 141 51.24 -20.25 -63.61
N THR C 142 52.55 -20.20 -63.33
CA THR C 142 53.05 -19.86 -61.98
C THR C 142 54.09 -18.74 -61.95
N SER C 143 53.82 -17.73 -61.12
CA SER C 143 54.75 -16.62 -60.88
C SER C 143 56.00 -17.07 -60.13
N HIS C 144 57.13 -16.51 -60.52
CA HIS C 144 58.41 -16.91 -59.95
C HIS C 144 58.57 -16.57 -58.50
N SER C 145 57.68 -15.72 -57.98
CA SER C 145 57.71 -15.39 -56.55
C SER C 145 56.48 -15.89 -55.73
N VAL C 146 55.84 -16.95 -56.23
CA VAL C 146 54.74 -17.66 -55.53
C VAL C 146 55.08 -18.07 -54.10
N LYS C 147 56.21 -18.78 -53.93
CA LYS C 147 56.75 -19.16 -52.60
C LYS C 147 57.12 -17.95 -51.70
N GLN C 148 57.39 -16.82 -52.35
CA GLN C 148 57.66 -15.54 -51.71
C GLN C 148 56.39 -14.67 -51.62
N VAL C 149 55.30 -15.17 -52.16
CA VAL C 149 54.01 -14.54 -51.98
C VAL C 149 53.31 -15.31 -50.87
N TYR C 150 53.41 -16.64 -50.95
CA TYR C 150 52.63 -17.56 -50.10
C TYR C 150 53.44 -18.57 -49.25
N GLU C 151 52.84 -18.88 -48.09
CA GLU C 151 53.22 -19.92 -47.13
C GLU C 151 52.88 -21.33 -47.62
N MET D 1 79.09 33.62 -55.36
CA MET D 1 78.89 33.80 -56.84
C MET D 1 77.48 33.46 -57.29
N THR D 2 76.89 34.33 -58.12
CA THR D 2 75.54 34.12 -58.63
C THR D 2 75.62 33.30 -59.91
N SER D 3 74.66 32.38 -60.07
CA SER D 3 74.72 31.35 -61.13
C SER D 3 73.94 31.68 -62.43
N GLU D 4 74.17 30.87 -63.46
CA GLU D 4 73.38 30.90 -64.69
C GLU D 4 71.94 30.60 -64.29
N ARG D 5 70.98 31.29 -64.91
CA ARG D 5 69.52 31.12 -64.68
C ARG D 5 68.83 30.80 -66.01
N THR D 6 68.27 29.60 -66.16
CA THR D 6 67.56 29.30 -67.43
C THR D 6 66.14 29.83 -67.43
N PHE D 7 65.53 29.86 -68.63
CA PHE D 7 64.11 30.12 -68.79
C PHE D 7 63.40 28.93 -69.47
N ILE D 8 62.68 28.16 -68.67
CA ILE D 8 62.04 26.94 -69.11
C ILE D 8 60.54 27.15 -69.01
N ALA D 9 59.87 27.17 -70.17
CA ALA D 9 58.41 27.33 -70.29
C ALA D 9 57.79 26.03 -70.78
N VAL D 10 56.93 25.40 -69.97
CA VAL D 10 56.25 24.15 -70.42
C VAL D 10 55.08 24.44 -71.34
N LYS D 11 55.10 23.83 -72.52
CA LYS D 11 54.16 24.11 -73.60
C LYS D 11 52.70 23.66 -73.35
N PRO D 12 51.76 24.09 -74.22
CA PRO D 12 50.36 23.88 -73.88
C PRO D 12 50.03 22.42 -73.76
N ASP D 13 50.66 21.58 -74.58
CA ASP D 13 50.48 20.13 -74.48
C ASP D 13 51.00 19.52 -73.18
N GLY D 14 52.12 20.05 -72.68
CA GLY D 14 52.79 19.54 -71.48
C GLY D 14 51.96 19.61 -70.23
N VAL D 15 51.35 20.76 -70.01
CA VAL D 15 50.39 20.93 -68.92
C VAL D 15 49.18 20.02 -69.18
N GLN D 16 48.72 20.01 -70.43
CA GLN D 16 47.52 19.30 -70.88
C GLN D 16 47.62 17.79 -70.78
N ARG D 17 48.85 17.29 -70.84
CA ARG D 17 49.14 15.88 -70.60
C ARG D 17 49.56 15.61 -69.15
N CYS D 18 49.66 16.67 -68.35
CA CYS D 18 49.59 16.50 -66.90
C CYS D 18 50.93 16.03 -66.33
N LEU D 19 52.01 16.62 -66.84
CA LEU D 19 53.34 16.29 -66.33
C LEU D 19 54.04 17.50 -65.70
N VAL D 20 53.29 18.50 -65.21
CA VAL D 20 53.87 19.65 -64.48
C VAL D 20 54.66 19.14 -63.25
N GLY D 21 54.03 18.24 -62.50
CA GLY D 21 54.67 17.56 -61.36
C GLY D 21 55.83 16.69 -61.79
N GLU D 22 55.63 15.91 -62.85
CA GLU D 22 56.70 15.08 -63.42
C GLU D 22 57.87 15.93 -63.90
N ILE D 23 57.56 17.04 -64.59
CA ILE D 23 58.57 17.98 -65.08
C ILE D 23 59.26 18.75 -63.96
N ILE D 24 58.49 19.37 -63.06
CA ILE D 24 59.11 20.11 -61.97
C ILE D 24 59.97 19.17 -61.12
N GLN D 25 59.61 17.89 -61.07
CA GLN D 25 60.37 16.95 -60.27
C GLN D 25 61.81 16.78 -60.78
N ARG D 26 62.03 16.96 -62.08
CA ARG D 26 63.35 16.71 -62.72
C ARG D 26 64.44 17.74 -62.42
N PHE D 27 64.14 19.01 -62.66
CA PHE D 27 65.08 20.06 -62.31
C PHE D 27 65.26 20.10 -60.79
N GLU D 28 64.36 19.43 -60.07
CA GLU D 28 64.35 19.44 -58.61
C GLU D 28 65.34 18.46 -58.00
N LYS D 29 65.08 17.16 -58.21
CA LYS D 29 65.92 16.12 -57.63
C LYS D 29 67.33 16.17 -58.23
N LYS D 30 67.50 16.90 -59.34
CA LYS D 30 68.80 17.24 -59.90
C LYS D 30 69.65 18.15 -58.96
N GLY D 31 69.06 19.22 -58.42
CA GLY D 31 69.75 20.08 -57.47
C GLY D 31 69.63 21.53 -57.82
N TYR D 32 68.55 21.86 -58.52
CA TYR D 32 68.37 23.21 -59.04
C TYR D 32 67.44 24.02 -58.14
N LYS D 33 67.76 25.30 -57.99
CA LYS D 33 66.90 26.25 -57.31
C LYS D 33 65.98 26.95 -58.32
N LEU D 34 64.70 26.62 -58.24
CA LEU D 34 63.70 27.37 -58.96
C LEU D 34 63.64 28.73 -58.29
N VAL D 35 63.81 29.78 -59.08
CA VAL D 35 63.85 31.14 -58.57
C VAL D 35 62.65 31.98 -59.05
N ALA D 36 61.87 31.46 -60.01
CA ALA D 36 60.73 32.20 -60.55
C ALA D 36 59.73 31.35 -61.33
N LEU D 37 58.45 31.64 -61.13
CA LEU D 37 57.39 30.81 -61.67
C LEU D 37 56.07 31.58 -61.79
N LYS D 38 55.28 31.22 -62.80
CA LYS D 38 53.86 31.56 -62.90
C LYS D 38 53.23 30.74 -63.99
N MET D 39 51.90 30.59 -63.94
CA MET D 39 51.13 29.91 -64.96
C MET D 39 50.24 30.94 -65.65
N LEU D 40 50.45 31.10 -66.95
CA LEU D 40 49.81 32.16 -67.70
C LEU D 40 49.25 31.66 -69.02
N GLN D 41 48.27 32.40 -69.52
CA GLN D 41 47.85 32.30 -70.92
C GLN D 41 48.66 33.32 -71.72
N PRO D 42 49.75 32.87 -72.36
CA PRO D 42 50.68 33.75 -73.06
C PRO D 42 50.03 34.50 -74.23
N SER D 43 50.12 35.83 -74.20
CA SER D 43 49.49 36.63 -75.24
C SER D 43 50.22 36.44 -76.57
N ALA D 44 49.46 36.49 -77.66
CA ALA D 44 49.97 36.33 -79.02
C ALA D 44 51.06 37.36 -79.26
N GLU D 45 50.80 38.58 -78.80
CA GLU D 45 51.75 39.68 -78.82
C GLU D 45 53.01 39.37 -78.02
N GLN D 46 52.83 38.76 -76.84
CA GLN D 46 53.94 38.31 -76.01
C GLN D 46 54.72 37.23 -76.75
N ALA D 47 54.00 36.28 -77.36
CA ALA D 47 54.59 35.13 -78.05
C ALA D 47 55.42 35.58 -79.23
N GLN D 48 54.89 36.55 -79.96
CA GLN D 48 55.56 37.11 -81.13
C GLN D 48 56.96 37.64 -80.84
N GLN D 49 57.12 38.28 -79.69
CA GLN D 49 58.41 38.80 -79.31
C GLN D 49 59.35 37.66 -78.92
N HIS D 50 58.79 36.52 -78.52
CA HIS D 50 59.58 35.33 -78.14
C HIS D 50 60.18 34.68 -79.36
N TYR D 51 59.36 34.56 -80.40
CA TYR D 51 59.81 34.05 -81.69
C TYR D 51 60.04 35.22 -82.67
N ILE D 52 60.47 36.37 -82.15
CA ILE D 52 60.79 37.56 -82.97
C ILE D 52 61.90 37.23 -83.95
N ASP D 53 62.72 36.23 -83.60
CA ASP D 53 63.85 35.80 -84.40
C ASP D 53 63.43 35.17 -85.74
N LEU D 54 62.17 34.76 -85.83
CA LEU D 54 61.70 34.07 -87.02
C LEU D 54 60.55 34.79 -87.70
N ALA D 55 60.21 35.99 -87.23
CA ALA D 55 59.00 36.70 -87.67
C ALA D 55 58.82 36.77 -89.19
N SER D 56 59.80 36.21 -89.90
CA SER D 56 59.76 36.07 -91.36
C SER D 56 59.41 34.63 -91.80
N LYS D 57 59.40 33.70 -90.84
CA LYS D 57 59.11 32.30 -91.14
C LYS D 57 57.60 32.05 -91.28
N PRO D 58 57.20 31.06 -92.10
CA PRO D 58 55.79 30.83 -92.45
C PRO D 58 54.90 30.24 -91.35
N PHE D 59 55.44 29.29 -90.58
CA PHE D 59 54.66 28.57 -89.54
C PHE D 59 54.36 29.47 -88.35
N TYR D 60 54.88 30.69 -88.44
CA TYR D 60 54.90 31.66 -87.35
C TYR D 60 53.50 31.94 -86.79
N LYS D 61 52.50 32.01 -87.68
CA LYS D 61 51.13 32.26 -87.22
C LYS D 61 50.57 31.05 -86.51
N ASP D 62 50.87 29.85 -87.03
CA ASP D 62 50.45 28.58 -86.43
C ASP D 62 51.11 28.34 -85.06
N LEU D 63 52.39 28.73 -84.93
CA LEU D 63 53.16 28.60 -83.69
C LEU D 63 52.55 29.45 -82.59
N VAL D 64 52.39 30.74 -82.88
CA VAL D 64 51.72 31.66 -81.97
C VAL D 64 50.29 31.18 -81.65
N ALA D 65 49.58 30.72 -82.67
CA ALA D 65 48.24 30.13 -82.50
C ALA D 65 48.27 28.87 -81.61
N TYR D 66 49.25 27.99 -81.82
CA TYR D 66 49.31 26.79 -81.01
C TYR D 66 49.81 27.10 -79.61
N PHE D 67 50.86 27.93 -79.52
CA PHE D 67 51.44 28.30 -78.22
C PHE D 67 50.44 29.04 -77.33
N SER D 68 49.32 29.45 -77.93
CA SER D 68 48.26 30.07 -77.16
C SER D 68 47.08 29.12 -76.92
N SER D 69 47.18 27.89 -77.42
CA SER D 69 46.06 26.94 -77.34
C SER D 69 45.80 26.41 -75.92
N GLY D 70 46.73 26.66 -75.02
CA GLY D 70 46.64 26.13 -73.67
C GLY D 70 47.60 26.90 -72.79
N PRO D 71 47.59 26.60 -71.48
CA PRO D 71 48.34 27.38 -70.52
C PRO D 71 49.78 26.95 -70.48
N ILE D 72 50.63 27.85 -69.99
CA ILE D 72 52.06 27.61 -69.93
C ILE D 72 52.52 27.87 -68.49
N VAL D 73 53.37 26.98 -67.99
CA VAL D 73 54.19 27.31 -66.83
C VAL D 73 55.41 28.01 -67.38
N GLY D 74 55.60 29.27 -66.99
CA GLY D 74 56.78 30.04 -67.36
C GLY D 74 57.77 29.95 -66.21
N MET D 75 58.84 29.18 -66.40
CA MET D 75 59.81 28.83 -65.33
C MET D 75 61.22 29.42 -65.47
N VAL D 76 61.89 29.52 -64.31
CA VAL D 76 63.27 30.00 -64.18
C VAL D 76 64.03 29.09 -63.21
N TRP D 77 65.05 28.39 -63.69
CA TRP D 77 65.88 27.57 -62.79
C TRP D 77 67.27 28.11 -62.58
N GLU D 78 67.88 27.75 -61.45
CA GLU D 78 69.30 28.08 -61.19
C GLU D 78 70.15 26.82 -60.97
N GLY D 79 71.46 26.98 -61.10
CA GLY D 79 72.40 25.87 -61.10
C GLY D 79 73.54 26.17 -62.06
N LYS D 80 74.71 25.57 -61.81
CA LYS D 80 75.89 25.74 -62.69
C LYS D 80 75.64 25.02 -64.01
N GLY D 81 75.71 25.76 -65.10
CA GLY D 81 75.33 25.24 -66.43
C GLY D 81 73.88 24.80 -66.53
N VAL D 82 73.01 25.54 -65.85
CA VAL D 82 71.57 25.23 -65.83
C VAL D 82 70.91 25.39 -67.20
N VAL D 83 71.39 26.33 -68.02
CA VAL D 83 70.87 26.52 -69.38
C VAL D 83 71.19 25.31 -70.27
N LYS D 84 72.46 24.92 -70.32
CA LYS D 84 72.88 23.74 -71.10
C LYS D 84 72.41 22.48 -70.40
N GLY D 85 72.61 22.43 -69.08
CA GLY D 85 72.23 21.30 -68.23
C GLY D 85 70.76 20.94 -68.24
N GLY D 86 69.90 21.97 -68.23
CA GLY D 86 68.46 21.78 -68.43
C GLY D 86 68.15 21.25 -69.83
N ARG D 87 68.87 21.77 -70.83
CA ARG D 87 68.79 21.24 -72.19
C ARG D 87 69.25 19.78 -72.21
N VAL D 88 70.25 19.44 -71.38
CA VAL D 88 70.69 18.06 -71.12
C VAL D 88 69.55 17.21 -70.55
N LEU D 89 68.80 17.79 -69.61
CA LEU D 89 67.67 17.10 -68.98
C LEU D 89 66.54 16.95 -69.97
N LEU D 90 66.32 18.00 -70.76
CA LEU D 90 65.21 18.05 -71.73
C LEU D 90 65.33 17.06 -72.89
N GLY D 91 66.56 16.93 -73.41
CA GLY D 91 66.81 16.19 -74.62
C GLY D 91 66.87 17.15 -75.79
N ALA D 92 66.95 16.59 -77.00
CA ALA D 92 66.94 17.39 -78.22
C ALA D 92 65.53 17.85 -78.53
N THR D 93 65.39 18.96 -79.24
CA THR D 93 64.07 19.55 -79.52
C THR D 93 63.07 18.58 -80.16
N ASN D 94 63.55 17.79 -81.11
CA ASN D 94 62.75 16.73 -81.71
C ASN D 94 62.80 15.46 -80.84
N PRO D 95 61.61 14.99 -80.43
CA PRO D 95 61.52 13.90 -79.45
C PRO D 95 61.90 12.53 -79.96
N ALA D 96 61.98 12.32 -81.27
CA ALA D 96 62.42 11.02 -81.80
C ALA D 96 63.93 10.82 -81.66
N ASP D 97 64.64 11.95 -81.58
CA ASP D 97 66.08 11.98 -81.40
C ASP D 97 66.44 12.05 -79.91
N SER D 98 65.49 12.51 -79.09
CA SER D 98 65.60 12.59 -77.61
C SER D 98 65.80 11.23 -76.92
N LEU D 99 66.92 11.07 -76.21
CA LEU D 99 67.21 9.83 -75.48
C LEU D 99 66.27 9.63 -74.27
N PRO D 100 65.60 8.46 -74.15
CA PRO D 100 64.96 8.13 -72.88
C PRO D 100 65.81 8.31 -71.62
N GLY D 101 65.14 8.77 -70.56
CA GLY D 101 65.77 9.37 -69.38
C GLY D 101 65.50 10.88 -69.37
N THR D 102 65.19 11.42 -70.55
CA THR D 102 64.92 12.85 -70.74
C THR D 102 63.44 13.19 -70.59
N ILE D 103 63.13 14.48 -70.56
CA ILE D 103 61.73 14.90 -70.47
C ILE D 103 61.00 14.63 -71.78
N ARG D 104 61.59 15.07 -72.90
CA ARG D 104 60.99 14.89 -74.24
C ARG D 104 60.94 13.43 -74.75
N GLY D 105 61.99 12.68 -74.45
CA GLY D 105 62.06 11.26 -74.84
C GLY D 105 61.16 10.34 -74.04
N ASP D 106 60.91 10.70 -72.76
CA ASP D 106 60.15 9.86 -71.84
C ASP D 106 58.65 10.07 -71.91
N PHE D 107 58.23 11.21 -72.43
CA PHE D 107 56.82 11.57 -72.34
C PHE D 107 56.10 11.84 -73.66
N ALA D 108 56.77 12.36 -74.68
CA ALA D 108 56.08 12.74 -75.94
C ALA D 108 56.68 12.11 -77.18
N VAL D 109 56.15 12.49 -78.35
CA VAL D 109 56.65 12.01 -79.66
C VAL D 109 57.07 13.11 -80.64
N ASP D 110 56.18 14.08 -80.85
CA ASP D 110 56.27 14.96 -82.02
C ASP D 110 57.01 16.24 -81.69
N VAL D 111 57.61 16.87 -82.68
CA VAL D 111 58.43 18.09 -82.49
C VAL D 111 57.58 19.36 -82.26
N GLY D 112 56.50 19.49 -83.02
CA GLY D 112 55.57 20.60 -82.84
C GLY D 112 54.87 20.49 -81.51
N ARG D 113 55.06 19.34 -80.85
CA ARG D 113 54.44 19.00 -79.56
C ARG D 113 55.50 18.42 -78.62
N ASN D 114 56.58 19.17 -78.40
CA ASN D 114 57.73 18.70 -77.62
C ASN D 114 57.69 19.07 -76.15
N VAL D 115 56.49 19.32 -75.63
CA VAL D 115 56.19 19.37 -74.18
C VAL D 115 56.72 20.56 -73.37
N CYS D 116 57.91 21.08 -73.68
CA CYS D 116 58.53 22.13 -72.85
C CYS D 116 59.67 22.82 -73.59
N HIS D 117 60.02 24.01 -73.16
CA HIS D 117 61.06 24.77 -73.87
C HIS D 117 62.07 25.22 -72.88
N GLY D 118 63.29 25.45 -73.38
CA GLY D 118 64.34 26.04 -72.58
C GLY D 118 65.20 26.91 -73.46
N SER D 119 65.71 27.99 -72.88
CA SER D 119 66.60 28.90 -73.58
C SER D 119 67.80 28.10 -74.07
N ASP D 120 68.21 28.34 -75.31
CA ASP D 120 69.39 27.68 -75.86
C ASP D 120 70.73 28.19 -75.33
N SER D 121 70.74 29.41 -74.78
CA SER D 121 71.96 30.00 -74.22
C SER D 121 71.62 30.94 -73.07
N VAL D 122 72.65 31.41 -72.36
CA VAL D 122 72.51 32.44 -71.30
C VAL D 122 71.95 33.73 -71.92
N ASP D 123 72.57 34.17 -73.02
CA ASP D 123 72.17 35.36 -73.77
C ASP D 123 70.70 35.33 -74.15
N SER D 124 70.24 34.16 -74.63
CA SER D 124 68.82 33.92 -74.91
C SER D 124 68.03 33.87 -73.61
N ALA D 125 68.59 33.16 -72.62
CA ALA D 125 67.96 33.01 -71.31
C ALA D 125 67.73 34.38 -70.69
N LYS D 126 68.80 35.18 -70.61
CA LYS D 126 68.76 36.48 -69.91
C LYS D 126 67.73 37.44 -70.50
N ARG D 127 67.53 37.34 -71.80
CA ARG D 127 66.46 38.05 -72.47
C ARG D 127 65.12 37.41 -72.09
N GLU D 128 65.08 36.08 -72.05
CA GLU D 128 63.84 35.35 -71.83
C GLU D 128 63.27 35.44 -70.40
N ILE D 129 64.11 35.74 -69.42
CA ILE D 129 63.63 35.89 -68.04
C ILE D 129 63.02 37.28 -67.86
N ALA D 130 63.73 38.27 -68.37
CA ALA D 130 63.31 39.66 -68.25
C ALA D 130 62.01 39.96 -69.00
N PHE D 131 61.73 39.20 -70.05
CA PHE D 131 60.55 39.40 -70.88
C PHE D 131 59.30 38.84 -70.24
N TRP D 132 59.36 37.59 -69.78
CA TRP D 132 58.18 36.91 -69.24
C TRP D 132 57.90 37.22 -67.79
N PHE D 133 58.93 37.66 -67.06
CA PHE D 133 58.84 37.91 -65.63
C PHE D 133 59.35 39.25 -65.21
N LYS D 134 58.56 39.87 -64.33
CA LYS D 134 58.93 41.05 -63.56
C LYS D 134 60.11 40.74 -62.62
N PRO D 135 61.02 41.71 -62.44
CA PRO D 135 62.19 41.49 -61.58
C PRO D 135 61.85 41.02 -60.15
N GLU D 136 60.73 41.48 -59.61
CA GLU D 136 60.31 41.11 -58.25
C GLU D 136 59.67 39.73 -58.23
N GLU D 137 59.39 39.20 -59.41
CA GLU D 137 58.88 37.85 -59.50
C GLU D 137 60.02 36.83 -59.31
N LEU D 138 61.26 37.33 -59.32
CA LEU D 138 62.46 36.49 -59.16
C LEU D 138 62.93 36.40 -57.70
N VAL D 139 62.62 35.26 -57.08
CA VAL D 139 62.77 35.06 -55.63
C VAL D 139 64.24 34.85 -55.20
N ASN D 140 64.82 35.79 -54.44
CA ASN D 140 66.20 35.61 -53.98
C ASN D 140 66.32 34.92 -52.62
N TRP D 141 66.91 33.73 -52.63
CA TRP D 141 67.06 32.88 -51.44
C TRP D 141 68.20 31.89 -51.52
N THR D 142 68.55 31.34 -50.36
CA THR D 142 69.52 30.25 -50.27
C THR D 142 68.82 28.98 -49.76
N SER D 143 69.00 27.87 -50.49
CA SER D 143 68.44 26.58 -50.08
C SER D 143 69.24 26.01 -48.92
N HIS D 144 68.56 25.29 -48.05
CA HIS D 144 69.20 24.69 -46.90
C HIS D 144 70.23 23.64 -47.27
N SER D 145 70.24 23.24 -48.55
CA SER D 145 71.22 22.29 -49.09
C SER D 145 72.05 22.90 -50.24
N VAL D 146 72.40 24.17 -50.11
CA VAL D 146 73.33 24.80 -51.05
C VAL D 146 74.72 24.16 -50.86
N LYS D 147 75.16 24.05 -49.61
CA LYS D 147 76.49 23.51 -49.27
C LYS D 147 76.75 22.04 -49.68
N GLN D 148 75.69 21.26 -49.89
CA GLN D 148 75.85 19.86 -50.25
C GLN D 148 75.78 19.66 -51.75
N VAL D 149 75.30 20.68 -52.45
CA VAL D 149 75.25 20.67 -53.91
C VAL D 149 76.53 21.37 -54.41
N TYR D 150 76.95 22.40 -53.68
CA TYR D 150 78.04 23.27 -54.11
C TYR D 150 79.23 23.22 -53.15
N GLU D 151 80.45 23.18 -53.69
CA GLU D 151 81.66 23.25 -52.86
C GLU D 151 82.07 24.69 -52.56
N MET E 1 81.97 -13.53 -64.76
CA MET E 1 80.99 -14.64 -64.82
C MET E 1 79.72 -14.27 -64.04
N THR E 2 78.86 -15.26 -63.81
CA THR E 2 77.58 -15.10 -63.12
C THR E 2 77.78 -14.71 -61.65
N SER E 3 78.93 -15.13 -61.11
CA SER E 3 79.21 -15.07 -59.68
C SER E 3 79.92 -13.78 -59.26
N GLU E 4 80.25 -12.92 -60.22
CA GLU E 4 81.07 -11.73 -59.98
C GLU E 4 80.38 -10.80 -58.99
N ARG E 5 81.16 -10.25 -58.05
CA ARG E 5 80.65 -9.31 -57.06
C ARG E 5 81.36 -7.99 -57.20
N THR E 6 80.61 -6.89 -57.12
CA THR E 6 81.16 -5.54 -57.28
C THR E 6 81.01 -4.79 -55.98
N PHE E 7 81.73 -3.69 -55.81
CA PHE E 7 81.50 -2.87 -54.62
C PHE E 7 80.83 -1.53 -54.95
N ILE E 8 79.85 -1.18 -54.13
CA ILE E 8 79.18 0.09 -54.26
C ILE E 8 79.22 0.76 -52.89
N ALA E 9 79.58 2.06 -52.86
CA ALA E 9 79.52 2.91 -51.65
C ALA E 9 78.71 4.18 -51.90
N VAL E 10 77.65 4.42 -51.13
CA VAL E 10 76.86 5.62 -51.38
C VAL E 10 77.38 6.82 -50.57
N LYS E 11 77.53 7.95 -51.24
CA LYS E 11 78.20 9.13 -50.67
C LYS E 11 77.41 9.83 -49.53
N PRO E 12 78.09 10.66 -48.71
CA PRO E 12 77.43 11.48 -47.70
C PRO E 12 76.29 12.34 -48.24
N ASP E 13 76.52 13.04 -49.35
CA ASP E 13 75.43 13.70 -50.07
C ASP E 13 74.31 12.72 -50.43
N GLY E 14 74.64 11.43 -50.55
CA GLY E 14 73.71 10.39 -51.00
C GLY E 14 72.67 10.06 -49.96
N VAL E 15 73.14 9.76 -48.75
CA VAL E 15 72.24 9.53 -47.61
C VAL E 15 71.37 10.78 -47.35
N GLN E 16 72.01 11.94 -47.45
CA GLN E 16 71.42 13.24 -47.14
C GLN E 16 70.42 13.77 -48.17
N ARG E 17 70.62 13.41 -49.44
CA ARG E 17 69.71 13.81 -50.52
C ARG E 17 68.47 12.92 -50.60
N CYS E 18 68.48 11.85 -49.80
CA CYS E 18 67.32 10.99 -49.60
C CYS E 18 67.20 10.01 -50.76
N LEU E 19 68.31 9.34 -51.07
CA LEU E 19 68.42 8.56 -52.31
C LEU E 19 68.81 7.08 -52.19
N VAL E 20 69.27 6.65 -51.01
CA VAL E 20 69.73 5.27 -50.82
C VAL E 20 68.69 4.25 -51.29
N GLY E 21 67.43 4.54 -51.00
CA GLY E 21 66.33 3.75 -51.54
C GLY E 21 66.26 3.68 -53.06
N GLU E 22 66.48 4.81 -53.70
CA GLU E 22 66.46 4.85 -55.15
C GLU E 22 67.61 4.04 -55.69
N ILE E 23 68.75 4.10 -55.00
CA ILE E 23 69.99 3.41 -55.43
C ILE E 23 69.86 1.87 -55.38
N ILE E 24 69.38 1.35 -54.25
CA ILE E 24 69.22 -0.09 -54.10
C ILE E 24 68.08 -0.70 -54.94
N GLN E 25 66.87 -0.14 -54.84
CA GLN E 25 65.74 -0.59 -55.68
C GLN E 25 66.11 -0.64 -57.16
N ARG E 26 67.05 0.20 -57.56
CA ARG E 26 67.53 0.21 -58.94
C ARG E 26 68.37 -1.02 -59.27
N PHE E 27 69.24 -1.40 -58.35
CA PHE E 27 70.08 -2.57 -58.58
C PHE E 27 69.26 -3.88 -58.46
N GLU E 28 68.18 -3.84 -57.67
CA GLU E 28 67.31 -5.00 -57.46
C GLU E 28 66.48 -5.40 -58.68
N LYS E 29 65.75 -4.44 -59.25
CA LYS E 29 64.97 -4.65 -60.48
C LYS E 29 65.86 -5.13 -61.63
N LYS E 30 67.17 -4.92 -61.48
CA LYS E 30 68.16 -5.26 -62.49
C LYS E 30 68.30 -6.78 -62.68
N GLY E 31 68.24 -7.53 -61.58
CA GLY E 31 68.43 -8.98 -61.60
C GLY E 31 69.52 -9.34 -60.61
N TYR E 32 69.96 -8.33 -59.87
CA TYR E 32 71.09 -8.44 -58.96
C TYR E 32 70.61 -8.80 -57.54
N LYS E 33 71.34 -9.74 -56.93
CA LYS E 33 71.15 -10.17 -55.56
C LYS E 33 72.14 -9.50 -54.59
N LEU E 34 71.61 -8.87 -53.55
CA LEU E 34 72.45 -8.21 -52.56
C LEU E 34 73.19 -9.27 -51.74
N VAL E 35 74.52 -9.17 -51.73
CA VAL E 35 75.38 -10.10 -50.97
C VAL E 35 75.81 -9.51 -49.62
N ALA E 36 75.87 -8.17 -49.57
CA ALA E 36 76.28 -7.39 -48.38
C ALA E 36 75.75 -5.96 -48.46
N LEU E 37 75.37 -5.43 -47.30
CA LEU E 37 74.84 -4.05 -47.19
C LEU E 37 75.02 -3.47 -45.77
N LYS E 38 75.88 -2.47 -45.63
CA LYS E 38 76.11 -1.89 -44.30
C LYS E 38 76.13 -0.36 -44.27
N MET E 39 76.14 0.22 -43.08
CA MET E 39 76.01 1.67 -42.94
C MET E 39 76.92 2.13 -41.84
N LEU E 40 77.58 3.27 -42.07
CA LEU E 40 78.54 3.82 -41.13
C LEU E 40 78.95 5.24 -41.46
N GLN E 41 79.12 6.05 -40.41
CA GLN E 41 79.92 7.25 -40.47
C GLN E 41 81.36 6.73 -40.47
N PRO E 42 82.07 6.85 -41.61
CA PRO E 42 83.37 6.21 -41.66
C PRO E 42 84.46 7.06 -41.02
N SER E 43 85.47 6.40 -40.46
CA SER E 43 86.61 7.11 -39.91
C SER E 43 87.43 7.70 -41.07
N ALA E 44 88.15 8.78 -40.76
CA ALA E 44 89.09 9.37 -41.71
C ALA E 44 90.13 8.31 -42.05
N GLU E 45 90.55 7.58 -41.03
CA GLU E 45 91.50 6.46 -41.12
C GLU E 45 91.11 5.43 -42.18
N GLN E 46 89.80 5.16 -42.29
CA GLN E 46 89.24 4.31 -43.36
C GLN E 46 89.38 4.98 -44.72
N ALA E 47 88.83 6.19 -44.83
CA ALA E 47 88.88 6.95 -46.06
C ALA E 47 90.32 7.03 -46.56
N GLN E 48 91.29 6.80 -45.66
CA GLN E 48 92.70 6.76 -46.01
C GLN E 48 93.10 5.55 -46.85
N GLN E 49 92.74 4.35 -46.39
CA GLN E 49 93.14 3.10 -47.06
C GLN E 49 92.38 2.82 -48.39
N HIS E 50 91.11 3.19 -48.44
CA HIS E 50 90.35 3.19 -49.69
C HIS E 50 90.90 4.19 -50.68
N TYR E 51 91.32 5.36 -50.21
CA TYR E 51 91.88 6.40 -51.08
C TYR E 51 93.40 6.55 -50.96
N ILE E 52 94.09 5.45 -50.62
CA ILE E 52 95.53 5.44 -50.33
C ILE E 52 96.45 5.90 -51.47
N ASP E 53 96.08 5.55 -52.70
CA ASP E 53 96.93 5.78 -53.88
C ASP E 53 97.06 7.27 -54.21
N LEU E 54 96.17 8.07 -53.62
CA LEU E 54 96.11 9.51 -53.88
C LEU E 54 96.75 10.32 -52.75
N ALA E 55 97.17 9.61 -51.69
CA ALA E 55 97.57 10.21 -50.40
C ALA E 55 98.51 11.43 -50.44
N SER E 56 99.15 11.67 -51.58
CA SER E 56 100.02 12.83 -51.72
C SER E 56 99.37 14.00 -52.48
N LYS E 57 98.18 13.77 -53.05
CA LYS E 57 97.48 14.79 -53.86
C LYS E 57 96.89 15.94 -53.03
N PRO E 58 96.92 17.17 -53.57
CA PRO E 58 96.37 18.32 -52.85
C PRO E 58 94.86 18.21 -52.61
N PHE E 59 94.21 17.35 -53.38
CA PHE E 59 92.75 17.17 -53.30
C PHE E 59 92.34 15.98 -52.42
N TYR E 60 93.32 15.38 -51.78
CA TYR E 60 93.06 14.28 -50.86
C TYR E 60 92.23 14.71 -49.63
N LYS E 61 92.58 15.87 -49.06
CA LYS E 61 92.11 16.25 -47.72
C LYS E 61 90.62 16.58 -47.61
N ASP E 62 90.14 17.47 -48.48
CA ASP E 62 88.72 17.83 -48.57
C ASP E 62 87.83 16.62 -48.90
N LEU E 63 88.39 15.73 -49.72
CA LEU E 63 87.85 14.42 -50.07
C LEU E 63 87.57 13.57 -48.81
N VAL E 64 88.60 13.37 -48.00
CA VAL E 64 88.46 12.64 -46.74
C VAL E 64 87.46 13.32 -45.81
N ALA E 65 87.50 14.66 -45.77
CA ALA E 65 86.56 15.44 -44.96
C ALA E 65 85.10 15.24 -45.37
N TYR E 66 84.85 15.20 -46.68
CA TYR E 66 83.51 14.97 -47.27
C TYR E 66 82.99 13.55 -47.05
N PHE E 67 83.73 12.55 -47.55
CA PHE E 67 83.41 11.14 -47.26
C PHE E 67 83.36 10.86 -45.75
N SER E 68 83.67 11.88 -44.95
CA SER E 68 83.54 11.82 -43.51
C SER E 68 82.58 12.90 -42.96
N SER E 69 82.06 13.76 -43.85
CA SER E 69 81.07 14.80 -43.49
C SER E 69 79.65 14.24 -43.24
N GLY E 70 79.47 12.98 -43.60
CA GLY E 70 78.23 12.24 -43.42
C GLY E 70 78.47 10.75 -43.40
N PRO E 71 77.39 9.96 -43.42
CA PRO E 71 77.49 8.50 -43.37
C PRO E 71 77.68 7.89 -44.74
N ILE E 72 77.88 6.57 -44.81
CA ILE E 72 78.07 5.88 -46.08
C ILE E 72 77.37 4.54 -46.05
N VAL E 73 76.64 4.20 -47.14
CA VAL E 73 76.03 2.88 -47.27
C VAL E 73 76.79 1.96 -48.26
N GLY E 74 77.59 1.06 -47.69
CA GLY E 74 78.40 0.10 -48.44
C GLY E 74 77.68 -1.18 -48.86
N MET E 75 77.73 -1.47 -50.16
CA MET E 75 77.00 -2.60 -50.74
C MET E 75 77.91 -3.54 -51.52
N VAL E 76 77.47 -4.79 -51.66
CA VAL E 76 78.10 -5.72 -52.59
C VAL E 76 77.00 -6.43 -53.40
N TRP E 77 76.91 -6.07 -54.67
CA TRP E 77 75.94 -6.64 -55.60
C TRP E 77 76.53 -7.73 -56.42
N GLU E 78 75.76 -8.81 -56.60
CA GLU E 78 76.12 -10.01 -57.37
C GLU E 78 75.39 -10.01 -58.68
N GLY E 79 76.02 -10.56 -59.71
CA GLY E 79 75.42 -10.67 -61.04
C GLY E 79 76.45 -10.70 -62.16
N LYS E 80 76.02 -11.12 -63.35
CA LYS E 80 76.88 -11.14 -64.53
C LYS E 80 77.17 -9.70 -64.97
N GLY E 81 78.45 -9.36 -65.04
CA GLY E 81 78.88 -8.04 -65.48
C GLY E 81 78.43 -6.93 -64.54
N VAL E 82 78.40 -7.26 -63.25
CA VAL E 82 78.07 -6.33 -62.16
C VAL E 82 79.00 -5.09 -62.04
N VAL E 83 80.31 -5.29 -62.20
CA VAL E 83 81.29 -4.19 -62.21
C VAL E 83 81.06 -3.34 -63.46
N LYS E 84 81.05 -4.01 -64.61
CA LYS E 84 80.98 -3.40 -65.93
C LYS E 84 79.65 -2.70 -66.28
N GLY E 85 78.55 -3.46 -66.26
CA GLY E 85 77.20 -2.90 -66.46
C GLY E 85 76.74 -1.95 -65.37
N GLY E 86 77.04 -2.30 -64.12
CA GLY E 86 76.65 -1.50 -62.94
C GLY E 86 77.14 -0.07 -62.99
N ARG E 87 78.32 0.12 -63.56
CA ARG E 87 78.88 1.46 -63.76
C ARG E 87 78.02 2.25 -64.73
N VAL E 88 77.53 1.56 -65.76
CA VAL E 88 76.62 2.19 -66.73
C VAL E 88 75.32 2.57 -66.04
N LEU E 89 74.95 1.80 -65.01
CA LEU E 89 73.82 2.15 -64.16
C LEU E 89 74.11 3.43 -63.38
N LEU E 90 75.35 3.61 -62.92
CA LEU E 90 75.77 4.84 -62.22
C LEU E 90 75.87 6.02 -63.16
N GLY E 91 76.46 5.79 -64.33
CA GLY E 91 76.79 6.85 -65.27
C GLY E 91 78.27 7.16 -65.14
N ALA E 92 78.70 8.18 -65.88
CA ALA E 92 80.10 8.67 -65.87
C ALA E 92 80.43 9.35 -64.54
N THR E 93 81.68 9.18 -64.07
CA THR E 93 82.12 9.71 -62.77
C THR E 93 81.69 11.17 -62.58
N ASN E 94 81.76 11.93 -63.66
CA ASN E 94 81.23 13.30 -63.70
C ASN E 94 79.75 13.27 -64.14
N PRO E 95 78.83 13.46 -63.18
CA PRO E 95 77.38 13.45 -63.41
C PRO E 95 76.89 14.44 -64.50
N ALA E 96 77.77 15.36 -64.90
CA ALA E 96 77.50 16.36 -65.93
C ALA E 96 77.49 15.75 -67.34
N ASP E 97 78.34 14.76 -67.55
CA ASP E 97 78.46 14.10 -68.84
C ASP E 97 77.56 12.86 -68.88
N SER E 98 77.06 12.48 -67.70
CA SER E 98 76.24 11.27 -67.49
C SER E 98 74.85 11.43 -68.07
N LEU E 99 74.44 10.47 -68.89
CA LEU E 99 73.13 10.49 -69.54
C LEU E 99 71.98 10.21 -68.57
N PRO E 100 70.90 11.03 -68.62
CA PRO E 100 69.76 10.84 -67.73
C PRO E 100 69.15 9.45 -67.87
N GLY E 101 68.72 8.86 -66.75
CA GLY E 101 68.32 7.44 -66.70
C GLY E 101 69.36 6.65 -65.92
N THR E 102 70.53 7.24 -65.76
CA THR E 102 71.59 6.70 -64.90
C THR E 102 71.43 7.28 -63.49
N ILE E 103 72.21 6.79 -62.53
CA ILE E 103 72.07 7.25 -61.13
C ILE E 103 72.64 8.65 -60.90
N ARG E 104 73.93 8.86 -61.23
CA ARG E 104 74.53 10.19 -61.13
C ARG E 104 73.91 11.11 -62.17
N GLY E 105 73.35 10.50 -63.22
CA GLY E 105 72.63 11.24 -64.26
C GLY E 105 71.25 11.72 -63.82
N ASP E 106 70.59 10.94 -62.98
CA ASP E 106 69.24 11.31 -62.56
C ASP E 106 69.16 12.21 -61.34
N PHE E 107 70.23 12.33 -60.57
CA PHE E 107 70.15 13.04 -59.30
C PHE E 107 71.25 14.04 -59.01
N ALA E 108 72.49 13.76 -59.44
CA ALA E 108 73.61 14.65 -59.13
C ALA E 108 73.81 15.71 -60.21
N VAL E 109 74.57 16.77 -59.88
CA VAL E 109 74.91 17.84 -60.82
C VAL E 109 76.43 18.05 -61.04
N ASP E 110 77.15 18.20 -59.93
CA ASP E 110 78.58 18.47 -59.86
C ASP E 110 79.34 17.24 -59.34
N VAL E 111 80.47 16.94 -59.97
CA VAL E 111 81.28 15.74 -59.72
C VAL E 111 81.79 15.61 -58.28
N GLY E 112 81.99 16.76 -57.63
CA GLY E 112 82.39 16.84 -56.21
C GLY E 112 81.30 16.39 -55.28
N ARG E 113 80.06 16.46 -55.77
CA ARG E 113 78.93 15.87 -55.08
C ARG E 113 78.22 14.82 -55.96
N ASN E 114 78.86 13.67 -56.11
CA ASN E 114 78.43 12.70 -57.10
C ASN E 114 77.70 11.47 -56.55
N VAL E 115 77.12 11.62 -55.35
CA VAL E 115 76.07 10.71 -54.78
C VAL E 115 76.44 9.27 -54.44
N CYS E 116 77.14 8.56 -55.34
CA CYS E 116 77.44 7.15 -55.12
C CYS E 116 78.83 6.76 -55.65
N HIS E 117 79.17 5.48 -55.49
CA HIS E 117 80.44 4.97 -55.96
C HIS E 117 80.27 3.55 -56.40
N GLY E 118 80.77 3.22 -57.58
CA GLY E 118 80.81 1.84 -58.07
C GLY E 118 82.25 1.46 -58.40
N SER E 119 82.56 0.17 -58.32
CA SER E 119 83.90 -0.31 -58.64
C SER E 119 84.25 -0.04 -60.10
N ASP E 120 85.54 0.21 -60.34
CA ASP E 120 86.06 0.51 -61.68
C ASP E 120 86.72 -0.68 -62.38
N SER E 121 86.85 -1.79 -61.67
CA SER E 121 87.54 -2.97 -62.18
C SER E 121 87.25 -4.24 -61.38
N VAL E 122 87.70 -5.37 -61.90
CA VAL E 122 87.77 -6.62 -61.16
C VAL E 122 88.69 -6.40 -59.95
N ASP E 123 89.84 -5.77 -60.19
CA ASP E 123 90.88 -5.61 -59.17
C ASP E 123 90.45 -4.78 -57.96
N SER E 124 89.84 -3.63 -58.21
CA SER E 124 89.36 -2.76 -57.14
C SER E 124 88.18 -3.36 -56.34
N ALA E 125 87.27 -4.04 -57.03
CA ALA E 125 86.12 -4.67 -56.37
C ALA E 125 86.60 -5.59 -55.25
N LYS E 126 87.58 -6.43 -55.56
CA LYS E 126 88.08 -7.40 -54.58
C LYS E 126 88.86 -6.78 -53.41
N ARG E 127 89.61 -5.71 -53.66
CA ARG E 127 90.21 -4.89 -52.58
C ARG E 127 89.14 -4.17 -51.73
N GLU E 128 88.15 -3.58 -52.40
CA GLU E 128 87.07 -2.85 -51.73
C GLU E 128 86.09 -3.76 -50.99
N ILE E 129 85.97 -5.00 -51.45
CA ILE E 129 85.25 -6.03 -50.70
C ILE E 129 86.04 -6.37 -49.43
N ALA E 130 87.37 -6.41 -49.57
CA ALA E 130 88.29 -6.66 -48.45
C ALA E 130 88.25 -5.56 -47.40
N PHE E 131 88.02 -4.33 -47.84
CA PHE E 131 88.15 -3.12 -47.02
C PHE E 131 86.91 -2.82 -46.19
N TRP E 132 85.76 -2.72 -46.85
CA TRP E 132 84.54 -2.33 -46.17
C TRP E 132 83.88 -3.46 -45.43
N PHE E 133 84.34 -4.70 -45.68
CA PHE E 133 83.68 -5.91 -45.20
C PHE E 133 84.61 -7.01 -44.67
N LYS E 134 84.22 -7.55 -43.52
CA LYS E 134 84.68 -8.84 -43.03
C LYS E 134 84.07 -9.95 -43.91
N PRO E 135 84.71 -11.15 -43.96
CA PRO E 135 84.14 -12.14 -44.86
C PRO E 135 82.78 -12.67 -44.38
N GLU E 136 82.56 -12.68 -43.06
CA GLU E 136 81.30 -13.19 -42.46
C GLU E 136 80.04 -12.35 -42.74
N GLU E 137 80.23 -11.15 -43.29
CA GLU E 137 79.14 -10.22 -43.59
C GLU E 137 78.47 -10.54 -44.92
N LEU E 138 79.26 -11.13 -45.83
CA LEU E 138 78.76 -11.64 -47.12
C LEU E 138 77.86 -12.85 -46.91
N VAL E 139 76.65 -12.75 -47.48
CA VAL E 139 75.57 -13.72 -47.28
C VAL E 139 75.33 -14.54 -48.55
N ASN E 140 75.10 -15.85 -48.37
CA ASN E 140 75.01 -16.83 -49.47
C ASN E 140 73.69 -17.64 -49.54
N TRP E 141 72.88 -17.30 -50.55
CA TRP E 141 71.50 -17.81 -50.66
C TRP E 141 71.17 -17.74 -52.13
N THR E 142 69.94 -18.08 -52.51
CA THR E 142 69.56 -17.93 -53.93
C THR E 142 68.30 -17.11 -54.16
N SER E 143 68.40 -16.10 -55.02
CA SER E 143 67.22 -15.32 -55.41
C SER E 143 66.24 -16.21 -56.16
N HIS E 144 64.98 -16.20 -55.73
CA HIS E 144 63.95 -17.07 -56.31
C HIS E 144 63.76 -16.86 -57.80
N SER E 145 64.41 -15.83 -58.34
CA SER E 145 64.24 -15.41 -59.75
C SER E 145 65.45 -15.67 -60.66
N VAL E 146 66.55 -16.17 -60.08
CA VAL E 146 67.80 -16.47 -60.80
C VAL E 146 67.62 -17.24 -62.13
N LYS E 147 66.86 -18.33 -62.06
CA LYS E 147 66.58 -19.16 -63.24
C LYS E 147 65.84 -18.38 -64.35
N GLN E 148 65.39 -17.17 -64.07
CA GLN E 148 64.70 -16.37 -65.08
C GLN E 148 65.43 -15.14 -65.60
N VAL E 149 66.37 -14.66 -64.78
CA VAL E 149 67.28 -13.61 -65.20
C VAL E 149 68.42 -14.27 -65.95
N TYR E 150 68.67 -15.55 -65.65
CA TYR E 150 69.75 -16.31 -66.28
C TYR E 150 69.28 -17.56 -67.00
N GLU E 151 70.13 -18.08 -67.88
CA GLU E 151 69.90 -19.29 -68.68
C GLU E 151 70.21 -20.59 -67.91
N MET F 1 51.35 10.08 -92.56
CA MET F 1 49.94 10.17 -92.07
C MET F 1 49.65 9.25 -90.89
N THR F 2 50.67 9.04 -90.04
CA THR F 2 50.57 8.27 -88.77
C THR F 2 50.09 6.81 -88.92
N SER F 3 50.40 6.21 -90.07
CA SER F 3 49.79 4.94 -90.49
C SER F 3 50.44 3.67 -89.93
N GLU F 4 51.71 3.74 -89.55
CA GLU F 4 52.40 2.55 -89.05
C GLU F 4 51.80 1.99 -87.74
N ARG F 5 51.83 0.66 -87.64
CA ARG F 5 51.54 -0.06 -86.41
C ARG F 5 52.82 -0.82 -86.14
N THR F 6 53.01 -1.30 -84.92
CA THR F 6 54.12 -2.21 -84.66
C THR F 6 53.72 -3.21 -83.60
N PHE F 7 54.07 -4.47 -83.83
CA PHE F 7 53.80 -5.54 -82.88
C PHE F 7 54.82 -5.43 -81.75
N ILE F 8 54.29 -5.43 -80.54
CA ILE F 8 55.04 -5.31 -79.29
C ILE F 8 54.55 -6.40 -78.34
N ALA F 9 55.46 -7.17 -77.76
CA ALA F 9 55.06 -8.29 -76.90
C ALA F 9 56.09 -8.61 -75.84
N VAL F 10 55.64 -8.75 -74.61
CA VAL F 10 56.56 -8.98 -73.49
C VAL F 10 56.88 -10.47 -73.35
N LYS F 11 58.17 -10.80 -73.40
CA LYS F 11 58.64 -12.18 -73.35
C LYS F 11 58.41 -12.78 -71.95
N PRO F 12 58.47 -14.13 -71.79
CA PRO F 12 58.11 -14.76 -70.50
C PRO F 12 58.84 -14.18 -69.28
N ASP F 13 60.14 -13.96 -69.40
CA ASP F 13 61.00 -13.48 -68.31
C ASP F 13 60.61 -12.10 -67.75
N GLY F 14 60.17 -11.20 -68.63
CA GLY F 14 59.61 -9.92 -68.20
C GLY F 14 58.23 -10.07 -67.55
N VAL F 15 57.30 -10.69 -68.26
CA VAL F 15 55.97 -10.98 -67.73
C VAL F 15 56.05 -11.74 -66.41
N GLN F 16 56.98 -12.69 -66.32
CA GLN F 16 57.21 -13.45 -65.09
C GLN F 16 57.69 -12.58 -63.92
N ARG F 17 58.25 -11.41 -64.25
CA ARG F 17 58.84 -10.50 -63.27
C ARG F 17 58.07 -9.18 -63.23
N CYS F 18 56.74 -9.27 -63.34
CA CYS F 18 55.79 -8.14 -63.24
C CYS F 18 56.12 -6.89 -64.09
N LEU F 19 56.54 -7.10 -65.34
CA LEU F 19 56.85 -5.98 -66.22
C LEU F 19 55.80 -5.65 -67.29
N VAL F 20 54.65 -6.31 -67.25
CA VAL F 20 53.64 -6.06 -68.29
C VAL F 20 53.14 -4.63 -68.21
N GLY F 21 52.99 -4.11 -66.99
CA GLY F 21 52.51 -2.75 -66.77
C GLY F 21 53.43 -1.64 -67.24
N GLU F 22 54.70 -1.71 -66.85
CA GLU F 22 55.72 -0.69 -67.16
C GLU F 22 55.97 -0.51 -68.67
N ILE F 23 56.22 -1.62 -69.35
CA ILE F 23 56.32 -1.67 -70.80
C ILE F 23 55.04 -1.09 -71.45
N ILE F 24 53.88 -1.40 -70.86
CA ILE F 24 52.62 -0.87 -71.36
C ILE F 24 52.50 0.65 -71.16
N GLN F 25 52.87 1.12 -69.95
CA GLN F 25 52.90 2.56 -69.66
C GLN F 25 53.92 3.29 -70.54
N ARG F 26 55.08 2.67 -70.76
CA ARG F 26 56.18 3.27 -71.53
C ARG F 26 55.78 3.68 -72.94
N PHE F 27 54.93 2.87 -73.55
CA PHE F 27 54.42 3.14 -74.89
C PHE F 27 53.30 4.16 -74.83
N GLU F 28 52.41 4.00 -73.86
CA GLU F 28 51.37 4.97 -73.56
C GLU F 28 51.97 6.35 -73.28
N LYS F 29 53.08 6.38 -72.56
CA LYS F 29 53.72 7.65 -72.23
C LYS F 29 54.52 8.21 -73.41
N LYS F 30 54.95 7.37 -74.34
CA LYS F 30 55.64 7.86 -75.54
C LYS F 30 54.68 8.62 -76.41
N GLY F 31 53.44 8.20 -76.40
CA GLY F 31 52.39 8.80 -77.23
C GLY F 31 51.87 7.79 -78.23
N TYR F 32 51.97 6.52 -77.87
CA TYR F 32 51.59 5.42 -78.73
C TYR F 32 50.16 4.95 -78.44
N LYS F 33 49.44 4.61 -79.49
CA LYS F 33 48.08 4.11 -79.34
C LYS F 33 48.07 2.59 -79.46
N LEU F 34 47.29 1.93 -78.58
CA LEU F 34 47.07 0.49 -78.64
C LEU F 34 46.11 0.21 -79.78
N VAL F 35 46.34 -0.89 -80.48
CA VAL F 35 45.39 -1.36 -81.48
C VAL F 35 44.78 -2.71 -81.08
N ALA F 36 45.60 -3.73 -80.80
CA ALA F 36 45.10 -5.01 -80.24
C ALA F 36 46.04 -5.59 -79.15
N LEU F 37 45.47 -6.37 -78.21
CA LEU F 37 46.21 -6.83 -77.03
C LEU F 37 45.64 -8.11 -76.40
N LYS F 38 46.50 -9.10 -76.21
CA LYS F 38 46.11 -10.38 -75.60
C LYS F 38 47.19 -11.03 -74.72
N MET F 39 46.91 -12.25 -74.27
CA MET F 39 47.83 -13.00 -73.44
C MET F 39 47.77 -14.46 -73.85
N LEU F 40 48.65 -14.86 -74.76
CA LEU F 40 48.65 -16.23 -75.27
C LEU F 40 49.95 -17.00 -75.05
N GLN F 41 49.84 -18.29 -74.78
CA GLN F 41 50.99 -19.15 -74.79
C GLN F 41 51.26 -19.37 -76.26
N PRO F 42 52.37 -18.81 -76.79
CA PRO F 42 52.69 -19.04 -78.19
C PRO F 42 53.13 -20.48 -78.34
N SER F 43 52.59 -21.20 -79.31
CA SER F 43 52.87 -22.62 -79.39
C SER F 43 54.22 -22.79 -80.05
N ALA F 44 54.80 -23.98 -79.91
CA ALA F 44 56.05 -24.33 -80.60
C ALA F 44 56.03 -24.00 -82.10
N GLU F 45 54.92 -24.27 -82.79
CA GLU F 45 54.83 -24.04 -84.22
C GLU F 45 54.83 -22.56 -84.54
N GLN F 46 54.20 -21.78 -83.67
CA GLN F 46 54.02 -20.34 -83.89
C GLN F 46 55.33 -19.57 -83.75
N ALA F 47 56.00 -19.77 -82.61
CA ALA F 47 57.30 -19.19 -82.34
C ALA F 47 58.32 -19.51 -83.44
N GLN F 48 58.22 -20.71 -84.00
CA GLN F 48 59.09 -21.13 -85.09
C GLN F 48 58.85 -20.36 -86.41
N GLN F 49 57.58 -20.21 -86.82
CA GLN F 49 57.28 -19.36 -87.98
C GLN F 49 57.53 -17.88 -87.66
N HIS F 50 57.45 -17.53 -86.38
CA HIS F 50 57.78 -16.18 -85.90
C HIS F 50 59.27 -15.94 -86.02
N TYR F 51 60.06 -16.93 -85.61
CA TYR F 51 61.52 -16.84 -85.65
C TYR F 51 62.09 -17.63 -86.82
N ILE F 52 61.32 -17.66 -87.90
CA ILE F 52 61.64 -18.32 -89.18
C ILE F 52 63.03 -17.99 -89.76
N ASP F 53 63.47 -16.74 -89.62
CA ASP F 53 64.78 -16.33 -90.11
C ASP F 53 65.90 -16.79 -89.19
N LEU F 54 65.56 -17.06 -87.94
CA LEU F 54 66.53 -17.58 -86.96
C LEU F 54 66.45 -19.11 -86.84
N ALA F 55 65.89 -19.75 -87.86
CA ALA F 55 65.67 -21.20 -87.82
C ALA F 55 66.94 -22.02 -87.98
N SER F 56 67.96 -21.45 -88.63
CA SER F 56 69.14 -22.23 -88.97
C SER F 56 70.32 -22.10 -88.00
N LYS F 57 70.19 -21.18 -87.06
CA LYS F 57 71.20 -20.94 -86.02
C LYS F 57 71.18 -21.98 -84.90
N PRO F 58 72.35 -22.23 -84.27
CA PRO F 58 72.47 -23.19 -83.16
C PRO F 58 71.71 -22.83 -81.88
N PHE F 59 71.57 -21.55 -81.56
CA PHE F 59 70.82 -21.10 -80.37
C PHE F 59 69.30 -21.16 -80.53
N TYR F 60 68.86 -21.65 -81.70
CA TYR F 60 67.46 -21.57 -82.12
C TYR F 60 66.47 -22.39 -81.29
N LYS F 61 66.77 -23.67 -81.09
CA LYS F 61 65.89 -24.53 -80.28
C LYS F 61 65.67 -24.00 -78.85
N ASP F 62 66.73 -23.48 -78.25
CA ASP F 62 66.65 -22.92 -76.91
C ASP F 62 65.82 -21.63 -76.91
N LEU F 63 65.85 -20.89 -78.02
CA LEU F 63 65.10 -19.64 -78.10
C LEU F 63 63.58 -19.84 -78.08
N VAL F 64 63.07 -20.72 -78.94
CA VAL F 64 61.63 -20.96 -79.00
C VAL F 64 61.13 -21.67 -77.74
N ALA F 65 61.84 -22.70 -77.28
CA ALA F 65 61.51 -23.37 -76.01
C ALA F 65 61.46 -22.40 -74.80
N TYR F 66 62.40 -21.46 -74.77
CA TYR F 66 62.29 -20.35 -73.85
C TYR F 66 61.08 -19.47 -74.20
N PHE F 67 60.88 -19.17 -75.49
CA PHE F 67 59.79 -18.28 -75.93
C PHE F 67 58.40 -18.88 -75.76
N SER F 68 58.36 -20.21 -75.75
CA SER F 68 57.14 -20.98 -75.59
C SER F 68 56.89 -21.30 -74.12
N SER F 69 57.90 -21.08 -73.27
CA SER F 69 57.89 -21.56 -71.88
C SER F 69 56.78 -20.97 -71.00
N GLY F 70 56.12 -19.95 -71.52
CA GLY F 70 55.04 -19.29 -70.82
C GLY F 70 54.26 -18.28 -71.64
N PRO F 71 53.07 -17.89 -71.14
CA PRO F 71 52.14 -16.99 -71.82
C PRO F 71 52.71 -15.59 -72.01
N ILE F 72 52.48 -15.05 -73.21
CA ILE F 72 53.11 -13.81 -73.65
C ILE F 72 52.02 -12.76 -73.89
N VAL F 73 52.33 -11.50 -73.63
CA VAL F 73 51.40 -10.44 -74.00
C VAL F 73 51.71 -10.03 -75.42
N GLY F 74 50.78 -10.28 -76.33
CA GLY F 74 50.91 -9.80 -77.69
C GLY F 74 50.20 -8.46 -77.82
N MET F 75 50.75 -7.54 -78.60
CA MET F 75 50.16 -6.22 -78.77
C MET F 75 50.48 -5.64 -80.13
N VAL F 76 49.62 -4.74 -80.57
CA VAL F 76 49.92 -3.83 -81.67
C VAL F 76 49.90 -2.40 -81.10
N TRP F 77 50.70 -1.50 -81.68
CA TRP F 77 50.76 -0.11 -81.24
C TRP F 77 50.83 0.86 -82.38
N GLU F 78 50.37 2.09 -82.13
CA GLU F 78 50.30 3.08 -83.19
C GLU F 78 51.04 4.40 -82.96
N GLY F 79 51.98 4.69 -83.86
CA GLY F 79 52.73 5.93 -83.90
C GLY F 79 53.36 6.10 -85.29
N LYS F 80 53.90 7.29 -85.55
CA LYS F 80 54.64 7.54 -86.79
C LYS F 80 56.01 6.93 -86.61
N GLY F 81 56.52 6.25 -87.64
CA GLY F 81 57.82 5.57 -87.61
C GLY F 81 58.01 4.67 -86.40
N VAL F 82 56.88 4.12 -85.94
CA VAL F 82 56.76 3.39 -84.67
C VAL F 82 57.75 2.23 -84.55
N VAL F 83 58.06 1.61 -85.69
CA VAL F 83 58.95 0.46 -85.74
C VAL F 83 60.39 0.83 -85.31
N LYS F 84 60.95 1.88 -85.91
CA LYS F 84 62.26 2.38 -85.49
C LYS F 84 62.19 2.95 -84.07
N GLY F 85 61.10 3.66 -83.78
CA GLY F 85 60.90 4.31 -82.48
C GLY F 85 60.72 3.36 -81.31
N GLY F 86 59.98 2.29 -81.54
CA GLY F 86 59.84 1.21 -80.57
C GLY F 86 61.17 0.48 -80.37
N ARG F 87 61.88 0.30 -81.49
CA ARG F 87 63.21 -0.33 -81.52
C ARG F 87 64.23 0.46 -80.71
N VAL F 88 64.21 1.79 -80.86
CA VAL F 88 64.96 2.71 -79.99
C VAL F 88 64.43 2.64 -78.54
N LEU F 89 63.11 2.63 -78.40
CA LEU F 89 62.50 2.56 -77.08
C LEU F 89 62.79 1.24 -76.37
N LEU F 90 62.92 0.15 -77.13
CA LEU F 90 63.37 -1.15 -76.57
C LEU F 90 64.88 -1.15 -76.23
N GLY F 91 65.68 -0.64 -77.16
CA GLY F 91 67.12 -0.66 -77.00
C GLY F 91 67.67 -1.77 -77.88
N ALA F 92 68.99 -1.97 -77.81
CA ALA F 92 69.66 -3.03 -78.56
C ALA F 92 69.27 -4.42 -78.05
N THR F 93 69.12 -5.34 -78.98
CA THR F 93 68.71 -6.72 -78.69
C THR F 93 69.53 -7.34 -77.56
N ASN F 94 70.84 -7.08 -77.55
CA ASN F 94 71.70 -7.42 -76.41
C ASN F 94 71.63 -6.28 -75.38
N PRO F 95 70.95 -6.55 -74.24
CA PRO F 95 70.80 -5.53 -73.20
C PRO F 95 72.13 -4.98 -72.66
N ALA F 96 73.25 -5.44 -73.21
CA ALA F 96 74.57 -4.92 -72.87
C ALA F 96 74.93 -3.66 -73.66
N ASP F 97 74.57 -3.64 -74.94
CA ASP F 97 74.82 -2.49 -75.83
C ASP F 97 73.81 -1.34 -75.62
N SER F 98 72.67 -1.68 -75.04
CA SER F 98 71.61 -0.71 -74.77
C SER F 98 71.95 0.08 -73.50
N LEU F 99 71.74 1.39 -73.56
CA LEU F 99 71.91 2.27 -72.41
C LEU F 99 70.72 2.16 -71.44
N PRO F 100 70.98 2.39 -70.14
CA PRO F 100 69.90 2.51 -69.17
C PRO F 100 68.96 3.65 -69.59
N GLY F 101 67.67 3.49 -69.33
CA GLY F 101 66.66 4.41 -69.85
C GLY F 101 65.82 3.75 -70.92
N THR F 102 66.49 2.89 -71.71
CA THR F 102 65.80 1.91 -72.53
C THR F 102 65.40 0.73 -71.61
N ILE F 103 64.39 -0.02 -72.05
CA ILE F 103 63.75 -1.05 -71.23
C ILE F 103 64.70 -2.20 -70.88
N ARG F 104 65.35 -2.76 -71.90
CA ARG F 104 66.26 -3.91 -71.75
C ARG F 104 67.53 -3.53 -70.99
N GLY F 105 67.95 -2.28 -71.14
CA GLY F 105 69.10 -1.75 -70.43
C GLY F 105 68.73 -1.56 -68.97
N ASP F 106 67.41 -1.45 -68.71
CA ASP F 106 66.90 -1.18 -67.36
C ASP F 106 66.51 -2.44 -66.58
N PHE F 107 65.99 -3.45 -67.28
CA PHE F 107 65.39 -4.61 -66.59
C PHE F 107 66.02 -5.95 -66.90
N ALA F 108 66.59 -6.12 -68.07
CA ALA F 108 67.27 -7.38 -68.39
C ALA F 108 68.78 -7.25 -68.15
N VAL F 109 69.53 -8.32 -68.41
CA VAL F 109 71.00 -8.28 -68.36
C VAL F 109 71.65 -9.12 -69.45
N ASP F 110 71.08 -10.31 -69.72
CA ASP F 110 71.60 -11.28 -70.67
C ASP F 110 70.69 -11.42 -71.89
N VAL F 111 71.29 -11.63 -73.05
CA VAL F 111 70.61 -11.61 -74.34
C VAL F 111 69.51 -12.68 -74.48
N GLY F 112 69.68 -13.78 -73.74
CA GLY F 112 68.74 -14.91 -73.75
C GLY F 112 67.43 -14.63 -73.05
N ARG F 113 67.51 -13.72 -72.09
CA ARG F 113 66.35 -13.23 -71.36
C ARG F 113 66.27 -11.71 -71.51
N ASN F 114 65.72 -11.24 -72.63
CA ASN F 114 65.72 -9.81 -72.95
C ASN F 114 64.34 -9.13 -72.99
N VAL F 115 63.47 -9.60 -72.09
CA VAL F 115 62.22 -8.92 -71.65
C VAL F 115 61.08 -8.70 -72.66
N CYS F 116 61.38 -8.73 -73.96
CA CYS F 116 60.44 -8.23 -74.95
C CYS F 116 60.85 -8.54 -76.40
N HIS F 117 59.88 -8.41 -77.31
CA HIS F 117 60.10 -8.49 -78.75
C HIS F 117 59.43 -7.35 -79.45
N GLY F 118 60.21 -6.56 -80.18
CA GLY F 118 59.70 -5.48 -81.04
C GLY F 118 60.22 -5.57 -82.47
N SER F 119 59.31 -5.41 -83.43
CA SER F 119 59.57 -5.66 -84.86
C SER F 119 60.80 -4.94 -85.48
N ASP F 120 61.65 -5.66 -86.23
CA ASP F 120 62.88 -5.02 -86.73
C ASP F 120 62.71 -4.09 -87.97
N SER F 121 61.56 -4.22 -88.64
CA SER F 121 61.30 -3.46 -89.86
C SER F 121 59.79 -3.39 -90.15
N VAL F 122 59.42 -2.60 -91.17
CA VAL F 122 58.07 -2.56 -91.75
C VAL F 122 57.62 -3.96 -92.22
N ASP F 123 58.44 -4.57 -93.08
CA ASP F 123 58.28 -5.95 -93.53
C ASP F 123 58.01 -6.89 -92.35
N SER F 124 58.72 -6.64 -91.25
CA SER F 124 58.54 -7.43 -90.05
C SER F 124 57.26 -7.08 -89.36
N ALA F 125 56.89 -5.79 -89.39
CA ALA F 125 55.70 -5.30 -88.70
C ALA F 125 54.42 -5.99 -89.18
N LYS F 126 54.16 -5.91 -90.49
CA LYS F 126 52.99 -6.51 -91.14
C LYS F 126 52.91 -8.03 -90.99
N ARG F 127 54.06 -8.71 -91.13
CA ARG F 127 54.13 -10.16 -91.02
C ARG F 127 53.82 -10.59 -89.59
N GLU F 128 54.29 -9.81 -88.63
CA GLU F 128 54.07 -10.11 -87.24
C GLU F 128 52.67 -9.72 -86.83
N ILE F 129 52.06 -8.82 -87.60
CA ILE F 129 50.65 -8.46 -87.39
C ILE F 129 49.74 -9.55 -87.93
N ALA F 130 50.02 -10.03 -89.14
CA ALA F 130 49.21 -11.09 -89.74
C ALA F 130 49.31 -12.42 -88.98
N PHE F 131 50.47 -12.65 -88.35
CA PHE F 131 50.79 -13.91 -87.68
C PHE F 131 50.11 -14.09 -86.32
N TRP F 132 50.22 -13.09 -85.47
CA TRP F 132 49.71 -13.19 -84.10
C TRP F 132 48.29 -12.74 -84.02
N PHE F 133 47.88 -11.91 -84.98
CA PHE F 133 46.57 -11.28 -84.91
C PHE F 133 45.64 -11.55 -86.10
N LYS F 134 44.39 -11.84 -85.76
CA LYS F 134 43.30 -11.84 -86.71
C LYS F 134 43.04 -10.39 -87.11
N PRO F 135 42.58 -10.14 -88.35
CA PRO F 135 42.37 -8.77 -88.86
C PRO F 135 41.41 -7.91 -88.02
N GLU F 136 40.33 -8.52 -87.55
CA GLU F 136 39.27 -7.86 -86.77
C GLU F 136 39.67 -7.48 -85.33
N GLU F 137 40.72 -8.12 -84.83
CA GLU F 137 41.20 -7.86 -83.48
C GLU F 137 41.99 -6.56 -83.39
N LEU F 138 42.36 -6.01 -84.55
CA LEU F 138 42.93 -4.67 -84.60
C LEU F 138 41.79 -3.66 -84.69
N VAL F 139 41.46 -3.07 -83.53
CA VAL F 139 40.36 -2.13 -83.42
C VAL F 139 40.82 -0.76 -83.89
N ASN F 140 40.09 -0.18 -84.83
CA ASN F 140 40.28 1.21 -85.22
C ASN F 140 39.59 2.15 -84.25
N TRP F 141 40.31 3.16 -83.79
CA TRP F 141 39.77 4.17 -82.87
C TRP F 141 40.65 5.40 -82.72
N THR F 142 40.08 6.48 -82.21
CA THR F 142 40.79 7.74 -82.06
C THR F 142 41.25 7.98 -80.61
N SER F 143 42.56 8.16 -80.41
CA SER F 143 43.13 8.54 -79.10
C SER F 143 42.75 9.99 -78.82
N HIS F 144 42.47 10.31 -77.56
CA HIS F 144 41.99 11.66 -77.27
C HIS F 144 43.06 12.70 -77.27
N SER F 145 44.31 12.28 -77.18
CA SER F 145 45.43 13.20 -77.25
C SER F 145 45.93 13.45 -78.70
N VAL F 146 45.24 12.86 -79.68
CA VAL F 146 45.74 12.78 -81.08
C VAL F 146 46.29 14.06 -81.70
N LYS F 147 45.53 15.16 -81.65
CA LYS F 147 45.91 16.44 -82.26
C LYS F 147 47.05 17.11 -81.51
N GLN F 148 47.17 16.81 -80.22
CA GLN F 148 48.27 17.27 -79.37
C GLN F 148 49.46 16.30 -79.45
N VAL F 149 49.26 15.19 -80.16
CA VAL F 149 50.35 14.27 -80.51
C VAL F 149 50.79 14.55 -81.94
N TYR F 150 49.83 14.59 -82.87
CA TYR F 150 50.13 14.80 -84.30
C TYR F 150 49.65 16.11 -84.95
N GLU F 151 50.44 16.57 -85.91
CA GLU F 151 50.15 17.83 -86.60
C GLU F 151 49.28 17.60 -87.85
N MET G 1 -49.97 4.87 16.32
CA MET G 1 -49.25 6.02 16.96
C MET G 1 -47.89 6.29 16.29
N THR G 2 -47.79 5.83 15.03
CA THR G 2 -46.54 5.78 14.27
C THR G 2 -45.82 7.12 14.02
N SER G 3 -46.57 8.21 13.94
CA SER G 3 -45.97 9.54 13.74
C SER G 3 -45.55 10.22 15.05
N GLU G 4 -45.73 9.52 16.17
CA GLU G 4 -45.37 10.03 17.50
C GLU G 4 -43.90 10.49 17.56
N ARG G 5 -43.66 11.70 18.07
CA ARG G 5 -42.32 12.32 18.14
C ARG G 5 -41.89 12.73 19.57
N THR G 6 -40.72 12.26 20.01
CA THR G 6 -40.14 12.73 21.28
C THR G 6 -39.00 13.72 21.07
N PHE G 7 -38.80 14.60 22.04
CA PHE G 7 -37.64 15.46 21.99
C PHE G 7 -36.50 14.87 22.81
N ILE G 8 -35.40 14.50 22.15
CA ILE G 8 -34.22 14.04 22.87
C ILE G 8 -33.11 15.10 22.85
N ALA G 9 -32.50 15.37 24.00
CA ALA G 9 -31.34 16.23 24.03
C ALA G 9 -30.27 15.68 24.99
N VAL G 10 -29.07 15.37 24.48
CA VAL G 10 -27.99 14.98 25.39
C VAL G 10 -27.29 16.24 25.93
N LYS G 11 -27.13 16.30 27.24
CA LYS G 11 -26.58 17.51 27.90
C LYS G 11 -25.04 17.60 27.77
N PRO G 12 -24.39 18.65 28.35
CA PRO G 12 -22.94 18.82 28.15
C PRO G 12 -22.11 17.59 28.53
N ASP G 13 -22.47 16.97 29.64
CA ASP G 13 -21.76 15.78 30.08
C ASP G 13 -21.99 14.63 29.10
N GLY G 14 -23.11 14.70 28.38
CA GLY G 14 -23.38 13.79 27.27
C GLY G 14 -22.36 13.96 26.15
N VAL G 15 -22.06 15.21 25.80
CA VAL G 15 -21.08 15.52 24.77
C VAL G 15 -19.66 15.31 25.29
N GLN G 16 -19.33 15.97 26.39
CA GLN G 16 -17.94 16.08 26.85
C GLN G 16 -17.32 14.79 27.36
N ARG G 17 -18.15 13.78 27.67
CA ARG G 17 -17.64 12.48 28.04
C ARG G 17 -17.88 11.41 26.98
N CYS G 18 -17.95 11.84 25.72
CA CYS G 18 -17.78 10.99 24.54
C CYS G 18 -18.78 9.82 24.39
N LEU G 19 -20.06 10.09 24.66
CA LEU G 19 -21.11 9.08 24.50
C LEU G 19 -22.24 9.55 23.57
N VAL G 20 -21.90 10.40 22.62
CA VAL G 20 -22.85 10.94 21.64
C VAL G 20 -23.29 9.84 20.67
N GLY G 21 -22.31 9.26 19.98
CA GLY G 21 -22.53 8.12 19.11
C GLY G 21 -23.26 6.95 19.75
N GLU G 22 -22.93 6.68 21.02
CA GLU G 22 -23.59 5.65 21.84
C GLU G 22 -25.11 5.74 21.86
N ILE G 23 -25.62 6.94 22.11
CA ILE G 23 -27.07 7.18 22.32
C ILE G 23 -27.81 7.09 20.99
N ILE G 24 -27.32 7.86 20.02
CA ILE G 24 -27.89 7.89 18.67
C ILE G 24 -27.89 6.50 18.04
N GLN G 25 -26.80 5.74 18.23
CA GLN G 25 -26.75 4.30 17.94
C GLN G 25 -27.82 3.56 18.69
N ARG G 26 -27.98 3.92 19.96
CA ARG G 26 -28.95 3.26 20.85
C ARG G 26 -30.40 3.48 20.39
N PHE G 27 -30.66 4.68 19.86
CA PHE G 27 -31.94 4.98 19.21
C PHE G 27 -32.07 4.38 17.82
N GLU G 28 -31.04 4.56 17.01
CA GLU G 28 -31.11 4.04 15.66
C GLU G 28 -31.33 2.53 15.65
N LYS G 29 -30.95 1.87 16.74
CA LYS G 29 -31.06 0.41 16.90
C LYS G 29 -32.47 -0.16 17.18
N LYS G 30 -33.20 0.49 18.09
CA LYS G 30 -34.50 0.02 18.58
C LYS G 30 -35.59 0.00 17.53
N GLY G 31 -35.65 1.06 16.72
CA GLY G 31 -36.62 1.14 15.64
C GLY G 31 -37.10 2.56 15.38
N TYR G 32 -36.30 3.50 15.85
CA TYR G 32 -36.64 4.90 15.77
C TYR G 32 -35.92 5.56 14.59
N LYS G 33 -36.59 6.52 13.96
CA LYS G 33 -36.03 7.21 12.79
C LYS G 33 -35.84 8.68 13.10
N LEU G 34 -34.59 9.13 13.00
CA LEU G 34 -34.28 10.54 13.24
C LEU G 34 -34.82 11.44 12.13
N VAL G 35 -35.56 12.45 12.58
CA VAL G 35 -36.19 13.44 11.72
C VAL G 35 -35.43 14.77 11.85
N ALA G 36 -34.66 14.92 12.92
CA ALA G 36 -33.91 16.15 13.17
C ALA G 36 -32.83 15.98 14.23
N LEU G 37 -31.69 16.63 14.00
CA LEU G 37 -30.53 16.58 14.87
C LEU G 37 -29.76 17.88 14.71
N LYS G 38 -29.15 18.35 15.79
CA LYS G 38 -28.31 19.54 15.78
C LYS G 38 -27.33 19.53 16.93
N MET G 39 -26.47 20.54 16.95
CA MET G 39 -25.57 20.81 18.06
C MET G 39 -25.63 22.31 18.28
N LEU G 40 -25.90 22.70 19.52
CA LEU G 40 -25.96 24.10 19.87
C LEU G 40 -25.58 24.26 21.33
N GLN G 41 -24.93 25.37 21.61
CA GLN G 41 -24.78 25.87 22.96
C GLN G 41 -26.04 26.66 23.31
N PRO G 42 -26.90 26.07 24.17
CA PRO G 42 -28.10 26.81 24.56
C PRO G 42 -27.78 28.02 25.45
N SER G 43 -28.37 29.16 25.12
CA SER G 43 -28.27 30.36 25.93
C SER G 43 -29.13 30.13 27.14
N ALA G 44 -28.91 30.95 28.17
CA ALA G 44 -29.69 30.92 29.42
C ALA G 44 -31.18 31.16 29.20
N GLU G 45 -31.52 32.25 28.49
CA GLU G 45 -32.90 32.64 28.16
C GLU G 45 -33.67 31.52 27.47
N GLN G 46 -32.98 30.79 26.60
CA GLN G 46 -33.55 29.60 25.97
C GLN G 46 -33.78 28.53 27.05
N ALA G 47 -32.77 28.30 27.89
CA ALA G 47 -32.85 27.30 28.93
C ALA G 47 -33.92 27.66 29.97
N GLN G 48 -34.01 28.96 30.28
CA GLN G 48 -35.06 29.53 31.12
C GLN G 48 -36.46 29.15 30.60
N GLN G 49 -36.61 29.15 29.28
CA GLN G 49 -37.85 28.70 28.65
C GLN G 49 -37.92 27.17 28.65
N HIS G 50 -36.77 26.49 28.50
CA HIS G 50 -36.72 25.02 28.53
C HIS G 50 -37.18 24.48 29.86
N TYR G 51 -36.92 25.23 30.94
CA TYR G 51 -37.35 24.82 32.28
C TYR G 51 -38.27 25.83 32.94
N ILE G 52 -39.31 26.26 32.24
CA ILE G 52 -40.15 27.37 32.70
C ILE G 52 -41.01 27.00 33.90
N ASP G 53 -41.43 25.74 33.97
CA ASP G 53 -42.28 25.27 35.06
C ASP G 53 -41.50 25.15 36.37
N LEU G 54 -40.18 25.27 36.28
CA LEU G 54 -39.30 25.16 37.45
C LEU G 54 -38.48 26.43 37.68
N ALA G 55 -38.78 27.48 36.91
CA ALA G 55 -37.98 28.71 36.86
C ALA G 55 -37.84 29.42 38.19
N SER G 56 -38.75 29.09 39.11
CA SER G 56 -38.79 29.70 40.42
C SER G 56 -38.31 28.71 41.46
N LYS G 57 -37.83 27.55 41.01
CA LYS G 57 -37.31 26.55 41.94
C LYS G 57 -35.86 26.90 42.33
N PRO G 58 -35.42 26.46 43.53
CA PRO G 58 -34.13 26.83 44.13
C PRO G 58 -32.89 26.38 43.35
N PHE G 59 -33.01 25.24 42.66
CA PHE G 59 -31.94 24.67 41.85
C PHE G 59 -31.82 25.32 40.49
N TYR G 60 -32.92 25.94 40.05
CA TYR G 60 -33.08 26.48 38.70
C TYR G 60 -31.90 27.26 38.14
N LYS G 61 -31.28 28.11 38.95
CA LYS G 61 -30.06 28.85 38.55
C LYS G 61 -28.93 27.89 38.16
N ASP G 62 -28.76 26.88 39.02
CA ASP G 62 -27.75 25.87 38.84
C ASP G 62 -28.10 24.98 37.65
N LEU G 63 -29.40 24.79 37.44
CA LEU G 63 -29.93 23.99 36.34
C LEU G 63 -29.63 24.62 34.99
N VAL G 64 -30.00 25.88 34.81
CA VAL G 64 -29.70 26.65 33.59
C VAL G 64 -28.19 26.66 33.30
N ALA G 65 -27.40 26.93 34.34
CA ALA G 65 -25.94 27.04 34.22
C ALA G 65 -25.24 25.73 33.81
N TYR G 66 -25.59 24.61 34.46
CA TYR G 66 -25.13 23.29 34.03
C TYR G 66 -25.56 23.07 32.58
N PHE G 67 -26.75 23.54 32.25
CA PHE G 67 -27.30 23.32 30.93
C PHE G 67 -26.61 24.18 29.88
N SER G 68 -25.86 25.19 30.33
CA SER G 68 -25.12 26.10 29.43
C SER G 68 -23.60 25.84 29.42
N SER G 69 -23.13 25.12 30.43
CA SER G 69 -21.71 24.78 30.60
C SER G 69 -21.12 24.03 29.41
N GLY G 70 -21.96 23.56 28.50
CA GLY G 70 -21.51 22.86 27.29
C GLY G 70 -22.49 22.82 26.13
N PRO G 71 -21.97 22.73 24.89
CA PRO G 71 -22.78 22.56 23.69
C PRO G 71 -23.46 21.19 23.68
N ILE G 72 -24.66 21.14 23.11
CA ILE G 72 -25.57 20.00 23.30
C ILE G 72 -26.09 19.43 21.98
N VAL G 73 -26.37 18.12 21.99
CA VAL G 73 -26.89 17.29 20.86
C VAL G 73 -28.42 17.13 20.86
N GLY G 74 -29.11 18.01 20.13
CA GLY G 74 -30.56 17.98 20.02
C GLY G 74 -31.09 17.00 18.98
N MET G 75 -32.24 16.41 19.27
CA MET G 75 -32.83 15.42 18.40
C MET G 75 -34.37 15.36 18.46
N VAL G 76 -34.96 14.83 17.39
CA VAL G 76 -36.35 14.37 17.37
C VAL G 76 -36.35 12.94 16.83
N TRP G 77 -36.87 12.00 17.60
CA TRP G 77 -36.96 10.60 17.19
C TRP G 77 -38.40 10.20 17.10
N GLU G 78 -38.76 9.53 16.00
CA GLU G 78 -40.18 9.32 15.63
C GLU G 78 -40.59 7.88 15.33
N GLY G 79 -41.54 7.39 16.12
CA GLY G 79 -42.00 6.02 16.03
C GLY G 79 -42.99 5.68 17.12
N LYS G 80 -43.39 4.40 17.15
CA LYS G 80 -44.43 3.89 18.05
C LYS G 80 -44.03 3.91 19.52
N GLY G 81 -44.78 4.65 20.33
CA GLY G 81 -44.52 4.76 21.76
C GLY G 81 -43.12 5.25 22.12
N VAL G 82 -42.55 6.09 21.26
CA VAL G 82 -41.18 6.61 21.39
C VAL G 82 -40.97 7.51 22.62
N VAL G 83 -41.92 8.42 22.91
CA VAL G 83 -41.78 9.29 24.09
C VAL G 83 -41.77 8.36 25.29
N LYS G 84 -42.53 7.27 25.17
CA LYS G 84 -42.76 6.28 26.23
C LYS G 84 -41.57 5.30 26.42
N GLY G 85 -41.33 4.48 25.40
CA GLY G 85 -40.21 3.53 25.38
C GLY G 85 -38.83 4.15 25.43
N GLY G 86 -38.66 5.28 24.74
CA GLY G 86 -37.39 6.03 24.77
C GLY G 86 -37.03 6.50 26.17
N ARG G 87 -38.05 6.83 26.96
CA ARG G 87 -37.89 7.27 28.35
C ARG G 87 -37.37 6.11 29.18
N VAL G 88 -37.93 4.93 28.91
CA VAL G 88 -37.41 3.68 29.42
C VAL G 88 -35.95 3.49 28.96
N LEU G 89 -35.62 3.98 27.74
CA LEU G 89 -34.27 3.89 27.16
C LEU G 89 -33.24 4.66 27.99
N LEU G 90 -33.64 5.85 28.43
CA LEU G 90 -32.83 6.65 29.34
C LEU G 90 -32.79 5.98 30.71
N GLY G 91 -33.93 5.40 31.11
CA GLY G 91 -34.09 4.85 32.44
C GLY G 91 -34.56 5.94 33.39
N ALA G 92 -34.22 5.77 34.67
CA ALA G 92 -34.60 6.71 35.74
C ALA G 92 -33.82 8.01 35.66
N THR G 93 -34.48 9.12 36.05
CA THR G 93 -33.88 10.45 36.05
C THR G 93 -32.58 10.43 36.84
N ASN G 94 -32.62 9.76 37.99
CA ASN G 94 -31.43 9.55 38.78
C ASN G 94 -30.76 8.27 38.28
N PRO G 95 -29.50 8.38 37.84
CA PRO G 95 -28.75 7.25 37.29
C PRO G 95 -28.44 6.17 38.33
N ALA G 96 -28.55 6.51 39.60
CA ALA G 96 -28.40 5.54 40.68
C ALA G 96 -29.62 4.61 40.78
N ASP G 97 -30.77 5.08 40.30
CA ASP G 97 -32.01 4.30 40.24
C ASP G 97 -32.23 3.60 38.88
N SER G 98 -31.40 3.98 37.90
CA SER G 98 -31.47 3.41 36.56
C SER G 98 -30.85 2.00 36.56
N LEU G 99 -31.60 1.07 35.97
CA LEU G 99 -31.18 -0.32 35.81
C LEU G 99 -30.23 -0.46 34.62
N PRO G 100 -29.39 -1.50 34.63
CA PRO G 100 -28.61 -1.84 33.44
C PRO G 100 -29.52 -2.19 32.26
N GLY G 101 -28.97 -2.03 31.07
CA GLY G 101 -29.74 -2.14 29.84
C GLY G 101 -30.06 -0.74 29.35
N THR G 102 -30.47 0.12 30.28
CA THR G 102 -30.76 1.53 29.98
C THR G 102 -29.48 2.42 29.94
N ILE G 103 -29.55 3.53 29.20
CA ILE G 103 -28.36 4.35 28.97
C ILE G 103 -27.83 4.99 30.26
N ARG G 104 -28.73 5.53 31.07
CA ARG G 104 -28.33 6.14 32.34
C ARG G 104 -27.83 5.07 33.29
N GLY G 105 -28.19 3.82 33.00
CA GLY G 105 -27.75 2.68 33.81
C GLY G 105 -26.31 2.24 33.58
N ASP G 106 -25.85 2.39 32.35
CA ASP G 106 -24.53 1.88 31.95
C ASP G 106 -23.38 2.91 32.02
N PHE G 107 -23.71 4.19 31.78
CA PHE G 107 -22.69 5.23 31.59
C PHE G 107 -22.87 6.48 32.47
N ALA G 108 -23.74 6.41 33.48
CA ALA G 108 -24.21 7.59 34.23
C ALA G 108 -24.22 7.44 35.75
N VAL G 109 -23.85 8.53 36.44
CA VAL G 109 -23.32 8.46 37.83
C VAL G 109 -23.95 9.38 38.92
N ASP G 110 -24.60 10.47 38.51
CA ASP G 110 -25.19 11.49 39.42
C ASP G 110 -26.49 12.05 38.82
N VAL G 111 -27.37 12.58 39.67
CA VAL G 111 -28.64 13.16 39.18
C VAL G 111 -28.47 14.52 38.48
N GLY G 112 -27.48 15.31 38.93
CA GLY G 112 -27.13 16.61 38.29
C GLY G 112 -26.21 16.52 37.06
N ARG G 113 -25.57 15.36 36.92
CA ARG G 113 -24.84 15.03 35.72
C ARG G 113 -25.50 13.77 35.17
N ASN G 114 -26.71 13.93 34.65
CA ASN G 114 -27.48 12.77 34.23
C ASN G 114 -27.49 12.53 32.72
N VAL G 115 -26.40 12.90 32.06
CA VAL G 115 -26.14 12.57 30.64
C VAL G 115 -27.12 13.07 29.57
N CYS G 116 -28.42 12.87 29.76
CA CYS G 116 -29.37 13.10 28.67
C CYS G 116 -30.71 13.69 29.11
N HIS G 117 -31.52 14.12 28.15
CA HIS G 117 -32.93 14.38 28.40
C HIS G 117 -33.84 13.61 27.48
N GLY G 118 -34.90 13.07 28.07
CA GLY G 118 -36.05 12.61 27.30
C GLY G 118 -37.28 13.45 27.62
N SER G 119 -38.16 13.62 26.64
CA SER G 119 -39.43 14.25 26.95
C SER G 119 -40.20 13.35 27.94
N ASP G 120 -40.96 13.98 28.84
CA ASP G 120 -41.68 13.26 29.87
C ASP G 120 -43.13 13.02 29.45
N SER G 121 -43.59 13.79 28.46
CA SER G 121 -44.93 13.61 27.91
C SER G 121 -45.10 14.14 26.48
N VAL G 122 -46.17 13.67 25.84
CA VAL G 122 -46.58 14.06 24.50
C VAL G 122 -46.77 15.58 24.44
N ASP G 123 -47.46 16.14 25.45
CA ASP G 123 -47.59 17.57 25.65
C ASP G 123 -46.20 18.22 25.78
N SER G 124 -45.34 17.61 26.59
CA SER G 124 -43.99 18.14 26.84
C SER G 124 -43.05 18.00 25.65
N ALA G 125 -43.07 16.84 24.99
CA ALA G 125 -42.30 16.63 23.76
C ALA G 125 -42.58 17.73 22.72
N LYS G 126 -43.87 17.93 22.40
CA LYS G 126 -44.36 18.97 21.47
C LYS G 126 -43.96 20.38 21.90
N ARG G 127 -44.04 20.65 23.19
CA ARG G 127 -43.65 21.95 23.74
C ARG G 127 -42.16 22.21 23.54
N GLU G 128 -41.34 21.17 23.66
CA GLU G 128 -39.90 21.27 23.43
C GLU G 128 -39.51 21.35 21.95
N ILE G 129 -40.29 20.69 21.08
CA ILE G 129 -39.97 20.51 19.64
C ILE G 129 -39.98 21.82 18.89
N ALA G 130 -41.02 22.60 19.12
CA ALA G 130 -41.11 23.87 18.46
C ALA G 130 -40.09 24.78 19.12
N PHE G 131 -39.69 24.46 20.35
CA PHE G 131 -38.81 25.39 21.06
C PHE G 131 -37.37 25.32 20.60
N TRP G 132 -36.94 24.13 20.22
CA TRP G 132 -35.57 23.92 19.77
C TRP G 132 -35.44 23.96 18.27
N PHE G 133 -36.42 23.37 17.57
CA PHE G 133 -36.40 23.26 16.11
C PHE G 133 -37.42 24.13 15.39
N LYS G 134 -37.02 24.75 14.29
CA LYS G 134 -38.00 25.38 13.42
C LYS G 134 -38.67 24.30 12.55
N PRO G 135 -39.90 24.56 12.06
CA PRO G 135 -40.61 23.49 11.34
C PRO G 135 -39.83 22.98 10.14
N GLU G 136 -38.94 23.83 9.62
CA GLU G 136 -38.10 23.53 8.46
C GLU G 136 -36.88 22.59 8.71
N GLU G 137 -36.45 22.46 9.96
CA GLU G 137 -35.34 21.58 10.35
C GLU G 137 -35.79 20.15 10.71
N LEU G 138 -37.10 19.89 10.57
CA LEU G 138 -37.68 18.56 10.76
C LEU G 138 -37.84 17.88 9.41
N VAL G 139 -37.16 16.73 9.23
CA VAL G 139 -36.93 16.11 7.92
C VAL G 139 -37.77 14.85 7.62
N ASN G 140 -38.85 15.03 6.86
CA ASN G 140 -39.86 13.98 6.58
C ASN G 140 -39.48 12.99 5.47
N TRP G 141 -39.04 11.82 5.88
CA TRP G 141 -38.70 10.76 4.94
C TRP G 141 -39.10 9.42 5.49
N THR G 142 -38.94 8.39 4.65
CA THR G 142 -39.31 7.04 4.98
C THR G 142 -38.06 6.15 5.03
N SER G 143 -37.93 5.36 6.09
CA SER G 143 -36.82 4.43 6.23
C SER G 143 -37.00 3.20 5.35
N HIS G 144 -35.88 2.62 4.90
CA HIS G 144 -35.91 1.43 4.06
C HIS G 144 -36.49 0.20 4.75
N SER G 145 -36.60 0.23 6.07
CA SER G 145 -37.09 -0.94 6.81
C SER G 145 -38.43 -0.74 7.53
N VAL G 146 -39.04 0.44 7.39
CA VAL G 146 -40.35 0.80 7.99
C VAL G 146 -41.40 -0.34 8.00
N LYS G 147 -41.60 -0.95 6.83
CA LYS G 147 -42.54 -2.06 6.68
C LYS G 147 -42.19 -3.25 7.58
N GLN G 148 -41.02 -3.21 8.23
CA GLN G 148 -40.53 -4.34 9.02
C GLN G 148 -40.42 -4.12 10.52
N VAL G 149 -40.37 -2.86 10.94
CA VAL G 149 -40.48 -2.58 12.36
C VAL G 149 -41.98 -2.44 12.66
N TYR G 150 -42.75 -2.10 11.65
CA TYR G 150 -44.17 -1.81 11.80
C TYR G 150 -45.01 -2.78 10.97
N GLU G 151 -46.23 -3.08 11.44
CA GLU G 151 -47.20 -3.85 10.63
C GLU G 151 -48.00 -2.98 9.63
N MET H 1 -18.28 13.83 48.22
CA MET H 1 -18.66 12.39 48.09
C MET H 1 -17.94 11.67 46.94
N THR H 2 -16.99 12.38 46.34
CA THR H 2 -16.36 12.01 45.07
C THR H 2 -15.09 11.15 45.19
N SER H 3 -14.73 10.73 46.41
CA SER H 3 -13.50 9.98 46.68
C SER H 3 -13.67 8.50 47.08
N GLU H 4 -14.90 8.01 47.17
CA GLU H 4 -15.14 6.62 47.60
C GLU H 4 -14.43 5.64 46.66
N ARG H 5 -13.79 4.64 47.27
CA ARG H 5 -13.12 3.59 46.50
C ARG H 5 -13.85 2.25 46.60
N THR H 6 -13.66 1.41 45.58
CA THR H 6 -14.19 0.04 45.59
C THR H 6 -13.15 -0.92 45.03
N PHE H 7 -13.11 -2.11 45.59
CA PHE H 7 -12.20 -3.13 45.12
C PHE H 7 -12.95 -4.04 44.15
N ILE H 8 -12.41 -4.20 42.95
CA ILE H 8 -12.99 -5.13 41.99
C ILE H 8 -11.90 -6.13 41.56
N ALA H 9 -12.28 -7.38 41.31
CA ALA H 9 -11.36 -8.37 40.78
C ALA H 9 -12.09 -9.38 39.90
N VAL H 10 -11.68 -9.46 38.65
CA VAL H 10 -12.18 -10.47 37.73
C VAL H 10 -11.44 -11.79 37.99
N LYS H 11 -12.21 -12.83 38.23
CA LYS H 11 -11.66 -14.11 38.66
C LYS H 11 -10.88 -14.86 37.57
N PRO H 12 -10.15 -15.92 37.97
CA PRO H 12 -9.61 -16.92 37.07
C PRO H 12 -10.47 -17.16 35.83
N ASP H 13 -11.79 -17.23 35.97
CA ASP H 13 -12.64 -17.47 34.80
C ASP H 13 -12.79 -16.26 33.87
N GLY H 14 -12.89 -15.07 34.46
CA GLY H 14 -12.94 -13.83 33.67
C GLY H 14 -11.66 -13.60 32.88
N VAL H 15 -10.51 -13.82 33.52
CA VAL H 15 -9.22 -13.63 32.88
C VAL H 15 -8.98 -14.77 31.89
N GLN H 16 -9.19 -16.01 32.34
CA GLN H 16 -9.06 -17.22 31.49
C GLN H 16 -9.92 -17.21 30.22
N ARG H 17 -10.89 -16.31 30.18
CA ARG H 17 -11.73 -16.13 29.00
C ARG H 17 -11.45 -14.79 28.34
N CYS H 18 -10.36 -14.15 28.74
CA CYS H 18 -9.93 -12.90 28.13
C CYS H 18 -10.99 -11.80 28.40
N LEU H 19 -11.67 -11.91 29.54
CA LEU H 19 -12.77 -11.00 29.87
C LEU H 19 -12.36 -9.90 30.87
N VAL H 20 -11.10 -9.49 30.82
CA VAL H 20 -10.65 -8.37 31.66
C VAL H 20 -11.02 -7.04 31.02
N GLY H 21 -10.43 -6.74 29.86
CA GLY H 21 -10.59 -5.47 29.14
C GLY H 21 -12.00 -5.02 28.85
N GLU H 22 -12.83 -5.92 28.32
CA GLU H 22 -14.25 -5.67 28.09
C GLU H 22 -14.92 -5.20 29.37
N ILE H 23 -14.53 -5.81 30.49
CA ILE H 23 -14.96 -5.35 31.80
C ILE H 23 -14.30 -4.01 32.14
N ILE H 24 -12.98 -3.89 31.92
CA ILE H 24 -12.28 -2.63 32.27
C ILE H 24 -12.90 -1.50 31.49
N GLN H 25 -13.39 -1.83 30.29
CA GLN H 25 -14.01 -0.86 29.39
C GLN H 25 -15.31 -0.31 29.99
N ARG H 26 -16.12 -1.21 30.56
CA ARG H 26 -17.44 -0.86 31.03
C ARG H 26 -17.43 0.11 32.20
N PHE H 27 -16.45 -0.02 33.08
CA PHE H 27 -16.27 0.92 34.17
C PHE H 27 -15.73 2.26 33.64
N GLU H 28 -14.93 2.19 32.59
CA GLU H 28 -14.21 3.34 32.06
C GLU H 28 -15.10 4.41 31.42
N LYS H 29 -16.00 3.99 30.51
CA LYS H 29 -17.01 4.85 29.85
C LYS H 29 -18.02 5.50 30.81
N LYS H 30 -18.41 4.74 31.83
CA LYS H 30 -19.21 5.24 32.94
C LYS H 30 -18.53 6.46 33.55
N GLY H 31 -17.20 6.52 33.41
CA GLY H 31 -16.42 7.68 33.82
C GLY H 31 -15.73 7.47 35.13
N TYR H 32 -15.50 6.22 35.51
CA TYR H 32 -14.78 5.88 36.73
C TYR H 32 -13.29 5.79 36.45
N LYS H 33 -12.51 6.39 37.35
CA LYS H 33 -11.05 6.51 37.20
C LYS H 33 -10.34 5.34 37.89
N LEU H 34 -9.56 4.57 37.12
CA LEU H 34 -8.80 3.45 37.68
C LEU H 34 -7.70 3.92 38.64
N VAL H 35 -7.76 3.44 39.86
CA VAL H 35 -6.91 3.93 40.94
C VAL H 35 -5.67 3.07 41.08
N ALA H 36 -5.82 1.81 40.69
CA ALA H 36 -4.75 0.81 40.80
C ALA H 36 -5.20 -0.57 40.34
N LEU H 37 -4.19 -1.41 40.11
CA LEU H 37 -4.33 -2.61 39.32
C LEU H 37 -3.10 -3.48 39.47
N LYS H 38 -3.31 -4.77 39.26
CA LYS H 38 -2.26 -5.76 39.07
C LYS H 38 -2.87 -7.08 38.54
N MET H 39 -2.00 -8.03 38.25
CA MET H 39 -2.39 -9.33 37.75
C MET H 39 -1.60 -10.41 38.51
N LEU H 40 -2.32 -11.20 39.31
CA LEU H 40 -1.68 -12.20 40.15
C LEU H 40 -2.41 -13.53 40.17
N GLN H 41 -1.69 -14.54 40.66
CA GLN H 41 -2.28 -15.70 41.27
C GLN H 41 -2.17 -15.42 42.77
N PRO H 42 -3.31 -15.14 43.44
CA PRO H 42 -3.33 -14.85 44.87
C PRO H 42 -3.16 -16.14 45.66
N SER H 43 -2.46 -16.06 46.78
CA SER H 43 -2.04 -17.25 47.52
C SER H 43 -3.19 -17.82 48.34
N ALA H 44 -3.04 -19.08 48.78
CA ALA H 44 -3.99 -19.74 49.68
C ALA H 44 -4.22 -18.92 50.95
N GLU H 45 -3.13 -18.43 51.54
CA GLU H 45 -3.22 -17.61 52.74
C GLU H 45 -3.94 -16.28 52.49
N GLN H 46 -3.70 -15.70 51.32
CA GLN H 46 -4.36 -14.47 50.90
C GLN H 46 -5.86 -14.65 50.67
N ALA H 47 -6.22 -15.62 49.84
CA ALA H 47 -7.63 -16.00 49.63
C ALA H 47 -8.36 -16.38 50.91
N GLN H 48 -7.70 -17.13 51.79
CA GLN H 48 -8.24 -17.43 53.12
C GLN H 48 -8.57 -16.18 53.92
N GLN H 49 -7.74 -15.14 53.77
CA GLN H 49 -7.95 -13.88 54.47
C GLN H 49 -9.01 -12.99 53.80
N HIS H 50 -8.97 -12.91 52.47
CA HIS H 50 -10.02 -12.23 51.69
C HIS H 50 -11.37 -12.83 52.01
N TYR H 51 -11.36 -14.12 52.33
CA TYR H 51 -12.58 -14.82 52.64
C TYR H 51 -12.60 -15.31 54.06
N ILE H 52 -11.73 -14.74 54.90
CA ILE H 52 -11.71 -15.05 56.33
C ILE H 52 -13.12 -14.93 56.96
N ASP H 53 -14.03 -14.27 56.24
CA ASP H 53 -15.45 -14.13 56.59
C ASP H 53 -16.15 -15.47 56.43
N LEU H 54 -15.60 -16.29 55.53
CA LEU H 54 -16.19 -17.57 55.14
C LEU H 54 -15.34 -18.78 55.59
N ALA H 55 -14.17 -18.49 56.15
CA ALA H 55 -13.18 -19.52 56.53
C ALA H 55 -13.71 -20.77 57.25
N SER H 56 -14.95 -20.75 57.70
CA SER H 56 -15.49 -21.90 58.42
C SER H 56 -16.31 -22.84 57.57
N LYS H 57 -16.51 -22.49 56.29
CA LYS H 57 -17.53 -23.08 55.37
C LYS H 57 -17.17 -24.43 54.73
N PRO H 58 -18.19 -25.23 54.33
CA PRO H 58 -17.85 -26.59 53.88
C PRO H 58 -17.19 -26.61 52.50
N PHE H 59 -17.37 -25.53 51.75
CA PHE H 59 -16.86 -25.39 50.41
C PHE H 59 -15.61 -24.50 50.38
N TYR H 60 -15.17 -24.04 51.56
CA TYR H 60 -14.08 -23.08 51.66
C TYR H 60 -12.83 -23.54 50.94
N LYS H 61 -12.58 -24.85 50.94
CA LYS H 61 -11.43 -25.41 50.21
C LYS H 61 -11.63 -25.35 48.70
N ASP H 62 -12.80 -25.85 48.26
CA ASP H 62 -13.26 -25.85 46.86
C ASP H 62 -13.27 -24.43 46.23
N LEU H 63 -13.68 -23.45 47.04
CA LEU H 63 -13.58 -22.04 46.68
C LEU H 63 -12.11 -21.61 46.63
N VAL H 64 -11.39 -21.78 47.74
CA VAL H 64 -10.01 -21.32 47.84
C VAL H 64 -9.14 -21.89 46.71
N ALA H 65 -9.43 -23.13 46.30
CA ALA H 65 -8.72 -23.78 45.20
C ALA H 65 -8.90 -23.02 43.87
N TYR H 66 -10.13 -22.56 43.65
CA TYR H 66 -10.56 -21.93 42.39
C TYR H 66 -9.94 -20.54 42.18
N PHE H 67 -10.10 -19.64 43.14
CA PHE H 67 -9.39 -18.35 43.12
C PHE H 67 -7.86 -18.46 43.07
N SER H 68 -7.34 -19.66 43.32
CA SER H 68 -5.92 -19.93 43.14
C SER H 68 -5.63 -20.85 41.95
N SER H 69 -6.68 -21.39 41.33
CA SER H 69 -6.53 -22.27 40.18
C SER H 69 -5.98 -21.56 38.92
N GLY H 70 -5.94 -20.23 38.95
CA GLY H 70 -5.45 -19.44 37.83
C GLY H 70 -5.30 -17.97 38.19
N PRO H 71 -5.38 -17.08 37.17
CA PRO H 71 -5.02 -15.67 37.28
C PRO H 71 -6.16 -14.78 37.79
N ILE H 72 -5.84 -13.54 38.15
CA ILE H 72 -6.79 -12.53 38.64
C ILE H 72 -6.30 -11.13 38.32
N VAL H 73 -7.19 -10.26 37.85
CA VAL H 73 -6.86 -8.83 37.80
C VAL H 73 -7.54 -8.09 38.93
N GLY H 74 -6.75 -7.60 39.89
CA GLY H 74 -7.27 -6.73 40.92
C GLY H 74 -7.46 -5.34 40.36
N MET H 75 -8.63 -4.76 40.65
CA MET H 75 -9.02 -3.38 40.28
C MET H 75 -9.30 -2.50 41.52
N VAL H 76 -9.17 -1.18 41.36
CA VAL H 76 -9.68 -0.26 42.34
C VAL H 76 -10.19 0.90 41.53
N TRP H 77 -11.49 1.15 41.61
CA TRP H 77 -12.13 2.22 40.88
C TRP H 77 -12.72 3.26 41.81
N GLU H 78 -12.38 4.52 41.57
CA GLU H 78 -12.87 5.60 42.42
C GLU H 78 -14.00 6.40 41.75
N GLY H 79 -14.95 6.85 42.56
CA GLY H 79 -16.09 7.62 42.10
C GLY H 79 -17.20 7.67 43.14
N LYS H 80 -18.03 8.70 43.04
CA LYS H 80 -19.17 8.90 43.94
C LYS H 80 -20.12 7.71 43.91
N GLY H 81 -20.07 6.92 44.98
CA GLY H 81 -20.92 5.72 45.08
C GLY H 81 -20.42 4.61 44.20
N VAL H 82 -19.09 4.46 44.17
CA VAL H 82 -18.45 3.51 43.28
C VAL H 82 -18.70 2.05 43.68
N VAL H 83 -18.76 1.78 44.98
CA VAL H 83 -19.13 0.45 45.52
C VAL H 83 -20.53 0.08 45.06
N LYS H 84 -21.47 1.00 45.26
CA LYS H 84 -22.88 0.77 45.01
C LYS H 84 -23.12 0.65 43.51
N GLY H 85 -22.47 1.54 42.76
CA GLY H 85 -22.55 1.58 41.30
C GLY H 85 -21.88 0.38 40.67
N GLY H 86 -20.74 -0.02 41.24
CA GLY H 86 -19.96 -1.20 40.81
C GLY H 86 -20.68 -2.53 40.87
N ARG H 87 -21.33 -2.84 42.00
CA ARG H 87 -22.19 -4.04 42.15
C ARG H 87 -23.30 -4.07 41.10
N VAL H 88 -23.90 -2.91 40.89
CA VAL H 88 -24.91 -2.63 39.87
C VAL H 88 -24.28 -2.80 38.49
N LEU H 89 -23.08 -2.25 38.31
CA LEU H 89 -22.32 -2.45 37.09
C LEU H 89 -21.99 -3.92 36.92
N LEU H 90 -21.83 -4.64 38.04
CA LEU H 90 -21.59 -6.10 38.02
C LEU H 90 -22.82 -6.97 37.68
N GLY H 91 -23.93 -6.74 38.39
CA GLY H 91 -25.07 -7.64 38.31
C GLY H 91 -25.06 -8.50 39.55
N ALA H 92 -26.02 -9.42 39.65
CA ALA H 92 -26.16 -10.24 40.86
C ALA H 92 -25.15 -11.38 40.89
N THR H 93 -24.81 -11.82 42.11
CA THR H 93 -23.83 -12.90 42.33
C THR H 93 -24.20 -14.20 41.59
N ASN H 94 -25.46 -14.63 41.66
CA ASN H 94 -25.92 -15.63 40.69
C ASN H 94 -26.19 -14.93 39.36
N PRO H 95 -25.41 -15.27 38.32
CA PRO H 95 -25.59 -14.74 36.97
C PRO H 95 -26.96 -15.06 36.43
N ALA H 96 -27.68 -15.91 37.15
CA ALA H 96 -29.06 -16.27 36.78
C ALA H 96 -30.02 -15.17 37.21
N ASP H 97 -29.67 -14.48 38.29
CA ASP H 97 -30.52 -13.44 38.80
C ASP H 97 -30.23 -12.08 38.17
N SER H 98 -29.06 -11.93 37.58
CA SER H 98 -28.69 -10.65 36.99
C SER H 98 -29.31 -10.50 35.61
N LEU H 99 -29.85 -9.31 35.35
CA LEU H 99 -30.39 -8.97 34.03
C LEU H 99 -29.24 -8.66 33.06
N PRO H 100 -29.41 -9.02 31.76
CA PRO H 100 -28.33 -8.76 30.81
C PRO H 100 -28.20 -7.25 30.69
N GLY H 101 -26.96 -6.79 30.46
CA GLY H 101 -26.61 -5.39 30.64
C GLY H 101 -25.63 -5.26 31.79
N THR H 102 -25.69 -6.23 32.68
CA THR H 102 -24.72 -6.37 33.78
C THR H 102 -23.56 -7.25 33.34
N ILE H 103 -22.53 -7.33 34.17
CA ILE H 103 -21.36 -8.17 33.90
C ILE H 103 -21.70 -9.65 33.98
N ARG H 104 -22.26 -10.10 35.11
CA ARG H 104 -22.61 -11.52 35.25
C ARG H 104 -23.83 -11.89 34.43
N GLY H 105 -24.68 -10.92 34.11
CA GLY H 105 -25.76 -11.15 33.16
C GLY H 105 -25.27 -11.21 31.71
N ASP H 106 -24.18 -10.50 31.42
CA ASP H 106 -23.65 -10.38 30.06
C ASP H 106 -22.60 -11.43 29.73
N PHE H 107 -21.88 -11.90 30.75
CA PHE H 107 -20.73 -12.75 30.52
C PHE H 107 -20.72 -14.07 31.26
N ALA H 108 -21.66 -14.28 32.16
CA ALA H 108 -21.58 -15.43 33.05
C ALA H 108 -22.81 -16.30 32.98
N VAL H 109 -22.77 -17.47 33.63
CA VAL H 109 -23.92 -18.38 33.71
C VAL H 109 -24.20 -18.92 35.10
N ASP H 110 -23.15 -19.06 35.91
CA ASP H 110 -23.20 -19.85 37.15
C ASP H 110 -22.55 -19.15 38.34
N VAL H 111 -23.06 -19.46 39.52
CA VAL H 111 -22.66 -18.83 40.78
C VAL H 111 -21.23 -19.18 41.20
N GLY H 112 -20.80 -20.40 40.91
CA GLY H 112 -19.45 -20.84 41.26
C GLY H 112 -18.39 -20.44 40.25
N ARG H 113 -18.85 -19.86 39.16
CA ARG H 113 -18.01 -19.29 38.10
C ARG H 113 -18.67 -18.00 37.61
N ASN H 114 -18.62 -17.01 38.48
CA ASN H 114 -19.34 -15.75 38.31
C ASN H 114 -18.44 -14.58 37.90
N VAL H 115 -17.48 -14.87 37.03
CA VAL H 115 -16.61 -13.88 36.34
C VAL H 115 -15.76 -12.90 37.18
N CYS H 116 -16.35 -12.37 38.26
CA CYS H 116 -15.82 -11.16 38.92
C CYS H 116 -16.03 -11.14 40.45
N HIS H 117 -15.46 -10.13 41.10
CA HIS H 117 -15.91 -9.71 42.43
C HIS H 117 -15.97 -8.22 42.54
N GLY H 118 -17.05 -7.72 43.12
CA GLY H 118 -17.20 -6.29 43.41
C GLY H 118 -17.56 -6.10 44.86
N SER H 119 -17.06 -5.03 45.46
CA SER H 119 -17.19 -4.81 46.89
C SER H 119 -18.64 -4.75 47.37
N ASP H 120 -18.96 -5.43 48.47
CA ASP H 120 -20.36 -5.45 48.96
C ASP H 120 -20.72 -4.33 49.96
N SER H 121 -19.71 -3.68 50.54
CA SER H 121 -19.94 -2.57 51.48
C SER H 121 -18.72 -1.62 51.53
N VAL H 122 -18.93 -0.39 51.99
CA VAL H 122 -17.82 0.57 52.14
C VAL H 122 -16.77 0.00 53.09
N ASP H 123 -17.24 -0.66 54.15
CA ASP H 123 -16.37 -1.41 55.05
C ASP H 123 -15.58 -2.50 54.31
N SER H 124 -16.25 -3.24 53.42
CA SER H 124 -15.61 -4.32 52.66
C SER H 124 -14.63 -3.84 51.58
N ALA H 125 -15.03 -2.83 50.83
CA ALA H 125 -14.16 -2.22 49.83
C ALA H 125 -12.81 -1.87 50.43
N LYS H 126 -12.84 -1.18 51.57
CA LYS H 126 -11.61 -0.72 52.19
C LYS H 126 -10.79 -1.88 52.77
N ARG H 127 -11.50 -2.88 53.28
CA ARG H 127 -10.89 -4.06 53.88
C ARG H 127 -10.18 -4.89 52.83
N GLU H 128 -10.81 -5.01 51.65
CA GLU H 128 -10.25 -5.78 50.55
C GLU H 128 -9.14 -4.98 49.88
N ILE H 129 -9.19 -3.66 50.04
CA ILE H 129 -8.19 -2.74 49.46
C ILE H 129 -6.87 -2.76 50.23
N ALA H 130 -6.93 -2.58 51.55
CA ALA H 130 -5.73 -2.61 52.43
C ALA H 130 -5.02 -3.97 52.42
N PHE H 131 -5.79 -5.04 52.35
CA PHE H 131 -5.26 -6.38 52.36
C PHE H 131 -4.65 -6.76 51.01
N TRP H 132 -5.27 -6.37 49.89
CA TRP H 132 -4.71 -6.68 48.55
C TRP H 132 -3.76 -5.62 48.06
N PHE H 133 -4.03 -4.36 48.42
CA PHE H 133 -3.29 -3.22 47.90
C PHE H 133 -2.36 -2.56 48.91
N LYS H 134 -1.08 -2.49 48.56
CA LYS H 134 -0.09 -1.69 49.27
C LYS H 134 -0.45 -0.21 49.09
N PRO H 135 -0.32 0.59 50.18
CA PRO H 135 -0.76 2.00 50.15
C PRO H 135 -0.20 2.84 49.00
N GLU H 136 1.06 2.56 48.63
CA GLU H 136 1.75 3.27 47.55
C GLU H 136 1.23 2.91 46.15
N GLU H 137 0.38 1.89 46.05
CA GLU H 137 -0.08 1.37 44.75
C GLU H 137 -1.30 2.07 44.16
N LEU H 138 -2.20 2.54 45.03
CA LEU H 138 -3.29 3.40 44.59
C LEU H 138 -2.68 4.73 44.25
N VAL H 139 -2.86 5.17 43.02
CA VAL H 139 -2.27 6.41 42.54
C VAL H 139 -3.27 7.55 42.69
N ASN H 140 -2.74 8.74 42.93
CA ASN H 140 -3.53 9.97 43.03
C ASN H 140 -3.35 10.83 41.78
N TRP H 141 -4.39 10.83 40.94
CA TRP H 141 -4.48 11.69 39.78
C TRP H 141 -5.88 12.23 39.63
N THR H 142 -6.05 13.21 38.75
CA THR H 142 -7.38 13.72 38.46
C THR H 142 -7.68 13.66 36.97
N SER H 143 -8.91 13.28 36.63
CA SER H 143 -9.26 13.11 35.23
C SER H 143 -9.57 14.44 34.55
N HIS H 144 -9.34 14.50 33.24
CA HIS H 144 -9.51 15.74 32.49
C HIS H 144 -10.95 16.05 32.18
N SER H 145 -11.74 14.99 32.09
CA SER H 145 -13.19 15.14 32.01
C SER H 145 -13.80 15.32 33.42
N VAL H 146 -12.96 15.52 34.44
CA VAL H 146 -13.44 15.68 35.84
C VAL H 146 -14.60 16.66 36.00
N LYS H 147 -14.52 17.81 35.33
CA LYS H 147 -15.59 18.80 35.31
C LYS H 147 -16.81 18.28 34.54
N GLN H 148 -16.58 17.29 33.69
CA GLN H 148 -17.66 16.72 32.88
C GLN H 148 -18.26 15.45 33.50
N VAL H 149 -17.67 14.98 34.60
CA VAL H 149 -18.20 13.84 35.34
C VAL H 149 -19.09 14.35 36.49
N TYR H 150 -18.62 15.39 37.17
CA TYR H 150 -19.30 15.92 38.36
C TYR H 150 -19.42 17.44 38.29
N GLU H 151 -20.22 18.03 39.19
CA GLU H 151 -20.47 19.49 39.19
C GLU H 151 -19.41 20.35 39.92
N MET I 1 -30.92 -29.87 35.36
CA MET I 1 -30.59 -28.45 35.04
C MET I 1 -29.71 -28.24 33.78
N THR I 2 -28.38 -28.37 33.94
CA THR I 2 -27.34 -27.89 32.99
C THR I 2 -27.52 -28.14 31.46
N SER I 3 -28.17 -29.26 31.12
CA SER I 3 -28.33 -29.68 29.72
C SER I 3 -29.79 -29.54 29.22
N GLU I 4 -30.65 -28.95 30.04
CA GLU I 4 -31.97 -28.48 29.61
C GLU I 4 -31.84 -27.64 28.32
N ARG I 5 -32.71 -27.88 27.33
CA ARG I 5 -32.62 -27.13 26.07
C ARG I 5 -33.88 -26.31 25.75
N THR I 6 -33.68 -25.10 25.21
CA THR I 6 -34.77 -24.20 24.78
C THR I 6 -34.74 -23.95 23.27
N PHE I 7 -35.85 -23.44 22.74
CA PHE I 7 -35.95 -23.08 21.32
C PHE I 7 -36.12 -21.58 21.11
N ILE I 8 -35.19 -21.01 20.35
CA ILE I 8 -35.17 -19.60 19.99
C ILE I 8 -35.35 -19.57 18.49
N ALA I 9 -36.35 -18.84 17.99
CA ALA I 9 -36.56 -18.64 16.56
C ALA I 9 -36.69 -17.15 16.25
N VAL I 10 -35.75 -16.58 15.51
CA VAL I 10 -35.91 -15.17 15.12
C VAL I 10 -36.82 -15.10 13.90
N LYS I 11 -37.91 -14.34 14.06
CA LYS I 11 -38.91 -14.18 13.02
C LYS I 11 -38.37 -13.35 11.84
N PRO I 12 -39.11 -13.29 10.72
CA PRO I 12 -38.74 -12.47 9.53
C PRO I 12 -38.16 -11.07 9.83
N ASP I 13 -38.83 -10.31 10.68
CA ASP I 13 -38.36 -8.98 11.04
C ASP I 13 -37.00 -8.95 11.78
N GLY I 14 -36.71 -9.98 12.57
CA GLY I 14 -35.41 -10.09 13.24
C GLY I 14 -34.25 -10.24 12.26
N VAL I 15 -34.45 -11.11 11.27
CA VAL I 15 -33.48 -11.32 10.19
C VAL I 15 -33.38 -10.07 9.30
N GLN I 16 -34.53 -9.61 8.84
CA GLN I 16 -34.59 -8.50 7.89
C GLN I 16 -34.14 -7.16 8.42
N ARG I 17 -34.03 -7.02 9.73
CA ARG I 17 -33.60 -5.75 10.30
C ARG I 17 -32.12 -5.77 10.69
N CYS I 18 -31.39 -6.72 10.11
CA CYS I 18 -29.94 -6.83 10.27
C CYS I 18 -29.56 -7.21 11.73
N LEU I 19 -30.34 -8.11 12.32
CA LEU I 19 -30.20 -8.45 13.74
C LEU I 19 -29.99 -9.94 14.00
N VAL I 20 -29.53 -10.66 12.98
CA VAL I 20 -29.11 -12.05 13.14
C VAL I 20 -27.88 -12.13 14.06
N GLY I 21 -26.82 -11.41 13.67
CA GLY I 21 -25.55 -11.41 14.38
C GLY I 21 -25.67 -10.98 15.83
N GLU I 22 -26.51 -9.97 16.07
CA GLU I 22 -26.70 -9.40 17.40
C GLU I 22 -27.28 -10.39 18.40
N ILE I 23 -28.37 -11.05 17.99
CA ILE I 23 -29.11 -11.93 18.91
C ILE I 23 -28.27 -13.17 19.24
N ILE I 24 -27.57 -13.70 18.25
CA ILE I 24 -26.59 -14.76 18.49
C ILE I 24 -25.51 -14.22 19.42
N GLN I 25 -25.14 -12.95 19.28
CA GLN I 25 -24.07 -12.39 20.11
C GLN I 25 -24.46 -12.28 21.58
N ARG I 26 -25.73 -11.96 21.85
CA ARG I 26 -26.17 -11.81 23.23
C ARG I 26 -26.18 -13.12 24.00
N PHE I 27 -26.49 -14.20 23.29
CA PHE I 27 -26.41 -15.57 23.82
C PHE I 27 -24.95 -15.97 23.96
N GLU I 28 -24.15 -15.59 22.99
CA GLU I 28 -22.77 -16.04 22.96
C GLU I 28 -21.95 -15.48 24.11
N LYS I 29 -22.26 -14.24 24.49
CA LYS I 29 -21.63 -13.59 25.62
C LYS I 29 -22.06 -14.19 26.97
N LYS I 30 -23.30 -14.68 27.05
CA LYS I 30 -23.87 -15.24 28.29
C LYS I 30 -23.12 -16.48 28.76
N GLY I 31 -22.69 -17.30 27.80
CA GLY I 31 -22.18 -18.63 28.09
C GLY I 31 -23.27 -19.66 27.79
N TYR I 32 -24.14 -19.31 26.83
CA TYR I 32 -25.19 -20.19 26.38
C TYR I 32 -24.68 -21.00 25.18
N LYS I 33 -25.04 -22.27 25.14
CA LYS I 33 -24.37 -23.27 24.30
C LYS I 33 -25.14 -23.63 23.03
N LEU I 34 -24.72 -23.08 21.88
CA LEU I 34 -25.38 -23.36 20.60
C LEU I 34 -25.16 -24.80 20.14
N VAL I 35 -26.26 -25.50 19.92
CA VAL I 35 -26.25 -26.92 19.55
C VAL I 35 -26.47 -27.07 18.05
N ALA I 36 -27.39 -26.26 17.51
CA ALA I 36 -27.77 -26.27 16.09
C ALA I 36 -28.28 -24.91 15.70
N LEU I 37 -27.78 -24.42 14.56
CA LEU I 37 -28.22 -23.15 13.97
C LEU I 37 -28.51 -23.28 12.47
N LYS I 38 -29.77 -23.13 12.09
CA LYS I 38 -30.11 -23.24 10.68
C LYS I 38 -31.19 -22.27 10.18
N MET I 39 -30.98 -21.82 8.95
CA MET I 39 -31.82 -20.82 8.28
C MET I 39 -32.80 -21.49 7.32
N LEU I 40 -34.09 -21.42 7.63
CA LEU I 40 -35.11 -21.95 6.74
C LEU I 40 -36.22 -20.96 6.43
N GLN I 41 -36.92 -21.19 5.32
CA GLN I 41 -38.21 -20.55 5.08
C GLN I 41 -39.26 -21.56 5.53
N PRO I 42 -39.85 -21.33 6.73
CA PRO I 42 -40.83 -22.26 7.27
C PRO I 42 -42.10 -22.23 6.44
N SER I 43 -42.57 -23.40 6.03
CA SER I 43 -43.81 -23.48 5.30
C SER I 43 -44.94 -23.15 6.26
N ALA I 44 -46.04 -22.62 5.73
CA ALA I 44 -47.22 -22.36 6.55
C ALA I 44 -47.66 -23.67 7.19
N GLU I 45 -47.45 -24.77 6.46
CA GLU I 45 -47.68 -26.16 6.91
C GLU I 45 -46.94 -26.49 8.21
N GLN I 46 -45.66 -26.09 8.26
CA GLN I 46 -44.84 -26.18 9.48
C GLN I 46 -45.32 -25.18 10.52
N ALA I 47 -45.33 -23.91 10.14
CA ALA I 47 -45.86 -22.83 10.97
C ALA I 47 -47.20 -23.15 11.63
N GLN I 48 -48.05 -23.89 10.92
CA GLN I 48 -49.36 -24.22 11.46
C GLN I 48 -49.27 -25.22 12.62
N GLN I 49 -48.37 -26.19 12.51
CA GLN I 49 -48.18 -27.16 13.59
C GLN I 49 -47.51 -26.57 14.84
N HIS I 50 -46.67 -25.57 14.64
CA HIS I 50 -46.04 -24.82 15.72
C HIS I 50 -47.06 -23.97 16.42
N TYR I 51 -47.89 -23.27 15.65
CA TYR I 51 -49.00 -22.45 16.18
C TYR I 51 -50.36 -23.19 16.17
N ILE I 52 -50.36 -24.52 16.27
CA ILE I 52 -51.58 -25.34 16.15
C ILE I 52 -52.62 -25.03 17.24
N ASP I 53 -52.15 -24.59 18.39
CA ASP I 53 -53.01 -24.26 19.53
C ASP I 53 -53.79 -22.96 19.28
N LEU I 54 -53.31 -22.17 18.31
CA LEU I 54 -53.99 -20.94 17.93
C LEU I 54 -54.58 -21.07 16.51
N ALA I 55 -54.88 -22.30 16.10
CA ALA I 55 -55.36 -22.62 14.73
C ALA I 55 -56.77 -22.12 14.38
N SER I 56 -57.64 -22.11 15.39
CA SER I 56 -58.96 -21.53 15.28
C SER I 56 -58.97 -20.17 16.01
N LYS I 57 -58.50 -19.12 15.33
CA LYS I 57 -58.51 -17.76 15.90
C LYS I 57 -58.56 -16.72 14.77
N PRO I 58 -59.12 -15.51 15.04
CA PRO I 58 -59.03 -14.31 14.21
C PRO I 58 -57.65 -13.89 13.71
N PHE I 59 -56.61 -14.06 14.53
CA PHE I 59 -55.24 -13.67 14.12
C PHE I 59 -54.40 -14.77 13.48
N TYR I 60 -55.03 -15.91 13.19
CA TYR I 60 -54.28 -17.08 12.74
C TYR I 60 -53.67 -16.92 11.36
N LYS I 61 -54.45 -16.37 10.43
CA LYS I 61 -53.98 -16.11 9.06
C LYS I 61 -52.85 -15.08 8.99
N ASP I 62 -53.02 -13.94 9.67
CA ASP I 62 -52.05 -12.85 9.65
C ASP I 62 -50.70 -13.21 10.30
N LEU I 63 -50.75 -14.05 11.33
CA LEU I 63 -49.56 -14.58 12.00
C LEU I 63 -48.76 -15.50 11.09
N VAL I 64 -49.40 -16.57 10.61
CA VAL I 64 -48.71 -17.59 9.81
C VAL I 64 -48.17 -17.03 8.50
N ALA I 65 -48.96 -16.20 7.82
CA ALA I 65 -48.49 -15.44 6.67
C ALA I 65 -47.26 -14.57 7.02
N TYR I 66 -47.27 -14.00 8.23
CA TYR I 66 -46.14 -13.22 8.78
C TYR I 66 -44.91 -14.10 8.97
N PHE I 67 -45.12 -15.23 9.63
CA PHE I 67 -44.12 -16.26 9.90
C PHE I 67 -43.51 -16.86 8.64
N SER I 68 -44.26 -16.78 7.54
CA SER I 68 -43.86 -17.35 6.26
C SER I 68 -43.43 -16.25 5.29
N SER I 69 -43.53 -15.00 5.72
CA SER I 69 -43.20 -13.85 4.87
C SER I 69 -41.69 -13.64 4.69
N GLY I 70 -40.88 -14.14 5.63
CA GLY I 70 -39.43 -14.07 5.53
C GLY I 70 -38.74 -15.36 5.93
N PRO I 71 -37.40 -15.38 5.97
CA PRO I 71 -36.74 -16.55 6.50
C PRO I 71 -36.71 -16.55 8.03
N ILE I 72 -36.37 -17.68 8.63
CA ILE I 72 -36.21 -17.83 10.07
C ILE I 72 -34.80 -18.33 10.39
N VAL I 73 -34.30 -17.90 11.54
CA VAL I 73 -33.06 -18.45 12.09
C VAL I 73 -33.35 -19.23 13.39
N GLY I 74 -33.83 -20.46 13.24
CA GLY I 74 -34.22 -21.34 14.34
C GLY I 74 -33.03 -21.93 15.08
N MET I 75 -33.02 -21.77 16.40
CA MET I 75 -31.91 -22.16 17.25
C MET I 75 -32.33 -23.09 18.39
N VAL I 76 -31.38 -23.92 18.81
CA VAL I 76 -31.44 -24.71 20.06
C VAL I 76 -30.21 -24.25 20.85
N TRP I 77 -30.42 -23.99 22.14
CA TRP I 77 -29.35 -23.62 23.08
C TRP I 77 -29.49 -24.37 24.37
N GLU I 78 -28.37 -24.92 24.84
CA GLU I 78 -28.29 -25.72 26.06
C GLU I 78 -27.74 -24.88 27.22
N GLY I 79 -28.36 -25.01 28.40
CA GLY I 79 -27.94 -24.26 29.58
C GLY I 79 -28.82 -24.45 30.81
N LYS I 80 -28.23 -24.21 31.98
CA LYS I 80 -28.94 -24.35 33.25
C LYS I 80 -29.91 -23.19 33.35
N GLY I 81 -31.19 -23.51 33.50
CA GLY I 81 -32.24 -22.49 33.54
C GLY I 81 -32.26 -21.61 32.29
N VAL I 82 -31.83 -22.19 31.16
CA VAL I 82 -31.80 -21.54 29.85
C VAL I 82 -33.19 -21.11 29.37
N VAL I 83 -34.20 -21.95 29.65
CA VAL I 83 -35.59 -21.62 29.30
C VAL I 83 -36.00 -20.38 30.10
N LYS I 84 -35.60 -20.35 31.37
CA LYS I 84 -35.93 -19.27 32.31
C LYS I 84 -35.24 -17.94 31.98
N GLY I 85 -33.92 -17.95 31.85
CA GLY I 85 -33.17 -16.74 31.57
C GLY I 85 -33.35 -16.26 30.14
N GLY I 86 -33.48 -17.21 29.20
CA GLY I 86 -33.64 -16.91 27.77
C GLY I 86 -34.86 -16.08 27.39
N ARG I 87 -36.01 -16.41 27.98
CA ARG I 87 -37.22 -15.60 27.86
C ARG I 87 -36.97 -14.21 28.41
N VAL I 88 -36.23 -14.17 29.52
CA VAL I 88 -35.87 -12.95 30.25
C VAL I 88 -35.01 -12.04 29.36
N LEU I 89 -34.07 -12.65 28.63
CA LEU I 89 -33.27 -11.99 27.60
C LEU I 89 -34.16 -11.34 26.56
N LEU I 90 -35.24 -12.04 26.21
CA LEU I 90 -36.20 -11.52 25.25
C LEU I 90 -37.04 -10.43 25.91
N GLY I 91 -37.36 -10.62 27.20
CA GLY I 91 -38.26 -9.71 27.92
C GLY I 91 -39.71 -10.09 27.76
N ALA I 92 -40.60 -9.12 27.91
CA ALA I 92 -42.05 -9.33 27.75
C ALA I 92 -42.45 -9.53 26.28
N THR I 93 -43.51 -10.31 26.03
CA THR I 93 -43.95 -10.57 24.67
C THR I 93 -44.19 -9.26 23.90
N ASN I 94 -44.67 -8.22 24.58
CA ASN I 94 -44.72 -6.89 23.96
C ASN I 94 -43.41 -6.14 24.23
N PRO I 95 -42.65 -5.86 23.17
CA PRO I 95 -41.38 -5.13 23.28
C PRO I 95 -41.48 -3.76 23.95
N ALA I 96 -42.69 -3.28 24.17
CA ALA I 96 -42.87 -1.97 24.79
C ALA I 96 -42.72 -2.07 26.29
N ASP I 97 -42.96 -3.27 26.81
CA ASP I 97 -42.85 -3.55 28.25
C ASP I 97 -41.54 -4.28 28.60
N SER I 98 -40.83 -4.75 27.58
CA SER I 98 -39.52 -5.40 27.74
C SER I 98 -38.49 -4.35 28.07
N LEU I 99 -37.75 -4.59 29.14
CA LEU I 99 -36.84 -3.61 29.71
C LEU I 99 -35.61 -3.52 28.82
N PRO I 100 -35.25 -2.29 28.35
CA PRO I 100 -34.10 -2.12 27.45
C PRO I 100 -32.83 -2.74 28.05
N GLY I 101 -32.09 -3.48 27.24
CA GLY I 101 -31.03 -4.36 27.75
C GLY I 101 -31.39 -5.79 27.42
N THR I 102 -32.71 -6.06 27.33
CA THR I 102 -33.21 -7.30 26.78
C THR I 102 -33.38 -7.12 25.26
N ILE I 103 -33.63 -8.22 24.55
CA ILE I 103 -33.69 -8.20 23.08
C ILE I 103 -34.78 -7.29 22.51
N ARG I 104 -36.00 -7.40 23.05
CA ARG I 104 -37.18 -6.72 22.54
C ARG I 104 -37.25 -5.22 22.83
N GLY I 105 -36.90 -4.84 24.05
CA GLY I 105 -36.82 -3.44 24.41
C GLY I 105 -35.61 -2.83 23.73
N ASP I 106 -34.72 -3.68 23.25
CA ASP I 106 -33.55 -3.21 22.50
C ASP I 106 -33.76 -3.00 21.00
N PHE I 107 -34.76 -3.66 20.42
CA PHE I 107 -34.83 -3.74 18.99
C PHE I 107 -36.23 -3.71 18.36
N ALA I 108 -37.29 -3.85 19.14
CA ALA I 108 -38.65 -3.92 18.55
C ALA I 108 -39.63 -2.86 19.06
N VAL I 109 -40.73 -2.65 18.34
CA VAL I 109 -41.73 -1.66 18.75
C VAL I 109 -43.10 -2.25 19.07
N ASP I 110 -43.62 -3.09 18.17
CA ASP I 110 -44.92 -3.75 18.34
C ASP I 110 -44.76 -5.20 18.77
N VAL I 111 -45.72 -5.70 19.55
CA VAL I 111 -45.80 -7.11 19.88
C VAL I 111 -46.05 -7.96 18.62
N GLY I 112 -46.67 -7.35 17.60
CA GLY I 112 -46.87 -7.99 16.30
C GLY I 112 -45.61 -8.09 15.47
N ARG I 113 -44.67 -7.17 15.71
CA ARG I 113 -43.34 -7.24 15.13
C ARG I 113 -42.33 -7.30 16.26
N ASN I 114 -42.35 -8.42 16.99
CA ASN I 114 -41.55 -8.58 18.23
C ASN I 114 -40.19 -9.25 18.05
N VAL I 115 -39.67 -9.17 16.82
CA VAL I 115 -38.28 -9.46 16.47
C VAL I 115 -37.82 -10.92 16.61
N CYS I 116 -38.31 -11.64 17.63
CA CYS I 116 -37.77 -12.97 17.94
C CYS I 116 -38.66 -13.87 18.80
N HIS I 117 -38.34 -15.17 18.84
CA HIS I 117 -39.14 -16.15 19.60
C HIS I 117 -38.32 -16.97 20.56
N GLY I 118 -38.96 -17.32 21.67
CA GLY I 118 -38.40 -18.26 22.66
C GLY I 118 -39.51 -19.15 23.19
N SER I 119 -39.13 -20.34 23.63
CA SER I 119 -40.08 -21.32 24.18
C SER I 119 -40.67 -20.79 25.48
N ASP I 120 -41.89 -21.20 25.80
CA ASP I 120 -42.52 -20.70 27.02
C ASP I 120 -42.18 -21.55 28.22
N SER I 121 -41.83 -22.81 27.97
CA SER I 121 -41.43 -23.76 29.02
C SER I 121 -40.57 -24.92 28.47
N VAL I 122 -39.89 -25.64 29.36
CA VAL I 122 -39.08 -26.82 29.00
C VAL I 122 -39.88 -27.85 28.19
N ASP I 123 -41.10 -28.13 28.64
CA ASP I 123 -42.01 -29.04 27.95
C ASP I 123 -42.28 -28.55 26.53
N SER I 124 -42.48 -27.25 26.39
CA SER I 124 -42.74 -26.66 25.08
C SER I 124 -41.49 -26.64 24.23
N ALA I 125 -40.35 -26.45 24.88
CA ALA I 125 -39.07 -26.43 24.18
C ALA I 125 -38.81 -27.75 23.49
N LYS I 126 -38.86 -28.85 24.25
CA LYS I 126 -38.63 -30.20 23.73
C LYS I 126 -39.48 -30.54 22.50
N ARG I 127 -40.67 -29.92 22.42
CA ARG I 127 -41.59 -30.02 21.29
C ARG I 127 -41.08 -29.24 20.07
N GLU I 128 -40.83 -27.94 20.26
CA GLU I 128 -40.34 -27.04 19.18
C GLU I 128 -38.93 -27.42 18.74
N ILE I 129 -38.20 -28.11 19.60
CA ILE I 129 -36.92 -28.69 19.22
C ILE I 129 -37.15 -29.89 18.29
N ALA I 130 -38.13 -30.73 18.64
CA ALA I 130 -38.47 -31.94 17.89
C ALA I 130 -39.05 -31.63 16.51
N PHE I 131 -39.85 -30.57 16.45
CA PHE I 131 -40.59 -30.22 15.25
C PHE I 131 -39.66 -29.55 14.24
N TRP I 132 -38.76 -28.71 14.73
CA TRP I 132 -37.91 -27.90 13.85
C TRP I 132 -36.61 -28.54 13.47
N PHE I 133 -36.11 -29.40 14.36
CA PHE I 133 -34.81 -30.00 14.16
C PHE I 133 -34.82 -31.52 14.26
N LYS I 134 -34.07 -32.14 13.37
CA LYS I 134 -33.79 -33.56 13.44
C LYS I 134 -32.78 -33.79 14.56
N PRO I 135 -32.80 -34.99 15.17
CA PRO I 135 -31.80 -35.38 16.17
C PRO I 135 -30.35 -35.28 15.69
N GLU I 136 -30.10 -35.66 14.43
CA GLU I 136 -28.79 -35.51 13.77
C GLU I 136 -28.35 -34.04 13.61
N GLU I 137 -29.24 -33.11 13.96
CA GLU I 137 -28.97 -31.68 13.87
C GLU I 137 -28.59 -31.05 15.20
N LEU I 138 -28.70 -31.81 16.28
CA LEU I 138 -28.24 -31.39 17.61
C LEU I 138 -26.78 -31.82 17.86
N VAL I 139 -25.86 -30.85 17.75
CA VAL I 139 -24.41 -31.13 17.82
C VAL I 139 -23.87 -31.14 19.26
N ASN I 140 -23.51 -32.33 19.73
CA ASN I 140 -22.81 -32.48 21.00
C ASN I 140 -21.32 -32.21 20.83
N TRP I 141 -20.90 -31.01 21.24
CA TRP I 141 -19.48 -30.65 21.44
C TRP I 141 -19.35 -30.04 22.80
N THR I 142 -18.16 -30.09 23.41
CA THR I 142 -17.97 -29.46 24.72
C THR I 142 -17.26 -28.11 24.65
N SER I 143 -17.78 -27.16 25.42
CA SER I 143 -17.27 -25.78 25.44
C SER I 143 -15.90 -25.72 26.11
N HIS I 144 -15.02 -24.92 25.52
CA HIS I 144 -13.69 -24.75 26.08
C HIS I 144 -13.70 -24.00 27.36
N SER I 145 -14.80 -23.34 27.69
CA SER I 145 -14.88 -22.64 28.97
C SER I 145 -15.80 -23.30 30.01
N VAL I 146 -16.45 -24.40 29.66
CA VAL I 146 -17.40 -25.16 30.54
C VAL I 146 -17.16 -25.10 32.05
N LYS I 147 -15.96 -25.50 32.48
CA LYS I 147 -15.60 -25.49 33.90
C LYS I 147 -15.41 -24.07 34.45
N GLN I 148 -15.18 -23.10 33.58
CA GLN I 148 -15.16 -21.68 33.94
C GLN I 148 -16.52 -21.02 33.64
N VAL I 149 -17.49 -21.90 33.35
CA VAL I 149 -18.90 -21.56 33.23
C VAL I 149 -19.60 -22.05 34.51
N TYR I 150 -19.69 -23.38 34.66
CA TYR I 150 -20.37 -24.01 35.80
C TYR I 150 -19.36 -24.49 36.85
N GLU I 151 -19.84 -24.87 38.03
CA GLU I 151 -19.00 -25.44 39.10
C GLU I 151 -18.76 -26.95 38.95
N MET J 1 -2.92 28.28 18.66
CA MET J 1 -3.71 28.54 17.42
C MET J 1 -5.09 27.84 17.40
N THR J 2 -5.88 28.17 16.38
CA THR J 2 -7.03 27.35 16.02
C THR J 2 -6.46 26.30 15.07
N SER J 3 -7.16 25.18 14.98
CA SER J 3 -6.80 24.09 14.09
C SER J 3 -7.54 24.15 12.74
N GLU J 4 -7.27 23.13 11.94
CA GLU J 4 -7.86 22.99 10.63
C GLU J 4 -9.31 22.59 10.81
N ARG J 5 -10.13 22.80 9.78
CA ARG J 5 -11.54 22.37 9.79
C ARG J 5 -11.80 21.26 8.78
N THR J 6 -12.79 20.41 9.03
CA THR J 6 -13.34 19.52 7.98
C THR J 6 -14.85 19.41 8.04
N PHE J 7 -15.48 19.76 6.93
CA PHE J 7 -16.88 19.49 6.77
C PHE J 7 -17.12 17.99 6.51
N ILE J 8 -17.95 17.40 7.36
CA ILE J 8 -18.43 16.04 7.18
C ILE J 8 -19.92 16.11 6.90
N ALA J 9 -20.39 15.25 6.02
CA ALA J 9 -21.81 15.10 5.74
C ALA J 9 -22.14 13.63 5.55
N VAL J 10 -23.13 13.13 6.29
CA VAL J 10 -23.57 11.75 6.11
C VAL J 10 -24.61 11.70 4.99
N LYS J 11 -24.40 10.76 4.08
CA LYS J 11 -25.20 10.61 2.87
C LYS J 11 -26.59 10.03 3.18
N PRO J 12 -27.47 9.93 2.16
CA PRO J 12 -28.82 9.40 2.38
C PRO J 12 -28.79 8.02 3.00
N ASP J 13 -27.87 7.17 2.51
CA ASP J 13 -27.74 5.77 2.94
C ASP J 13 -27.28 5.64 4.38
N GLY J 14 -26.35 6.50 4.78
CA GLY J 14 -25.83 6.49 6.14
C GLY J 14 -26.95 6.81 7.10
N VAL J 15 -27.81 7.71 6.66
CA VAL J 15 -29.02 8.07 7.42
C VAL J 15 -29.89 6.85 7.61
N GLN J 16 -30.00 6.05 6.56
CA GLN J 16 -30.98 4.99 6.54
C GLN J 16 -30.62 3.72 7.34
N ARG J 17 -29.33 3.50 7.60
CA ARG J 17 -28.82 2.18 8.05
C ARG J 17 -28.12 2.14 9.42
N CYS J 18 -28.54 3.03 10.32
CA CYS J 18 -28.02 3.15 11.70
C CYS J 18 -26.54 3.55 11.75
N LEU J 19 -26.18 4.57 10.96
CA LEU J 19 -24.78 5.00 10.87
C LEU J 19 -24.48 6.35 11.50
N VAL J 20 -25.50 7.19 11.69
CA VAL J 20 -25.27 8.49 12.36
C VAL J 20 -24.67 8.34 13.76
N GLY J 21 -25.17 7.36 14.54
CA GLY J 21 -24.56 6.96 15.81
C GLY J 21 -23.16 6.36 15.67
N GLU J 22 -23.02 5.35 14.81
CA GLU J 22 -21.71 4.74 14.56
C GLU J 22 -20.67 5.75 14.04
N ILE J 23 -21.10 6.65 13.17
CA ILE J 23 -20.21 7.66 12.57
C ILE J 23 -19.67 8.69 13.55
N ILE J 24 -20.56 9.30 14.35
CA ILE J 24 -20.15 10.36 15.27
C ILE J 24 -19.19 9.84 16.35
N GLN J 25 -19.47 8.64 16.86
CA GLN J 25 -18.64 8.00 17.90
C GLN J 25 -17.16 7.85 17.50
N ARG J 26 -16.92 7.54 16.22
CA ARG J 26 -15.57 7.43 15.65
C ARG J 26 -14.82 8.76 15.66
N PHE J 27 -15.50 9.82 15.25
CA PHE J 27 -14.94 11.16 15.34
C PHE J 27 -14.76 11.60 16.79
N GLU J 28 -15.61 11.07 17.68
CA GLU J 28 -15.56 11.40 19.10
C GLU J 28 -14.40 10.75 19.86
N LYS J 29 -14.36 9.41 19.85
CA LYS J 29 -13.32 8.64 20.56
C LYS J 29 -11.90 8.99 20.07
N LYS J 30 -11.85 9.58 18.88
CA LYS J 30 -10.63 10.02 18.22
C LYS J 30 -9.92 11.16 18.96
N GLY J 31 -10.68 12.18 19.39
CA GLY J 31 -10.10 13.37 19.99
C GLY J 31 -10.30 14.60 19.12
N TYR J 32 -11.38 14.58 18.34
CA TYR J 32 -11.77 15.69 17.50
C TYR J 32 -12.94 16.42 18.18
N LYS J 33 -13.11 17.70 17.86
CA LYS J 33 -14.07 18.56 18.52
C LYS J 33 -15.10 19.04 17.50
N LEU J 34 -16.37 18.69 17.72
CA LEU J 34 -17.46 19.11 16.85
C LEU J 34 -17.76 20.58 17.06
N VAL J 35 -17.89 21.30 15.95
CA VAL J 35 -17.96 22.78 15.97
C VAL J 35 -19.33 23.33 15.53
N ALA J 36 -20.07 22.53 14.76
CA ALA J 36 -21.42 22.88 14.33
C ALA J 36 -22.06 21.61 13.81
N LEU J 37 -23.39 21.54 13.92
CA LEU J 37 -24.17 20.35 13.56
C LEU J 37 -25.63 20.70 13.34
N LYS J 38 -26.25 20.07 12.33
CA LYS J 38 -27.72 19.97 12.19
C LYS J 38 -28.19 18.87 11.24
N MET J 39 -29.46 18.50 11.33
CA MET J 39 -30.04 17.49 10.43
C MET J 39 -31.20 18.08 9.63
N LEU J 40 -31.04 18.05 8.32
CA LEU J 40 -32.01 18.63 7.40
C LEU J 40 -32.12 17.81 6.11
N GLN J 41 -33.17 18.09 5.36
CA GLN J 41 -33.20 17.69 3.98
C GLN J 41 -32.39 18.73 3.24
N PRO J 42 -31.35 18.29 2.53
CA PRO J 42 -30.77 19.30 1.66
C PRO J 42 -31.69 19.54 0.48
N SER J 43 -31.86 20.80 0.08
CA SER J 43 -32.51 21.07 -1.19
C SER J 43 -31.59 20.55 -2.28
N ALA J 44 -32.16 20.15 -3.41
CA ALA J 44 -31.34 19.79 -4.55
C ALA J 44 -30.50 21.01 -4.96
N GLU J 45 -31.10 22.20 -4.80
CA GLU J 45 -30.43 23.47 -5.10
C GLU J 45 -29.19 23.68 -4.22
N GLN J 46 -29.28 23.27 -2.95
CA GLN J 46 -28.11 23.27 -2.07
C GLN J 46 -27.03 22.33 -2.63
N ALA J 47 -27.48 21.17 -3.12
CA ALA J 47 -26.55 20.20 -3.70
C ALA J 47 -25.92 20.78 -4.94
N GLN J 48 -26.66 21.65 -5.64
CA GLN J 48 -26.17 22.22 -6.90
C GLN J 48 -24.98 23.13 -6.70
N GLN J 49 -24.99 23.93 -5.63
CA GLN J 49 -23.87 24.83 -5.35
C GLN J 49 -22.69 24.09 -4.73
N HIS J 50 -23.01 23.11 -3.88
CA HIS J 50 -22.04 22.20 -3.28
C HIS J 50 -21.33 21.39 -4.37
N TYR J 51 -22.10 20.97 -5.37
CA TYR J 51 -21.58 20.22 -6.50
C TYR J 51 -21.44 21.08 -7.79
N ILE J 52 -21.17 22.38 -7.65
CA ILE J 52 -21.03 23.27 -8.82
C ILE J 52 -19.82 22.93 -9.72
N ASP J 53 -18.76 22.34 -9.14
CA ASP J 53 -17.56 21.88 -9.89
C ASP J 53 -17.87 20.73 -10.85
N LEU J 54 -18.98 20.06 -10.61
CA LEU J 54 -19.32 18.91 -11.42
C LEU J 54 -20.62 19.13 -12.18
N ALA J 55 -21.03 20.39 -12.32
CA ALA J 55 -22.32 20.79 -12.93
C ALA J 55 -22.53 20.32 -14.37
N SER J 56 -21.41 20.11 -15.06
CA SER J 56 -21.41 19.69 -16.46
C SER J 56 -21.07 18.21 -16.63
N LYS J 57 -20.96 17.49 -15.51
CA LYS J 57 -20.93 16.03 -15.58
C LYS J 57 -22.34 15.54 -15.92
N PRO J 58 -22.46 14.49 -16.75
CA PRO J 58 -23.81 14.00 -17.04
C PRO J 58 -24.44 13.32 -15.80
N PHE J 59 -23.62 12.99 -14.80
CA PHE J 59 -24.13 12.34 -13.59
C PHE J 59 -24.74 13.34 -12.61
N TYR J 60 -24.53 14.63 -12.92
CA TYR J 60 -24.97 15.77 -12.11
C TYR J 60 -26.44 15.73 -11.68
N LYS J 61 -27.32 15.43 -12.63
CA LYS J 61 -28.74 15.42 -12.30
C LYS J 61 -29.12 14.24 -11.43
N ASP J 62 -28.54 13.07 -11.66
CA ASP J 62 -28.87 11.87 -10.88
C ASP J 62 -28.32 11.87 -9.45
N LEU J 63 -27.08 12.33 -9.28
CA LEU J 63 -26.47 12.48 -7.96
C LEU J 63 -27.26 13.46 -7.13
N VAL J 64 -27.60 14.61 -7.73
CA VAL J 64 -28.39 15.68 -7.11
C VAL J 64 -29.70 15.16 -6.48
N ALA J 65 -30.42 14.33 -7.22
CA ALA J 65 -31.71 13.80 -6.80
C ALA J 65 -31.60 12.82 -5.64
N TYR J 66 -30.70 11.86 -5.75
CA TYR J 66 -30.49 10.89 -4.67
C TYR J 66 -29.97 11.60 -3.42
N PHE J 67 -29.13 12.60 -3.62
CA PHE J 67 -28.63 13.45 -2.53
C PHE J 67 -29.78 14.17 -1.83
N SER J 68 -30.97 14.08 -2.43
CA SER J 68 -32.18 14.68 -1.86
C SER J 68 -33.22 13.64 -1.46
N SER J 69 -33.01 12.38 -1.83
CA SER J 69 -33.96 11.33 -1.49
C SER J 69 -34.17 11.10 0.03
N GLY J 70 -33.36 11.78 0.85
CA GLY J 70 -33.36 11.58 2.28
C GLY J 70 -32.40 12.53 2.96
N PRO J 71 -32.51 12.63 4.30
CA PRO J 71 -31.81 13.62 5.12
C PRO J 71 -30.31 13.36 5.37
N ILE J 72 -29.63 14.43 5.78
CA ILE J 72 -28.17 14.43 5.96
C ILE J 72 -27.86 15.16 7.27
N VAL J 73 -26.94 14.61 8.05
CA VAL J 73 -26.39 15.34 9.18
C VAL J 73 -25.21 16.19 8.70
N GLY J 74 -25.34 17.51 8.82
CA GLY J 74 -24.25 18.40 8.41
C GLY J 74 -23.34 18.67 9.59
N MET J 75 -22.03 18.54 9.38
CA MET J 75 -21.06 18.52 10.49
C MET J 75 -19.85 19.39 10.21
N VAL J 76 -19.31 19.99 11.27
CA VAL J 76 -18.07 20.76 11.20
C VAL J 76 -17.16 20.30 12.35
N TRP J 77 -16.03 19.68 12.01
CA TRP J 77 -15.09 19.19 13.02
C TRP J 77 -13.79 19.94 13.00
N GLU J 78 -13.10 19.93 14.14
CA GLU J 78 -11.79 20.57 14.23
C GLU J 78 -10.76 19.56 14.70
N GLY J 79 -9.49 19.94 14.56
CA GLY J 79 -8.34 19.11 14.93
C GLY J 79 -7.17 19.44 14.01
N LYS J 80 -5.95 19.06 14.40
CA LYS J 80 -4.79 19.25 13.52
C LYS J 80 -4.78 18.25 12.36
N GLY J 81 -4.55 18.76 11.15
CA GLY J 81 -4.58 17.95 9.93
C GLY J 81 -5.84 17.11 9.77
N VAL J 82 -6.93 17.56 10.38
CA VAL J 82 -8.18 16.82 10.46
C VAL J 82 -8.76 16.44 9.09
N VAL J 83 -8.50 17.22 8.04
CA VAL J 83 -9.03 16.88 6.71
C VAL J 83 -8.35 15.63 6.16
N LYS J 84 -7.01 15.58 6.22
CA LYS J 84 -6.23 14.44 5.71
C LYS J 84 -6.48 13.20 6.56
N GLY J 85 -6.44 13.38 7.88
CA GLY J 85 -6.76 12.33 8.84
C GLY J 85 -8.22 11.90 8.81
N GLY J 86 -9.11 12.87 8.67
CA GLY J 86 -10.54 12.62 8.60
C GLY J 86 -10.96 11.87 7.36
N ARG J 87 -10.37 12.26 6.23
CA ARG J 87 -10.52 11.53 4.97
C ARG J 87 -9.97 10.12 5.16
N VAL J 88 -8.91 10.01 5.94
CA VAL J 88 -8.28 8.72 6.28
C VAL J 88 -9.23 7.80 7.07
N LEU J 89 -10.00 8.41 7.99
CA LEU J 89 -11.05 7.73 8.77
C LEU J 89 -12.12 7.18 7.86
N LEU J 90 -12.52 7.96 6.87
CA LEU J 90 -13.52 7.53 5.91
C LEU J 90 -12.99 6.44 5.00
N GLY J 91 -11.69 6.51 4.69
CA GLY J 91 -11.04 5.54 3.81
C GLY J 91 -11.01 6.02 2.36
N ALA J 92 -10.80 5.08 1.45
CA ALA J 92 -10.84 5.34 0.01
C ALA J 92 -12.25 5.71 -0.47
N THR J 93 -12.35 6.67 -1.38
CA THR J 93 -13.65 7.16 -1.82
C THR J 93 -14.57 6.01 -2.23
N ASN J 94 -13.96 4.94 -2.77
CA ASN J 94 -14.65 3.69 -3.10
C ASN J 94 -14.49 2.65 -1.98
N PRO J 95 -15.62 2.25 -1.38
CA PRO J 95 -15.77 1.27 -0.27
C PRO J 95 -15.15 -0.12 -0.53
N ALA J 96 -15.07 -0.54 -1.79
CA ALA J 96 -14.38 -1.79 -2.15
C ALA J 96 -12.87 -1.62 -2.01
N ASP J 97 -12.40 -0.38 -2.09
CA ASP J 97 -10.98 -0.04 -1.93
C ASP J 97 -10.68 0.46 -0.52
N SER J 98 -11.73 0.74 0.25
CA SER J 98 -11.60 1.22 1.62
C SER J 98 -11.10 0.12 2.52
N LEU J 99 -9.97 0.34 3.19
CA LEU J 99 -9.46 -0.64 4.13
C LEU J 99 -10.37 -0.72 5.35
N PRO J 100 -10.91 -1.93 5.66
CA PRO J 100 -11.79 -2.04 6.81
C PRO J 100 -11.11 -1.61 8.09
N GLY J 101 -11.88 -0.93 8.95
CA GLY J 101 -11.37 -0.12 10.04
C GLY J 101 -11.81 1.31 9.79
N THR J 102 -12.06 1.61 8.51
CA THR J 102 -12.60 2.90 8.07
C THR J 102 -14.13 2.83 8.10
N ILE J 103 -14.81 4.00 8.11
CA ILE J 103 -16.27 4.06 8.10
C ILE J 103 -16.81 3.37 6.84
N ARG J 104 -16.22 3.72 5.69
CA ARG J 104 -16.62 3.15 4.42
C ARG J 104 -16.13 1.72 4.28
N GLY J 105 -15.00 1.41 4.89
CA GLY J 105 -14.47 0.04 4.86
C GLY J 105 -15.26 -0.92 5.71
N ASP J 106 -15.95 -0.38 6.72
CA ASP J 106 -16.74 -1.14 7.67
C ASP J 106 -18.21 -1.18 7.27
N PHE J 107 -18.68 -0.03 6.77
CA PHE J 107 -20.12 0.22 6.60
C PHE J 107 -20.53 0.68 5.18
N ALA J 108 -19.88 0.15 4.15
CA ALA J 108 -20.20 0.55 2.78
C ALA J 108 -19.84 -0.49 1.71
N VAL J 109 -20.76 -0.72 0.78
CA VAL J 109 -20.57 -1.70 -0.30
C VAL J 109 -20.17 -1.06 -1.64
N ASP J 110 -20.99 -0.11 -2.08
CA ASP J 110 -20.90 0.50 -3.41
C ASP J 110 -20.35 1.93 -3.34
N VAL J 111 -19.76 2.41 -4.44
CA VAL J 111 -19.33 3.81 -4.48
C VAL J 111 -20.54 4.75 -4.64
N GLY J 112 -21.60 4.27 -5.29
CA GLY J 112 -22.83 5.05 -5.48
C GLY J 112 -23.58 5.24 -4.17
N ARG J 113 -23.25 4.39 -3.21
CA ARG J 113 -23.81 4.42 -1.86
C ARG J 113 -22.65 4.26 -0.86
N ASN J 114 -21.83 5.30 -0.76
CA ASN J 114 -20.61 5.32 0.07
C ASN J 114 -20.72 6.05 1.42
N VAL J 115 -21.94 6.11 1.96
CA VAL J 115 -22.26 6.53 3.37
C VAL J 115 -22.02 7.96 3.84
N CYS J 116 -20.83 8.49 3.60
CA CYS J 116 -20.43 9.78 4.19
C CYS J 116 -19.69 10.62 3.17
N HIS J 117 -19.46 11.88 3.53
CA HIS J 117 -18.54 12.81 2.85
C HIS J 117 -17.54 13.35 3.84
N GLY J 118 -16.27 13.36 3.44
CA GLY J 118 -15.18 14.01 4.18
C GLY J 118 -14.41 14.92 3.24
N SER J 119 -14.12 16.13 3.72
CA SER J 119 -13.57 17.19 2.87
C SER J 119 -12.27 16.80 2.18
N ASP J 120 -12.19 17.10 0.89
CA ASP J 120 -11.04 16.74 0.07
C ASP J 120 -9.87 17.69 0.27
N SER J 121 -10.16 18.92 0.71
CA SER J 121 -9.11 19.93 0.87
C SER J 121 -9.52 21.02 1.85
N VAL J 122 -8.55 21.87 2.22
CA VAL J 122 -8.79 23.02 3.09
C VAL J 122 -9.79 23.98 2.44
N ASP J 123 -9.58 24.28 1.15
CA ASP J 123 -10.44 25.18 0.38
C ASP J 123 -11.90 24.70 0.35
N SER J 124 -12.08 23.41 0.09
CA SER J 124 -13.40 22.82 0.14
C SER J 124 -13.88 22.71 1.59
N ALA J 125 -12.96 22.41 2.51
CA ALA J 125 -13.32 22.39 3.92
C ALA J 125 -13.85 23.74 4.35
N LYS J 126 -13.16 24.83 3.99
CA LYS J 126 -13.63 26.21 4.24
C LYS J 126 -14.93 26.55 3.48
N ARG J 127 -15.01 26.11 2.22
CA ARG J 127 -16.13 26.38 1.31
C ARG J 127 -17.40 25.61 1.70
N GLU J 128 -17.24 24.31 1.91
CA GLU J 128 -18.37 23.50 2.30
C GLU J 128 -18.92 23.92 3.68
N ILE J 129 -18.31 24.94 4.30
CA ILE J 129 -18.72 25.42 5.63
C ILE J 129 -19.75 26.54 5.55
N ALA J 130 -19.31 27.73 5.14
CA ALA J 130 -20.17 28.93 5.12
C ALA J 130 -21.48 28.71 4.39
N PHE J 131 -21.47 27.69 3.53
CA PHE J 131 -22.58 27.37 2.64
C PHE J 131 -23.66 26.53 3.35
N TRP J 132 -23.25 25.41 3.94
CA TRP J 132 -24.13 24.53 4.73
C TRP J 132 -24.41 25.17 6.05
N PHE J 133 -23.55 26.10 6.46
CA PHE J 133 -23.61 26.63 7.81
C PHE J 133 -23.27 28.11 7.99
N LYS J 134 -24.27 28.88 8.39
CA LYS J 134 -24.07 30.26 8.80
C LYS J 134 -23.11 30.26 9.99
N PRO J 135 -22.00 31.00 9.89
CA PRO J 135 -21.00 30.95 10.94
C PRO J 135 -21.51 31.11 12.39
N GLU J 136 -22.66 31.75 12.61
CA GLU J 136 -23.25 31.90 13.97
C GLU J 136 -23.70 30.59 14.67
N GLU J 137 -23.67 29.50 13.92
CA GLU J 137 -23.99 28.17 14.44
C GLU J 137 -22.73 27.45 14.91
N LEU J 138 -21.57 27.93 14.44
CA LEU J 138 -20.28 27.35 14.79
C LEU J 138 -19.94 27.66 16.25
N VAL J 139 -19.73 26.62 17.05
CA VAL J 139 -19.64 26.78 18.51
C VAL J 139 -18.19 26.76 19.06
N ASN J 140 -17.87 27.75 19.90
CA ASN J 140 -16.50 27.93 20.42
C ASN J 140 -16.29 27.66 21.92
N TRP J 141 -15.83 26.43 22.18
CA TRP J 141 -15.54 25.93 23.53
C TRP J 141 -14.22 25.23 23.50
N THR J 142 -13.57 25.13 24.65
CA THR J 142 -12.38 24.29 24.73
C THR J 142 -12.76 22.91 25.24
N SER J 143 -12.27 21.86 24.57
CA SER J 143 -12.55 20.49 24.99
C SER J 143 -11.77 20.19 26.26
N HIS J 144 -12.41 19.50 27.20
CA HIS J 144 -11.83 19.26 28.53
C HIS J 144 -10.61 18.38 28.54
N SER J 145 -10.43 17.60 27.47
CA SER J 145 -9.28 16.72 27.37
C SER J 145 -8.23 17.22 26.36
N VAL J 146 -8.45 18.41 25.79
CA VAL J 146 -7.55 19.05 24.80
C VAL J 146 -6.06 18.97 25.17
N LYS J 147 -5.74 19.34 26.41
CA LYS J 147 -4.35 19.41 26.88
C LYS J 147 -3.73 18.02 26.94
N GLN J 148 -4.57 17.00 26.85
CA GLN J 148 -4.11 15.60 26.82
C GLN J 148 -4.36 14.98 25.47
N VAL J 149 -5.05 15.73 24.60
CA VAL J 149 -5.13 15.40 23.18
C VAL J 149 -3.92 15.99 22.46
N TYR J 150 -3.44 17.14 22.95
CA TYR J 150 -2.37 17.92 22.32
C TYR J 150 -1.25 18.35 23.27
N GLU J 151 -0.04 18.48 22.75
CA GLU J 151 1.01 19.16 23.51
C GLU J 151 1.00 20.68 23.26
N MET K 1 8.73 -16.46 18.06
CA MET K 1 7.78 -17.55 18.50
C MET K 1 6.64 -17.08 19.41
N THR K 2 5.79 -18.02 19.81
CA THR K 2 4.64 -17.79 20.70
C THR K 2 5.01 -17.17 22.05
N SER K 3 6.26 -17.38 22.46
CA SER K 3 6.71 -17.05 23.82
C SER K 3 7.17 -15.60 23.91
N GLU K 4 7.51 -15.04 22.75
CA GLU K 4 7.91 -13.64 22.58
C GLU K 4 6.99 -12.66 23.34
N ARG K 5 7.60 -11.85 24.21
CA ARG K 5 6.88 -10.81 24.94
C ARG K 5 7.26 -9.43 24.43
N THR K 6 6.30 -8.50 24.50
CA THR K 6 6.56 -7.11 24.15
C THR K 6 6.15 -6.20 25.31
N PHE K 7 6.81 -5.03 25.37
CA PHE K 7 6.55 -4.04 26.39
C PHE K 7 5.48 -3.07 25.91
N ILE K 8 4.40 -2.96 26.71
CA ILE K 8 3.34 -1.98 26.48
C ILE K 8 3.32 -0.98 27.61
N ALA K 9 3.25 0.30 27.24
CA ALA K 9 3.13 1.40 28.19
C ALA K 9 2.14 2.42 27.66
N VAL K 10 0.93 2.42 28.22
CA VAL K 10 -0.07 3.42 27.87
C VAL K 10 0.20 4.72 28.60
N LYS K 11 0.31 5.77 27.83
CA LYS K 11 0.84 7.03 28.30
C LYS K 11 -0.10 7.74 29.26
N PRO K 12 0.43 8.66 30.10
CA PRO K 12 -0.41 9.32 31.10
C PRO K 12 -1.71 9.88 30.50
N ASP K 13 -1.65 10.37 29.26
CA ASP K 13 -2.85 10.89 28.57
C ASP K 13 -3.85 9.78 28.27
N GLY K 14 -3.36 8.58 28.00
CA GLY K 14 -4.21 7.40 27.88
C GLY K 14 -4.94 7.14 29.19
N VAL K 15 -4.24 7.34 30.31
CA VAL K 15 -4.86 7.24 31.62
C VAL K 15 -5.84 8.39 31.80
N GLN K 16 -5.40 9.59 31.42
CA GLN K 16 -6.11 10.82 31.75
C GLN K 16 -7.34 11.12 30.89
N ARG K 17 -7.36 10.61 29.66
CA ARG K 17 -8.56 10.71 28.82
C ARG K 17 -9.31 9.38 28.82
N CYS K 18 -8.97 8.56 29.81
CA CYS K 18 -9.66 7.32 30.14
C CYS K 18 -9.61 6.25 29.05
N LEU K 19 -8.42 6.01 28.52
CA LEU K 19 -8.23 5.13 27.36
C LEU K 19 -7.47 3.84 27.69
N VAL K 20 -7.30 3.56 28.98
CA VAL K 20 -6.53 2.40 29.47
C VAL K 20 -7.16 1.03 29.13
N GLY K 21 -8.37 0.80 29.64
CA GLY K 21 -9.06 -0.48 29.48
C GLY K 21 -9.27 -0.89 28.04
N GLU K 22 -9.56 0.10 27.19
CA GLU K 22 -9.89 -0.12 25.78
C GLU K 22 -8.77 -0.80 25.03
N ILE K 23 -7.55 -0.29 25.24
CA ILE K 23 -6.36 -0.87 24.60
C ILE K 23 -6.14 -2.28 25.15
N ILE K 24 -6.34 -2.46 26.46
CA ILE K 24 -6.26 -3.78 27.09
C ILE K 24 -7.34 -4.70 26.47
N GLN K 25 -8.53 -4.14 26.22
CA GLN K 25 -9.61 -4.86 25.54
C GLN K 25 -9.15 -5.29 24.14
N ARG K 26 -8.35 -4.46 23.48
CA ARG K 26 -7.92 -4.73 22.12
C ARG K 26 -6.83 -5.79 22.00
N PHE K 27 -5.80 -5.68 22.84
CA PHE K 27 -4.77 -6.71 22.95
C PHE K 27 -5.35 -8.05 23.43
N GLU K 28 -6.38 -7.97 24.27
CA GLU K 28 -7.06 -9.15 24.83
C GLU K 28 -7.85 -9.87 23.77
N LYS K 29 -8.70 -9.13 23.05
CA LYS K 29 -9.55 -9.70 22.01
C LYS K 29 -8.71 -10.20 20.83
N LYS K 30 -7.48 -9.67 20.73
CA LYS K 30 -6.51 -10.08 19.73
C LYS K 30 -6.05 -11.53 19.97
N GLY K 31 -5.80 -11.88 21.22
CA GLY K 31 -5.45 -13.25 21.57
C GLY K 31 -4.23 -13.32 22.46
N TYR K 32 -3.86 -12.16 23.01
CA TYR K 32 -2.66 -12.03 23.81
C TYR K 32 -2.95 -12.28 25.30
N LYS K 33 -2.10 -13.10 25.93
CA LYS K 33 -2.16 -13.40 27.36
C LYS K 33 -1.37 -12.38 28.20
N LEU K 34 -2.08 -11.73 29.10
CA LEU K 34 -1.50 -10.77 30.03
C LEU K 34 -0.62 -11.52 31.03
N VAL K 35 0.63 -11.07 31.14
CA VAL K 35 1.62 -11.71 32.01
C VAL K 35 1.98 -10.79 33.19
N ALA K 36 2.15 -9.50 32.91
CA ALA K 36 2.46 -8.51 33.96
C ALA K 36 1.85 -7.14 33.73
N LEU K 37 1.33 -6.59 34.81
CA LEU K 37 0.70 -5.28 34.81
C LEU K 37 0.98 -4.66 36.16
N LYS K 38 1.07 -3.32 36.15
CA LYS K 38 1.18 -2.53 37.35
C LYS K 38 0.69 -1.12 37.02
N MET K 39 0.38 -0.35 38.05
CA MET K 39 0.05 1.07 37.90
C MET K 39 0.97 1.95 38.78
N LEU K 40 1.92 2.62 38.12
CA LEU K 40 2.92 3.45 38.83
C LEU K 40 3.08 4.86 38.25
N GLN K 41 3.56 5.79 39.08
CA GLN K 41 3.99 7.09 38.57
C GLN K 41 5.52 7.03 38.40
N PRO K 42 5.99 6.78 37.16
CA PRO K 42 7.41 6.68 36.89
C PRO K 42 8.10 8.02 37.09
N SER K 43 9.19 8.01 37.86
CA SER K 43 9.96 9.21 38.11
C SER K 43 10.68 9.65 36.83
N ALA K 44 10.96 10.94 36.74
CA ALA K 44 11.82 11.50 35.69
C ALA K 44 13.15 10.72 35.57
N GLU K 45 13.76 10.41 36.73
CA GLU K 45 14.97 9.59 36.86
C GLU K 45 14.87 8.25 36.15
N GLN K 46 13.72 7.60 36.30
CA GLN K 46 13.45 6.30 35.70
C GLN K 46 13.25 6.43 34.19
N ALA K 47 12.32 7.28 33.76
CA ALA K 47 12.09 7.52 32.32
C ALA K 47 13.36 8.02 31.62
N GLN K 48 14.15 8.82 32.31
CA GLN K 48 15.48 9.24 31.85
C GLN K 48 16.31 8.03 31.40
N GLN K 49 16.14 6.90 32.09
CA GLN K 49 16.77 5.66 31.70
C GLN K 49 15.97 5.08 30.53
N HIS K 50 14.64 5.26 30.55
CA HIS K 50 13.76 4.77 29.47
C HIS K 50 14.07 5.40 28.13
N TYR K 51 14.41 6.69 28.13
CA TYR K 51 14.91 7.35 26.93
C TYR K 51 16.37 7.83 27.09
N ILE K 52 17.25 6.96 27.59
CA ILE K 52 18.65 7.31 27.81
C ILE K 52 19.38 7.53 26.49
N ASP K 53 18.95 6.81 25.47
CA ASP K 53 19.52 6.92 24.14
C ASP K 53 19.16 8.26 23.50
N LEU K 54 18.22 8.99 24.12
CA LEU K 54 17.79 10.33 23.65
C LEU K 54 18.17 11.48 24.59
N ALA K 55 19.19 11.29 25.43
CA ALA K 55 19.52 12.22 26.53
C ALA K 55 19.99 13.60 26.10
N SER K 56 20.53 13.70 24.89
CA SER K 56 21.21 14.90 24.42
C SER K 56 20.25 15.85 23.69
N LYS K 57 18.95 15.57 23.81
CA LYS K 57 17.94 16.14 22.92
C LYS K 57 17.40 17.54 23.25
N PRO K 58 16.87 18.24 22.23
CA PRO K 58 16.33 19.56 22.49
C PRO K 58 14.97 19.46 23.13
N PHE K 59 14.27 18.35 22.88
CA PHE K 59 12.99 18.10 23.53
C PHE K 59 13.13 17.50 24.94
N TYR K 60 14.34 17.01 25.27
CA TYR K 60 14.59 16.12 26.43
C TYR K 60 13.87 16.49 27.69
N LYS K 61 13.88 17.78 28.02
CA LYS K 61 13.24 18.25 29.25
C LYS K 61 11.71 18.18 29.15
N ASP K 62 11.17 18.70 28.05
CA ASP K 62 9.73 18.78 27.79
C ASP K 62 9.11 17.39 27.66
N LEU K 63 9.88 16.49 27.05
CA LEU K 63 9.61 15.05 26.98
C LEU K 63 9.39 14.52 28.39
N VAL K 64 10.33 14.86 29.29
CA VAL K 64 10.37 14.31 30.65
C VAL K 64 9.10 14.64 31.44
N ALA K 65 8.67 15.90 31.35
CA ALA K 65 7.62 16.48 32.19
C ALA K 65 6.22 15.88 32.04
N TYR K 66 5.74 15.79 30.80
CA TYR K 66 4.48 15.11 30.48
C TYR K 66 4.50 13.64 30.89
N PHE K 67 5.60 12.95 30.61
CA PHE K 67 5.75 11.51 30.93
C PHE K 67 5.73 11.23 32.44
N SER K 68 5.91 12.27 33.24
CA SER K 68 5.79 12.16 34.68
C SER K 68 4.55 12.89 35.20
N SER K 69 3.87 13.60 34.32
CA SER K 69 2.69 14.40 34.70
C SER K 69 1.46 13.54 35.04
N GLY K 70 1.50 12.28 34.61
CA GLY K 70 0.45 11.30 34.89
C GLY K 70 0.98 9.91 35.22
N PRO K 71 0.15 9.09 35.91
CA PRO K 71 0.51 7.70 36.20
C PRO K 71 0.46 6.82 34.96
N ILE K 72 1.23 5.73 34.98
CA ILE K 72 1.43 4.88 33.82
C ILE K 72 0.90 3.47 34.05
N VAL K 73 0.25 2.93 33.02
CA VAL K 73 -0.13 1.54 32.99
C VAL K 73 0.92 0.72 32.21
N GLY K 74 2.00 0.33 32.88
CA GLY K 74 3.02 -0.52 32.26
C GLY K 74 2.55 -1.96 32.10
N MET K 75 2.73 -2.53 30.90
CA MET K 75 2.18 -3.86 30.64
C MET K 75 3.12 -4.84 29.93
N VAL K 76 2.81 -6.14 30.10
CA VAL K 76 3.55 -7.25 29.50
C VAL K 76 2.57 -8.16 28.77
N TRP K 77 2.80 -8.36 27.47
CA TRP K 77 1.90 -9.18 26.68
C TRP K 77 2.60 -10.22 25.84
N GLU K 78 2.06 -11.45 25.87
CA GLU K 78 2.69 -12.62 25.26
C GLU K 78 1.89 -13.17 24.10
N GLY K 79 2.62 -13.55 23.04
CA GLY K 79 2.03 -14.17 21.84
C GLY K 79 2.90 -14.06 20.58
N LYS K 80 2.50 -14.78 19.53
CA LYS K 80 3.26 -14.85 18.27
C LYS K 80 3.31 -13.55 17.48
N GLY K 81 4.52 -13.09 17.23
CA GLY K 81 4.73 -11.83 16.52
C GLY K 81 4.16 -10.65 17.27
N VAL K 82 4.16 -10.76 18.61
CA VAL K 82 3.58 -9.74 19.49
C VAL K 82 4.22 -8.35 19.34
N VAL K 83 5.51 -8.32 19.03
CA VAL K 83 6.23 -7.05 19.00
C VAL K 83 5.89 -6.29 17.74
N LYS K 84 5.98 -6.94 16.58
CA LYS K 84 5.58 -6.26 15.35
C LYS K 84 4.07 -6.05 15.27
N GLY K 85 3.32 -7.08 15.70
CA GLY K 85 1.86 -7.05 15.71
C GLY K 85 1.30 -6.03 16.67
N GLY K 86 1.95 -5.90 17.82
CA GLY K 86 1.59 -4.90 18.82
C GLY K 86 1.78 -3.50 18.26
N ARG K 87 2.81 -3.34 17.44
CA ARG K 87 3.07 -2.07 16.75
C ARG K 87 1.97 -1.83 15.71
N VAL K 88 1.61 -2.89 14.99
CA VAL K 88 0.53 -2.87 14.00
C VAL K 88 -0.85 -2.50 14.57
N LEU K 89 -1.18 -3.13 15.71
CA LEU K 89 -2.40 -2.86 16.50
C LEU K 89 -2.42 -1.42 16.96
N LEU K 90 -1.27 -0.95 17.43
CA LEU K 90 -1.11 0.40 17.91
C LEU K 90 -1.07 1.40 16.78
N GLY K 91 -0.38 1.05 15.70
CA GLY K 91 -0.23 1.93 14.54
C GLY K 91 1.08 2.71 14.52
N ALA K 92 1.19 3.61 13.55
CA ALA K 92 2.39 4.42 13.32
C ALA K 92 2.67 5.49 14.37
N THR K 93 3.97 5.75 14.57
CA THR K 93 4.51 6.75 15.52
C THR K 93 3.67 8.03 15.61
N ASN K 94 3.27 8.56 14.46
CA ASN K 94 2.44 9.76 14.38
C ASN K 94 0.95 9.42 14.20
N PRO K 95 0.07 9.89 15.12
CA PRO K 95 -1.38 9.61 15.09
C PRO K 95 -2.08 10.06 13.80
N ALA K 96 -1.43 10.94 13.04
CA ALA K 96 -1.94 11.35 11.73
C ALA K 96 -1.66 10.26 10.71
N ASP K 97 -0.61 9.49 10.92
CA ASP K 97 -0.29 8.38 10.02
C ASP K 97 -0.87 7.06 10.51
N SER K 98 -1.34 7.03 11.75
CA SER K 98 -1.98 5.84 12.30
C SER K 98 -3.33 5.65 11.60
N LEU K 99 -3.47 4.53 10.91
CA LEU K 99 -4.67 4.20 10.15
C LEU K 99 -5.86 3.89 11.05
N PRO K 100 -7.06 4.46 10.75
CA PRO K 100 -8.28 4.21 11.52
C PRO K 100 -8.55 2.73 11.72
N GLY K 101 -8.84 2.34 12.96
CA GLY K 101 -8.87 0.95 13.39
C GLY K 101 -7.70 0.60 14.29
N THR K 102 -6.68 1.45 14.30
CA THR K 102 -5.55 1.28 15.22
C THR K 102 -5.86 2.07 16.48
N ILE K 103 -5.10 1.89 17.56
CA ILE K 103 -5.42 2.63 18.76
C ILE K 103 -5.05 4.11 18.65
N ARG K 104 -3.85 4.41 18.14
CA ARG K 104 -3.44 5.80 17.84
C ARG K 104 -4.27 6.40 16.71
N GLY K 105 -4.72 5.56 15.78
CA GLY K 105 -5.57 5.99 14.69
C GLY K 105 -7.00 6.30 15.10
N ASP K 106 -7.48 5.64 16.15
CA ASP K 106 -8.83 5.80 16.67
C ASP K 106 -8.94 6.83 17.81
N PHE K 107 -7.94 6.90 18.67
CA PHE K 107 -8.06 7.64 19.94
C PHE K 107 -7.28 8.96 20.07
N ALA K 108 -6.17 9.09 19.36
CA ALA K 108 -5.26 10.24 19.55
C ALA K 108 -5.26 11.14 18.33
N VAL K 109 -4.76 12.37 18.53
CA VAL K 109 -4.62 13.38 17.45
C VAL K 109 -3.19 13.88 17.22
N ASP K 110 -2.40 13.99 18.28
CA ASP K 110 -1.08 14.65 18.22
C ASP K 110 0.07 13.75 18.66
N VAL K 111 1.26 14.02 18.14
CA VAL K 111 2.41 13.11 18.24
C VAL K 111 3.07 12.97 19.63
N GLY K 112 3.16 14.08 20.37
CA GLY K 112 3.70 14.07 21.74
C GLY K 112 2.65 13.85 22.83
N ARG K 113 1.43 13.55 22.40
CA ARG K 113 0.32 13.18 23.26
C ARG K 113 -0.40 12.06 22.48
N ASN K 114 0.31 10.94 22.30
CA ASN K 114 -0.14 9.88 21.37
C ASN K 114 -0.65 8.60 22.02
N VAL K 115 -1.28 8.74 23.18
CA VAL K 115 -1.96 7.66 23.92
C VAL K 115 -1.18 6.40 24.36
N CYS K 116 -0.35 5.83 23.48
CA CYS K 116 0.37 4.58 23.82
C CYS K 116 1.73 4.40 23.15
N HIS K 117 2.48 3.43 23.67
CA HIS K 117 3.83 3.15 23.26
C HIS K 117 4.04 1.66 23.17
N GLY K 118 4.60 1.23 22.05
CA GLY K 118 5.00 -0.17 21.89
C GLY K 118 6.49 -0.28 21.60
N SER K 119 7.10 -1.36 22.10
CA SER K 119 8.49 -1.66 21.76
C SER K 119 8.67 -1.80 20.25
N ASP K 120 9.81 -1.32 19.76
CA ASP K 120 10.06 -1.16 18.32
C ASP K 120 10.82 -2.34 17.68
N SER K 121 11.24 -3.29 18.52
CA SER K 121 11.97 -4.48 18.10
C SER K 121 11.89 -5.49 19.23
N VAL K 122 12.44 -6.69 19.01
CA VAL K 122 12.45 -7.76 20.04
C VAL K 122 13.42 -7.45 21.18
N ASP K 123 14.69 -7.30 20.81
CA ASP K 123 15.76 -6.89 21.71
C ASP K 123 15.36 -5.75 22.68
N SER K 124 14.61 -4.76 22.16
CA SER K 124 14.12 -3.63 22.96
C SER K 124 13.18 -4.04 24.09
N ALA K 125 12.32 -5.02 23.83
CA ALA K 125 11.30 -5.45 24.79
C ALA K 125 11.91 -5.91 26.10
N LYS K 126 12.81 -6.88 26.01
CA LYS K 126 13.44 -7.51 27.19
C LYS K 126 14.16 -6.49 28.08
N ARG K 127 14.70 -5.44 27.46
CA ARG K 127 15.36 -4.32 28.16
C ARG K 127 14.31 -3.51 28.89
N GLU K 128 13.23 -3.22 28.17
CA GLU K 128 12.09 -2.44 28.69
C GLU K 128 11.25 -3.23 29.68
N ILE K 129 11.25 -4.56 29.51
CA ILE K 129 10.71 -5.49 30.52
C ILE K 129 11.57 -5.47 31.80
N ALA K 130 12.89 -5.50 31.62
CA ALA K 130 13.83 -5.64 32.71
C ALA K 130 13.84 -4.41 33.57
N PHE K 131 13.58 -3.26 32.97
CA PHE K 131 13.69 -2.00 33.66
C PHE K 131 12.42 -1.73 34.45
N TRP K 132 11.30 -2.05 33.83
CA TRP K 132 9.99 -1.64 34.36
C TRP K 132 9.37 -2.58 35.33
N PHE K 133 9.73 -3.85 35.24
CA PHE K 133 9.18 -4.88 36.10
C PHE K 133 10.32 -5.74 36.64
N LYS K 134 10.14 -6.32 37.82
CA LYS K 134 11.08 -7.35 38.26
C LYS K 134 10.77 -8.66 37.50
N PRO K 135 11.79 -9.54 37.29
CA PRO K 135 11.52 -10.90 36.79
C PRO K 135 10.37 -11.64 37.49
N GLU K 136 10.21 -11.44 38.80
CA GLU K 136 9.17 -12.16 39.54
C GLU K 136 7.74 -11.65 39.37
N GLU K 137 7.56 -10.52 38.68
CA GLU K 137 6.24 -9.88 38.48
C GLU K 137 5.45 -10.40 37.27
N LEU K 138 6.14 -10.69 36.18
CA LEU K 138 5.55 -11.27 34.99
C LEU K 138 5.18 -12.70 35.37
N VAL K 139 3.89 -13.02 35.40
CA VAL K 139 3.41 -14.26 36.06
C VAL K 139 2.92 -15.36 35.12
N ASN K 140 3.59 -16.52 35.20
CA ASN K 140 3.33 -17.68 34.35
C ASN K 140 2.03 -18.41 34.65
N TRP K 141 1.11 -18.36 33.68
CA TRP K 141 -0.07 -19.21 33.61
C TRP K 141 -0.52 -19.44 32.19
N THR K 142 -1.20 -20.57 31.96
CA THR K 142 -1.73 -20.93 30.64
C THR K 142 -3.24 -20.63 30.51
N SER K 143 -3.64 -20.02 29.39
CA SER K 143 -5.05 -19.71 29.18
C SER K 143 -5.87 -20.88 28.64
N HIS K 144 -7.19 -20.77 28.80
CA HIS K 144 -8.13 -21.74 28.21
C HIS K 144 -8.15 -21.67 26.71
N SER K 145 -7.72 -20.55 26.15
CA SER K 145 -7.88 -20.25 24.73
C SER K 145 -6.66 -20.53 23.85
N VAL K 146 -5.62 -21.16 24.41
CA VAL K 146 -4.35 -21.39 23.69
C VAL K 146 -4.50 -22.25 22.42
N LYS K 147 -5.13 -23.40 22.57
CA LYS K 147 -5.23 -24.42 21.52
C LYS K 147 -5.91 -23.93 20.23
N GLN K 148 -6.59 -22.80 20.31
CA GLN K 148 -7.45 -22.31 19.21
C GLN K 148 -6.84 -21.15 18.44
N VAL K 149 -6.19 -20.26 19.19
CA VAL K 149 -5.51 -19.08 18.66
C VAL K 149 -4.18 -19.49 18.01
N TYR K 150 -3.65 -20.64 18.44
CA TYR K 150 -2.39 -21.21 17.96
C TYR K 150 -2.56 -22.68 17.52
N GLU K 151 -1.63 -23.12 16.67
CA GLU K 151 -1.71 -24.40 15.97
C GLU K 151 -1.13 -25.60 16.72
N MET L 1 -26.37 -5.83 -10.77
CA MET L 1 -27.74 -6.20 -10.29
C MET L 1 -27.73 -6.95 -8.95
N THR L 2 -26.58 -6.95 -8.28
CA THR L 2 -26.41 -7.44 -6.89
C THR L 2 -26.69 -8.95 -6.69
N SER L 3 -26.42 -9.76 -7.72
CA SER L 3 -26.88 -11.17 -7.72
C SER L 3 -25.83 -12.27 -7.48
N GLU L 4 -24.55 -11.91 -7.42
CA GLU L 4 -23.56 -12.96 -7.16
C GLU L 4 -23.65 -13.47 -5.71
N ARG L 5 -23.22 -14.72 -5.51
CA ARG L 5 -23.14 -15.31 -4.16
C ARG L 5 -21.73 -15.79 -3.81
N THR L 6 -21.54 -16.09 -2.53
CA THR L 6 -20.28 -16.54 -1.97
C THR L 6 -20.59 -17.39 -0.75
N PHE L 7 -19.76 -18.40 -0.51
CA PHE L 7 -19.88 -19.26 0.67
C PHE L 7 -18.90 -18.76 1.74
N ILE L 8 -19.41 -18.64 2.96
CA ILE L 8 -18.66 -18.07 4.09
C ILE L 8 -18.73 -19.00 5.31
N ALA L 9 -17.72 -18.95 6.18
CA ALA L 9 -17.74 -19.76 7.40
C ALA L 9 -16.71 -19.36 8.43
N VAL L 10 -17.14 -19.23 9.68
CA VAL L 10 -16.19 -19.04 10.78
C VAL L 10 -15.51 -20.38 11.14
N LYS L 11 -14.20 -20.43 10.97
CA LYS L 11 -13.43 -21.66 11.17
C LYS L 11 -13.35 -22.10 12.67
N PRO L 12 -12.89 -23.35 12.96
CA PRO L 12 -13.07 -23.85 14.33
C PRO L 12 -12.51 -22.94 15.42
N ASP L 13 -11.43 -22.23 15.14
CA ASP L 13 -10.95 -21.25 16.09
C ASP L 13 -11.87 -20.04 16.13
N GLY L 14 -12.51 -19.73 15.00
CA GLY L 14 -13.53 -18.69 14.95
C GLY L 14 -14.71 -18.97 15.87
N VAL L 15 -15.13 -20.23 15.88
CA VAL L 15 -16.15 -20.67 16.82
C VAL L 15 -15.62 -20.70 18.25
N GLN L 16 -14.46 -21.31 18.47
CA GLN L 16 -13.82 -21.40 19.80
C GLN L 16 -13.35 -20.09 20.43
N ARG L 17 -13.03 -19.11 19.58
CA ARG L 17 -12.70 -17.77 20.04
C ARG L 17 -13.97 -16.93 20.14
N CYS L 18 -15.11 -17.61 20.20
CA CYS L 18 -16.43 -17.00 20.34
C CYS L 18 -16.63 -15.78 19.43
N LEU L 19 -15.96 -15.79 18.28
CA LEU L 19 -15.99 -14.68 17.33
C LEU L 19 -17.12 -14.76 16.29
N VAL L 20 -18.11 -15.61 16.51
CA VAL L 20 -19.25 -15.69 15.60
C VAL L 20 -20.08 -14.40 15.61
N GLY L 21 -20.38 -13.87 16.79
CA GLY L 21 -21.22 -12.68 16.94
C GLY L 21 -20.67 -11.42 16.29
N GLU L 22 -19.39 -11.16 16.48
CA GLU L 22 -18.70 -10.03 15.84
C GLU L 22 -18.66 -10.22 14.33
N ILE L 23 -18.30 -11.41 13.86
CA ILE L 23 -18.05 -11.69 12.45
C ILE L 23 -19.28 -11.51 11.55
N ILE L 24 -20.43 -12.05 11.96
CA ILE L 24 -21.65 -11.87 11.19
C ILE L 24 -21.97 -10.38 11.21
N GLN L 25 -21.62 -9.73 12.32
CA GLN L 25 -21.85 -8.29 12.49
C GLN L 25 -21.21 -7.48 11.37
N ARG L 26 -20.06 -7.97 10.90
CA ARG L 26 -19.27 -7.32 9.84
C ARG L 26 -19.96 -7.31 8.48
N PHE L 27 -20.49 -8.46 8.09
CA PHE L 27 -21.19 -8.57 6.81
C PHE L 27 -22.56 -7.91 6.89
N GLU L 28 -23.17 -7.97 8.08
CA GLU L 28 -24.49 -7.37 8.39
C GLU L 28 -24.59 -5.86 8.17
N LYS L 29 -23.74 -5.13 8.91
CA LYS L 29 -23.73 -3.66 8.95
C LYS L 29 -23.31 -3.07 7.61
N LYS L 30 -22.51 -3.83 6.87
CA LYS L 30 -22.03 -3.49 5.56
C LYS L 30 -23.24 -3.47 4.64
N GLY L 31 -24.17 -4.38 4.89
CA GLY L 31 -25.43 -4.42 4.16
C GLY L 31 -25.53 -5.61 3.25
N TYR L 32 -24.94 -6.73 3.67
CA TYR L 32 -24.99 -7.99 2.92
C TYR L 32 -26.18 -8.80 3.41
N LYS L 33 -26.93 -9.40 2.49
CA LYS L 33 -28.09 -10.21 2.86
C LYS L 33 -27.77 -11.69 3.08
N LEU L 34 -27.81 -12.07 4.36
CA LEU L 34 -27.68 -13.45 4.82
C LEU L 34 -28.71 -14.36 4.15
N VAL L 35 -28.22 -15.23 3.27
CA VAL L 35 -29.08 -16.16 2.54
C VAL L 35 -29.12 -17.53 3.21
N ALA L 36 -28.01 -17.96 3.80
CA ALA L 36 -27.93 -19.31 4.38
C ALA L 36 -26.99 -19.40 5.59
N LEU L 37 -27.26 -20.36 6.48
CA LEU L 37 -26.55 -20.52 7.75
C LEU L 37 -26.81 -21.91 8.37
N LYS L 38 -25.74 -22.59 8.79
CA LYS L 38 -25.78 -23.88 9.54
C LYS L 38 -24.58 -24.00 10.50
N MET L 39 -24.57 -25.01 11.36
CA MET L 39 -23.54 -25.14 12.41
C MET L 39 -23.02 -26.60 12.60
N LEU L 40 -21.99 -26.96 11.83
CA LEU L 40 -21.51 -28.35 11.82
C LEU L 40 -20.09 -28.57 12.32
N GLN L 41 -19.82 -29.80 12.74
CA GLN L 41 -18.48 -30.28 13.05
C GLN L 41 -18.09 -31.22 11.90
N PRO L 42 -17.39 -30.68 10.88
CA PRO L 42 -17.31 -31.29 9.55
C PRO L 42 -16.36 -32.48 9.42
N SER L 43 -16.77 -33.45 8.60
CA SER L 43 -15.99 -34.65 8.33
C SER L 43 -14.75 -34.31 7.49
N ALA L 44 -13.75 -35.20 7.55
CA ALA L 44 -12.58 -35.07 6.68
C ALA L 44 -12.98 -35.16 5.20
N GLU L 45 -13.88 -36.09 4.87
CA GLU L 45 -14.27 -36.35 3.46
C GLU L 45 -14.90 -35.14 2.80
N GLN L 46 -15.64 -34.38 3.60
CA GLN L 46 -16.19 -33.14 3.14
C GLN L 46 -15.04 -32.15 2.98
N ALA L 47 -14.13 -32.16 3.94
CA ALA L 47 -13.04 -31.18 3.98
C ALA L 47 -12.08 -31.43 2.83
N GLN L 48 -11.87 -32.70 2.52
CA GLN L 48 -11.03 -33.12 1.39
C GLN L 48 -11.52 -32.55 0.05
N GLN L 49 -12.84 -32.56 -0.15
CA GLN L 49 -13.43 -31.94 -1.33
C GLN L 49 -13.29 -30.43 -1.23
N HIS L 50 -13.23 -29.88 -0.02
CA HIS L 50 -13.26 -28.42 0.14
C HIS L 50 -11.97 -27.73 -0.20
N TYR L 51 -10.86 -28.30 0.24
CA TYR L 51 -9.58 -27.86 -0.24
C TYR L 51 -9.07 -28.94 -1.18
N ILE L 52 -9.88 -29.28 -2.17
CA ILE L 52 -9.48 -30.25 -3.19
C ILE L 52 -8.31 -29.71 -4.00
N ASP L 53 -8.18 -28.38 -4.05
CA ASP L 53 -7.08 -27.72 -4.75
C ASP L 53 -5.78 -27.65 -3.95
N LEU L 54 -5.89 -27.53 -2.63
CA LEU L 54 -4.73 -27.62 -1.75
C LEU L 54 -4.41 -29.07 -1.39
N ALA L 55 -5.02 -30.00 -2.12
CA ALA L 55 -4.96 -31.41 -1.79
C ALA L 55 -3.55 -31.99 -1.92
N SER L 56 -2.66 -31.25 -2.58
CA SER L 56 -1.30 -31.72 -2.86
C SER L 56 -0.19 -31.07 -2.02
N LYS L 57 -0.49 -29.96 -1.36
CA LYS L 57 0.49 -29.19 -0.57
C LYS L 57 0.69 -29.79 0.83
N PRO L 58 1.85 -29.50 1.49
CA PRO L 58 2.28 -30.21 2.72
C PRO L 58 1.41 -29.97 3.95
N PHE L 59 0.82 -28.78 4.03
CA PHE L 59 0.08 -28.36 5.20
C PHE L 59 -1.35 -28.93 5.22
N TYR L 60 -1.72 -29.56 4.11
CA TYR L 60 -3.09 -29.99 3.79
C TYR L 60 -3.73 -30.90 4.83
N LYS L 61 -3.04 -31.95 5.24
CA LYS L 61 -3.65 -32.89 6.16
C LYS L 61 -3.87 -32.25 7.53
N ASP L 62 -2.95 -31.37 7.90
CA ASP L 62 -2.98 -30.61 9.17
C ASP L 62 -4.12 -29.57 9.22
N LEU L 63 -4.27 -28.79 8.15
CA LEU L 63 -5.35 -27.80 8.02
C LEU L 63 -6.70 -28.48 8.05
N VAL L 64 -6.88 -29.51 7.23
CA VAL L 64 -8.12 -30.29 7.19
C VAL L 64 -8.44 -30.90 8.57
N ALA L 65 -7.41 -31.44 9.24
CA ALA L 65 -7.56 -31.99 10.58
C ALA L 65 -8.00 -30.94 11.59
N TYR L 66 -7.43 -29.74 11.46
CA TYR L 66 -7.81 -28.61 12.31
C TYR L 66 -9.24 -28.17 12.06
N PHE L 67 -9.57 -28.04 10.77
CA PHE L 67 -10.92 -27.71 10.27
C PHE L 67 -12.00 -28.59 10.92
N SER L 68 -11.55 -29.63 11.63
CA SER L 68 -12.42 -30.66 12.19
C SER L 68 -12.45 -30.62 13.71
N SER L 69 -11.51 -29.90 14.32
CA SER L 69 -11.34 -29.89 15.78
C SER L 69 -12.22 -28.87 16.53
N GLY L 70 -13.21 -28.33 15.83
CA GLY L 70 -14.16 -27.37 16.40
C GLY L 70 -15.31 -27.25 15.40
N PRO L 71 -16.51 -26.85 15.87
CA PRO L 71 -17.66 -26.82 14.97
C PRO L 71 -17.61 -25.58 14.08
N ILE L 72 -18.20 -25.65 12.89
CA ILE L 72 -18.13 -24.53 11.93
C ILE L 72 -19.49 -23.85 11.83
N VAL L 73 -19.50 -22.56 11.53
CA VAL L 73 -20.72 -21.87 11.11
C VAL L 73 -20.58 -21.49 9.62
N GLY L 74 -21.27 -22.24 8.76
CA GLY L 74 -21.34 -21.94 7.34
C GLY L 74 -22.37 -20.88 7.05
N MET L 75 -22.11 -20.07 6.01
CA MET L 75 -23.02 -19.02 5.52
C MET L 75 -23.01 -18.83 4.00
N VAL L 76 -24.09 -18.26 3.48
CA VAL L 76 -24.16 -17.75 2.11
C VAL L 76 -24.51 -16.27 2.18
N TRP L 77 -23.88 -15.47 1.33
CA TRP L 77 -24.12 -14.02 1.30
C TRP L 77 -24.25 -13.54 -0.11
N GLU L 78 -25.33 -12.80 -0.37
CA GLU L 78 -25.64 -12.30 -1.72
C GLU L 78 -25.57 -10.77 -1.76
N GLY L 79 -25.02 -10.26 -2.85
CA GLY L 79 -24.77 -8.84 -3.04
C GLY L 79 -23.84 -8.60 -4.21
N LYS L 80 -23.68 -7.33 -4.60
CA LYS L 80 -22.79 -6.90 -5.69
C LYS L 80 -21.36 -7.32 -5.42
N GLY L 81 -20.91 -8.32 -6.18
CA GLY L 81 -19.55 -8.86 -6.07
C GLY L 81 -19.18 -9.38 -4.69
N VAL L 82 -20.13 -10.01 -4.03
CA VAL L 82 -19.93 -10.51 -2.66
C VAL L 82 -18.65 -11.34 -2.55
N VAL L 83 -18.09 -11.75 -3.69
CA VAL L 83 -16.82 -12.48 -3.72
C VAL L 83 -15.66 -11.59 -3.33
N LYS L 84 -15.49 -10.50 -4.06
CA LYS L 84 -14.37 -9.59 -3.83
C LYS L 84 -14.52 -8.78 -2.54
N GLY L 85 -15.70 -8.20 -2.33
CA GLY L 85 -15.96 -7.33 -1.18
C GLY L 85 -15.84 -8.03 0.15
N GLY L 86 -16.20 -9.31 0.18
CA GLY L 86 -16.11 -10.15 1.38
C GLY L 86 -14.68 -10.58 1.73
N ARG L 87 -14.02 -11.19 0.75
CA ARG L 87 -12.59 -11.54 0.82
C ARG L 87 -11.71 -10.34 1.22
N VAL L 88 -12.04 -9.17 0.69
CA VAL L 88 -11.41 -7.89 1.09
C VAL L 88 -11.74 -7.58 2.56
N LEU L 89 -13.00 -7.83 2.96
CA LEU L 89 -13.43 -7.55 4.32
C LEU L 89 -12.71 -8.44 5.32
N LEU L 90 -12.41 -9.67 4.88
CA LEU L 90 -11.70 -10.65 5.72
C LEU L 90 -10.24 -10.25 6.04
N GLY L 91 -9.57 -9.67 5.04
CA GLY L 91 -8.13 -9.48 5.10
C GLY L 91 -7.48 -10.56 4.26
N ALA L 92 -6.15 -10.52 4.14
CA ALA L 92 -5.42 -11.51 3.37
C ALA L 92 -5.33 -12.88 4.09
N THR L 93 -5.30 -13.96 3.31
CA THR L 93 -5.31 -15.32 3.86
C THR L 93 -4.28 -15.55 4.97
N ASN L 94 -3.08 -15.00 4.81
CA ASN L 94 -2.10 -14.95 5.88
C ASN L 94 -2.32 -13.68 6.71
N PRO L 95 -2.80 -13.82 7.98
CA PRO L 95 -3.12 -12.66 8.81
C PRO L 95 -1.91 -11.76 9.04
N ALA L 96 -0.79 -12.13 8.40
CA ALA L 96 0.44 -11.34 8.38
C ALA L 96 0.39 -10.16 7.39
N ASP L 97 -0.15 -10.43 6.20
CA ASP L 97 -0.33 -9.39 5.17
C ASP L 97 -1.54 -8.47 5.45
N SER L 98 -2.48 -8.97 6.26
CA SER L 98 -3.74 -8.29 6.50
C SER L 98 -3.60 -7.15 7.50
N LEU L 99 -4.24 -6.04 7.16
CA LEU L 99 -4.21 -4.77 7.89
C LEU L 99 -5.22 -4.73 9.06
N PRO L 100 -4.99 -3.83 10.05
CA PRO L 100 -5.97 -3.54 11.12
C PRO L 100 -7.37 -3.20 10.61
N GLY L 101 -8.39 -3.61 11.34
CA GLY L 101 -9.78 -3.31 10.98
C GLY L 101 -10.42 -4.34 10.10
N THR L 102 -9.62 -5.30 9.60
CA THR L 102 -10.13 -6.47 8.89
C THR L 102 -10.32 -7.59 9.90
N ILE L 103 -10.89 -8.72 9.48
CA ILE L 103 -11.19 -9.83 10.42
C ILE L 103 -9.95 -10.54 11.00
N ARG L 104 -9.05 -11.01 10.12
CA ARG L 104 -7.79 -11.66 10.52
C ARG L 104 -6.77 -10.68 11.09
N GLY L 105 -6.69 -9.49 10.49
CA GLY L 105 -5.93 -8.37 11.06
C GLY L 105 -6.41 -7.91 12.43
N ASP L 106 -7.67 -8.23 12.76
CA ASP L 106 -8.28 -7.85 14.05
C ASP L 106 -8.19 -8.87 15.18
N PHE L 107 -8.30 -10.16 14.86
CA PHE L 107 -8.33 -11.16 15.93
C PHE L 107 -7.35 -12.33 15.75
N ALA L 108 -6.82 -12.49 14.54
CA ALA L 108 -5.93 -13.62 14.24
C ALA L 108 -4.48 -13.25 14.47
N VAL L 109 -3.62 -14.28 14.52
CA VAL L 109 -2.18 -14.11 14.71
C VAL L 109 -1.31 -15.01 13.81
N ASP L 110 -1.95 -15.86 13.01
CA ASP L 110 -1.22 -16.80 12.13
C ASP L 110 -2.13 -17.50 11.11
N VAL L 111 -1.53 -18.01 10.04
CA VAL L 111 -2.24 -18.55 8.88
C VAL L 111 -3.01 -19.84 9.14
N GLY L 112 -2.48 -20.69 10.02
CA GLY L 112 -3.07 -22.01 10.28
C GLY L 112 -4.33 -21.95 11.13
N ARG L 113 -4.42 -20.89 11.92
CA ARG L 113 -5.66 -20.55 12.61
C ARG L 113 -6.09 -19.13 12.15
N ASN L 114 -6.69 -19.10 10.97
CA ASN L 114 -7.03 -17.83 10.31
C ASN L 114 -8.51 -17.54 10.37
N VAL L 115 -9.15 -18.11 11.39
CA VAL L 115 -10.53 -17.79 11.85
C VAL L 115 -11.69 -17.80 10.82
N CYS L 116 -11.43 -17.53 9.55
CA CYS L 116 -12.51 -17.44 8.55
C CYS L 116 -12.18 -18.00 7.17
N HIS L 117 -13.20 -18.55 6.50
CA HIS L 117 -13.12 -18.97 5.09
C HIS L 117 -14.14 -18.28 4.25
N GLY L 118 -13.68 -17.67 3.18
CA GLY L 118 -14.57 -17.09 2.21
C GLY L 118 -14.10 -17.42 0.82
N SER L 119 -15.06 -17.61 -0.09
CA SER L 119 -14.80 -17.98 -1.47
C SER L 119 -13.89 -17.01 -2.23
N ASP L 120 -13.01 -17.54 -3.09
CA ASP L 120 -11.98 -16.72 -3.73
C ASP L 120 -12.38 -16.16 -5.09
N SER L 121 -13.43 -16.74 -5.70
CA SER L 121 -13.95 -16.34 -7.02
C SER L 121 -15.35 -16.92 -7.22
N VAL L 122 -15.99 -16.58 -8.35
CA VAL L 122 -17.34 -17.04 -8.71
C VAL L 122 -17.52 -18.56 -8.72
N ASP L 123 -16.65 -19.23 -9.48
CA ASP L 123 -16.58 -20.70 -9.62
C ASP L 123 -16.40 -21.45 -8.29
N SER L 124 -15.32 -21.13 -7.57
CA SER L 124 -15.01 -21.78 -6.30
C SER L 124 -16.13 -21.59 -5.30
N ALA L 125 -16.84 -20.48 -5.44
CA ALA L 125 -17.98 -20.17 -4.59
C ALA L 125 -19.08 -21.16 -4.87
N LYS L 126 -19.56 -21.17 -6.11
CA LYS L 126 -20.72 -21.97 -6.52
C LYS L 126 -20.50 -23.46 -6.36
N ARG L 127 -19.26 -23.91 -6.55
CA ARG L 127 -18.87 -25.28 -6.23
C ARG L 127 -19.05 -25.59 -4.73
N GLU L 128 -18.74 -24.61 -3.88
CA GLU L 128 -18.87 -24.72 -2.41
C GLU L 128 -20.30 -24.62 -1.88
N ILE L 129 -21.10 -23.71 -2.45
CA ILE L 129 -22.50 -23.50 -2.04
C ILE L 129 -23.37 -24.73 -2.33
N ALA L 130 -23.15 -25.35 -3.49
CA ALA L 130 -23.72 -26.64 -3.78
C ALA L 130 -23.12 -27.69 -2.85
N PHE L 131 -21.85 -27.48 -2.49
CA PHE L 131 -21.13 -28.42 -1.65
C PHE L 131 -21.51 -28.33 -0.18
N TRP L 132 -21.67 -27.12 0.36
CA TRP L 132 -21.94 -26.99 1.78
C TRP L 132 -23.38 -26.94 2.18
N PHE L 133 -24.25 -26.49 1.29
CA PHE L 133 -25.66 -26.36 1.62
C PHE L 133 -26.50 -27.22 0.70
N LYS L 134 -27.61 -27.73 1.24
CA LYS L 134 -28.71 -28.27 0.44
C LYS L 134 -29.35 -27.10 -0.30
N PRO L 135 -29.85 -27.33 -1.54
CA PRO L 135 -30.56 -26.30 -2.30
C PRO L 135 -31.65 -25.56 -1.53
N GLU L 136 -32.36 -26.28 -0.66
CA GLU L 136 -33.41 -25.68 0.17
C GLU L 136 -32.87 -24.89 1.37
N GLU L 137 -31.58 -25.04 1.67
CA GLU L 137 -30.94 -24.23 2.70
C GLU L 137 -30.72 -22.76 2.29
N LEU L 138 -30.83 -22.47 1.00
CA LEU L 138 -30.78 -21.10 0.49
C LEU L 138 -32.18 -20.51 0.50
N VAL L 139 -32.38 -19.52 1.38
CA VAL L 139 -33.69 -18.89 1.56
C VAL L 139 -33.77 -17.57 0.77
N ASN L 140 -34.74 -17.50 -0.14
CA ASN L 140 -34.97 -16.26 -0.85
C ASN L 140 -35.88 -15.35 -0.06
N TRP L 141 -35.43 -14.12 0.13
CA TRP L 141 -36.17 -13.05 0.78
C TRP L 141 -35.41 -11.78 0.61
N THR L 142 -36.12 -10.66 0.51
CA THR L 142 -35.52 -9.37 0.10
C THR L 142 -35.27 -8.40 1.26
N SER L 143 -34.09 -7.78 1.25
CA SER L 143 -33.71 -6.78 2.25
C SER L 143 -34.56 -5.53 2.12
N HIS L 144 -35.02 -5.05 3.27
CA HIS L 144 -35.83 -3.83 3.33
C HIS L 144 -34.93 -2.65 3.18
N SER L 145 -33.65 -2.84 3.49
CA SER L 145 -32.65 -1.82 3.29
C SER L 145 -32.25 -1.69 1.83
N VAL L 146 -32.70 -2.62 0.98
CA VAL L 146 -32.21 -2.77 -0.42
C VAL L 146 -32.21 -1.48 -1.25
N LYS L 147 -33.33 -0.76 -1.25
CA LYS L 147 -33.49 0.45 -2.07
C LYS L 147 -32.57 1.57 -1.60
N GLN L 148 -32.08 1.42 -0.38
CA GLN L 148 -31.11 2.36 0.19
C GLN L 148 -29.67 1.88 0.00
N VAL L 149 -29.49 0.56 0.06
CA VAL L 149 -28.17 -0.07 -0.12
C VAL L 149 -27.79 -0.05 -1.60
N TYR L 150 -28.77 0.20 -2.47
CA TYR L 150 -28.52 0.17 -3.93
C TYR L 150 -29.33 1.23 -4.70
N GLU L 151 -28.75 1.74 -5.79
CA GLU L 151 -29.50 2.69 -6.63
C GLU L 151 -30.35 2.04 -7.72
N MET M 1 24.18 26.76 -38.94
CA MET M 1 23.09 26.13 -39.76
C MET M 1 22.10 25.34 -38.88
N THR M 2 21.24 26.06 -38.18
CA THR M 2 20.36 25.45 -37.16
C THR M 2 19.07 24.80 -37.72
N SER M 3 18.47 25.45 -38.72
CA SER M 3 17.14 25.07 -39.22
C SER M 3 17.10 23.80 -40.07
N GLU M 4 18.27 23.37 -40.56
CA GLU M 4 18.45 22.23 -41.47
C GLU M 4 17.78 20.96 -40.94
N ARG M 5 17.07 20.26 -41.83
CA ARG M 5 16.24 19.11 -41.44
C ARG M 5 16.75 17.76 -41.95
N THR M 6 16.02 16.70 -41.64
CA THR M 6 16.29 15.34 -42.14
C THR M 6 14.99 14.51 -42.14
N PHE M 7 14.98 13.43 -42.94
CA PHE M 7 13.86 12.51 -42.95
C PHE M 7 14.28 11.15 -42.37
N ILE M 8 13.67 10.81 -41.24
CA ILE M 8 14.04 9.59 -40.55
C ILE M 8 12.73 8.84 -40.34
N ALA M 9 12.75 7.56 -40.68
CA ALA M 9 11.60 6.73 -40.51
C ALA M 9 12.07 5.36 -40.06
N VAL M 10 11.53 4.90 -38.93
CA VAL M 10 11.75 3.54 -38.47
C VAL M 10 10.84 2.57 -39.26
N LYS M 11 11.45 1.56 -39.84
CA LYS M 11 10.75 0.69 -40.78
C LYS M 11 9.88 -0.41 -40.08
N PRO M 12 9.27 -1.34 -40.86
CA PRO M 12 8.38 -2.37 -40.34
C PRO M 12 9.00 -3.16 -39.19
N ASP M 13 10.24 -3.57 -39.40
CA ASP M 13 10.97 -4.39 -38.44
C ASP M 13 11.24 -3.64 -37.12
N GLY M 14 11.49 -2.34 -37.22
CA GLY M 14 11.68 -1.48 -36.06
C GLY M 14 10.43 -1.37 -35.24
N VAL M 15 9.31 -1.15 -35.92
CA VAL M 15 7.99 -1.06 -35.26
C VAL M 15 7.59 -2.43 -34.68
N GLN M 16 7.68 -3.47 -35.51
CA GLN M 16 7.31 -4.79 -35.07
C GLN M 16 8.31 -5.38 -34.06
N ARG M 17 9.48 -4.75 -33.88
CA ARG M 17 10.50 -5.26 -32.94
C ARG M 17 10.81 -4.41 -31.71
N CYS M 18 9.79 -3.71 -31.19
CA CYS M 18 9.90 -2.93 -29.93
C CYS M 18 10.88 -1.75 -30.01
N LEU M 19 10.84 -0.99 -31.11
CA LEU M 19 11.92 -0.01 -31.42
C LEU M 19 11.62 1.49 -31.69
N VAL M 20 10.35 1.89 -31.80
CA VAL M 20 10.00 3.31 -32.03
C VAL M 20 10.41 4.22 -30.85
N GLY M 21 10.02 3.84 -29.64
CA GLY M 21 10.38 4.61 -28.45
C GLY M 21 11.87 4.67 -28.27
N GLU M 22 12.56 3.60 -28.64
CA GLU M 22 14.02 3.51 -28.48
C GLU M 22 14.79 4.45 -29.42
N ILE M 23 14.49 4.38 -30.71
CA ILE M 23 15.08 5.25 -31.73
C ILE M 23 14.75 6.73 -31.49
N ILE M 24 13.47 7.00 -31.26
CA ILE M 24 12.98 8.34 -30.93
C ILE M 24 13.83 9.01 -29.86
N GLN M 25 14.30 8.22 -28.88
CA GLN M 25 15.11 8.71 -27.78
C GLN M 25 16.44 9.24 -28.27
N ARG M 26 17.04 8.53 -29.23
CA ARG M 26 18.40 8.85 -29.69
C ARG M 26 18.46 10.22 -30.33
N PHE M 27 17.37 10.60 -30.98
CA PHE M 27 17.22 11.92 -31.55
C PHE M 27 16.88 12.98 -30.51
N GLU M 28 15.92 12.66 -29.62
CA GLU M 28 15.43 13.60 -28.61
C GLU M 28 16.50 13.91 -27.56
N LYS M 29 17.11 12.86 -27.03
CA LYS M 29 18.12 12.96 -25.99
C LYS M 29 19.35 13.66 -26.55
N LYS M 30 19.41 13.68 -27.88
CA LYS M 30 20.50 14.29 -28.64
C LYS M 30 20.57 15.81 -28.46
N GLY M 31 19.41 16.47 -28.52
CA GLY M 31 19.36 17.91 -28.73
C GLY M 31 18.95 18.22 -30.16
N TYR M 32 18.24 17.29 -30.77
CA TYR M 32 17.57 17.51 -32.05
C TYR M 32 16.10 17.85 -31.77
N LYS M 33 15.45 18.55 -32.71
CA LYS M 33 14.04 18.92 -32.53
C LYS M 33 13.13 18.31 -33.59
N LEU M 34 11.97 17.83 -33.15
CA LEU M 34 10.99 17.27 -34.08
C LEU M 34 10.29 18.40 -34.81
N VAL M 35 10.16 18.21 -36.12
CA VAL M 35 9.35 19.11 -36.97
C VAL M 35 8.00 18.46 -37.33
N ALA M 36 8.01 17.20 -37.78
CA ALA M 36 6.79 16.48 -38.16
C ALA M 36 6.92 14.97 -38.02
N LEU M 37 5.81 14.29 -37.68
CA LEU M 37 5.80 12.82 -37.46
C LEU M 37 4.40 12.19 -37.58
N LYS M 38 4.36 10.91 -38.01
CA LYS M 38 3.12 10.11 -38.12
C LYS M 38 3.40 8.60 -38.03
N MET M 39 2.36 7.78 -38.19
CA MET M 39 2.51 6.34 -38.44
C MET M 39 1.56 5.88 -39.55
N LEU M 40 2.14 5.47 -40.68
CA LEU M 40 1.33 5.00 -41.81
C LEU M 40 1.79 3.61 -42.25
N GLN M 41 0.85 2.84 -42.81
CA GLN M 41 1.21 1.70 -43.64
C GLN M 41 1.31 2.28 -45.06
N PRO M 42 2.55 2.64 -45.46
CA PRO M 42 2.83 3.36 -46.70
C PRO M 42 2.52 2.54 -47.94
N SER M 43 1.76 3.15 -48.86
CA SER M 43 1.44 2.52 -50.13
C SER M 43 2.71 2.29 -50.95
N ALA M 44 2.69 1.21 -51.71
CA ALA M 44 3.78 0.88 -52.60
C ALA M 44 3.99 2.05 -53.55
N GLU M 45 2.89 2.69 -53.95
CA GLU M 45 2.87 3.87 -54.83
C GLU M 45 3.61 5.04 -54.17
N GLN M 46 3.35 5.21 -52.87
CA GLN M 46 4.12 6.14 -52.05
C GLN M 46 5.57 5.69 -52.00
N ALA M 47 5.77 4.37 -51.83
CA ALA M 47 7.10 3.74 -51.79
C ALA M 47 7.82 3.81 -53.15
N GLN M 48 7.11 3.43 -54.21
CA GLN M 48 7.59 3.45 -55.59
C GLN M 48 8.24 4.77 -55.99
N GLN M 49 7.64 5.88 -55.56
CA GLN M 49 8.23 7.20 -55.76
C GLN M 49 9.35 7.42 -54.75
N HIS M 50 9.14 6.94 -53.52
CA HIS M 50 10.11 7.10 -52.44
C HIS M 50 11.41 6.45 -52.83
N TYR M 51 11.31 5.41 -53.65
CA TYR M 51 12.49 4.70 -54.17
C TYR M 51 12.63 4.85 -55.69
N ILE M 52 12.38 6.05 -56.21
CA ILE M 52 12.41 6.25 -57.67
C ILE M 52 13.82 6.15 -58.27
N ASP M 53 14.83 6.52 -57.50
CA ASP M 53 16.21 6.38 -57.96
C ASP M 53 16.65 4.92 -57.92
N LEU M 54 15.87 4.09 -57.23
CA LEU M 54 16.05 2.64 -57.28
C LEU M 54 14.92 1.95 -58.07
N ALA M 55 14.02 2.75 -58.66
CA ALA M 55 12.88 2.22 -59.41
C ALA M 55 13.35 1.26 -60.48
N SER M 56 14.63 0.96 -60.42
CA SER M 56 15.34 0.33 -61.51
C SER M 56 16.15 -0.90 -61.11
N LYS M 57 16.59 -0.91 -59.85
CA LYS M 57 17.41 -1.97 -59.28
C LYS M 57 16.63 -3.29 -59.09
N PRO M 58 17.27 -4.46 -59.33
CA PRO M 58 16.56 -5.74 -59.34
C PRO M 58 15.96 -6.09 -57.97
N PHE M 59 16.46 -5.43 -56.93
CA PHE M 59 15.92 -5.54 -55.59
C PHE M 59 14.95 -4.40 -55.32
N TYR M 60 14.18 -4.05 -56.36
CA TYR M 60 13.10 -3.09 -56.24
C TYR M 60 11.86 -3.72 -55.57
N LYS M 61 11.35 -4.78 -56.19
CA LYS M 61 10.14 -5.45 -55.72
C LYS M 61 10.21 -5.95 -54.29
N ASP M 62 11.36 -6.49 -53.88
CA ASP M 62 11.56 -6.97 -52.51
C ASP M 62 11.60 -5.83 -51.49
N LEU M 63 12.20 -4.71 -51.92
CA LEU M 63 12.38 -3.50 -51.12
C LEU M 63 11.05 -2.82 -50.75
N VAL M 64 10.31 -2.41 -51.79
CA VAL M 64 8.93 -1.91 -51.68
C VAL M 64 8.03 -2.85 -50.84
N ALA M 65 8.07 -4.15 -51.14
CA ALA M 65 7.34 -5.19 -50.37
C ALA M 65 7.72 -5.26 -48.88
N TYR M 66 9.03 -5.31 -48.62
CA TYR M 66 9.53 -5.18 -47.27
C TYR M 66 8.99 -3.89 -46.65
N PHE M 67 8.86 -2.86 -47.49
CA PHE M 67 8.52 -1.52 -47.04
C PHE M 67 7.04 -1.41 -46.72
N SER M 68 6.23 -2.21 -47.40
CA SER M 68 4.80 -2.10 -47.24
C SER M 68 4.28 -3.09 -46.21
N SER M 69 5.15 -4.02 -45.80
CA SER M 69 4.76 -5.13 -44.92
C SER M 69 4.13 -4.71 -43.59
N GLY M 70 4.07 -3.41 -43.31
CA GLY M 70 3.58 -2.93 -42.03
C GLY M 70 3.86 -1.47 -41.74
N PRO M 71 3.46 -0.99 -40.55
CA PRO M 71 3.39 0.44 -40.30
C PRO M 71 4.75 1.06 -40.06
N ILE M 72 4.91 2.30 -40.56
CA ILE M 72 6.16 3.05 -40.45
C ILE M 72 5.94 4.41 -39.75
N VAL M 73 6.88 4.74 -38.87
CA VAL M 73 6.84 5.98 -38.13
C VAL M 73 7.68 7.01 -38.85
N GLY M 74 6.99 7.82 -39.67
CA GLY M 74 7.60 8.92 -40.43
C GLY M 74 7.98 10.09 -39.54
N MET M 75 9.21 10.57 -39.73
CA MET M 75 9.80 11.62 -38.90
C MET M 75 10.51 12.66 -39.74
N VAL M 76 10.62 13.85 -39.17
CA VAL M 76 11.52 14.89 -39.63
C VAL M 76 12.25 15.36 -38.37
N TRP M 77 13.56 15.56 -38.48
CA TRP M 77 14.37 16.13 -37.39
C TRP M 77 15.12 17.38 -37.82
N GLU M 78 15.33 18.31 -36.88
CA GLU M 78 15.98 19.63 -37.14
C GLU M 78 17.24 19.86 -36.29
N GLY M 79 18.25 20.53 -36.86
CA GLY M 79 19.49 20.83 -36.12
C GLY M 79 20.75 21.01 -36.95
N LYS M 80 21.78 21.57 -36.33
CA LYS M 80 23.08 21.76 -36.97
C LYS M 80 23.69 20.43 -37.44
N GLY M 81 23.60 20.19 -38.75
CA GLY M 81 24.17 18.98 -39.38
C GLY M 81 23.46 17.68 -39.03
N VAL M 82 22.14 17.70 -39.05
CA VAL M 82 21.33 16.59 -38.57
C VAL M 82 21.39 15.38 -39.52
N VAL M 83 21.47 15.63 -40.82
CA VAL M 83 21.46 14.54 -41.80
C VAL M 83 22.70 13.65 -41.70
N LYS M 84 23.89 14.26 -41.58
CA LYS M 84 25.17 13.54 -41.45
C LYS M 84 25.36 12.87 -40.08
N GLY M 85 25.34 13.65 -38.99
CA GLY M 85 25.41 13.14 -37.61
C GLY M 85 24.26 12.20 -37.22
N GLY M 86 23.05 12.55 -37.66
CA GLY M 86 21.92 11.62 -37.58
C GLY M 86 22.18 10.36 -38.40
N ARG M 87 22.86 10.52 -39.54
CA ARG M 87 23.21 9.40 -40.42
C ARG M 87 24.25 8.48 -39.79
N VAL M 88 25.30 9.05 -39.22
CA VAL M 88 26.23 8.26 -38.44
C VAL M 88 25.51 7.64 -37.23
N LEU M 89 24.44 8.30 -36.78
CA LEU M 89 23.67 7.89 -35.58
C LEU M 89 22.96 6.53 -35.68
N LEU M 90 22.24 6.32 -36.79
CA LEU M 90 21.56 5.04 -37.03
C LEU M 90 22.62 4.01 -37.37
N GLY M 91 23.65 4.47 -38.08
CA GLY M 91 24.84 3.67 -38.38
C GLY M 91 24.97 3.44 -39.86
N ALA M 92 25.79 2.46 -40.24
CA ALA M 92 25.95 2.11 -41.66
C ALA M 92 24.76 1.27 -42.12
N THR M 93 24.44 1.34 -43.42
CA THR M 93 23.32 0.62 -44.01
C THR M 93 23.31 -0.86 -43.66
N ASN M 94 24.47 -1.51 -43.75
CA ASN M 94 24.58 -2.91 -43.35
C ASN M 94 24.93 -2.98 -41.86
N PRO M 95 24.17 -3.75 -41.06
CA PRO M 95 24.30 -3.78 -39.59
C PRO M 95 25.55 -4.48 -39.04
N ALA M 96 26.10 -5.43 -39.77
CA ALA M 96 27.38 -6.02 -39.40
C ALA M 96 28.51 -5.01 -39.59
N ASP M 97 28.22 -3.95 -40.32
CA ASP M 97 29.18 -2.86 -40.56
C ASP M 97 29.10 -1.73 -39.53
N SER M 98 27.92 -1.57 -38.93
CA SER M 98 27.64 -0.48 -37.98
C SER M 98 28.27 -0.69 -36.60
N LEU M 99 28.85 0.37 -36.05
CA LEU M 99 29.55 0.28 -34.79
C LEU M 99 28.61 0.34 -33.57
N PRO M 100 28.98 -0.36 -32.47
CA PRO M 100 28.31 -0.28 -31.18
C PRO M 100 28.14 1.17 -30.70
N GLY M 101 27.00 1.47 -30.08
CA GLY M 101 26.61 2.84 -29.77
C GLY M 101 25.50 3.32 -30.71
N THR M 102 25.45 2.73 -31.91
CA THR M 102 24.47 3.09 -32.97
C THR M 102 23.17 2.30 -32.92
N ILE M 103 22.23 2.68 -33.77
CA ILE M 103 20.90 2.07 -33.76
C ILE M 103 20.88 0.70 -34.45
N ARG M 104 21.25 0.64 -35.72
CA ARG M 104 21.35 -0.65 -36.40
C ARG M 104 22.50 -1.48 -35.82
N GLY M 105 23.42 -0.81 -35.12
CA GLY M 105 24.57 -1.44 -34.47
C GLY M 105 24.30 -2.16 -33.16
N ASP M 106 23.47 -1.56 -32.31
CA ASP M 106 22.97 -2.22 -31.09
C ASP M 106 21.69 -3.03 -31.35
N PHE M 107 20.85 -2.57 -32.28
CA PHE M 107 19.51 -3.14 -32.47
C PHE M 107 19.38 -4.14 -33.60
N ALA M 108 19.99 -3.86 -34.76
CA ALA M 108 19.78 -4.67 -35.99
C ALA M 108 20.82 -5.77 -36.23
N VAL M 109 20.65 -6.54 -37.31
CA VAL M 109 21.59 -7.61 -37.69
C VAL M 109 21.92 -7.69 -39.21
N ASP M 110 20.90 -7.49 -40.04
CA ASP M 110 20.95 -7.72 -41.50
C ASP M 110 20.47 -6.48 -42.26
N VAL M 111 21.05 -6.24 -43.45
CA VAL M 111 20.74 -5.05 -44.28
C VAL M 111 19.29 -4.98 -44.79
N GLY M 112 18.74 -6.16 -45.14
CA GLY M 112 17.38 -6.31 -45.61
C GLY M 112 16.38 -6.06 -44.51
N ARG M 113 16.84 -6.18 -43.26
CA ARG M 113 16.09 -5.70 -42.09
C ARG M 113 16.94 -4.72 -41.25
N ASN M 114 17.29 -3.60 -41.88
CA ASN M 114 18.08 -2.54 -41.24
C ASN M 114 17.31 -1.48 -40.40
N VAL M 115 16.05 -1.77 -40.09
CA VAL M 115 15.26 -1.08 -39.03
C VAL M 115 14.84 0.36 -39.27
N CYS M 116 15.72 1.19 -39.81
CA CYS M 116 15.49 2.63 -39.83
C CYS M 116 16.12 3.23 -41.05
N HIS M 117 15.50 4.28 -41.58
CA HIS M 117 16.10 5.03 -42.66
C HIS M 117 16.42 6.42 -42.22
N GLY M 118 17.37 7.00 -42.95
CA GLY M 118 17.71 8.41 -42.87
C GLY M 118 18.19 8.96 -44.20
N SER M 119 17.68 10.15 -44.54
CA SER M 119 18.15 10.92 -45.70
C SER M 119 19.68 10.94 -45.83
N ASP M 120 20.19 10.54 -46.99
CA ASP M 120 21.64 10.49 -47.26
C ASP M 120 22.30 11.86 -47.44
N SER M 121 21.50 12.86 -47.82
CA SER M 121 21.96 14.26 -47.91
C SER M 121 20.79 15.23 -47.80
N VAL M 122 21.12 16.51 -47.68
CA VAL M 122 20.09 17.54 -47.43
C VAL M 122 19.09 17.58 -48.59
N ASP M 123 19.61 17.41 -49.81
CA ASP M 123 18.82 17.39 -51.03
C ASP M 123 17.80 16.25 -51.01
N SER M 124 18.27 15.05 -50.65
CA SER M 124 17.40 13.90 -50.53
C SER M 124 16.50 14.09 -49.33
N ALA M 125 17.03 14.79 -48.31
CA ALA M 125 16.27 15.12 -47.11
C ALA M 125 14.99 15.85 -47.47
N LYS M 126 15.12 16.94 -48.22
CA LYS M 126 13.99 17.78 -48.65
C LYS M 126 12.95 17.04 -49.48
N ARG M 127 13.43 16.17 -50.36
CA ARG M 127 12.60 15.35 -51.22
C ARG M 127 11.82 14.32 -50.39
N GLU M 128 12.52 13.73 -49.43
CA GLU M 128 11.93 12.76 -48.52
C GLU M 128 11.13 13.52 -47.48
N ILE M 129 11.53 14.78 -47.24
CA ILE M 129 10.76 15.66 -46.38
C ILE M 129 9.50 16.09 -47.13
N ALA M 130 9.60 16.30 -48.44
CA ALA M 130 8.48 16.76 -49.30
C ALA M 130 7.36 15.74 -49.61
N PHE M 131 7.75 14.59 -50.14
CA PHE M 131 6.81 13.53 -50.51
C PHE M 131 6.04 12.97 -49.30
N TRP M 132 6.68 12.98 -48.15
CA TRP M 132 6.14 12.34 -46.98
C TRP M 132 5.36 13.24 -46.06
N PHE M 133 5.78 14.50 -45.97
CA PHE M 133 5.13 15.46 -45.07
C PHE M 133 4.76 16.77 -45.73
N LYS M 134 3.54 17.21 -45.44
CA LYS M 134 3.08 18.51 -45.89
C LYS M 134 3.66 19.57 -44.93
N PRO M 135 3.90 20.79 -45.42
CA PRO M 135 4.42 21.75 -44.46
C PRO M 135 3.46 22.21 -43.38
N GLU M 136 2.16 22.32 -43.65
CA GLU M 136 1.22 22.54 -42.55
C GLU M 136 1.17 21.30 -41.64
N GLU M 137 2.10 20.38 -41.88
CA GLU M 137 2.35 19.29 -40.95
C GLU M 137 3.60 19.59 -40.15
N LEU M 138 4.41 20.54 -40.62
CA LEU M 138 5.74 20.84 -40.07
C LEU M 138 5.75 21.83 -38.88
N VAL M 139 5.49 21.32 -37.68
CA VAL M 139 5.24 22.17 -36.50
C VAL M 139 6.42 23.01 -35.95
N ASN M 140 6.39 24.31 -36.25
CA ASN M 140 7.44 25.25 -35.88
C ASN M 140 7.30 25.77 -34.43
N TRP M 141 8.22 25.37 -33.57
CA TRP M 141 8.37 25.91 -32.21
C TRP M 141 9.81 25.80 -31.81
N THR M 142 10.22 26.53 -30.78
CA THR M 142 11.61 26.50 -30.28
C THR M 142 11.74 25.80 -28.92
N SER M 143 12.85 25.09 -28.75
CA SER M 143 13.14 24.33 -27.51
C SER M 143 13.38 25.26 -26.32
N HIS M 144 12.79 24.92 -25.18
CA HIS M 144 13.03 25.63 -23.92
C HIS M 144 14.49 25.59 -23.49
N SER M 145 15.25 24.67 -24.07
CA SER M 145 16.69 24.58 -23.81
C SER M 145 17.58 24.91 -25.03
N VAL M 146 16.97 25.53 -26.06
CA VAL M 146 17.68 25.89 -27.29
C VAL M 146 18.96 26.63 -27.02
N LYS M 147 18.93 27.55 -26.05
CA LYS M 147 20.08 28.42 -25.76
C LYS M 147 21.27 27.67 -25.11
N GLN M 148 20.98 26.53 -24.50
CA GLN M 148 22.01 25.64 -23.91
C GLN M 148 22.42 24.56 -24.91
N VAL M 149 21.62 24.42 -25.96
CA VAL M 149 21.89 23.54 -27.09
C VAL M 149 22.68 24.35 -28.11
N TYR M 150 22.33 25.63 -28.26
CA TYR M 150 22.87 26.45 -29.34
C TYR M 150 23.56 27.73 -28.89
N GLU M 151 24.72 27.97 -29.51
CA GLU M 151 25.49 29.21 -29.36
C GLU M 151 24.92 30.30 -30.26
N MET N 1 22.72 -17.87 -43.32
CA MET N 1 23.78 -17.44 -42.35
C MET N 1 23.18 -17.01 -41.01
N THR N 2 21.87 -17.22 -40.86
CA THR N 2 21.13 -16.83 -39.66
C THR N 2 21.49 -17.70 -38.46
N SER N 3 21.94 -18.93 -38.72
CA SER N 3 22.24 -19.89 -37.66
C SER N 3 23.74 -20.13 -37.33
N GLU N 4 24.64 -19.30 -37.85
CA GLU N 4 26.04 -19.37 -37.39
C GLU N 4 26.08 -19.20 -35.86
N ARG N 5 26.89 -20.03 -35.21
CA ARG N 5 27.04 -19.94 -33.75
C ARG N 5 28.44 -19.46 -33.30
N THR N 6 28.50 -18.84 -32.12
CA THR N 6 29.73 -18.31 -31.55
C THR N 6 29.88 -18.72 -30.09
N PHE N 7 31.06 -18.53 -29.51
CA PHE N 7 31.27 -18.77 -28.07
C PHE N 7 31.72 -17.51 -27.33
N ILE N 8 30.97 -17.13 -26.28
CA ILE N 8 31.27 -15.95 -25.45
C ILE N 8 31.52 -16.35 -23.99
N ALA N 9 32.46 -15.69 -23.31
CA ALA N 9 32.69 -16.00 -21.89
C ALA N 9 33.21 -14.81 -21.08
N VAL N 10 32.44 -14.41 -20.05
CA VAL N 10 32.86 -13.33 -19.15
C VAL N 10 33.96 -13.81 -18.19
N LYS N 11 35.17 -13.27 -18.37
CA LYS N 11 36.36 -13.70 -17.62
C LYS N 11 36.25 -13.41 -16.13
N PRO N 12 37.09 -14.09 -15.31
CA PRO N 12 36.94 -14.09 -13.84
C PRO N 12 36.76 -12.72 -13.23
N ASP N 13 37.53 -11.73 -13.70
CA ASP N 13 37.34 -10.37 -13.23
C ASP N 13 35.98 -9.81 -13.65
N GLY N 14 35.41 -10.32 -14.73
CA GLY N 14 34.04 -9.95 -15.15
C GLY N 14 32.91 -10.22 -14.16
N VAL N 15 32.87 -11.45 -13.64
CA VAL N 15 31.89 -11.84 -12.61
C VAL N 15 32.11 -11.05 -11.30
N GLN N 16 33.36 -11.03 -10.84
CA GLN N 16 33.76 -10.27 -9.67
C GLN N 16 33.51 -8.78 -9.79
N ARG N 17 33.32 -8.31 -11.03
CA ARG N 17 33.09 -6.92 -11.28
C ARG N 17 31.61 -6.63 -11.43
N CYS N 18 30.83 -7.70 -11.54
CA CYS N 18 29.35 -7.61 -11.64
C CYS N 18 28.91 -7.01 -13.00
N LEU N 19 29.55 -7.50 -14.07
CA LEU N 19 29.13 -7.22 -15.45
C LEU N 19 28.21 -8.29 -16.01
N VAL N 20 27.71 -9.17 -15.14
CA VAL N 20 26.88 -10.31 -15.55
C VAL N 20 25.62 -9.79 -16.26
N GLY N 21 25.04 -8.73 -15.73
CA GLY N 21 23.83 -8.16 -16.32
C GLY N 21 24.11 -7.33 -17.57
N GLU N 22 25.01 -6.37 -17.46
CA GLU N 22 25.26 -5.43 -18.55
C GLU N 22 25.77 -6.10 -19.82
N ILE N 23 26.64 -7.09 -19.67
CA ILE N 23 27.18 -7.82 -20.83
C ILE N 23 26.11 -8.69 -21.52
N ILE N 24 25.35 -9.45 -20.72
CA ILE N 24 24.32 -10.37 -21.23
C ILE N 24 23.28 -9.61 -22.04
N GLN N 25 22.90 -8.45 -21.49
CA GLN N 25 21.92 -7.57 -22.08
C GLN N 25 22.41 -7.06 -23.44
N ARG N 26 23.72 -6.80 -23.55
CA ARG N 26 24.30 -6.18 -24.76
C ARG N 26 24.17 -7.00 -26.04
N PHE N 27 24.37 -8.31 -25.93
CA PHE N 27 24.11 -9.22 -27.05
C PHE N 27 22.60 -9.38 -27.25
N GLU N 28 21.86 -9.39 -26.13
CA GLU N 28 20.40 -9.52 -26.12
C GLU N 28 19.73 -8.33 -26.81
N LYS N 29 20.18 -7.12 -26.48
CA LYS N 29 19.61 -5.89 -27.05
C LYS N 29 19.95 -5.76 -28.54
N LYS N 30 21.05 -6.42 -28.93
CA LYS N 30 21.53 -6.42 -30.31
C LYS N 30 20.71 -7.31 -31.21
N GLY N 31 20.51 -8.57 -30.82
CA GLY N 31 19.70 -9.48 -31.60
C GLY N 31 20.23 -10.88 -31.74
N TYR N 32 21.07 -11.30 -30.81
CA TYR N 32 21.53 -12.68 -30.82
C TYR N 32 20.74 -13.48 -29.81
N LYS N 33 20.50 -14.76 -30.14
CA LYS N 33 19.66 -15.64 -29.34
C LYS N 33 20.50 -16.66 -28.57
N LEU N 34 20.26 -16.74 -27.25
CA LEU N 34 21.01 -17.63 -26.35
C LEU N 34 20.71 -19.08 -26.60
N VAL N 35 21.79 -19.84 -26.76
CA VAL N 35 21.71 -21.27 -27.03
C VAL N 35 22.20 -22.07 -25.80
N ALA N 36 23.43 -21.81 -25.35
CA ALA N 36 23.99 -22.50 -24.18
C ALA N 36 24.62 -21.49 -23.22
N LEU N 37 24.52 -21.76 -21.90
CA LEU N 37 24.89 -20.83 -20.81
C LEU N 37 24.93 -21.46 -19.40
N LYS N 38 26.04 -21.21 -18.70
CA LYS N 38 26.24 -21.62 -17.30
C LYS N 38 27.39 -20.89 -16.59
N MET N 39 27.41 -21.00 -15.27
CA MET N 39 28.59 -20.68 -14.50
C MET N 39 29.40 -21.97 -14.36
N LEU N 40 30.72 -21.82 -14.27
CA LEU N 40 31.62 -22.92 -14.01
C LEU N 40 32.99 -22.39 -13.59
N GLN N 41 33.64 -23.13 -12.71
CA GLN N 41 35.05 -22.93 -12.43
C GLN N 41 35.77 -23.96 -13.28
N PRO N 42 36.25 -23.54 -14.47
CA PRO N 42 36.81 -24.46 -15.45
C PRO N 42 38.21 -24.88 -15.05
N SER N 43 38.55 -26.14 -15.30
CA SER N 43 39.84 -26.68 -14.86
C SER N 43 41.00 -26.04 -15.60
N ALA N 44 42.14 -25.87 -14.91
CA ALA N 44 43.38 -25.41 -15.54
C ALA N 44 43.68 -26.29 -16.77
N GLU N 45 43.38 -27.59 -16.65
CA GLU N 45 43.42 -28.52 -17.77
C GLU N 45 42.43 -28.12 -18.86
N GLN N 46 41.25 -27.63 -18.47
CA GLN N 46 40.23 -27.16 -19.43
C GLN N 46 40.69 -25.94 -20.24
N ALA N 47 41.13 -24.91 -19.53
CA ALA N 47 41.63 -23.71 -20.20
C ALA N 47 42.87 -24.02 -21.02
N GLN N 48 43.66 -24.99 -20.56
CA GLN N 48 44.83 -25.48 -21.32
C GLN N 48 44.47 -26.02 -22.70
N GLN N 49 43.36 -26.76 -22.79
CA GLN N 49 42.84 -27.19 -24.09
C GLN N 49 42.28 -26.02 -24.88
N HIS N 50 41.78 -25.01 -24.16
CA HIS N 50 41.29 -23.76 -24.72
C HIS N 50 42.41 -22.95 -25.37
N TYR N 51 43.53 -22.83 -24.66
CA TYR N 51 44.70 -22.12 -25.16
C TYR N 51 45.82 -23.09 -25.50
N ILE N 52 45.45 -24.21 -26.11
CA ILE N 52 46.39 -25.17 -26.68
C ILE N 52 47.34 -24.46 -27.63
N ASP N 53 46.90 -23.30 -28.11
CA ASP N 53 47.64 -22.43 -29.04
C ASP N 53 48.78 -21.70 -28.33
N LEU N 54 48.57 -21.44 -27.04
CA LEU N 54 49.56 -20.71 -26.22
C LEU N 54 50.19 -21.58 -25.10
N ALA N 55 49.79 -22.85 -25.00
CA ALA N 55 50.33 -23.77 -24.01
C ALA N 55 51.83 -23.92 -24.19
N SER N 56 52.35 -23.33 -25.27
CA SER N 56 53.76 -23.38 -25.52
C SER N 56 54.47 -22.07 -25.10
N LYS N 57 53.70 -20.99 -24.94
CA LYS N 57 54.25 -19.64 -24.69
C LYS N 57 54.83 -19.37 -23.28
N PRO N 58 55.92 -18.57 -23.20
CA PRO N 58 56.48 -18.09 -21.94
C PRO N 58 55.49 -17.58 -20.89
N PHE N 59 54.27 -17.24 -21.29
CA PHE N 59 53.31 -16.78 -20.30
C PHE N 59 52.32 -17.83 -19.78
N TYR N 60 52.09 -18.85 -20.60
CA TYR N 60 51.06 -19.87 -20.40
C TYR N 60 50.65 -20.22 -18.97
N LYS N 61 51.64 -20.37 -18.08
CA LYS N 61 51.35 -20.81 -16.71
C LYS N 61 50.60 -19.76 -15.91
N ASP N 62 51.03 -18.50 -16.05
CA ASP N 62 50.38 -17.37 -15.41
C ASP N 62 48.96 -17.16 -15.94
N LEU N 63 48.79 -17.48 -17.23
CA LEU N 63 47.57 -17.26 -18.01
C LEU N 63 46.38 -18.09 -17.51
N VAL N 64 46.50 -19.40 -17.58
CA VAL N 64 45.40 -20.25 -17.20
C VAL N 64 45.09 -20.08 -15.73
N ALA N 65 46.12 -19.82 -14.92
CA ALA N 65 45.95 -19.59 -13.48
C ALA N 65 44.97 -18.46 -13.14
N TYR N 66 45.07 -17.35 -13.88
CA TYR N 66 44.15 -16.20 -13.73
C TYR N 66 42.75 -16.55 -14.22
N PHE N 67 42.66 -17.04 -15.45
CA PHE N 67 41.41 -17.57 -15.97
C PHE N 67 40.83 -18.66 -15.07
N SER N 68 41.53 -19.03 -13.99
CA SER N 68 41.04 -20.02 -13.03
C SER N 68 40.99 -19.53 -11.58
N SER N 69 41.57 -18.37 -11.31
CA SER N 69 41.46 -17.76 -9.99
C SER N 69 40.00 -17.46 -9.62
N GLY N 70 39.07 -17.74 -10.53
CA GLY N 70 37.66 -17.45 -10.29
C GLY N 70 36.71 -17.93 -11.38
N PRO N 71 35.41 -17.86 -11.11
CA PRO N 71 34.38 -18.39 -12.00
C PRO N 71 34.13 -17.53 -13.26
N ILE N 72 33.64 -18.18 -14.31
CA ILE N 72 33.34 -17.57 -15.60
C ILE N 72 31.91 -17.97 -16.00
N VAL N 73 31.22 -17.12 -16.74
CA VAL N 73 29.94 -17.55 -17.29
C VAL N 73 30.12 -17.98 -18.77
N GLY N 74 29.76 -19.23 -19.04
CA GLY N 74 29.81 -19.81 -20.39
C GLY N 74 28.59 -19.41 -21.21
N MET N 75 28.80 -19.26 -22.53
CA MET N 75 27.82 -18.70 -23.48
C MET N 75 28.02 -19.09 -24.96
N VAL N 76 26.90 -19.46 -25.60
CA VAL N 76 26.86 -19.71 -27.05
C VAL N 76 25.74 -18.86 -27.61
N TRP N 77 26.11 -17.94 -28.51
CA TRP N 77 25.15 -17.00 -29.12
C TRP N 77 24.97 -17.20 -30.60
N GLU N 78 23.74 -16.95 -31.04
CA GLU N 78 23.35 -17.34 -32.38
C GLU N 78 22.72 -16.20 -33.20
N GLY N 79 23.21 -16.04 -34.42
CA GLY N 79 22.68 -15.03 -35.32
C GLY N 79 23.58 -14.81 -36.51
N LYS N 80 23.09 -13.96 -37.40
CA LYS N 80 23.76 -13.62 -38.66
C LYS N 80 25.09 -12.94 -38.37
N GLY N 81 26.19 -13.65 -38.59
CA GLY N 81 27.52 -13.07 -38.36
C GLY N 81 27.81 -12.66 -36.92
N VAL N 82 27.25 -13.42 -35.98
CA VAL N 82 27.46 -13.20 -34.54
C VAL N 82 28.95 -13.26 -34.13
N VAL N 83 29.74 -14.07 -34.82
CA VAL N 83 31.17 -14.16 -34.52
C VAL N 83 31.88 -12.86 -34.86
N LYS N 84 31.63 -12.30 -36.06
CA LYS N 84 32.29 -11.07 -36.53
C LYS N 84 31.89 -9.81 -35.74
N GLY N 85 30.58 -9.58 -35.64
CA GLY N 85 30.04 -8.42 -34.94
C GLY N 85 30.19 -8.53 -33.44
N GLY N 86 29.96 -9.74 -32.93
CA GLY N 86 30.16 -10.04 -31.51
C GLY N 86 31.58 -9.77 -31.07
N ARG N 87 32.53 -10.02 -31.99
CA ARG N 87 33.93 -9.65 -31.79
C ARG N 87 34.08 -8.13 -31.65
N VAL N 88 33.36 -7.39 -32.49
CA VAL N 88 33.37 -5.93 -32.47
C VAL N 88 32.66 -5.43 -31.22
N LEU N 89 31.54 -6.08 -30.88
CA LEU N 89 30.83 -5.74 -29.63
C LEU N 89 31.70 -5.82 -28.38
N LEU N 90 32.68 -6.71 -28.36
CA LEU N 90 33.64 -6.74 -27.26
C LEU N 90 34.60 -5.57 -27.37
N GLY N 91 34.94 -5.20 -28.60
CA GLY N 91 36.04 -4.27 -28.88
C GLY N 91 37.33 -5.02 -29.20
N ALA N 92 38.41 -4.28 -29.42
CA ALA N 92 39.71 -4.91 -29.78
C ALA N 92 40.41 -5.54 -28.57
N THR N 93 41.24 -6.55 -28.84
CA THR N 93 41.82 -7.37 -27.75
C THR N 93 42.44 -6.56 -26.59
N ASN N 94 43.08 -5.43 -26.87
CA ASN N 94 43.41 -4.50 -25.77
C ASN N 94 42.36 -3.41 -25.59
N PRO N 95 41.65 -3.43 -24.42
CA PRO N 95 40.67 -2.36 -24.13
C PRO N 95 41.28 -0.96 -24.14
N ALA N 96 42.58 -0.86 -24.38
CA ALA N 96 43.23 0.41 -24.70
C ALA N 96 42.98 0.82 -26.14
N ASP N 97 42.93 -0.15 -27.04
CA ASP N 97 42.64 0.14 -28.43
C ASP N 97 41.15 0.07 -28.72
N SER N 98 40.39 -0.42 -27.75
CA SER N 98 38.94 -0.55 -27.86
C SER N 98 38.31 0.83 -27.71
N LEU N 99 37.43 1.18 -28.63
CA LEU N 99 36.72 2.44 -28.56
C LEU N 99 35.58 2.35 -27.53
N PRO N 100 35.35 3.45 -26.77
CA PRO N 100 34.10 3.63 -26.05
C PRO N 100 32.91 3.30 -26.93
N GLY N 101 31.97 2.55 -26.37
CA GLY N 101 30.91 1.91 -27.14
C GLY N 101 30.99 0.41 -26.92
N THR N 102 32.21 -0.08 -26.80
CA THR N 102 32.47 -1.52 -26.68
C THR N 102 32.47 -1.99 -25.24
N ILE N 103 32.32 -3.30 -25.07
CA ILE N 103 32.19 -3.94 -23.75
C ILE N 103 33.41 -3.72 -22.87
N ARG N 104 34.60 -3.99 -23.42
CA ARG N 104 35.86 -3.76 -22.72
C ARG N 104 36.11 -2.25 -22.60
N GLY N 105 35.57 -1.49 -23.56
CA GLY N 105 35.85 -0.07 -23.74
C GLY N 105 35.19 0.84 -22.72
N ASP N 106 34.00 0.45 -22.27
CA ASP N 106 33.33 1.18 -21.17
C ASP N 106 33.71 0.60 -19.81
N PHE N 107 34.10 -0.69 -19.79
CA PHE N 107 34.15 -1.46 -18.55
C PHE N 107 35.52 -1.88 -18.06
N ALA N 108 36.43 -2.23 -18.96
CA ALA N 108 37.78 -2.67 -18.56
C ALA N 108 38.79 -1.54 -18.74
N VAL N 109 40.07 -1.87 -18.59
CA VAL N 109 41.13 -0.89 -18.90
C VAL N 109 42.37 -1.48 -19.58
N ASP N 110 42.72 -2.71 -19.23
CA ASP N 110 43.96 -3.31 -19.69
C ASP N 110 43.73 -4.70 -20.29
N VAL N 111 44.60 -5.03 -21.24
CA VAL N 111 44.66 -6.32 -21.93
C VAL N 111 44.79 -7.53 -20.98
N GLY N 112 45.46 -7.35 -19.85
CA GLY N 112 45.75 -8.45 -18.93
C GLY N 112 44.59 -8.91 -18.06
N ARG N 113 43.69 -8.00 -17.75
CA ARG N 113 42.41 -8.34 -17.15
C ARG N 113 41.35 -7.59 -17.98
N ASN N 114 40.87 -8.23 -19.04
CA ASN N 114 40.07 -7.57 -20.08
C ASN N 114 38.62 -8.08 -20.19
N VAL N 115 38.09 -8.53 -19.06
CA VAL N 115 36.65 -8.75 -18.82
C VAL N 115 35.85 -9.79 -19.64
N CYS N 116 36.25 -10.06 -20.89
CA CYS N 116 35.51 -10.99 -21.74
C CYS N 116 36.36 -11.60 -22.85
N HIS N 117 35.83 -12.68 -23.43
CA HIS N 117 36.40 -13.43 -24.58
C HIS N 117 35.29 -13.88 -25.50
N GLY N 118 35.49 -13.67 -26.80
CA GLY N 118 34.58 -14.16 -27.83
C GLY N 118 35.33 -14.94 -28.89
N SER N 119 34.65 -15.83 -29.58
CA SER N 119 35.26 -16.63 -30.66
C SER N 119 35.87 -15.73 -31.76
N ASP N 120 37.05 -16.10 -32.24
CA ASP N 120 37.80 -15.24 -33.15
C ASP N 120 37.60 -15.57 -34.63
N SER N 121 36.80 -16.59 -34.93
CA SER N 121 36.70 -17.11 -36.29
C SER N 121 35.51 -18.02 -36.46
N VAL N 122 35.43 -18.66 -37.63
CA VAL N 122 34.52 -19.77 -37.88
C VAL N 122 34.96 -21.01 -37.07
N ASP N 123 36.16 -21.50 -37.34
CA ASP N 123 36.51 -22.80 -36.82
C ASP N 123 36.72 -22.81 -35.32
N SER N 124 37.27 -21.75 -34.75
CA SER N 124 37.38 -21.61 -33.28
C SER N 124 36.02 -21.64 -32.57
N ALA N 125 35.01 -21.06 -33.22
CA ALA N 125 33.65 -21.08 -32.73
C ALA N 125 33.22 -22.53 -32.61
N LYS N 126 33.36 -23.29 -33.69
CA LYS N 126 33.06 -24.71 -33.63
C LYS N 126 33.99 -25.47 -32.66
N ARG N 127 35.19 -24.94 -32.42
CA ARG N 127 36.17 -25.57 -31.51
C ARG N 127 35.86 -25.32 -30.04
N GLU N 128 35.76 -24.06 -29.66
CA GLU N 128 35.42 -23.66 -28.30
C GLU N 128 33.99 -24.07 -27.94
N ILE N 129 33.17 -24.30 -28.96
CA ILE N 129 31.80 -24.77 -28.77
C ILE N 129 31.75 -26.23 -28.34
N ALA N 130 32.55 -27.08 -28.97
CA ALA N 130 32.47 -28.51 -28.71
C ALA N 130 33.08 -28.86 -27.36
N PHE N 131 34.09 -28.10 -26.95
CA PHE N 131 34.82 -28.36 -25.72
C PHE N 131 34.09 -27.84 -24.46
N TRP N 132 33.63 -26.59 -24.52
CA TRP N 132 32.95 -25.93 -23.41
C TRP N 132 31.54 -26.41 -23.21
N PHE N 133 30.95 -26.99 -24.24
CA PHE N 133 29.55 -27.39 -24.20
C PHE N 133 29.29 -28.76 -24.84
N LYS N 134 28.82 -29.71 -24.03
CA LYS N 134 28.39 -31.00 -24.52
C LYS N 134 27.10 -30.78 -25.32
N PRO N 135 26.96 -31.47 -26.49
CA PRO N 135 25.90 -31.24 -27.49
C PRO N 135 24.49 -30.93 -26.97
N GLU N 136 24.03 -31.66 -25.95
CA GLU N 136 22.68 -31.52 -25.38
C GLU N 136 22.45 -30.23 -24.56
N GLU N 137 23.55 -29.55 -24.21
CA GLU N 137 23.47 -28.31 -23.45
C GLU N 137 23.09 -27.12 -24.32
N LEU N 138 23.29 -27.26 -25.63
CA LEU N 138 22.82 -26.31 -26.63
C LEU N 138 21.33 -26.48 -26.89
N VAL N 139 20.54 -25.49 -26.51
CA VAL N 139 19.10 -25.61 -26.74
C VAL N 139 18.72 -24.90 -28.05
N ASN N 140 17.72 -25.45 -28.72
CA ASN N 140 17.18 -24.94 -29.98
C ASN N 140 15.79 -24.31 -29.78
N TRP N 141 15.64 -23.07 -30.23
CA TRP N 141 14.41 -22.29 -30.11
C TRP N 141 14.45 -21.10 -31.00
N THR N 142 13.28 -20.56 -31.35
CA THR N 142 13.15 -19.42 -32.26
C THR N 142 12.74 -18.16 -31.49
N SER N 143 13.33 -17.02 -31.83
CA SER N 143 13.00 -15.78 -31.14
C SER N 143 11.64 -15.26 -31.59
N HIS N 144 10.88 -14.75 -30.63
CA HIS N 144 9.59 -14.12 -30.91
C HIS N 144 9.75 -12.90 -31.71
N SER N 145 10.96 -12.38 -31.82
CA SER N 145 11.16 -11.22 -32.66
C SER N 145 11.66 -11.61 -34.05
N VAL N 146 12.09 -12.86 -34.22
CA VAL N 146 12.82 -13.36 -35.41
C VAL N 146 12.50 -12.64 -36.72
N LYS N 147 11.20 -12.56 -37.00
CA LYS N 147 10.71 -12.06 -38.29
C LYS N 147 10.98 -10.56 -38.46
N GLN N 148 11.32 -9.89 -37.36
CA GLN N 148 11.71 -8.47 -37.38
C GLN N 148 13.22 -8.33 -37.26
N VAL N 149 13.89 -9.44 -36.95
CA VAL N 149 15.35 -9.46 -36.88
C VAL N 149 15.87 -9.88 -38.26
N TYR N 150 15.12 -10.77 -38.92
CA TYR N 150 15.54 -11.31 -40.21
C TYR N 150 14.45 -11.17 -41.29
N GLU N 151 14.84 -11.29 -42.56
CA GLU N 151 13.88 -11.30 -43.67
C GLU N 151 13.37 -12.70 -43.93
N MET O 1 52.14 4.97 -14.72
CA MET O 1 51.06 5.13 -15.75
C MET O 1 49.70 5.02 -15.10
N THR O 2 49.60 4.25 -14.01
CA THR O 2 48.32 3.95 -13.36
C THR O 2 47.69 5.18 -12.69
N SER O 3 48.52 6.16 -12.39
CA SER O 3 48.11 7.30 -11.59
C SER O 3 48.05 8.59 -12.40
N GLU O 4 48.03 8.46 -13.72
CA GLU O 4 47.77 9.58 -14.63
C GLU O 4 46.35 10.16 -14.35
N ARG O 5 46.16 11.47 -14.56
CA ARG O 5 44.85 12.09 -14.31
C ARG O 5 44.21 12.62 -15.60
N THR O 6 43.14 13.42 -15.46
CA THR O 6 42.57 14.24 -16.55
C THR O 6 41.45 15.14 -15.98
N PHE O 7 41.43 16.40 -16.42
CA PHE O 7 40.36 17.33 -16.10
C PHE O 7 39.25 17.21 -17.14
N ILE O 8 38.01 17.00 -16.65
CA ILE O 8 36.80 16.92 -17.46
C ILE O 8 35.76 17.85 -16.83
N ALA O 9 34.94 18.50 -17.66
CA ALA O 9 33.91 19.40 -17.13
C ALA O 9 32.70 19.46 -18.04
N VAL O 10 31.51 19.30 -17.49
CA VAL O 10 30.32 19.54 -18.27
C VAL O 10 30.00 21.04 -18.23
N LYS O 11 29.82 21.59 -19.43
CA LYS O 11 29.55 23.01 -19.64
C LYS O 11 28.13 23.37 -19.21
N PRO O 12 27.73 24.67 -19.33
CA PRO O 12 26.45 25.08 -18.75
C PRO O 12 25.33 24.22 -19.29
N ASP O 13 25.48 23.77 -20.52
CA ASP O 13 24.49 22.92 -21.17
C ASP O 13 24.32 21.53 -20.57
N GLY O 14 25.43 20.89 -20.20
CA GLY O 14 25.38 19.58 -19.56
C GLY O 14 24.61 19.59 -18.26
N VAL O 15 24.81 20.66 -17.49
CA VAL O 15 24.07 20.83 -16.25
C VAL O 15 22.61 21.13 -16.56
N GLN O 16 22.37 22.07 -17.49
CA GLN O 16 21.01 22.51 -17.83
C GLN O 16 20.17 21.49 -18.57
N ARG O 17 20.81 20.53 -19.23
CA ARG O 17 20.05 19.50 -19.94
C ARG O 17 19.99 18.15 -19.20
N CYS O 18 20.08 18.20 -17.87
CA CYS O 18 19.82 17.04 -17.03
C CYS O 18 20.91 15.98 -17.21
N LEU O 19 22.16 16.42 -17.39
CA LEU O 19 23.24 15.51 -17.81
C LEU O 19 24.49 15.45 -16.92
N VAL O 20 24.34 15.82 -15.65
CA VAL O 20 25.47 15.75 -14.73
C VAL O 20 25.72 14.31 -14.32
N GLY O 21 24.68 13.66 -13.81
CA GLY O 21 24.71 12.22 -13.55
C GLY O 21 25.15 11.34 -14.72
N GLU O 22 24.68 11.66 -15.92
CA GLU O 22 24.98 10.88 -17.13
C GLU O 22 26.47 10.67 -17.42
N ILE O 23 27.27 11.73 -17.32
CA ILE O 23 28.72 11.61 -17.59
C ILE O 23 29.41 10.90 -16.42
N ILE O 24 29.08 11.31 -15.19
CA ILE O 24 29.60 10.72 -13.95
C ILE O 24 29.60 9.19 -13.97
N GLN O 25 28.54 8.60 -14.50
CA GLN O 25 28.40 7.16 -14.56
C GLN O 25 29.38 6.52 -15.54
N ARG O 26 29.54 7.15 -16.70
CA ARG O 26 30.25 6.52 -17.82
C ARG O 26 31.75 6.38 -17.59
N PHE O 27 32.36 7.38 -16.97
CA PHE O 27 33.72 7.26 -16.47
C PHE O 27 33.77 6.27 -15.31
N GLU O 28 32.69 6.23 -14.51
CA GLU O 28 32.60 5.36 -13.35
C GLU O 28 32.62 3.89 -13.71
N LYS O 29 31.86 3.54 -14.75
CA LYS O 29 31.76 2.15 -15.22
C LYS O 29 33.08 1.65 -15.85
N LYS O 30 33.86 2.58 -16.38
CA LYS O 30 35.15 2.34 -17.04
C LYS O 30 36.15 1.70 -16.08
N GLY O 31 36.13 2.19 -14.85
CA GLY O 31 37.15 1.88 -13.86
C GLY O 31 38.03 3.09 -13.68
N TYR O 32 37.50 4.28 -13.96
CA TYR O 32 38.22 5.52 -13.70
C TYR O 32 37.97 6.02 -12.28
N LYS O 33 39.05 6.43 -11.63
CA LYS O 33 39.05 6.81 -10.21
C LYS O 33 38.85 8.32 -10.02
N LEU O 34 37.63 8.71 -9.68
CA LEU O 34 37.35 10.11 -9.41
C LEU O 34 38.09 10.53 -8.13
N VAL O 35 39.03 11.45 -8.30
CA VAL O 35 39.82 12.05 -7.22
C VAL O 35 39.07 13.21 -6.55
N ALA O 36 38.25 13.93 -7.34
CA ALA O 36 37.57 15.15 -6.89
C ALA O 36 36.47 15.66 -7.84
N LEU O 37 35.51 16.38 -7.24
CA LEU O 37 34.39 17.00 -7.95
C LEU O 37 33.76 18.12 -7.12
N LYS O 38 33.56 19.28 -7.75
CA LYS O 38 32.74 20.34 -7.16
C LYS O 38 31.88 21.01 -8.23
N MET O 39 30.79 21.64 -7.76
CA MET O 39 29.83 22.29 -8.66
C MET O 39 29.66 23.77 -8.37
N LEU O 40 30.27 24.60 -9.21
CA LEU O 40 30.24 26.03 -8.99
C LEU O 40 29.77 26.76 -10.23
N GLN O 41 29.46 28.03 -10.04
CA GLN O 41 29.46 29.02 -11.10
C GLN O 41 30.92 29.46 -11.29
N PRO O 42 31.56 29.02 -12.39
CA PRO O 42 32.97 29.35 -12.61
C PRO O 42 33.13 30.81 -12.97
N SER O 43 34.10 31.48 -12.37
CA SER O 43 34.32 32.86 -12.74
C SER O 43 34.81 32.87 -14.18
N ALA O 44 34.32 33.81 -14.97
CA ALA O 44 34.81 33.82 -16.32
C ALA O 44 36.27 34.21 -16.26
N GLU O 45 36.67 34.89 -15.18
CA GLU O 45 38.08 35.26 -14.89
C GLU O 45 39.03 34.09 -14.74
N GLN O 46 38.63 33.14 -13.91
CA GLN O 46 39.24 31.83 -13.84
C GLN O 46 39.12 31.24 -15.24
N ALA O 47 37.94 31.40 -15.84
CA ALA O 47 37.71 30.84 -17.16
C ALA O 47 38.61 31.50 -18.17
N GLN O 48 38.95 32.77 -17.96
CA GLN O 48 39.84 33.49 -18.88
C GLN O 48 41.27 32.93 -18.84
N GLN O 49 41.79 32.65 -17.65
CA GLN O 49 43.10 32.00 -17.54
C GLN O 49 43.03 30.56 -18.01
N HIS O 50 41.84 29.96 -17.91
CA HIS O 50 41.62 28.64 -18.47
C HIS O 50 41.59 28.76 -19.95
N TYR O 51 41.02 29.87 -20.45
CA TYR O 51 40.91 30.11 -21.88
C TYR O 51 41.95 31.13 -22.40
N ILE O 52 42.96 31.42 -21.58
CA ILE O 52 43.94 32.48 -21.86
C ILE O 52 44.65 32.29 -23.20
N ASP O 53 44.67 31.06 -23.69
CA ASP O 53 45.29 30.77 -24.98
C ASP O 53 44.47 31.43 -26.09
N LEU O 54 43.37 32.08 -25.73
CA LEU O 54 42.39 32.49 -26.74
C LEU O 54 41.90 33.94 -26.53
N ALA O 55 42.65 34.71 -25.73
CA ALA O 55 42.23 36.05 -25.33
C ALA O 55 42.25 37.11 -26.44
N SER O 56 43.07 36.91 -27.47
CA SER O 56 43.19 37.88 -28.58
C SER O 56 42.18 37.62 -29.71
N LYS O 57 41.27 36.66 -29.49
CA LYS O 57 40.37 36.16 -30.53
C LYS O 57 39.02 36.93 -30.59
N PRO O 58 38.21 36.69 -31.66
CA PRO O 58 36.82 37.19 -31.75
C PRO O 58 35.80 36.46 -30.86
N PHE O 59 35.81 35.12 -30.88
CA PHE O 59 34.86 34.33 -30.07
C PHE O 59 35.11 34.41 -28.57
N TYR O 60 35.79 35.46 -28.12
CA TYR O 60 36.23 35.53 -26.72
C TYR O 60 35.22 36.10 -25.72
N LYS O 61 34.88 37.38 -25.84
CA LYS O 61 33.86 37.92 -24.95
C LYS O 61 32.57 37.08 -24.92
N ASP O 62 32.36 36.26 -25.96
CA ASP O 62 31.24 35.29 -25.95
C ASP O 62 31.53 33.99 -25.17
N LEU O 63 32.67 33.34 -25.45
CA LEU O 63 33.10 32.09 -24.78
C LEU O 63 33.05 32.23 -23.27
N VAL O 64 33.59 33.36 -22.80
CA VAL O 64 33.57 33.73 -21.40
C VAL O 64 32.16 33.75 -20.83
N ALA O 65 31.24 34.37 -21.57
CA ALA O 65 29.84 34.57 -21.16
C ALA O 65 29.05 33.26 -21.13
N TYR O 66 29.12 32.49 -22.21
CA TYR O 66 28.54 31.14 -22.30
C TYR O 66 29.01 30.21 -21.17
N PHE O 67 30.32 30.21 -20.91
CA PHE O 67 30.91 29.41 -19.83
C PHE O 67 30.54 29.90 -18.43
N SER O 68 30.21 31.19 -18.32
CA SER O 68 29.75 31.75 -17.04
C SER O 68 28.21 31.89 -16.97
N SER O 69 27.52 31.46 -18.02
CA SER O 69 26.06 31.54 -18.04
C SER O 69 25.39 30.56 -17.09
N GLY O 70 26.14 29.57 -16.58
CA GLY O 70 25.59 28.57 -15.66
C GLY O 70 26.61 27.83 -14.82
N PRO O 71 26.16 26.78 -14.10
CA PRO O 71 27.08 25.88 -13.41
C PRO O 71 27.96 25.01 -14.34
N ILE O 72 29.10 24.62 -13.80
CA ILE O 72 30.05 23.69 -14.40
C ILE O 72 30.37 22.65 -13.33
N VAL O 73 30.34 21.39 -13.71
CA VAL O 73 30.68 20.31 -12.79
C VAL O 73 32.11 19.86 -13.02
N GLY O 74 33.02 20.49 -12.28
CA GLY O 74 34.47 20.29 -12.43
C GLY O 74 34.92 18.95 -11.89
N MET O 75 35.54 18.16 -12.76
CA MET O 75 35.90 16.79 -12.43
C MET O 75 37.37 16.48 -12.71
N VAL O 76 37.90 15.47 -12.04
CA VAL O 76 39.27 15.00 -12.25
C VAL O 76 39.20 13.49 -12.08
N TRP O 77 39.61 12.72 -13.09
CA TRP O 77 39.58 11.26 -12.99
C TRP O 77 40.98 10.68 -13.06
N GLU O 78 41.15 9.47 -12.50
CA GLU O 78 42.45 8.77 -12.45
C GLU O 78 42.43 7.33 -13.02
N GLY O 79 43.21 7.14 -14.09
CA GLY O 79 43.37 5.83 -14.72
C GLY O 79 44.58 5.80 -15.63
N LYS O 80 44.98 4.61 -16.08
CA LYS O 80 46.00 4.47 -17.11
C LYS O 80 45.49 5.08 -18.41
N GLY O 81 46.17 6.12 -18.87
CA GLY O 81 45.81 6.77 -20.15
C GLY O 81 44.41 7.39 -20.17
N VAL O 82 43.99 7.90 -19.02
CA VAL O 82 42.66 8.49 -18.85
C VAL O 82 42.45 9.72 -19.72
N VAL O 83 43.52 10.49 -19.96
CA VAL O 83 43.53 11.68 -20.82
C VAL O 83 43.06 11.32 -22.22
N LYS O 84 43.69 10.26 -22.75
CA LYS O 84 43.41 9.66 -24.04
C LYS O 84 42.11 8.87 -24.00
N GLY O 85 42.06 7.85 -23.16
CA GLY O 85 40.87 7.02 -22.98
C GLY O 85 39.63 7.81 -22.63
N GLY O 86 39.81 8.99 -22.05
CA GLY O 86 38.69 9.89 -21.75
C GLY O 86 38.13 10.63 -22.96
N ARG O 87 39.01 11.31 -23.70
CA ARG O 87 38.65 12.12 -24.87
C ARG O 87 37.85 11.33 -25.89
N VAL O 88 38.21 10.04 -26.05
CA VAL O 88 37.52 9.10 -26.94
C VAL O 88 36.07 8.86 -26.52
N LEU O 89 35.86 8.69 -25.22
CA LEU O 89 34.53 8.57 -24.62
C LEU O 89 33.67 9.78 -24.98
N LEU O 90 34.32 10.94 -25.04
CA LEU O 90 33.64 12.22 -25.20
C LEU O 90 33.06 12.35 -26.59
N GLY O 91 33.75 11.77 -27.57
CA GLY O 91 33.48 12.02 -28.99
C GLY O 91 34.35 13.15 -29.47
N ALA O 92 34.06 13.68 -30.65
CA ALA O 92 34.79 14.83 -31.19
C ALA O 92 34.28 16.13 -30.56
N THR O 93 35.13 17.17 -30.58
CA THR O 93 34.80 18.55 -30.22
C THR O 93 33.46 18.96 -30.87
N ASN O 94 33.37 18.66 -32.17
CA ASN O 94 32.14 18.82 -32.93
C ASN O 94 31.28 17.58 -32.73
N PRO O 95 30.05 17.74 -32.18
CA PRO O 95 29.16 16.60 -31.94
C PRO O 95 28.70 15.97 -33.26
N ALA O 96 28.96 16.66 -34.36
CA ALA O 96 28.58 16.15 -35.67
C ALA O 96 29.56 15.10 -36.16
N ASP O 97 30.78 15.14 -35.64
CA ASP O 97 31.79 14.13 -35.97
C ASP O 97 32.01 13.10 -34.88
N SER O 98 31.35 13.31 -33.73
CA SER O 98 31.34 12.37 -32.61
C SER O 98 30.49 11.17 -32.95
N LEU O 99 31.04 9.98 -32.75
CA LEU O 99 30.33 8.73 -33.03
C LEU O 99 29.29 8.37 -31.98
N PRO O 100 28.17 7.73 -32.42
CA PRO O 100 27.24 7.07 -31.52
C PRO O 100 27.96 6.19 -30.50
N GLY O 101 27.51 6.27 -29.24
CA GLY O 101 28.18 5.61 -28.13
C GLY O 101 28.93 6.60 -27.28
N THR O 102 29.33 7.72 -27.88
CA THR O 102 30.04 8.76 -27.16
C THR O 102 29.09 9.76 -26.50
N ILE O 103 29.64 10.50 -25.53
CA ILE O 103 28.92 11.50 -24.73
C ILE O 103 28.39 12.64 -25.59
N ARG O 104 29.28 13.25 -26.39
CA ARG O 104 28.90 14.34 -27.28
C ARG O 104 28.08 13.85 -28.47
N GLY O 105 28.35 12.63 -28.90
CA GLY O 105 27.54 12.04 -29.96
C GLY O 105 26.17 11.65 -29.47
N ASP O 106 26.03 11.53 -28.15
CA ASP O 106 24.79 11.03 -27.54
C ASP O 106 23.80 12.12 -27.10
N PHE O 107 24.31 13.27 -26.68
CA PHE O 107 23.46 14.28 -26.05
C PHE O 107 23.77 15.75 -26.43
N ALA O 108 24.46 15.96 -27.55
CA ALA O 108 24.88 17.31 -27.97
C ALA O 108 24.75 17.47 -29.48
N VAL O 109 24.69 18.72 -29.96
CA VAL O 109 24.43 18.97 -31.39
C VAL O 109 25.30 20.06 -32.02
N ASP O 110 25.20 21.28 -31.49
CA ASP O 110 26.04 22.38 -31.95
C ASP O 110 27.38 22.29 -31.22
N VAL O 111 28.45 22.69 -31.91
CA VAL O 111 29.79 22.73 -31.31
C VAL O 111 29.89 23.84 -30.28
N GLY O 112 29.16 24.93 -30.52
CA GLY O 112 29.15 26.06 -29.62
C GLY O 112 28.51 25.76 -28.29
N ARG O 113 27.80 24.63 -28.23
CA ARG O 113 27.22 24.11 -27.00
C ARG O 113 27.46 22.60 -26.98
N ASN O 114 28.71 22.22 -26.70
CA ASN O 114 29.16 20.82 -26.80
C ASN O 114 29.28 20.07 -25.46
N VAL O 115 28.47 20.49 -24.48
CA VAL O 115 28.21 19.75 -23.23
C VAL O 115 29.42 19.53 -22.28
N CYS O 116 30.60 19.28 -22.85
CA CYS O 116 31.73 18.79 -22.08
C CYS O 116 33.11 19.24 -22.60
N HIS O 117 34.03 19.46 -21.67
CA HIS O 117 35.43 19.75 -21.98
C HIS O 117 36.32 18.70 -21.35
N GLY O 118 37.23 18.17 -22.15
CA GLY O 118 38.21 17.18 -21.69
C GLY O 118 39.63 17.62 -22.00
N SER O 119 40.55 17.28 -21.10
CA SER O 119 41.95 17.66 -21.24
C SER O 119 42.48 17.16 -22.58
N ASP O 120 43.12 18.05 -23.32
CA ASP O 120 43.74 17.67 -24.60
C ASP O 120 45.06 16.93 -24.41
N SER O 121 45.74 17.14 -23.28
CA SER O 121 47.02 16.48 -23.03
C SER O 121 47.27 16.29 -21.54
N VAL O 122 48.28 15.47 -21.25
CA VAL O 122 48.64 15.14 -19.88
C VAL O 122 49.19 16.36 -19.14
N ASP O 123 50.12 17.09 -19.75
CA ASP O 123 50.61 18.34 -19.17
C ASP O 123 49.46 19.33 -18.93
N SER O 124 48.50 19.37 -19.86
CA SER O 124 47.28 20.19 -19.78
C SER O 124 46.45 19.80 -18.57
N ALA O 125 46.40 18.49 -18.28
CA ALA O 125 45.66 18.00 -17.13
C ALA O 125 46.26 18.60 -15.87
N LYS O 126 47.58 18.49 -15.74
CA LYS O 126 48.32 19.06 -14.62
C LYS O 126 48.23 20.59 -14.56
N ARG O 127 48.19 21.25 -15.73
CA ARG O 127 48.00 22.70 -15.83
C ARG O 127 46.59 23.16 -15.36
N GLU O 128 45.57 22.46 -15.86
CA GLU O 128 44.17 22.75 -15.56
C GLU O 128 43.77 22.36 -14.11
N ILE O 129 44.43 21.32 -13.57
CA ILE O 129 44.05 20.79 -12.25
C ILE O 129 44.55 21.70 -11.11
N ALA O 130 45.79 22.16 -11.24
CA ALA O 130 46.35 23.14 -10.28
C ALA O 130 45.55 24.44 -10.32
N PHE O 131 45.02 24.73 -11.52
CA PHE O 131 44.20 25.93 -11.70
C PHE O 131 42.78 25.79 -11.14
N TRP O 132 42.13 24.66 -11.39
CA TRP O 132 40.73 24.46 -11.03
C TRP O 132 40.48 23.94 -9.64
N PHE O 133 41.39 23.11 -9.14
CA PHE O 133 41.30 22.56 -7.77
C PHE O 133 42.43 23.00 -6.87
N LYS O 134 42.14 23.01 -5.57
CA LYS O 134 43.13 23.05 -4.49
C LYS O 134 43.80 21.68 -4.45
N PRO O 135 45.05 21.60 -3.96
CA PRO O 135 45.64 20.26 -3.86
C PRO O 135 44.98 19.40 -2.78
N GLU O 136 44.60 19.98 -1.64
CA GLU O 136 43.91 19.12 -0.66
C GLU O 136 42.45 18.82 -1.06
N GLU O 137 42.10 19.12 -2.31
CA GLU O 137 40.79 18.75 -2.82
C GLU O 137 40.84 17.43 -3.56
N LEU O 138 42.05 17.05 -4.00
CA LEU O 138 42.28 15.78 -4.72
C LEU O 138 42.49 14.61 -3.73
N VAL O 139 41.48 13.73 -3.63
CA VAL O 139 41.36 12.71 -2.54
C VAL O 139 41.92 11.30 -2.86
N ASN O 140 42.92 10.89 -2.08
CA ASN O 140 43.75 9.73 -2.43
C ASN O 140 43.35 8.49 -1.65
N TRP O 141 42.67 7.58 -2.35
CA TRP O 141 42.22 6.30 -1.77
C TRP O 141 42.58 5.14 -2.67
N THR O 142 41.94 3.99 -2.45
CA THR O 142 41.98 2.88 -3.43
C THR O 142 40.62 2.20 -3.53
N SER O 143 40.16 1.96 -4.76
CA SER O 143 38.87 1.30 -5.03
C SER O 143 38.94 -0.16 -4.64
N HIS O 144 37.87 -0.68 -4.05
CA HIS O 144 37.73 -2.12 -3.75
C HIS O 144 37.87 -2.97 -4.98
N SER O 145 37.74 -2.35 -6.15
CA SER O 145 37.75 -3.05 -7.42
C SER O 145 39.14 -3.09 -8.07
N VAL O 146 40.07 -2.29 -7.55
CA VAL O 146 41.37 -2.06 -8.21
C VAL O 146 42.00 -3.31 -8.82
N LYS O 147 41.86 -4.46 -8.16
CA LYS O 147 42.58 -5.69 -8.55
C LYS O 147 41.99 -6.38 -9.80
N GLN O 148 40.70 -6.19 -10.01
CA GLN O 148 39.99 -6.78 -11.14
C GLN O 148 39.89 -5.77 -12.28
N VAL O 149 40.45 -4.58 -12.04
CA VAL O 149 40.55 -3.50 -13.01
C VAL O 149 41.94 -3.55 -13.68
N TYR O 150 42.99 -3.62 -12.86
CA TYR O 150 44.36 -3.66 -13.35
C TYR O 150 45.13 -4.89 -12.86
N GLU O 151 46.22 -5.18 -13.57
CA GLU O 151 47.05 -6.34 -13.27
C GLU O 151 48.16 -6.02 -12.26
N MET P 1 -10.77 -13.79 -30.40
CA MET P 1 -11.39 -12.52 -29.92
C MET P 1 -10.78 -11.28 -30.61
N THR P 2 -11.30 -10.12 -30.23
CA THR P 2 -10.79 -8.85 -30.71
C THR P 2 -10.29 -8.12 -29.47
N SER P 3 -9.04 -7.67 -29.53
CA SER P 3 -8.31 -7.19 -28.35
C SER P 3 -8.62 -5.74 -27.96
N GLU P 4 -8.72 -5.50 -26.65
CA GLU P 4 -8.98 -4.19 -26.05
C GLU P 4 -7.85 -3.20 -26.36
N ARG P 5 -8.18 -1.90 -26.38
CA ARG P 5 -7.26 -0.83 -26.84
C ARG P 5 -7.13 0.32 -25.83
N THR P 6 -5.97 1.01 -25.84
CA THR P 6 -5.79 2.24 -25.04
C THR P 6 -5.23 3.46 -25.81
N PHE P 7 -5.72 4.65 -25.50
CA PHE P 7 -5.11 5.83 -26.09
C PHE P 7 -4.15 6.45 -25.08
N ILE P 8 -2.89 6.59 -25.49
CA ILE P 8 -1.85 7.26 -24.72
C ILE P 8 -1.41 8.50 -25.52
N ALA P 9 -1.31 9.65 -24.86
CA ALA P 9 -0.75 10.86 -25.50
C ALA P 9 0.14 11.66 -24.55
N VAL P 10 1.37 11.92 -24.97
CA VAL P 10 2.29 12.75 -24.19
C VAL P 10 2.07 14.21 -24.54
N LYS P 11 2.02 15.03 -23.49
CA LYS P 11 1.69 16.44 -23.55
C LYS P 11 2.88 17.31 -24.02
N PRO P 12 2.77 18.65 -23.93
CA PRO P 12 3.80 19.49 -24.56
C PRO P 12 5.19 19.32 -23.97
N ASP P 13 5.22 19.25 -22.64
CA ASP P 13 6.41 19.09 -21.79
C ASP P 13 7.19 17.78 -21.99
N GLY P 14 6.51 16.65 -21.96
CA GLY P 14 7.15 15.36 -22.20
C GLY P 14 7.92 15.31 -23.50
N VAL P 15 7.37 15.97 -24.52
CA VAL P 15 8.08 16.18 -25.77
C VAL P 15 9.22 17.17 -25.48
N GLN P 16 8.88 18.27 -24.80
CA GLN P 16 9.85 19.35 -24.55
C GLN P 16 10.95 18.94 -23.59
N ARG P 17 10.78 17.80 -22.90
CA ARG P 17 11.85 17.30 -22.05
C ARG P 17 12.43 15.95 -22.51
N CYS P 18 12.33 15.70 -23.83
CA CYS P 18 13.12 14.65 -24.45
C CYS P 18 12.69 13.23 -23.96
N LEU P 19 11.40 13.07 -23.69
CA LEU P 19 10.89 11.91 -22.93
C LEU P 19 10.15 10.82 -23.71
N VAL P 20 9.44 11.22 -24.77
CA VAL P 20 8.61 10.33 -25.60
C VAL P 20 9.13 8.90 -25.75
N GLY P 21 10.43 8.77 -26.03
CA GLY P 21 11.11 7.47 -26.21
C GLY P 21 11.13 6.53 -25.01
N GLU P 22 11.63 7.02 -23.87
CA GLU P 22 11.65 6.23 -22.63
C GLU P 22 10.26 5.63 -22.29
N ILE P 23 9.21 6.39 -22.55
CA ILE P 23 7.83 5.91 -22.39
C ILE P 23 7.52 4.80 -23.40
N ILE P 24 7.86 5.04 -24.67
CA ILE P 24 7.45 4.13 -25.74
C ILE P 24 8.14 2.76 -25.67
N GLN P 25 9.44 2.76 -25.35
CA GLN P 25 10.20 1.54 -25.05
C GLN P 25 9.59 0.66 -23.95
N ARG P 26 9.11 1.27 -22.87
CA ARG P 26 8.55 0.57 -21.71
C ARG P 26 7.26 -0.19 -22.01
N PHE P 27 6.35 0.44 -22.74
CA PHE P 27 5.11 -0.19 -23.19
C PHE P 27 5.31 -1.32 -24.20
N GLU P 28 6.30 -1.17 -25.10
CA GLU P 28 6.72 -2.20 -26.06
C GLU P 28 7.30 -3.44 -25.35
N LYS P 29 8.31 -3.24 -24.50
CA LYS P 29 8.88 -4.34 -23.71
C LYS P 29 7.87 -4.97 -22.73
N LYS P 30 6.77 -4.26 -22.45
CA LYS P 30 5.70 -4.74 -21.57
C LYS P 30 4.90 -5.91 -22.19
N GLY P 31 4.54 -5.78 -23.46
CA GLY P 31 3.83 -6.84 -24.18
C GLY P 31 2.76 -6.34 -25.12
N TYR P 32 2.57 -5.01 -25.12
CA TYR P 32 1.48 -4.31 -25.82
C TYR P 32 1.85 -3.99 -27.26
N LYS P 33 0.94 -4.30 -28.18
CA LYS P 33 1.14 -3.96 -29.58
C LYS P 33 0.80 -2.49 -29.84
N LEU P 34 1.75 -1.73 -30.37
CA LEU P 34 1.48 -0.37 -30.85
C LEU P 34 0.75 -0.51 -32.16
N VAL P 35 -0.31 0.26 -32.39
CA VAL P 35 -1.20 0.06 -33.54
C VAL P 35 -1.26 1.27 -34.51
N ALA P 36 -1.66 2.42 -33.96
CA ALA P 36 -1.57 3.67 -34.71
C ALA P 36 -0.80 4.64 -33.86
N LEU P 37 0.08 5.39 -34.52
CA LEU P 37 0.87 6.44 -33.88
C LEU P 37 0.91 7.63 -34.83
N LYS P 38 1.02 8.85 -34.30
CA LYS P 38 1.29 10.02 -35.14
C LYS P 38 1.58 11.28 -34.32
N MET P 39 2.72 11.91 -34.59
CA MET P 39 3.02 13.20 -33.99
C MET P 39 2.19 14.24 -34.69
N LEU P 40 1.72 15.22 -33.93
CA LEU P 40 0.95 16.31 -34.51
C LEU P 40 1.07 17.56 -33.66
N GLN P 41 0.52 18.66 -34.18
CA GLN P 41 0.02 19.72 -33.35
C GLN P 41 -1.50 19.65 -33.44
N PRO P 42 -2.16 19.32 -32.33
CA PRO P 42 -3.61 19.46 -32.29
C PRO P 42 -4.02 20.93 -32.39
N SER P 43 -5.03 21.18 -33.20
CA SER P 43 -5.72 22.46 -33.24
C SER P 43 -6.49 22.68 -31.92
N ALA P 44 -6.84 23.94 -31.66
CA ALA P 44 -7.63 24.30 -30.49
C ALA P 44 -8.96 23.55 -30.48
N GLU P 45 -9.58 23.43 -31.65
CA GLU P 45 -10.86 22.75 -31.79
C GLU P 45 -10.75 21.25 -31.53
N GLN P 46 -9.65 20.65 -32.02
CA GLN P 46 -9.34 19.25 -31.77
C GLN P 46 -9.25 18.95 -30.27
N ALA P 47 -8.57 19.83 -29.53
CA ALA P 47 -8.51 19.78 -28.07
C ALA P 47 -9.90 19.98 -27.49
N GLN P 48 -10.61 20.96 -28.05
CA GLN P 48 -11.93 21.35 -27.57
C GLN P 48 -12.90 20.17 -27.53
N GLN P 49 -12.71 19.24 -28.46
CA GLN P 49 -13.51 18.02 -28.48
C GLN P 49 -13.00 16.94 -27.51
N HIS P 50 -11.68 16.71 -27.44
CA HIS P 50 -11.13 15.72 -26.46
C HIS P 50 -11.41 16.16 -25.06
N TYR P 51 -11.41 17.48 -24.85
CA TYR P 51 -11.78 18.05 -23.55
C TYR P 51 -13.18 18.67 -23.55
N ILE P 52 -14.09 18.06 -24.31
CA ILE P 52 -15.45 18.58 -24.44
C ILE P 52 -16.26 18.36 -23.15
N ASP P 53 -15.94 17.29 -22.44
CA ASP P 53 -16.47 17.05 -21.10
C ASP P 53 -15.95 18.12 -20.15
N LEU P 54 -14.98 18.92 -20.63
CA LEU P 54 -14.32 19.96 -19.84
C LEU P 54 -14.59 21.38 -20.37
N ALA P 55 -15.50 21.53 -21.32
CA ALA P 55 -15.81 22.84 -21.92
C ALA P 55 -16.35 23.92 -20.95
N SER P 56 -16.94 23.51 -19.84
CA SER P 56 -17.57 24.46 -18.90
C SER P 56 -16.74 24.76 -17.66
N LYS P 57 -15.60 24.07 -17.54
CA LYS P 57 -14.77 24.14 -16.34
C LYS P 57 -13.96 25.44 -16.26
N PRO P 58 -13.80 25.99 -15.04
CA PRO P 58 -13.01 27.18 -14.73
C PRO P 58 -11.60 27.24 -15.34
N PHE P 59 -10.99 26.07 -15.54
CA PHE P 59 -9.64 26.02 -16.09
C PHE P 59 -9.62 25.91 -17.62
N TYR P 60 -10.74 25.44 -18.18
CA TYR P 60 -10.87 25.00 -19.57
C TYR P 60 -10.03 25.71 -20.60
N LYS P 61 -10.03 27.04 -20.56
CA LYS P 61 -9.23 27.86 -21.50
C LYS P 61 -7.72 27.61 -21.44
N ASP P 62 -7.18 27.61 -20.22
CA ASP P 62 -5.75 27.39 -19.95
C ASP P 62 -5.35 25.94 -20.26
N LEU P 63 -6.23 25.02 -19.90
CA LEU P 63 -6.02 23.61 -20.21
C LEU P 63 -5.92 23.37 -21.72
N VAL P 64 -6.85 23.94 -22.48
CA VAL P 64 -6.85 23.76 -23.92
C VAL P 64 -5.63 24.45 -24.53
N ALA P 65 -5.31 25.64 -24.03
CA ALA P 65 -4.24 26.48 -24.58
C ALA P 65 -2.85 25.86 -24.48
N TYR P 66 -2.51 25.35 -23.30
CA TYR P 66 -1.23 24.71 -23.10
C TYR P 66 -1.09 23.45 -23.96
N PHE P 67 -2.16 22.65 -24.00
CA PHE P 67 -2.25 21.43 -24.82
C PHE P 67 -1.98 21.71 -26.30
N SER P 68 -2.01 23.01 -26.65
CA SER P 68 -1.82 23.48 -28.02
C SER P 68 -0.44 24.12 -28.26
N SER P 69 0.26 24.40 -27.17
CA SER P 69 1.55 25.12 -27.20
C SER P 69 2.71 24.27 -27.70
N GLY P 70 2.66 22.97 -27.46
CA GLY P 70 3.69 22.02 -27.93
C GLY P 70 3.09 20.91 -28.78
N PRO P 71 3.95 20.18 -29.51
CA PRO P 71 3.47 19.06 -30.33
C PRO P 71 3.15 17.83 -29.47
N ILE P 72 2.33 16.94 -30.01
CA ILE P 72 1.80 15.82 -29.24
C ILE P 72 2.11 14.53 -29.96
N VAL P 73 2.55 13.52 -29.18
CA VAL P 73 2.73 12.16 -29.68
C VAL P 73 1.45 11.39 -29.45
N GLY P 74 0.79 10.99 -30.55
CA GLY P 74 -0.48 10.27 -30.46
C GLY P 74 -0.30 8.79 -30.78
N MET P 75 -0.72 7.93 -29.85
CA MET P 75 -0.52 6.49 -29.94
C MET P 75 -1.78 5.75 -29.55
N VAL P 76 -2.00 4.58 -30.13
CA VAL P 76 -2.96 3.61 -29.56
C VAL P 76 -2.22 2.34 -29.19
N TRP P 77 -2.66 1.67 -28.14
CA TRP P 77 -2.02 0.43 -27.68
C TRP P 77 -3.00 -0.71 -27.53
N GLU P 78 -2.48 -1.93 -27.62
CA GLU P 78 -3.33 -3.11 -27.58
C GLU P 78 -2.82 -4.28 -26.73
N GLY P 79 -3.76 -5.05 -26.19
CA GLY P 79 -3.46 -6.19 -25.33
C GLY P 79 -4.54 -6.36 -24.28
N LYS P 80 -4.35 -7.33 -23.38
CA LYS P 80 -5.32 -7.59 -22.30
C LYS P 80 -5.22 -6.57 -21.16
N GLY P 81 -6.39 -6.15 -20.66
CA GLY P 81 -6.48 -5.16 -19.57
C GLY P 81 -5.62 -3.93 -19.81
N VAL P 82 -5.34 -3.66 -21.08
CA VAL P 82 -4.54 -2.53 -21.56
C VAL P 82 -4.99 -1.18 -20.96
N VAL P 83 -6.29 -1.04 -20.73
CA VAL P 83 -6.86 0.17 -20.10
C VAL P 83 -6.45 0.25 -18.63
N LYS P 84 -6.79 -0.81 -17.88
CA LYS P 84 -6.42 -0.97 -16.47
C LYS P 84 -4.90 -1.00 -16.29
N GLY P 85 -4.21 -1.78 -17.15
CA GLY P 85 -2.74 -1.83 -17.18
C GLY P 85 -2.07 -0.52 -17.59
N GLY P 86 -2.62 0.12 -18.63
CA GLY P 86 -2.06 1.35 -19.14
C GLY P 86 -2.10 2.45 -18.10
N ARG P 87 -3.12 2.38 -17.25
CA ARG P 87 -3.24 3.39 -16.21
C ARG P 87 -2.15 3.22 -15.16
N VAL P 88 -1.78 1.98 -14.90
CA VAL P 88 -0.77 1.59 -13.90
C VAL P 88 0.63 2.08 -14.27
N LEU P 89 1.00 1.86 -15.53
CA LEU P 89 2.36 2.15 -15.99
C LEU P 89 2.67 3.64 -15.97
N LEU P 90 1.68 4.46 -16.32
CA LEU P 90 1.78 5.91 -16.12
C LEU P 90 1.73 6.27 -14.62
N GLY P 91 0.85 5.58 -13.88
CA GLY P 91 0.56 5.89 -12.47
C GLY P 91 -0.57 6.89 -12.29
N ALA P 92 -0.68 7.48 -11.10
CA ALA P 92 -1.67 8.55 -10.87
C ALA P 92 -1.33 9.81 -11.67
N THR P 93 -2.32 10.43 -12.30
CA THR P 93 -2.09 11.63 -13.10
C THR P 93 -1.31 12.68 -12.31
N ASN P 94 -1.59 12.79 -11.01
CA ASN P 94 -0.80 13.64 -10.12
C ASN P 94 0.57 12.99 -9.81
N PRO P 95 1.67 13.49 -10.44
CA PRO P 95 3.00 12.89 -10.26
C PRO P 95 3.54 13.00 -8.82
N ALA P 96 2.84 13.79 -8.01
CA ALA P 96 3.22 14.08 -6.63
C ALA P 96 2.97 12.90 -5.70
N ASP P 97 1.95 12.11 -6.04
CA ASP P 97 1.62 10.85 -5.37
C ASP P 97 2.09 9.62 -6.16
N SER P 98 2.49 9.84 -7.42
CA SER P 98 3.02 8.79 -8.29
C SER P 98 4.31 8.12 -7.78
N LEU P 99 4.20 6.82 -7.47
CA LEU P 99 5.30 6.00 -6.98
C LEU P 99 6.30 5.71 -8.08
N PRO P 100 7.62 5.86 -7.80
CA PRO P 100 8.71 5.34 -8.63
C PRO P 100 8.51 3.91 -9.18
N GLY P 101 8.92 3.73 -10.43
CA GLY P 101 8.50 2.62 -11.24
C GLY P 101 7.67 3.15 -12.40
N THR P 102 6.85 4.18 -12.14
CA THR P 102 5.99 4.78 -13.16
C THR P 102 6.72 5.85 -13.97
N ILE P 103 6.22 6.10 -15.19
CA ILE P 103 6.70 7.18 -16.07
C ILE P 103 6.60 8.57 -15.38
N ARG P 104 5.40 8.88 -14.90
CA ARG P 104 5.12 10.17 -14.25
C ARG P 104 5.85 10.34 -12.92
N GLY P 105 6.06 9.22 -12.22
CA GLY P 105 6.87 9.20 -11.00
C GLY P 105 8.34 9.30 -11.36
N ASP P 106 8.68 8.76 -12.54
CA ASP P 106 10.06 8.81 -13.00
C ASP P 106 10.36 10.08 -13.82
N PHE P 107 9.34 10.75 -14.38
CA PHE P 107 9.60 11.90 -15.28
C PHE P 107 8.72 13.17 -15.12
N ALA P 108 8.32 13.50 -13.90
CA ALA P 108 7.48 14.70 -13.69
C ALA P 108 7.42 15.16 -12.24
N VAL P 109 7.20 16.47 -12.04
CA VAL P 109 7.05 17.08 -10.70
C VAL P 109 5.63 17.53 -10.33
N ASP P 110 4.87 17.98 -11.32
CA ASP P 110 3.58 18.63 -11.05
C ASP P 110 2.49 18.12 -11.99
N VAL P 111 1.25 18.09 -11.52
CA VAL P 111 0.15 17.69 -12.40
C VAL P 111 -0.10 18.74 -13.49
N GLY P 112 0.37 19.97 -13.30
CA GLY P 112 0.19 21.06 -14.27
C GLY P 112 0.95 20.84 -15.58
N ARG P 113 1.96 19.98 -15.49
CA ARG P 113 2.74 19.49 -16.62
C ARG P 113 3.06 18.04 -16.27
N ASN P 114 2.08 17.16 -16.46
CA ASN P 114 2.23 15.76 -16.05
C ASN P 114 2.62 14.83 -17.20
N VAL P 115 3.53 15.31 -18.05
CA VAL P 115 4.09 14.51 -19.16
C VAL P 115 3.06 13.92 -20.15
N CYS P 116 2.12 13.10 -19.66
CA CYS P 116 1.43 12.14 -20.52
C CYS P 116 -0.05 11.90 -20.23
N HIS P 117 -0.72 11.24 -21.15
CA HIS P 117 -2.09 10.75 -20.91
C HIS P 117 -2.27 9.30 -21.29
N GLY P 118 -3.13 8.61 -20.56
CA GLY P 118 -3.64 7.29 -20.96
C GLY P 118 -5.14 7.21 -20.71
N SER P 119 -5.84 6.41 -21.51
CA SER P 119 -7.29 6.24 -21.34
C SER P 119 -7.68 5.78 -19.91
N ASP P 120 -8.74 6.39 -19.38
CA ASP P 120 -9.24 6.10 -18.03
C ASP P 120 -10.31 5.00 -18.00
N SER P 121 -11.22 4.99 -18.97
CA SER P 121 -12.22 3.92 -19.08
C SER P 121 -12.20 3.23 -20.45
N VAL P 122 -12.76 2.03 -20.52
CA VAL P 122 -12.92 1.33 -21.78
C VAL P 122 -13.77 2.20 -22.71
N ASP P 123 -14.77 2.87 -22.14
CA ASP P 123 -15.57 3.84 -22.86
C ASP P 123 -14.74 5.00 -23.45
N SER P 124 -13.86 5.57 -22.62
CA SER P 124 -12.98 6.69 -23.00
C SER P 124 -12.01 6.32 -24.12
N ALA P 125 -11.44 5.12 -24.01
CA ALA P 125 -10.54 4.60 -25.01
C ALA P 125 -11.27 4.51 -26.34
N LYS P 126 -12.42 3.84 -26.37
CA LYS P 126 -13.26 3.75 -27.57
C LYS P 126 -13.66 5.10 -28.17
N ARG P 127 -13.78 6.13 -27.32
CA ARG P 127 -13.98 7.51 -27.79
C ARG P 127 -12.65 8.12 -28.29
N GLU P 128 -11.62 8.05 -27.44
CA GLU P 128 -10.32 8.66 -27.72
C GLU P 128 -9.60 8.11 -28.94
N ILE P 129 -10.02 6.93 -29.39
CA ILE P 129 -9.51 6.42 -30.64
C ILE P 129 -10.23 7.08 -31.82
N ALA P 130 -11.57 7.13 -31.71
CA ALA P 130 -12.43 7.56 -32.81
C ALA P 130 -12.27 9.04 -33.18
N PHE P 131 -12.04 9.89 -32.18
CA PHE P 131 -11.72 11.29 -32.46
C PHE P 131 -10.28 11.48 -32.91
N TRP P 132 -9.33 10.85 -32.23
CA TRP P 132 -7.91 11.09 -32.49
C TRP P 132 -7.36 10.40 -33.71
N PHE P 133 -8.11 9.44 -34.24
CA PHE P 133 -7.64 8.70 -35.41
C PHE P 133 -8.77 8.27 -36.34
N LYS P 134 -8.45 8.31 -37.64
CA LYS P 134 -9.24 7.72 -38.71
C LYS P 134 -9.13 6.19 -38.63
N PRO P 135 -10.13 5.46 -39.17
CA PRO P 135 -10.16 3.99 -39.25
C PRO P 135 -8.88 3.32 -39.79
N GLU P 136 -8.34 3.90 -40.87
CA GLU P 136 -7.25 3.30 -41.66
C GLU P 136 -5.86 3.41 -41.03
N GLU P 137 -5.71 4.32 -40.07
CA GLU P 137 -4.41 4.60 -39.46
C GLU P 137 -4.04 3.56 -38.41
N LEU P 138 -5.03 2.79 -37.98
CA LEU P 138 -4.82 1.70 -37.03
C LEU P 138 -4.54 0.43 -37.80
N VAL P 139 -3.32 -0.07 -37.64
CA VAL P 139 -2.76 -1.13 -38.49
C VAL P 139 -2.59 -2.47 -37.73
N ASN P 140 -3.03 -3.54 -38.38
CA ASN P 140 -3.05 -4.86 -37.76
C ASN P 140 -1.97 -5.79 -38.30
N TRP P 141 -1.14 -6.28 -37.37
CA TRP P 141 -0.07 -7.22 -37.64
C TRP P 141 0.19 -7.96 -36.38
N THR P 142 0.29 -9.29 -36.46
CA THR P 142 0.57 -10.10 -35.28
C THR P 142 2.00 -9.85 -34.80
N SER P 143 2.17 -9.42 -33.56
CA SER P 143 3.53 -9.36 -33.00
C SER P 143 4.02 -10.78 -32.85
N HIS P 144 5.22 -11.05 -33.36
CA HIS P 144 5.78 -12.39 -33.30
C HIS P 144 5.95 -12.84 -31.88
N SER P 145 5.73 -11.92 -30.94
CA SER P 145 5.82 -12.21 -29.53
C SER P 145 4.45 -12.36 -28.85
N VAL P 146 3.42 -12.68 -29.65
CA VAL P 146 2.07 -12.94 -29.14
C VAL P 146 1.98 -14.24 -28.32
N LYS P 147 2.33 -15.36 -28.94
CA LYS P 147 2.17 -16.68 -28.33
C LYS P 147 2.91 -16.88 -27.01
N GLN P 148 3.82 -15.97 -26.67
CA GLN P 148 4.51 -16.04 -25.37
C GLN P 148 4.20 -14.85 -24.47
N VAL P 149 3.52 -13.86 -25.05
CA VAL P 149 2.81 -12.84 -24.27
C VAL P 149 1.46 -13.43 -23.77
N TYR P 150 0.92 -14.41 -24.50
CA TYR P 150 -0.41 -14.98 -24.23
C TYR P 150 -0.54 -16.49 -24.44
N GLU P 151 -1.42 -17.10 -23.62
CA GLU P 151 -1.95 -18.45 -23.84
C GLU P 151 -3.06 -18.48 -24.89
N MET Q 1 19.12 -16.09 7.22
CA MET Q 1 20.54 -15.63 7.27
C MET Q 1 21.09 -15.36 5.87
N THR Q 2 22.39 -15.04 5.80
CA THR Q 2 23.08 -14.57 4.60
C THR Q 2 23.21 -15.61 3.46
N SER Q 3 23.34 -16.89 3.80
CA SER Q 3 23.54 -17.88 2.75
C SER Q 3 22.29 -18.64 2.30
N GLU Q 4 21.12 -18.17 2.73
CA GLU Q 4 19.83 -18.71 2.28
C GLU Q 4 19.77 -18.57 0.76
N ARG Q 5 19.20 -19.58 0.11
CA ARG Q 5 19.03 -19.55 -1.35
C ARG Q 5 17.57 -19.55 -1.83
N THR Q 6 17.41 -19.18 -3.09
CA THR Q 6 16.12 -19.32 -3.76
C THR Q 6 16.34 -19.67 -5.24
N PHE Q 7 15.40 -20.47 -5.76
CA PHE Q 7 15.40 -20.94 -7.14
C PHE Q 7 14.65 -19.92 -7.97
N ILE Q 8 15.36 -19.34 -8.95
CA ILE Q 8 14.77 -18.40 -9.93
C ILE Q 8 14.66 -19.08 -11.29
N ALA Q 9 13.56 -18.84 -12.00
CA ALA Q 9 13.40 -19.40 -13.35
C ALA Q 9 12.68 -18.41 -14.25
N VAL Q 10 13.38 -17.93 -15.28
CA VAL Q 10 12.75 -17.04 -16.25
C VAL Q 10 12.00 -17.89 -17.29
N LYS Q 11 10.73 -17.54 -17.46
CA LYS Q 11 9.76 -18.38 -18.16
C LYS Q 11 9.97 -18.39 -19.68
N PRO Q 12 9.24 -19.27 -20.40
CA PRO Q 12 9.55 -19.46 -21.82
C PRO Q 12 9.39 -18.15 -22.58
N ASP Q 13 8.42 -17.36 -22.16
CA ASP Q 13 8.19 -16.02 -22.71
C ASP Q 13 9.32 -15.05 -22.40
N GLY Q 14 9.83 -15.10 -21.17
CA GLY Q 14 10.93 -14.21 -20.75
C GLY Q 14 12.19 -14.34 -21.58
N VAL Q 15 12.57 -15.57 -21.87
CA VAL Q 15 13.70 -15.89 -22.72
C VAL Q 15 13.51 -15.27 -24.11
N GLN Q 16 12.28 -15.41 -24.63
CA GLN Q 16 11.93 -15.12 -26.02
C GLN Q 16 11.82 -13.64 -26.28
N ARG Q 17 11.43 -12.92 -25.23
CA ARG Q 17 11.15 -11.49 -25.36
C ARG Q 17 12.39 -10.66 -25.00
N CYS Q 18 13.49 -11.38 -24.77
CA CYS Q 18 14.81 -10.81 -24.44
C CYS Q 18 14.87 -10.22 -23.02
N LEU Q 19 14.53 -11.03 -22.02
CA LEU Q 19 14.56 -10.52 -20.66
C LEU Q 19 15.67 -11.08 -19.79
N VAL Q 20 16.20 -12.24 -20.16
CA VAL Q 20 17.22 -12.99 -19.38
C VAL Q 20 18.24 -12.09 -18.65
N GLY Q 21 18.78 -11.12 -19.39
CA GLY Q 21 19.76 -10.18 -18.85
C GLY Q 21 19.14 -9.18 -17.90
N GLU Q 22 18.07 -8.52 -18.34
CA GLU Q 22 17.42 -7.50 -17.55
C GLU Q 22 17.02 -8.06 -16.19
N ILE Q 23 16.66 -9.35 -16.16
CA ILE Q 23 16.33 -10.04 -14.92
C ILE Q 23 17.60 -10.21 -14.09
N ILE Q 24 18.67 -10.65 -14.75
CA ILE Q 24 19.96 -10.90 -14.10
C ILE Q 24 20.52 -9.63 -13.44
N GLN Q 25 20.41 -8.51 -14.15
CA GLN Q 25 20.84 -7.20 -13.66
C GLN Q 25 20.06 -6.84 -12.39
N ARG Q 26 18.77 -7.19 -12.36
CA ARG Q 26 17.90 -6.73 -11.29
C ARG Q 26 18.17 -7.40 -9.95
N PHE Q 27 18.50 -8.68 -9.99
CA PHE Q 27 18.96 -9.38 -8.79
C PHE Q 27 20.38 -8.92 -8.43
N GLU Q 28 21.19 -8.63 -9.44
CA GLU Q 28 22.60 -8.27 -9.29
C GLU Q 28 22.79 -6.92 -8.61
N LYS Q 29 22.14 -5.91 -9.16
CA LYS Q 29 22.35 -4.55 -8.67
C LYS Q 29 21.91 -4.39 -7.21
N LYS Q 30 21.23 -5.40 -6.67
CA LYS Q 30 20.87 -5.47 -5.27
C LYS Q 30 22.11 -5.92 -4.45
N GLY Q 31 22.70 -7.05 -4.83
CA GLY Q 31 23.86 -7.62 -4.13
C GLY Q 31 23.76 -9.12 -3.97
N TYR Q 32 22.77 -9.70 -4.66
CA TYR Q 32 22.41 -11.12 -4.58
C TYR Q 32 23.30 -11.95 -5.47
N LYS Q 33 23.98 -12.93 -4.88
CA LYS Q 33 25.12 -13.65 -5.50
C LYS Q 33 24.67 -14.82 -6.39
N LEU Q 34 25.32 -14.98 -7.55
CA LEU Q 34 25.05 -16.12 -8.43
C LEU Q 34 25.59 -17.44 -7.85
N VAL Q 35 24.78 -18.49 -7.90
CA VAL Q 35 25.18 -19.75 -7.32
C VAL Q 35 25.33 -20.80 -8.44
N ALA Q 36 24.29 -20.95 -9.25
CA ALA Q 36 24.27 -21.90 -10.36
C ALA Q 36 23.47 -21.35 -11.53
N LEU Q 37 23.79 -21.80 -12.74
CA LEU Q 37 23.14 -21.25 -13.92
C LEU Q 37 23.05 -22.29 -15.05
N LYS Q 38 21.87 -22.41 -15.65
CA LYS Q 38 21.65 -23.34 -16.75
C LYS Q 38 20.56 -22.86 -17.70
N MET Q 39 20.70 -23.20 -18.97
CA MET Q 39 19.69 -22.96 -20.01
C MET Q 39 19.13 -24.30 -20.53
N LEU Q 40 17.80 -24.41 -20.61
CA LEU Q 40 17.16 -25.68 -21.05
C LEU Q 40 15.69 -25.61 -21.50
N GLN Q 41 15.32 -26.52 -22.39
CA GLN Q 41 13.92 -26.83 -22.65
C GLN Q 41 13.54 -28.01 -21.74
N PRO Q 42 12.94 -27.71 -20.58
CA PRO Q 42 12.55 -28.76 -19.65
C PRO Q 42 11.38 -29.57 -20.22
N SER Q 43 11.48 -30.89 -20.14
CA SER Q 43 10.47 -31.76 -20.72
C SER Q 43 9.16 -31.74 -19.92
N ALA Q 44 8.08 -32.13 -20.60
CA ALA Q 44 6.79 -32.35 -19.97
C ALA Q 44 6.91 -33.19 -18.71
N GLU Q 45 7.77 -34.20 -18.74
CA GLU Q 45 7.96 -35.10 -17.62
C GLU Q 45 8.55 -34.40 -16.38
N GLN Q 46 9.49 -33.49 -16.62
CA GLN Q 46 10.14 -32.76 -15.53
C GLN Q 46 9.22 -31.67 -14.95
N ALA Q 47 8.66 -30.83 -15.81
CA ALA Q 47 7.66 -29.82 -15.39
C ALA Q 47 6.46 -30.43 -14.62
N GLN Q 48 6.02 -31.61 -15.06
CA GLN Q 48 5.07 -32.45 -14.34
C GLN Q 48 5.54 -32.71 -12.90
N GLN Q 49 6.83 -33.01 -12.75
CA GLN Q 49 7.41 -33.22 -11.45
C GLN Q 49 7.51 -31.87 -10.74
N HIS Q 50 7.58 -30.79 -11.52
CA HIS Q 50 7.61 -29.43 -10.98
C HIS Q 50 6.24 -29.05 -10.46
N TYR Q 51 5.20 -29.35 -11.24
CA TYR Q 51 3.83 -29.13 -10.77
C TYR Q 51 3.18 -30.41 -10.24
N ILE Q 52 4.01 -31.27 -9.66
CA ILE Q 52 3.55 -32.53 -9.08
C ILE Q 52 2.45 -32.26 -8.04
N ASP Q 53 2.33 -31.01 -7.65
CA ASP Q 53 1.26 -30.59 -6.79
C ASP Q 53 0.00 -30.29 -7.63
N LEU Q 54 0.20 -29.97 -8.90
CA LEU Q 54 -0.91 -29.54 -9.77
C LEU Q 54 -1.29 -30.51 -10.92
N ALA Q 55 -0.83 -31.76 -10.81
CA ALA Q 55 -1.12 -32.83 -11.78
C ALA Q 55 -2.59 -33.21 -11.95
N SER Q 56 -3.39 -33.00 -10.91
CA SER Q 56 -4.79 -33.40 -10.90
C SER Q 56 -5.76 -32.31 -11.40
N LYS Q 57 -5.21 -31.13 -11.69
CA LYS Q 57 -6.01 -29.96 -12.11
C LYS Q 57 -6.32 -29.96 -13.62
N PRO Q 58 -7.37 -29.21 -14.05
CA PRO Q 58 -7.69 -29.16 -15.48
C PRO Q 58 -6.76 -28.24 -16.29
N PHE Q 59 -6.32 -27.13 -15.68
CA PHE Q 59 -5.48 -26.11 -16.36
C PHE Q 59 -4.07 -26.62 -16.69
N TYR Q 60 -3.81 -27.82 -16.18
CA TYR Q 60 -2.50 -28.43 -16.11
C TYR Q 60 -1.85 -28.59 -17.46
N LYS Q 61 -2.61 -29.12 -18.42
CA LYS Q 61 -2.04 -29.49 -19.71
C LYS Q 61 -1.45 -28.30 -20.45
N ASP Q 62 -2.10 -27.15 -20.34
CA ASP Q 62 -1.61 -25.95 -21.02
C ASP Q 62 -0.40 -25.37 -20.31
N LEU Q 63 -0.40 -25.44 -18.97
CA LEU Q 63 0.72 -24.92 -18.19
C LEU Q 63 2.03 -25.68 -18.48
N VAL Q 64 1.95 -27.01 -18.46
CA VAL Q 64 3.07 -27.89 -18.85
C VAL Q 64 3.50 -27.56 -20.28
N ALA Q 65 2.51 -27.42 -21.18
CA ALA Q 65 2.77 -27.11 -22.59
C ALA Q 65 3.46 -25.76 -22.73
N TYR Q 66 3.02 -24.79 -21.92
CA TYR Q 66 3.64 -23.49 -21.82
C TYR Q 66 5.03 -23.61 -21.22
N PHE Q 67 5.19 -24.33 -20.12
CA PHE Q 67 6.53 -24.50 -19.52
C PHE Q 67 7.51 -25.37 -20.32
N SER Q 68 6.97 -26.14 -21.25
CA SER Q 68 7.77 -26.93 -22.18
C SER Q 68 7.82 -26.26 -23.57
N SER Q 69 7.17 -25.10 -23.69
CA SER Q 69 6.99 -24.39 -24.99
C SER Q 69 8.23 -23.68 -25.51
N GLY Q 70 9.02 -23.16 -24.59
CA GLY Q 70 10.30 -22.59 -24.93
C GLY Q 70 11.34 -23.12 -23.95
N PRO Q 71 12.60 -22.70 -24.15
CA PRO Q 71 13.67 -22.95 -23.18
C PRO Q 71 13.52 -22.09 -21.91
N ILE Q 72 14.19 -22.51 -20.84
CA ILE Q 72 14.08 -21.85 -19.55
C ILE Q 72 15.47 -21.53 -19.02
N VAL Q 73 15.62 -20.39 -18.37
CA VAL Q 73 16.86 -20.09 -17.67
C VAL Q 73 16.63 -20.51 -16.23
N GLY Q 74 17.38 -21.52 -15.76
CA GLY Q 74 17.27 -22.02 -14.38
C GLY Q 74 18.30 -21.41 -13.46
N MET Q 75 17.87 -20.75 -12.41
CA MET Q 75 18.79 -19.99 -11.56
C MET Q 75 18.78 -20.33 -10.08
N VAL Q 76 19.94 -20.12 -9.47
CA VAL Q 76 20.12 -20.18 -8.02
C VAL Q 76 20.75 -18.84 -7.60
N TRP Q 77 20.25 -18.25 -6.51
CA TRP Q 77 20.74 -16.93 -6.05
C TRP Q 77 20.84 -16.81 -4.55
N GLU Q 78 21.96 -16.26 -4.07
CA GLU Q 78 22.32 -16.31 -2.65
C GLU Q 78 22.21 -14.94 -1.97
N GLY Q 79 21.37 -14.85 -0.93
CA GLY Q 79 21.20 -13.59 -0.18
C GLY Q 79 20.27 -13.57 1.03
N LYS Q 80 20.31 -12.45 1.77
CA LYS Q 80 19.56 -12.27 3.01
C LYS Q 80 18.06 -12.18 2.78
N GLY Q 81 17.31 -13.06 3.43
CA GLY Q 81 15.84 -13.08 3.31
C GLY Q 81 15.41 -13.19 1.85
N VAL Q 82 16.33 -13.69 1.04
CA VAL Q 82 16.21 -13.83 -0.40
C VAL Q 82 14.81 -14.21 -0.94
N VAL Q 83 14.03 -14.96 -0.15
CA VAL Q 83 12.78 -15.56 -0.63
C VAL Q 83 11.61 -14.57 -0.69
N LYS Q 84 11.17 -14.04 0.46
CA LYS Q 84 10.04 -13.09 0.50
C LYS Q 84 10.35 -11.75 -0.16
N GLY Q 85 11.51 -11.17 0.16
CA GLY Q 85 12.03 -9.99 -0.53
C GLY Q 85 12.26 -10.24 -2.01
N GLY Q 86 12.71 -11.46 -2.33
CA GLY Q 86 12.90 -11.87 -3.72
C GLY Q 86 11.61 -11.90 -4.49
N ARG Q 87 10.55 -12.37 -3.83
CA ARG Q 87 9.22 -12.44 -4.41
C ARG Q 87 8.69 -11.05 -4.65
N VAL Q 88 8.91 -10.17 -3.68
CA VAL Q 88 8.45 -8.78 -3.81
C VAL Q 88 9.26 -8.02 -4.88
N LEU Q 89 10.55 -8.33 -5.06
CA LEU Q 89 11.31 -7.91 -6.25
C LEU Q 89 10.61 -8.34 -7.54
N LEU Q 90 10.02 -9.52 -7.51
CA LEU Q 90 9.36 -10.00 -8.70
C LEU Q 90 7.98 -9.39 -8.80
N GLY Q 91 7.33 -9.10 -7.66
CA GLY Q 91 5.98 -8.53 -7.63
C GLY Q 91 4.89 -9.60 -7.53
N ALA Q 92 3.64 -9.25 -7.83
CA ALA Q 92 2.54 -10.22 -7.74
C ALA Q 92 2.54 -11.29 -8.83
N THR Q 93 2.09 -12.49 -8.48
CA THR Q 93 1.90 -13.60 -9.45
C THR Q 93 1.17 -13.13 -10.71
N ASN Q 94 0.14 -12.30 -10.52
CA ASN Q 94 -0.59 -11.66 -11.61
C ASN Q 94 0.06 -10.31 -11.96
N PRO Q 95 0.50 -10.15 -13.21
CA PRO Q 95 1.16 -8.94 -13.72
C PRO Q 95 0.26 -7.72 -13.72
N ALA Q 96 -1.06 -7.95 -13.75
CA ALA Q 96 -2.07 -6.88 -13.59
C ALA Q 96 -1.97 -6.25 -12.19
N ASP Q 97 -1.40 -7.02 -11.27
CA ASP Q 97 -1.30 -6.65 -9.87
C ASP Q 97 0.15 -6.35 -9.45
N SER Q 98 1.09 -6.56 -10.36
CA SER Q 98 2.49 -6.30 -10.09
C SER Q 98 2.73 -4.81 -10.26
N LEU Q 99 3.47 -4.20 -9.33
CA LEU Q 99 3.73 -2.76 -9.35
C LEU Q 99 4.83 -2.34 -10.35
N PRO Q 100 4.75 -1.10 -10.87
CA PRO Q 100 5.85 -0.61 -11.69
C PRO Q 100 7.15 -0.61 -10.88
N GLY Q 101 8.27 -0.94 -11.54
CA GLY Q 101 9.58 -1.05 -10.87
C GLY Q 101 10.03 -2.47 -10.55
N THR Q 102 9.07 -3.39 -10.43
CA THR Q 102 9.34 -4.82 -10.36
C THR Q 102 9.47 -5.41 -11.77
N ILE Q 103 10.05 -6.61 -11.85
CA ILE Q 103 10.21 -7.33 -13.12
C ILE Q 103 8.85 -7.56 -13.80
N ARG Q 104 7.87 -8.02 -13.02
CA ARG Q 104 6.57 -8.34 -13.58
C ARG Q 104 5.75 -7.09 -13.88
N GLY Q 105 5.97 -6.05 -13.06
CA GLY Q 105 5.34 -4.74 -13.23
C GLY Q 105 5.89 -4.01 -14.44
N ASP Q 106 7.15 -4.30 -14.79
CA ASP Q 106 7.79 -3.72 -15.97
C ASP Q 106 7.63 -4.56 -17.25
N PHE Q 107 7.55 -5.88 -17.12
CA PHE Q 107 7.78 -6.78 -18.27
C PHE Q 107 6.78 -7.91 -18.59
N ALA Q 108 5.58 -7.87 -18.04
CA ALA Q 108 4.56 -8.86 -18.40
C ALA Q 108 3.14 -8.30 -18.29
N VAL Q 109 2.22 -8.86 -19.08
CA VAL Q 109 0.84 -8.34 -19.16
C VAL Q 109 -0.25 -9.27 -18.60
N ASP Q 110 -0.16 -10.57 -18.93
CA ASP Q 110 -1.18 -11.55 -18.57
C ASP Q 110 -0.57 -12.63 -17.69
N VAL Q 111 -1.40 -13.25 -16.86
CA VAL Q 111 -0.90 -14.20 -15.87
C VAL Q 111 -0.49 -15.53 -16.51
N GLY Q 112 -1.11 -15.86 -17.64
CA GLY Q 112 -0.70 -17.05 -18.40
C GLY Q 112 0.73 -16.94 -18.93
N ARG Q 113 1.32 -15.75 -18.76
CA ARG Q 113 2.64 -15.38 -19.29
C ARG Q 113 3.24 -14.27 -18.41
N ASN Q 114 3.53 -14.57 -17.16
CA ASN Q 114 4.02 -13.57 -16.21
C ASN Q 114 5.54 -13.58 -16.13
N VAL Q 115 6.18 -13.79 -17.27
CA VAL Q 115 7.64 -13.70 -17.48
C VAL Q 115 8.60 -14.62 -16.68
N CYS Q 116 8.28 -14.90 -15.42
CA CYS Q 116 9.29 -15.47 -14.51
C CYS Q 116 8.68 -16.18 -13.30
N HIS Q 117 9.50 -16.92 -12.56
CA HIS Q 117 9.07 -17.62 -11.33
C HIS Q 117 10.04 -17.51 -10.18
N GLY Q 118 9.53 -17.10 -9.01
CA GLY Q 118 10.30 -17.01 -7.77
C GLY Q 118 9.66 -17.75 -6.59
N SER Q 119 10.46 -18.60 -5.93
CA SER Q 119 9.98 -19.51 -4.87
C SER Q 119 9.26 -18.79 -3.73
N ASP Q 120 8.13 -19.34 -3.30
CA ASP Q 120 7.24 -18.67 -2.34
C ASP Q 120 7.53 -18.98 -0.86
N SER Q 121 8.35 -20.01 -0.63
CA SER Q 121 8.80 -20.37 0.72
C SER Q 121 10.19 -21.01 0.62
N VAL Q 122 10.96 -20.89 1.70
CA VAL Q 122 12.29 -21.50 1.77
C VAL Q 122 12.24 -23.03 1.50
N ASP Q 123 11.24 -23.70 2.07
CA ASP Q 123 11.01 -25.12 1.80
C ASP Q 123 10.80 -25.35 0.30
N SER Q 124 10.11 -24.41 -0.34
CA SER Q 124 9.93 -24.37 -1.81
C SER Q 124 11.27 -24.21 -2.52
N ALA Q 125 12.14 -23.36 -1.94
CA ALA Q 125 13.44 -23.06 -2.54
C ALA Q 125 14.33 -24.29 -2.57
N LYS Q 126 14.59 -24.85 -1.40
CA LYS Q 126 15.43 -26.07 -1.27
C LYS Q 126 14.90 -27.29 -2.05
N ARG Q 127 13.56 -27.41 -2.14
CA ARG Q 127 12.86 -28.43 -2.94
C ARG Q 127 13.13 -28.27 -4.44
N GLU Q 128 12.92 -27.04 -4.91
CA GLU Q 128 13.08 -26.74 -6.32
C GLU Q 128 14.56 -26.73 -6.64
N ILE Q 129 15.38 -26.63 -5.59
CA ILE Q 129 16.83 -26.65 -5.73
C ILE Q 129 17.33 -28.07 -5.98
N ALA Q 130 16.83 -29.05 -5.21
CA ALA Q 130 17.16 -30.46 -5.44
C ALA Q 130 16.60 -31.02 -6.76
N PHE Q 131 15.39 -30.57 -7.14
CA PHE Q 131 14.80 -30.99 -8.43
C PHE Q 131 15.45 -30.37 -9.68
N TRP Q 132 15.71 -29.07 -9.66
CA TRP Q 132 16.26 -28.42 -10.86
C TRP Q 132 17.77 -28.48 -11.04
N PHE Q 133 18.49 -28.70 -9.94
CA PHE Q 133 19.96 -28.70 -9.98
C PHE Q 133 20.64 -29.81 -9.20
N LYS Q 134 21.85 -30.16 -9.61
CA LYS Q 134 22.63 -31.17 -8.90
C LYS Q 134 23.40 -30.47 -7.75
N PRO Q 135 23.93 -31.25 -6.75
CA PRO Q 135 24.80 -30.64 -5.72
C PRO Q 135 26.05 -29.93 -6.31
N GLU Q 136 26.65 -30.56 -7.32
CA GLU Q 136 27.81 -30.05 -8.04
C GLU Q 136 27.60 -28.76 -8.86
N GLU Q 137 26.35 -28.35 -9.03
CA GLU Q 137 26.03 -27.28 -9.97
C GLU Q 137 26.04 -25.88 -9.34
N LEU Q 138 25.72 -25.83 -8.05
CA LEU Q 138 25.88 -24.60 -7.28
C LEU Q 138 27.37 -24.40 -6.99
N VAL Q 139 27.88 -23.19 -7.26
CA VAL Q 139 29.29 -22.88 -7.05
C VAL Q 139 29.50 -22.02 -5.80
N ASN Q 140 30.18 -22.59 -4.82
CA ASN Q 140 30.60 -21.88 -3.60
C ASN Q 140 31.71 -20.87 -3.92
N TRP Q 141 31.39 -19.59 -3.82
CA TRP Q 141 32.37 -18.53 -3.99
C TRP Q 141 31.99 -17.36 -3.14
N THR Q 142 32.92 -16.41 -3.00
CA THR Q 142 32.69 -15.23 -2.16
C THR Q 142 32.82 -13.91 -2.92
N SER Q 143 31.90 -12.99 -2.63
CA SER Q 143 31.84 -11.70 -3.31
C SER Q 143 32.94 -10.79 -2.80
N HIS Q 144 33.51 -9.99 -3.71
CA HIS Q 144 34.44 -8.94 -3.32
C HIS Q 144 33.74 -7.85 -2.55
N SER Q 145 32.41 -7.82 -2.62
CA SER Q 145 31.59 -6.80 -1.96
C SER Q 145 30.76 -7.31 -0.76
N VAL Q 146 30.90 -8.58 -0.41
CA VAL Q 146 30.24 -9.17 0.78
C VAL Q 146 30.29 -8.24 1.99
N LYS Q 147 31.43 -7.55 2.16
CA LYS Q 147 31.68 -6.62 3.26
C LYS Q 147 30.96 -5.27 3.13
N GLN Q 148 30.81 -4.78 1.90
CA GLN Q 148 30.04 -3.55 1.67
C GLN Q 148 28.53 -3.78 1.39
N VAL Q 149 28.16 -5.05 1.24
CA VAL Q 149 26.78 -5.44 1.03
C VAL Q 149 26.15 -5.81 2.37
N TYR Q 150 26.89 -6.54 3.20
CA TYR Q 150 26.36 -6.96 4.48
C TYR Q 150 27.16 -6.40 5.66
N GLU Q 151 26.59 -6.58 6.85
CA GLU Q 151 27.24 -6.22 8.10
C GLU Q 151 28.10 -7.39 8.58
N MET R 1 6.80 29.08 -5.10
CA MET R 1 7.89 30.09 -5.27
C MET R 1 9.24 29.46 -5.62
N THR R 2 9.30 28.13 -5.50
CA THR R 2 10.39 27.31 -6.09
C THR R 2 11.80 27.65 -5.59
N SER R 3 11.90 28.30 -4.44
CA SER R 3 13.20 28.64 -3.86
C SER R 3 13.67 27.55 -2.91
N GLU R 4 12.75 26.68 -2.51
CA GLU R 4 13.04 25.52 -1.68
C GLU R 4 14.31 24.77 -2.13
N ARG R 5 15.29 24.69 -1.24
CA ARG R 5 16.54 23.93 -1.42
C ARG R 5 16.48 22.64 -0.62
N THR R 6 17.46 21.76 -0.81
CA THR R 6 17.58 20.56 0.02
C THR R 6 19.03 20.10 0.08
N PHE R 7 19.35 19.21 1.00
CA PHE R 7 20.70 18.65 1.04
C PHE R 7 20.61 17.16 0.78
N ILE R 8 21.24 16.74 -0.32
CA ILE R 8 21.36 15.32 -0.64
C ILE R 8 22.83 14.88 -0.64
N ALA R 9 23.09 13.80 0.08
CA ALA R 9 24.44 13.27 0.23
C ALA R 9 24.47 11.76 -0.01
N VAL R 10 24.92 11.37 -1.21
CA VAL R 10 25.15 9.97 -1.58
C VAL R 10 26.39 9.42 -0.87
N LYS R 11 26.17 8.42 -0.03
CA LYS R 11 27.15 7.93 0.93
C LYS R 11 28.26 7.08 0.27
N PRO R 12 29.31 6.71 1.03
CA PRO R 12 30.44 5.92 0.50
C PRO R 12 30.12 4.64 -0.28
N ASP R 13 29.34 3.73 0.29
CA ASP R 13 28.95 2.51 -0.44
C ASP R 13 28.36 2.81 -1.84
N GLY R 14 27.90 4.05 -2.02
CA GLY R 14 27.29 4.50 -3.26
C GLY R 14 28.31 4.79 -4.34
N VAL R 15 29.21 5.73 -4.04
CA VAL R 15 30.34 6.10 -4.91
C VAL R 15 31.08 4.83 -5.38
N GLN R 16 31.18 3.86 -4.47
CA GLN R 16 31.97 2.64 -4.64
C GLN R 16 31.45 1.64 -5.67
N ARG R 17 30.13 1.58 -5.85
CA ARG R 17 29.49 0.58 -6.72
C ARG R 17 28.95 1.22 -8.02
N CYS R 18 29.63 2.31 -8.40
CA CYS R 18 29.36 3.09 -9.61
C CYS R 18 27.98 3.79 -9.72
N LEU R 19 27.62 4.58 -8.71
CA LEU R 19 26.24 5.10 -8.60
C LEU R 19 26.00 6.58 -8.90
N VAL R 20 26.60 7.46 -8.10
CA VAL R 20 26.38 8.92 -8.18
C VAL R 20 25.81 9.40 -9.52
N GLY R 21 26.37 8.87 -10.61
CA GLY R 21 25.95 9.15 -11.99
C GLY R 21 24.45 8.98 -12.29
N GLU R 22 23.90 7.83 -11.91
CA GLU R 22 22.45 7.62 -12.03
C GLU R 22 21.69 8.55 -11.10
N ILE R 23 22.13 8.65 -9.85
CA ILE R 23 21.43 9.42 -8.80
C ILE R 23 21.24 10.88 -9.20
N ILE R 24 22.28 11.47 -9.79
CA ILE R 24 22.21 12.87 -10.16
C ILE R 24 21.31 13.07 -11.37
N GLN R 25 21.44 12.19 -12.38
CA GLN R 25 20.51 12.20 -13.54
C GLN R 25 19.09 12.11 -13.04
N ARG R 26 18.93 11.48 -11.88
CA ARG R 26 17.63 11.22 -11.28
C ARG R 26 16.97 12.46 -10.68
N PHE R 27 17.68 13.19 -9.86
CA PHE R 27 17.16 14.49 -9.44
C PHE R 27 17.16 15.49 -10.62
N GLU R 28 18.04 15.28 -11.59
CA GLU R 28 18.06 16.06 -12.83
C GLU R 28 16.78 15.86 -13.67
N LYS R 29 16.41 14.61 -13.93
CA LYS R 29 15.32 14.32 -14.88
C LYS R 29 13.94 14.71 -14.37
N LYS R 30 13.83 14.87 -13.06
CA LYS R 30 12.57 15.19 -12.37
C LYS R 30 12.11 16.64 -12.61
N GLY R 31 13.01 17.60 -12.39
CA GLY R 31 12.67 19.03 -12.50
C GLY R 31 13.41 19.87 -11.49
N TYR R 32 14.51 19.32 -10.97
CA TYR R 32 15.27 19.96 -9.92
C TYR R 32 16.51 20.65 -10.48
N LYS R 33 16.89 21.76 -9.85
CA LYS R 33 18.13 22.51 -10.14
C LYS R 33 19.21 22.29 -9.06
N LEU R 34 20.24 21.54 -9.44
CA LEU R 34 21.41 21.32 -8.61
C LEU R 34 22.14 22.66 -8.36
N VAL R 35 22.24 23.03 -7.08
CA VAL R 35 22.72 24.36 -6.68
C VAL R 35 24.15 24.36 -6.08
N ALA R 36 24.51 23.27 -5.40
CA ALA R 36 25.90 23.08 -4.91
C ALA R 36 26.35 21.61 -4.84
N LEU R 37 27.64 21.38 -5.01
CA LEU R 37 28.18 20.02 -5.03
C LEU R 37 29.69 20.00 -4.81
N LYS R 38 30.13 19.04 -3.98
CA LYS R 38 31.54 18.83 -3.67
C LYS R 38 31.91 17.37 -3.48
N MET R 39 33.19 17.14 -3.21
CA MET R 39 33.71 15.81 -2.91
C MET R 39 34.64 15.84 -1.70
N LEU R 40 34.24 15.11 -0.66
CA LEU R 40 35.07 14.91 0.53
C LEU R 40 34.68 13.61 1.25
N GLN R 41 35.71 12.86 1.64
CA GLN R 41 35.57 11.91 2.72
C GLN R 41 35.36 12.79 3.96
N PRO R 42 34.15 12.72 4.55
CA PRO R 42 33.71 13.60 5.65
C PRO R 42 34.44 13.39 6.99
N SER R 43 34.77 14.49 7.68
CA SER R 43 35.44 14.37 8.98
C SER R 43 34.45 13.79 9.99
N ALA R 44 34.95 13.02 10.94
CA ALA R 44 34.05 12.34 11.88
C ALA R 44 33.34 13.34 12.78
N GLU R 45 34.07 14.37 13.24
CA GLU R 45 33.47 15.43 14.05
C GLU R 45 32.38 16.12 13.25
N GLN R 46 32.51 16.09 11.93
CA GLN R 46 31.50 16.63 11.02
C GLN R 46 30.24 15.76 10.99
N ALA R 47 30.39 14.48 10.67
CA ALA R 47 29.28 13.53 10.73
C ALA R 47 28.57 13.59 12.07
N GLN R 48 29.33 13.92 13.10
CA GLN R 48 28.81 13.92 14.47
C GLN R 48 27.79 15.03 14.72
N GLN R 49 28.07 16.23 14.23
CA GLN R 49 27.08 17.32 14.29
C GLN R 49 25.97 17.11 13.25
N HIS R 50 26.32 16.54 12.10
CA HIS R 50 25.34 16.23 11.05
C HIS R 50 24.35 15.20 11.51
N TYR R 51 24.84 14.21 12.28
CA TYR R 51 23.97 13.17 12.89
C TYR R 51 23.88 13.29 14.41
N ILE R 52 23.75 14.55 14.86
CA ILE R 52 23.64 14.93 16.28
C ILE R 52 22.47 14.27 17.02
N ASP R 53 21.37 14.06 16.31
CA ASP R 53 20.16 13.56 16.95
C ASP R 53 20.16 12.06 17.25
N LEU R 54 21.05 11.30 16.61
CA LEU R 54 21.11 9.86 16.86
C LEU R 54 22.41 9.47 17.58
N ALA R 55 22.82 10.35 18.48
CA ALA R 55 24.14 10.28 19.11
C ALA R 55 24.24 9.25 20.21
N SER R 56 23.13 9.03 20.92
CA SER R 56 23.15 8.19 22.12
C SER R 56 22.54 6.81 21.90
N LYS R 57 22.55 6.38 20.64
CA LYS R 57 21.98 5.09 20.24
C LYS R 57 23.04 3.98 20.22
N PRO R 58 22.60 2.74 19.90
CA PRO R 58 23.53 1.65 19.60
C PRO R 58 24.33 1.82 18.30
N PHE R 59 23.74 2.40 17.26
CA PHE R 59 24.38 2.45 15.93
C PHE R 59 25.29 3.65 15.66
N TYR R 60 25.51 4.47 16.68
CA TYR R 60 26.27 5.71 16.50
C TYR R 60 27.75 5.51 16.11
N LYS R 61 28.43 4.58 16.75
CA LYS R 61 29.85 4.39 16.45
C LYS R 61 30.10 3.79 15.08
N ASP R 62 29.30 2.79 14.71
CA ASP R 62 29.43 2.12 13.41
C ASP R 62 29.07 2.99 12.18
N LEU R 63 27.98 3.77 12.29
CA LEU R 63 27.57 4.70 11.23
C LEU R 63 28.64 5.77 10.95
N VAL R 64 29.07 6.46 12.01
CA VAL R 64 30.12 7.49 11.89
C VAL R 64 31.35 6.89 11.23
N ALA R 65 31.65 5.63 11.56
CA ALA R 65 32.71 4.87 10.91
C ALA R 65 32.38 4.61 9.42
N TYR R 66 31.16 4.15 9.17
CA TYR R 66 30.70 3.86 7.80
C TYR R 66 30.71 5.11 6.94
N PHE R 67 30.30 6.23 7.55
CA PHE R 67 30.25 7.53 6.90
C PHE R 67 31.63 8.09 6.50
N SER R 68 32.67 7.67 7.20
CA SER R 68 34.03 8.21 7.00
C SER R 68 34.94 7.25 6.23
N SER R 69 34.46 6.02 6.02
CA SER R 69 35.22 4.94 5.41
C SER R 69 35.63 5.17 3.96
N GLY R 70 34.98 6.12 3.28
CA GLY R 70 35.19 6.40 1.84
C GLY R 70 34.57 7.74 1.47
N PRO R 71 34.70 8.16 0.18
CA PRO R 71 34.23 9.51 -0.20
C PRO R 71 32.71 9.75 -0.31
N ILE R 72 32.32 11.02 -0.13
CA ILE R 72 30.92 11.49 -0.22
C ILE R 72 30.77 12.56 -1.30
N VAL R 73 29.68 12.45 -2.06
CA VAL R 73 29.30 13.44 -3.06
C VAL R 73 28.13 14.24 -2.50
N GLY R 74 28.48 15.30 -1.77
CA GLY R 74 27.53 16.21 -1.17
C GLY R 74 26.94 17.16 -2.20
N MET R 75 25.62 17.37 -2.10
CA MET R 75 24.88 18.19 -3.05
C MET R 75 23.80 19.06 -2.41
N VAL R 76 23.45 20.13 -3.11
CA VAL R 76 22.25 20.94 -2.86
C VAL R 76 21.30 20.84 -4.08
N TRP R 77 20.03 20.52 -3.83
CA TRP R 77 19.03 20.48 -4.90
C TRP R 77 17.97 21.54 -4.69
N GLU R 78 17.59 22.26 -5.74
CA GLU R 78 16.46 23.20 -5.61
C GLU R 78 15.24 22.57 -6.24
N GLY R 79 14.06 23.16 -5.99
CA GLY R 79 12.79 22.65 -6.55
C GLY R 79 11.61 22.66 -5.58
N LYS R 80 10.39 22.67 -6.13
CA LYS R 80 9.16 22.67 -5.33
C LYS R 80 8.91 21.34 -4.68
N GLY R 81 8.73 21.37 -3.36
CA GLY R 81 8.62 20.16 -2.56
C GLY R 81 9.82 19.22 -2.70
N VAL R 82 11.00 19.79 -2.97
CA VAL R 82 12.26 19.06 -3.11
C VAL R 82 12.57 18.23 -1.86
N VAL R 83 12.18 18.77 -0.70
CA VAL R 83 12.44 18.16 0.59
C VAL R 83 11.58 16.90 0.74
N LYS R 84 10.28 17.05 0.48
CA LYS R 84 9.34 15.94 0.61
C LYS R 84 9.45 14.90 -0.51
N GLY R 85 9.38 15.36 -1.76
CA GLY R 85 9.46 14.50 -2.97
C GLY R 85 10.77 13.76 -3.10
N GLY R 86 11.87 14.43 -2.71
CA GLY R 86 13.17 13.79 -2.61
C GLY R 86 13.16 12.65 -1.60
N ARG R 87 12.43 12.84 -0.50
CA ARG R 87 12.29 11.80 0.52
C ARG R 87 11.58 10.57 -0.07
N VAL R 88 10.65 10.83 -0.99
CA VAL R 88 9.98 9.78 -1.76
C VAL R 88 10.96 9.11 -2.76
N LEU R 89 11.75 9.93 -3.46
CA LEU R 89 12.54 9.50 -4.62
C LEU R 89 13.68 8.54 -4.28
N LEU R 90 14.45 8.89 -3.26
CA LEU R 90 15.54 8.03 -2.81
C LEU R 90 14.98 6.71 -2.25
N GLY R 91 13.75 6.75 -1.73
CA GLY R 91 13.11 5.57 -1.13
C GLY R 91 13.13 5.71 0.38
N ALA R 92 12.58 4.70 1.08
CA ALA R 92 12.55 4.66 2.55
C ALA R 92 13.93 4.29 3.10
N THR R 93 14.23 4.70 4.34
CA THR R 93 15.59 4.57 4.91
C THR R 93 16.13 3.13 4.91
N ASN R 94 15.31 2.18 5.36
CA ASN R 94 15.61 0.76 5.24
C ASN R 94 15.19 0.31 3.83
N PRO R 95 16.13 -0.29 3.06
CA PRO R 95 15.80 -0.56 1.66
C PRO R 95 14.87 -1.75 1.49
N ALA R 96 14.62 -2.48 2.59
CA ALA R 96 13.70 -3.63 2.63
C ALA R 96 12.21 -3.19 2.58
N ASP R 97 11.91 -2.06 3.19
CA ASP R 97 10.57 -1.48 3.11
C ASP R 97 10.36 -0.74 1.78
N SER R 98 11.46 -0.44 1.09
CA SER R 98 11.48 0.51 -0.02
C SER R 98 11.00 -0.08 -1.34
N LEU R 99 10.19 0.71 -2.04
CA LEU R 99 9.62 0.37 -3.34
C LEU R 99 10.65 0.42 -4.48
N PRO R 100 10.51 -0.51 -5.45
CA PRO R 100 11.32 -0.51 -6.68
C PRO R 100 11.11 0.78 -7.45
N GLY R 101 12.13 1.25 -8.16
CA GLY R 101 12.03 2.51 -8.90
C GLY R 101 12.78 3.65 -8.23
N THR R 102 12.88 3.55 -6.89
CA THR R 102 13.70 4.44 -6.06
C THR R 102 15.17 3.97 -6.09
N ILE R 103 16.08 4.88 -5.78
CA ILE R 103 17.53 4.57 -5.72
C ILE R 103 17.88 3.48 -4.69
N ARG R 104 17.43 3.66 -3.45
CA ARG R 104 17.59 2.63 -2.43
C ARG R 104 16.79 1.36 -2.74
N GLY R 105 15.71 1.51 -3.51
CA GLY R 105 14.89 0.36 -3.91
C GLY R 105 15.57 -0.48 -4.98
N ASP R 106 16.41 0.16 -5.79
CA ASP R 106 17.17 -0.49 -6.86
C ASP R 106 18.58 -0.95 -6.42
N PHE R 107 19.26 -0.12 -5.62
CA PHE R 107 20.70 -0.25 -5.44
C PHE R 107 21.21 -0.49 -4.01
N ALA R 108 20.32 -0.81 -3.08
CA ALA R 108 20.71 -1.02 -1.67
C ALA R 108 20.00 -2.23 -1.02
N VAL R 109 20.73 -2.99 -0.20
CA VAL R 109 20.23 -4.23 0.38
C VAL R 109 19.97 -4.20 1.88
N ASP R 110 20.54 -3.20 2.55
CA ASP R 110 20.71 -3.18 4.01
C ASP R 110 20.67 -1.75 4.56
N VAL R 111 20.31 -1.61 5.82
CA VAL R 111 20.16 -0.29 6.44
C VAL R 111 21.50 0.39 6.79
N GLY R 112 22.50 -0.39 7.20
CA GLY R 112 23.86 0.13 7.43
C GLY R 112 24.62 0.50 6.16
N ARG R 113 24.25 -0.13 5.05
CA ARG R 113 24.75 0.24 3.73
C ARG R 113 23.60 0.71 2.83
N ASN R 114 23.11 1.93 3.08
CA ASN R 114 21.99 2.49 2.31
C ASN R 114 22.22 3.71 1.34
N VAL R 115 23.47 3.89 0.92
CA VAL R 115 23.80 4.60 -0.34
C VAL R 115 23.52 6.13 -0.49
N CYS R 116 22.67 6.71 0.34
CA CYS R 116 22.38 8.17 0.27
C CYS R 116 21.55 8.63 1.48
N HIS R 117 21.54 9.95 1.71
CA HIS R 117 20.80 10.62 2.78
C HIS R 117 20.17 11.84 2.22
N GLY R 118 18.92 12.08 2.59
CA GLY R 118 18.22 13.31 2.18
C GLY R 118 17.64 14.10 3.34
N SER R 119 17.63 15.42 3.21
CA SER R 119 17.12 16.27 4.27
C SER R 119 15.75 15.79 4.74
N ASP R 120 15.68 15.31 5.98
CA ASP R 120 14.44 14.74 6.52
C ASP R 120 13.35 15.78 6.79
N SER R 121 13.76 17.05 6.80
CA SER R 121 12.84 18.17 7.01
C SER R 121 13.43 19.48 6.46
N VAL R 122 12.61 20.52 6.40
CA VAL R 122 13.02 21.89 6.06
C VAL R 122 14.09 22.34 7.07
N ASP R 123 13.80 22.10 8.34
CA ASP R 123 14.66 22.49 9.43
C ASP R 123 16.03 21.85 9.32
N SER R 124 16.07 20.57 8.94
CA SER R 124 17.32 19.86 8.70
C SER R 124 18.08 20.34 7.44
N ALA R 125 17.37 20.53 6.33
CA ALA R 125 17.96 21.06 5.08
C ALA R 125 18.87 22.24 5.34
N LYS R 126 18.36 23.21 6.09
CA LYS R 126 19.12 24.39 6.50
C LYS R 126 20.25 24.03 7.47
N ARG R 127 19.98 23.09 8.38
CA ARG R 127 20.97 22.67 9.38
C ARG R 127 22.17 22.00 8.72
N GLU R 128 21.92 21.26 7.65
CA GLU R 128 22.94 20.52 6.91
C GLU R 128 23.61 21.34 5.80
N ILE R 129 22.81 22.03 4.96
CA ILE R 129 23.32 22.86 3.85
C ILE R 129 24.32 23.93 4.33
N ALA R 130 24.08 24.48 5.52
CA ALA R 130 25.01 25.39 6.13
C ALA R 130 26.25 24.63 6.59
N PHE R 131 26.02 23.39 7.06
CA PHE R 131 27.08 22.62 7.70
C PHE R 131 28.15 22.10 6.74
N TRP R 132 27.74 21.73 5.53
CA TRP R 132 28.65 21.17 4.53
C TRP R 132 29.12 22.18 3.54
N PHE R 133 28.21 23.03 3.06
CA PHE R 133 28.53 23.99 2.01
C PHE R 133 28.73 25.41 2.53
N LYS R 134 29.80 26.04 2.04
CA LYS R 134 30.08 27.44 2.35
C LYS R 134 29.19 28.35 1.50
N PRO R 135 28.98 29.60 1.93
CA PRO R 135 27.95 30.45 1.30
C PRO R 135 28.17 30.72 -0.20
N GLU R 136 29.43 30.82 -0.61
CA GLU R 136 29.77 31.24 -1.97
C GLU R 136 29.76 30.12 -3.01
N GLU R 137 29.84 28.87 -2.56
CA GLU R 137 29.76 27.70 -3.45
C GLU R 137 28.32 27.39 -3.85
N LEU R 138 27.37 27.83 -3.02
CA LEU R 138 25.96 27.77 -3.34
C LEU R 138 25.69 28.65 -4.56
N VAL R 139 25.41 28.02 -5.70
CA VAL R 139 25.22 28.75 -6.97
C VAL R 139 23.81 29.29 -7.19
N ASN R 140 23.74 30.53 -7.69
CA ASN R 140 22.50 31.11 -8.15
C ASN R 140 22.47 31.34 -9.66
N TRP R 141 21.49 30.71 -10.31
CA TRP R 141 21.28 30.79 -11.74
C TRP R 141 19.91 30.26 -12.00
N THR R 142 19.32 30.65 -13.13
CA THR R 142 17.99 30.18 -13.51
C THR R 142 18.04 29.19 -14.67
N SER R 143 17.33 28.08 -14.52
CA SER R 143 17.28 27.07 -15.57
C SER R 143 16.47 27.61 -16.72
N HIS R 144 17.01 27.44 -17.93
CA HIS R 144 16.35 27.85 -19.17
C HIS R 144 14.98 27.22 -19.32
N SER R 145 14.70 26.21 -18.50
CA SER R 145 13.48 25.43 -18.63
C SER R 145 12.40 25.82 -17.64
N VAL R 146 12.79 26.48 -16.54
CA VAL R 146 11.91 26.81 -15.39
C VAL R 146 10.41 26.88 -15.71
N LYS R 147 10.08 27.66 -16.74
CA LYS R 147 8.71 27.93 -17.16
C LYS R 147 8.01 26.69 -17.71
N GLN R 148 8.79 25.71 -18.18
CA GLN R 148 8.25 24.44 -18.69
C GLN R 148 8.02 23.43 -17.56
N VAL R 149 8.74 23.61 -16.46
CA VAL R 149 8.54 22.75 -15.31
C VAL R 149 7.49 23.38 -14.37
N TYR R 150 7.38 24.71 -14.38
CA TYR R 150 6.57 25.45 -13.41
C TYR R 150 5.64 26.54 -14.01
N GLU R 151 4.46 26.70 -13.42
CA GLU R 151 3.53 27.76 -13.83
C GLU R 151 3.77 29.10 -13.12
N MET S 1 -48.27 -29.38 37.96
CA MET S 1 -47.47 -29.42 39.22
C MET S 1 -48.32 -29.18 40.48
N THR S 2 -49.51 -29.81 40.49
CA THR S 2 -50.60 -29.55 41.47
C THR S 2 -50.34 -30.13 42.87
N SER S 3 -49.82 -31.35 42.92
CA SER S 3 -49.54 -32.01 44.19
C SER S 3 -48.38 -31.35 44.93
N GLU S 4 -47.74 -30.38 44.28
CA GLU S 4 -46.54 -29.77 44.82
C GLU S 4 -46.79 -29.28 46.25
N ARG S 5 -46.05 -29.87 47.20
CA ARG S 5 -45.98 -29.41 48.59
C ARG S 5 -44.61 -28.81 48.88
N THR S 6 -44.60 -27.78 49.73
CA THR S 6 -43.40 -27.04 50.13
C THR S 6 -43.34 -27.01 51.67
N PHE S 7 -42.23 -26.56 52.24
CA PHE S 7 -42.15 -26.25 53.71
C PHE S 7 -41.90 -24.77 54.06
N ILE S 8 -42.80 -24.25 54.88
CA ILE S 8 -42.75 -22.86 55.30
C ILE S 8 -42.64 -22.83 56.82
N ALA S 9 -41.70 -22.02 57.29
CA ALA S 9 -41.38 -21.89 58.69
C ALA S 9 -41.40 -20.43 59.09
N VAL S 10 -42.39 -20.06 59.90
CA VAL S 10 -42.36 -18.75 60.54
C VAL S 10 -41.40 -18.91 61.72
N LYS S 11 -40.31 -18.15 61.69
CA LYS S 11 -39.30 -18.19 62.76
C LYS S 11 -39.88 -17.64 64.09
N PRO S 12 -39.17 -17.88 65.22
CA PRO S 12 -39.65 -17.36 66.50
C PRO S 12 -39.92 -15.87 66.45
N ASP S 13 -39.10 -15.11 65.73
CA ASP S 13 -39.35 -13.69 65.56
C ASP S 13 -40.70 -13.51 64.88
N GLY S 14 -41.19 -14.59 64.27
CA GLY S 14 -42.56 -14.66 63.80
C GLY S 14 -43.51 -14.83 64.97
N VAL S 15 -43.27 -15.88 65.75
CA VAL S 15 -44.12 -16.26 66.90
C VAL S 15 -44.28 -15.14 67.91
N GLN S 16 -43.16 -14.52 68.28
CA GLN S 16 -43.11 -13.50 69.34
C GLN S 16 -43.64 -12.16 68.91
N ARG S 17 -43.52 -11.85 67.62
CA ARG S 17 -44.08 -10.61 67.07
C ARG S 17 -45.53 -10.77 66.59
N CYS S 18 -46.25 -11.72 67.20
CA CYS S 18 -47.68 -11.93 66.99
C CYS S 18 -48.01 -12.12 65.52
N LEU S 19 -47.08 -12.68 64.76
CA LEU S 19 -47.19 -12.75 63.30
C LEU S 19 -47.99 -13.94 62.75
N VAL S 20 -48.22 -14.97 63.58
CA VAL S 20 -48.82 -16.25 63.16
C VAL S 20 -50.10 -16.06 62.34
N GLY S 21 -50.97 -15.19 62.84
CA GLY S 21 -52.31 -14.99 62.26
C GLY S 21 -52.28 -14.45 60.85
N GLU S 22 -51.42 -13.47 60.61
CA GLU S 22 -51.39 -12.84 59.31
C GLU S 22 -50.78 -13.79 58.27
N ILE S 23 -49.74 -14.52 58.66
CA ILE S 23 -49.03 -15.41 57.74
C ILE S 23 -49.85 -16.67 57.37
N ILE S 24 -50.40 -17.35 58.37
CA ILE S 24 -51.24 -18.54 58.14
C ILE S 24 -52.45 -18.26 57.25
N GLN S 25 -53.12 -17.13 57.48
CA GLN S 25 -54.23 -16.70 56.62
C GLN S 25 -53.74 -16.48 55.18
N ARG S 26 -52.52 -15.94 55.05
CA ARG S 26 -51.98 -15.51 53.76
C ARG S 26 -51.81 -16.64 52.74
N PHE S 27 -51.37 -17.79 53.22
CA PHE S 27 -51.39 -18.97 52.39
C PHE S 27 -52.83 -19.46 52.23
N GLU S 28 -53.67 -19.20 53.25
CA GLU S 28 -55.07 -19.64 53.21
C GLU S 28 -55.93 -18.83 52.23
N LYS S 29 -55.88 -17.51 52.35
CA LYS S 29 -56.65 -16.62 51.47
C LYS S 29 -56.19 -16.72 49.99
N LYS S 30 -54.95 -17.16 49.80
CA LYS S 30 -54.42 -17.45 48.46
C LYS S 30 -55.12 -18.64 47.80
N GLY S 31 -55.33 -19.73 48.56
CA GLY S 31 -56.04 -20.90 48.06
C GLY S 31 -55.20 -22.15 48.15
N TYR S 32 -54.24 -22.13 49.09
CA TYR S 32 -53.28 -23.21 49.33
C TYR S 32 -53.81 -24.19 50.39
N LYS S 33 -53.58 -25.49 50.16
CA LYS S 33 -54.12 -26.60 51.00
C LYS S 33 -53.16 -27.13 52.09
N LEU S 34 -53.49 -26.87 53.36
CA LEU S 34 -52.63 -27.23 54.49
C LEU S 34 -52.49 -28.73 54.71
N VAL S 35 -51.26 -29.24 54.59
CA VAL S 35 -51.00 -30.67 54.80
C VAL S 35 -50.47 -30.98 56.21
N ALA S 36 -49.64 -30.09 56.78
CA ALA S 36 -49.15 -30.21 58.17
C ALA S 36 -48.68 -28.92 58.84
N LEU S 37 -48.93 -28.82 60.14
CA LEU S 37 -48.70 -27.60 60.93
C LEU S 37 -48.52 -27.86 62.44
N LYS S 38 -47.34 -27.55 62.96
CA LYS S 38 -47.05 -27.70 64.39
C LYS S 38 -46.36 -26.48 65.02
N MET S 39 -46.16 -26.52 66.35
CA MET S 39 -45.32 -25.53 67.02
C MET S 39 -44.32 -26.25 67.92
N LEU S 40 -43.04 -26.01 67.67
CA LEU S 40 -41.97 -26.78 68.32
C LEU S 40 -40.76 -25.88 68.56
N GLN S 41 -39.94 -26.25 69.52
CA GLN S 41 -38.65 -25.60 69.68
C GLN S 41 -37.59 -26.54 69.13
N PRO S 42 -36.95 -26.14 68.01
CA PRO S 42 -36.05 -27.05 67.33
C PRO S 42 -34.73 -27.15 68.05
N SER S 43 -34.20 -28.37 68.15
CA SER S 43 -32.90 -28.62 68.77
C SER S 43 -31.80 -28.10 67.88
N ALA S 44 -30.64 -27.87 68.48
CA ALA S 44 -29.43 -27.49 67.75
C ALA S 44 -29.12 -28.53 66.66
N GLU S 45 -29.27 -29.81 67.02
CA GLU S 45 -28.99 -30.96 66.16
C GLU S 45 -29.86 -30.96 64.90
N GLN S 46 -31.14 -30.65 65.07
CA GLN S 46 -32.10 -30.57 63.95
C GLN S 46 -31.80 -29.38 63.03
N ALA S 47 -31.71 -28.20 63.64
CA ALA S 47 -31.38 -26.94 62.95
C ALA S 47 -30.03 -27.05 62.25
N GLN S 48 -29.09 -27.67 62.93
CA GLN S 48 -27.79 -27.97 62.34
C GLN S 48 -27.88 -28.80 61.06
N GLN S 49 -28.80 -29.77 61.01
CA GLN S 49 -28.98 -30.59 59.79
C GLN S 49 -29.84 -29.91 58.73
N HIS S 50 -30.97 -29.34 59.17
CA HIS S 50 -31.78 -28.37 58.42
C HIS S 50 -30.90 -27.42 57.62
N TYR S 51 -29.71 -27.16 58.17
CA TYR S 51 -28.77 -26.19 57.61
C TYR S 51 -27.38 -26.75 57.24
N ILE S 52 -27.34 -28.01 56.78
CA ILE S 52 -26.10 -28.67 56.29
C ILE S 52 -25.38 -27.93 55.17
N ASP S 53 -26.14 -27.28 54.30
CA ASP S 53 -25.61 -26.49 53.18
C ASP S 53 -24.80 -25.29 53.67
N LEU S 54 -25.02 -24.94 54.93
CA LEU S 54 -24.50 -23.73 55.54
C LEU S 54 -23.84 -24.08 56.87
N ALA S 55 -23.59 -25.37 57.06
CA ALA S 55 -23.12 -25.93 58.34
C ALA S 55 -21.80 -25.35 58.84
N SER S 56 -21.08 -24.71 57.93
CA SER S 56 -19.72 -24.26 58.20
C SER S 56 -19.58 -22.81 57.76
N LYS S 57 -20.70 -22.18 57.47
CA LYS S 57 -20.71 -20.77 57.15
C LYS S 57 -20.58 -20.03 58.47
N PRO S 58 -19.79 -18.93 58.50
CA PRO S 58 -19.41 -18.23 59.73
C PRO S 58 -20.60 -17.76 60.55
N PHE S 59 -21.72 -17.60 59.86
CA PHE S 59 -22.96 -17.15 60.48
C PHE S 59 -23.73 -18.34 61.01
N TYR S 60 -23.27 -19.54 60.65
CA TYR S 60 -23.96 -20.79 61.01
C TYR S 60 -24.26 -20.87 62.49
N LYS S 61 -23.36 -20.31 63.29
CA LYS S 61 -23.47 -20.33 64.74
C LYS S 61 -24.61 -19.42 65.22
N ASP S 62 -24.60 -18.17 64.77
CA ASP S 62 -25.73 -17.30 65.04
C ASP S 62 -26.97 -17.79 64.30
N LEU S 63 -26.78 -18.53 63.20
CA LEU S 63 -27.92 -19.09 62.46
C LEU S 63 -28.68 -20.11 63.30
N VAL S 64 -27.97 -21.05 63.93
CA VAL S 64 -28.63 -22.05 64.78
C VAL S 64 -29.19 -21.42 66.04
N ALA S 65 -28.39 -20.57 66.70
CA ALA S 65 -28.82 -19.80 67.88
C ALA S 65 -30.06 -18.92 67.62
N TYR S 66 -30.10 -18.26 66.47
CA TYR S 66 -31.27 -17.49 66.08
C TYR S 66 -32.46 -18.40 65.88
N PHE S 67 -32.22 -19.55 65.27
CA PHE S 67 -33.27 -20.49 64.88
C PHE S 67 -33.81 -21.22 66.10
N SER S 68 -33.00 -21.26 67.14
CA SER S 68 -33.29 -21.98 68.37
C SER S 68 -33.65 -21.00 69.48
N SER S 69 -33.70 -19.72 69.15
CA SER S 69 -33.96 -18.70 70.17
C SER S 69 -35.40 -18.72 70.72
N GLY S 70 -36.28 -19.50 70.08
CA GLY S 70 -37.63 -19.74 70.58
C GLY S 70 -38.32 -20.87 69.80
N PRO S 71 -39.61 -21.15 70.12
CA PRO S 71 -40.41 -22.06 69.29
C PRO S 71 -40.75 -21.50 67.89
N ILE S 72 -41.02 -22.40 66.95
CA ILE S 72 -41.31 -22.03 65.56
C ILE S 72 -42.59 -22.73 65.08
N VAL S 73 -43.33 -22.09 64.19
CA VAL S 73 -44.48 -22.77 63.59
C VAL S 73 -44.18 -23.26 62.17
N GLY S 74 -43.85 -24.54 62.09
CA GLY S 74 -43.52 -25.21 60.84
C GLY S 74 -44.78 -25.59 60.11
N MET S 75 -44.74 -25.48 58.80
CA MET S 75 -45.91 -25.79 57.96
C MET S 75 -45.56 -26.42 56.64
N VAL S 76 -46.55 -27.13 56.11
CA VAL S 76 -46.56 -27.63 54.73
C VAL S 76 -47.84 -27.18 54.01
N TRP S 77 -47.66 -26.48 52.89
CA TRP S 77 -48.78 -26.05 52.07
C TRP S 77 -48.67 -26.67 50.71
N GLU S 78 -49.83 -26.94 50.09
CA GLU S 78 -49.90 -27.55 48.76
C GLU S 78 -50.68 -26.67 47.78
N GLY S 79 -50.02 -26.34 46.66
CA GLY S 79 -50.63 -25.56 45.58
C GLY S 79 -49.86 -25.73 44.28
N LYS S 80 -50.49 -25.39 43.16
CA LYS S 80 -49.82 -25.37 41.85
C LYS S 80 -48.87 -24.19 41.82
N GLY S 81 -47.61 -24.43 41.47
CA GLY S 81 -46.59 -23.42 41.59
C GLY S 81 -46.39 -22.91 43.02
N VAL S 82 -46.56 -23.82 43.99
CA VAL S 82 -46.47 -23.49 45.43
C VAL S 82 -45.06 -23.09 45.87
N VAL S 83 -44.06 -23.79 45.36
CA VAL S 83 -42.69 -23.50 45.74
C VAL S 83 -42.19 -22.16 45.14
N LYS S 84 -42.36 -21.99 43.82
CA LYS S 84 -42.00 -20.76 43.11
C LYS S 84 -42.79 -19.52 43.54
N GLY S 85 -44.12 -19.62 43.50
CA GLY S 85 -45.02 -18.55 43.94
C GLY S 85 -44.97 -18.30 45.43
N GLY S 86 -44.91 -19.38 46.22
CA GLY S 86 -44.79 -19.32 47.67
C GLY S 86 -43.60 -18.50 48.15
N ARG S 87 -42.52 -18.55 47.38
CA ARG S 87 -41.33 -17.78 47.69
C ARG S 87 -41.52 -16.28 47.43
N VAL S 88 -42.12 -15.95 46.30
CA VAL S 88 -42.36 -14.55 45.98
C VAL S 88 -43.39 -13.97 46.94
N LEU S 89 -44.26 -14.81 47.49
CA LEU S 89 -45.21 -14.32 48.52
C LEU S 89 -44.48 -13.83 49.78
N LEU S 90 -43.36 -14.45 50.12
CA LEU S 90 -42.59 -14.04 51.27
C LEU S 90 -41.96 -12.66 51.09
N GLY S 91 -41.67 -12.30 49.85
CA GLY S 91 -40.74 -11.21 49.55
C GLY S 91 -39.38 -11.82 49.29
N ALA S 92 -38.40 -10.96 49.02
CA ALA S 92 -37.00 -11.39 48.88
C ALA S 92 -36.39 -11.59 50.26
N THR S 93 -35.28 -12.33 50.33
CA THR S 93 -34.61 -12.70 51.60
C THR S 93 -34.33 -11.53 52.52
N ASN S 94 -33.74 -10.48 51.97
CA ASN S 94 -33.64 -9.22 52.69
C ASN S 94 -34.97 -8.49 52.49
N PRO S 95 -35.75 -8.32 53.58
CA PRO S 95 -37.05 -7.66 53.51
C PRO S 95 -36.92 -6.16 53.18
N ALA S 96 -35.70 -5.61 53.34
CA ALA S 96 -35.39 -4.25 52.90
C ALA S 96 -35.41 -4.12 51.38
N ASP S 97 -35.23 -5.26 50.70
CA ASP S 97 -35.33 -5.35 49.24
C ASP S 97 -36.72 -5.79 48.78
N SER S 98 -37.57 -6.16 49.72
CA SER S 98 -38.87 -6.74 49.37
C SER S 98 -40.03 -5.73 49.25
N LEU S 99 -41.07 -6.14 48.54
CA LEU S 99 -42.24 -5.29 48.30
C LEU S 99 -43.16 -5.20 49.52
N PRO S 100 -43.72 -4.00 49.78
CA PRO S 100 -44.99 -4.00 50.49
C PRO S 100 -45.92 -4.92 49.73
N GLY S 101 -46.80 -5.62 50.43
CA GLY S 101 -47.71 -6.55 49.76
C GLY S 101 -47.36 -7.99 50.05
N THR S 102 -46.08 -8.26 50.25
CA THR S 102 -45.62 -9.55 50.75
C THR S 102 -45.55 -9.55 52.27
N ILE S 103 -45.25 -10.73 52.84
CA ILE S 103 -44.96 -10.87 54.27
C ILE S 103 -43.73 -10.03 54.66
N ARG S 104 -42.64 -10.18 53.90
CA ARG S 104 -41.40 -9.47 54.22
C ARG S 104 -41.50 -7.94 54.03
N GLY S 105 -42.41 -7.50 53.16
CA GLY S 105 -42.65 -6.06 52.96
C GLY S 105 -43.58 -5.40 53.98
N ASP S 106 -44.61 -6.12 54.41
CA ASP S 106 -45.56 -5.59 55.37
C ASP S 106 -45.19 -5.79 56.85
N PHE S 107 -44.32 -6.77 57.13
CA PHE S 107 -44.17 -7.31 58.50
C PHE S 107 -42.80 -7.26 59.20
N ALA S 108 -41.72 -7.00 58.46
CA ALA S 108 -40.40 -6.97 59.10
C ALA S 108 -39.36 -6.13 58.36
N VAL S 109 -38.12 -6.20 58.86
CA VAL S 109 -37.03 -5.38 58.34
C VAL S 109 -35.76 -6.20 58.14
N ASP S 110 -35.27 -6.81 59.22
CA ASP S 110 -33.91 -7.40 59.27
C ASP S 110 -33.77 -8.77 58.60
N VAL S 111 -32.62 -8.95 57.96
CA VAL S 111 -32.30 -10.12 57.15
C VAL S 111 -32.06 -11.35 58.04
N GLY S 112 -31.45 -11.12 59.21
CA GLY S 112 -31.17 -12.19 60.16
C GLY S 112 -32.25 -12.26 61.22
N ARG S 113 -33.39 -11.64 60.91
CA ARG S 113 -34.61 -11.69 61.71
C ARG S 113 -35.72 -11.50 60.68
N ASN S 114 -35.69 -12.32 59.64
CA ASN S 114 -36.57 -12.13 58.47
C ASN S 114 -37.90 -12.90 58.53
N VAL S 115 -38.38 -13.10 59.76
CA VAL S 115 -39.68 -13.72 60.06
C VAL S 115 -39.94 -15.09 59.47
N CYS S 116 -39.56 -15.30 58.22
CA CYS S 116 -40.03 -16.46 57.49
C CYS S 116 -39.02 -17.13 56.56
N HIS S 117 -39.01 -18.46 56.59
CA HIS S 117 -38.14 -19.31 55.79
C HIS S 117 -38.97 -20.11 54.81
N GLY S 118 -38.49 -20.27 53.59
CA GLY S 118 -39.27 -21.00 52.62
C GLY S 118 -38.41 -21.70 51.61
N SER S 119 -38.78 -22.93 51.26
CA SER S 119 -37.98 -23.72 50.32
C SER S 119 -37.84 -23.01 48.97
N ASP S 120 -36.61 -23.01 48.44
CA ASP S 120 -36.26 -22.18 47.28
C ASP S 120 -36.39 -22.94 45.98
N SER S 121 -36.56 -24.25 46.07
CA SER S 121 -36.72 -25.06 44.88
C SER S 121 -37.44 -26.33 45.28
N VAL S 122 -37.67 -27.19 44.31
CA VAL S 122 -38.36 -28.43 44.52
C VAL S 122 -37.55 -29.26 45.51
N ASP S 123 -36.22 -29.19 45.39
CA ASP S 123 -35.31 -30.09 46.09
C ASP S 123 -35.26 -29.82 47.59
N SER S 124 -35.06 -28.57 47.96
CA SER S 124 -34.95 -28.18 49.36
C SER S 124 -36.28 -28.36 50.11
N ALA S 125 -37.40 -28.18 49.41
CA ALA S 125 -38.74 -28.43 49.95
C ALA S 125 -38.89 -29.88 50.36
N LYS S 126 -38.78 -30.79 49.39
CA LYS S 126 -38.92 -32.23 49.66
C LYS S 126 -37.91 -32.70 50.70
N ARG S 127 -36.81 -31.97 50.84
CA ARG S 127 -35.88 -32.16 51.95
C ARG S 127 -36.51 -31.62 53.25
N GLU S 128 -37.01 -30.39 53.20
CA GLU S 128 -37.58 -29.80 54.40
C GLU S 128 -38.92 -30.41 54.80
N ILE S 129 -39.51 -31.21 53.91
CA ILE S 129 -40.68 -32.04 54.22
C ILE S 129 -40.21 -33.22 55.05
N ALA S 130 -39.13 -33.86 54.61
CA ALA S 130 -38.66 -35.11 55.21
C ALA S 130 -38.03 -34.94 56.58
N PHE S 131 -37.24 -33.87 56.75
CA PHE S 131 -36.48 -33.69 57.99
C PHE S 131 -37.29 -33.36 59.24
N TRP S 132 -38.35 -32.57 59.10
CA TRP S 132 -39.17 -32.13 60.24
C TRP S 132 -40.36 -33.01 60.50
N PHE S 133 -41.01 -33.46 59.43
CA PHE S 133 -42.25 -34.22 59.54
C PHE S 133 -42.06 -35.66 59.08
N LYS S 134 -42.52 -36.59 59.90
CA LYS S 134 -42.75 -37.96 59.44
C LYS S 134 -43.99 -37.89 58.53
N PRO S 135 -44.07 -38.72 57.46
CA PRO S 135 -45.21 -38.66 56.53
C PRO S 135 -46.58 -38.77 57.20
N GLU S 136 -46.65 -39.56 58.27
CA GLU S 136 -47.89 -39.78 59.01
C GLU S 136 -48.41 -38.52 59.70
N GLU S 137 -47.71 -37.40 59.52
CA GLU S 137 -48.13 -36.12 60.12
C GLU S 137 -48.81 -35.17 59.11
N LEU S 138 -48.77 -35.56 57.84
CA LEU S 138 -49.37 -34.79 56.76
C LEU S 138 -50.77 -35.34 56.36
N VAL S 139 -51.81 -34.59 56.70
CA VAL S 139 -53.21 -34.99 56.46
C VAL S 139 -53.57 -34.80 54.98
N ASN S 140 -53.90 -35.90 54.28
CA ASN S 140 -54.36 -35.80 52.88
C ASN S 140 -55.85 -35.65 52.82
N TRP S 141 -56.32 -34.57 52.21
CA TRP S 141 -57.75 -34.29 52.12
C TRP S 141 -58.12 -33.40 50.97
N THR S 142 -59.40 -33.39 50.62
CA THR S 142 -59.85 -32.53 49.56
C THR S 142 -60.49 -31.29 50.16
N SER S 143 -59.96 -30.12 49.79
CA SER S 143 -60.56 -28.84 50.14
C SER S 143 -61.89 -28.68 49.41
N HIS S 144 -62.89 -28.12 50.09
CA HIS S 144 -64.19 -27.83 49.47
C HIS S 144 -64.11 -26.90 48.27
N SER S 145 -63.00 -26.18 48.16
CA SER S 145 -62.81 -25.19 47.10
C SER S 145 -61.62 -25.51 46.20
N VAL S 146 -61.36 -26.79 46.01
CA VAL S 146 -60.37 -27.23 45.00
C VAL S 146 -60.86 -26.90 43.58
N LYS S 147 -62.08 -27.33 43.25
CA LYS S 147 -62.66 -27.22 41.89
C LYS S 147 -62.81 -25.77 41.40
N GLN S 148 -62.82 -24.81 42.32
CA GLN S 148 -62.79 -23.40 41.96
C GLN S 148 -61.37 -22.84 41.97
N VAL S 149 -60.46 -23.55 42.65
CA VAL S 149 -59.05 -23.20 42.64
C VAL S 149 -58.32 -23.89 41.49
N TYR S 150 -58.78 -25.10 41.15
CA TYR S 150 -58.18 -25.86 40.05
C TYR S 150 -59.14 -26.12 38.90
N GLU S 151 -58.58 -26.20 37.70
CA GLU S 151 -59.32 -26.70 36.56
C GLU S 151 -59.15 -28.20 36.52
N MET T 1 -27.44 0.01 63.47
CA MET T 1 -28.45 0.40 62.42
C MET T 1 -29.87 0.51 62.95
N THR T 2 -30.08 0.20 64.23
CA THR T 2 -31.44 0.08 64.79
C THR T 2 -31.90 1.34 65.56
N SER T 3 -31.04 2.35 65.59
CA SER T 3 -31.27 3.56 66.40
C SER T 3 -31.64 4.84 65.62
N GLU T 4 -31.25 4.89 64.35
CA GLU T 4 -31.62 6.00 63.46
C GLU T 4 -33.14 6.17 63.33
N ARG T 5 -33.54 7.43 63.16
CA ARG T 5 -34.94 7.87 63.19
C ARG T 5 -35.49 8.30 61.82
N THR T 6 -36.75 8.72 61.81
CA THR T 6 -37.40 9.28 60.62
C THR T 6 -38.58 10.20 60.97
N PHE T 7 -38.74 11.29 60.21
CA PHE T 7 -39.92 12.15 60.35
C PHE T 7 -41.03 11.70 59.39
N ILE T 8 -42.24 11.52 59.94
CA ILE T 8 -43.41 11.18 59.12
C ILE T 8 -44.55 12.12 59.52
N ALA T 9 -45.50 12.34 58.60
CA ALA T 9 -46.65 13.18 58.86
C ALA T 9 -47.77 12.85 57.91
N VAL T 10 -48.96 12.66 58.43
CA VAL T 10 -50.12 12.53 57.57
C VAL T 10 -50.56 13.95 57.20
N LYS T 11 -50.61 14.22 55.91
CA LYS T 11 -50.98 15.55 55.42
C LYS T 11 -52.47 15.86 55.70
N PRO T 12 -52.85 17.14 55.56
CA PRO T 12 -54.23 17.62 55.71
C PRO T 12 -55.30 16.68 55.12
N ASP T 13 -55.09 16.24 53.89
CA ASP T 13 -56.06 15.41 53.20
C ASP T 13 -56.27 14.09 53.91
N GLY T 14 -55.27 13.69 54.70
CA GLY T 14 -55.30 12.41 55.41
C GLY T 14 -56.27 12.35 56.57
N VAL T 15 -56.12 13.29 57.50
CA VAL T 15 -56.95 13.36 58.70
C VAL T 15 -58.38 13.63 58.27
N GLN T 16 -58.51 14.51 57.30
CA GLN T 16 -59.80 14.85 56.71
C GLN T 16 -60.57 13.66 56.12
N ARG T 17 -59.87 12.54 55.97
CA ARG T 17 -60.43 11.34 55.32
C ARG T 17 -60.54 10.08 56.21
N CYS T 18 -59.91 10.14 57.39
CA CYS T 18 -59.95 9.07 58.41
C CYS T 18 -58.90 7.98 58.14
N LEU T 19 -57.62 8.35 58.30
CA LEU T 19 -56.48 7.54 57.86
C LEU T 19 -55.32 7.52 58.85
N VAL T 20 -55.41 8.34 59.89
CA VAL T 20 -54.39 8.42 60.94
C VAL T 20 -54.19 7.05 61.60
N GLY T 21 -55.31 6.43 61.96
CA GLY T 21 -55.32 5.08 62.53
C GLY T 21 -54.75 4.00 61.63
N GLU T 22 -55.11 4.02 60.34
CA GLU T 22 -54.56 3.08 59.36
C GLU T 22 -53.05 3.27 59.14
N ILE T 23 -52.64 4.51 58.83
CA ILE T 23 -51.22 4.78 58.53
C ILE T 23 -50.28 4.45 59.71
N ILE T 24 -50.69 4.78 60.93
CA ILE T 24 -49.87 4.44 62.09
C ILE T 24 -49.91 2.93 62.35
N GLN T 25 -51.09 2.32 62.25
CA GLN T 25 -51.21 0.86 62.35
C GLN T 25 -50.31 0.16 61.33
N ARG T 26 -50.11 0.80 60.17
CA ARG T 26 -49.20 0.30 59.13
C ARG T 26 -47.75 0.23 59.64
N PHE T 27 -47.36 1.20 60.46
CA PHE T 27 -45.99 1.27 60.95
C PHE T 27 -45.71 0.34 62.13
N GLU T 28 -46.68 0.23 63.04
CA GLU T 28 -46.62 -0.71 64.17
C GLU T 28 -46.46 -2.19 63.78
N LYS T 29 -47.30 -2.66 62.85
CA LYS T 29 -47.29 -4.06 62.42
C LYS T 29 -45.99 -4.46 61.72
N LYS T 30 -45.22 -3.48 61.27
CA LYS T 30 -43.95 -3.69 60.55
C LYS T 30 -42.74 -4.02 61.45
N GLY T 31 -42.37 -3.10 62.36
CA GLY T 31 -41.22 -3.30 63.27
C GLY T 31 -40.65 -2.00 63.81
N TYR T 32 -41.35 -0.91 63.52
CA TYR T 32 -40.90 0.45 63.83
C TYR T 32 -41.49 0.91 65.18
N LYS T 33 -40.67 1.58 65.98
CA LYS T 33 -41.06 2.01 67.33
C LYS T 33 -41.53 3.44 67.30
N LEU T 34 -42.69 3.72 67.88
CA LEU T 34 -43.16 5.10 67.93
C LEU T 34 -42.32 5.84 68.96
N VAL T 35 -41.62 6.87 68.51
CA VAL T 35 -40.78 7.64 69.42
C VAL T 35 -41.41 9.01 69.72
N ALA T 36 -42.10 9.59 68.75
CA ALA T 36 -42.73 10.89 68.98
C ALA T 36 -44.01 11.01 68.17
N LEU T 37 -44.90 11.86 68.69
CA LEU T 37 -46.20 12.12 68.09
C LEU T 37 -46.72 13.50 68.54
N LYS T 38 -47.53 14.14 67.68
CA LYS T 38 -48.33 15.32 68.06
C LYS T 38 -49.25 15.72 66.93
N MET T 39 -50.48 16.14 67.28
CA MET T 39 -51.43 16.60 66.28
C MET T 39 -51.52 18.12 66.32
N LEU T 40 -51.06 18.78 65.27
CA LEU T 40 -51.14 20.21 65.24
C LEU T 40 -51.94 20.69 64.02
N GLN T 41 -52.16 22.01 63.93
CA GLN T 41 -52.33 22.68 62.65
C GLN T 41 -51.02 23.43 62.44
N PRO T 42 -50.20 22.99 61.47
CA PRO T 42 -48.92 23.65 61.24
C PRO T 42 -49.11 25.04 60.64
N SER T 43 -48.40 26.01 61.21
CA SER T 43 -48.43 27.39 60.72
C SER T 43 -47.71 27.48 59.37
N ALA T 44 -48.01 28.53 58.62
CA ALA T 44 -47.32 28.82 57.36
C ALA T 44 -45.81 28.82 57.55
N GLU T 45 -45.37 29.36 58.70
CA GLU T 45 -43.94 29.48 59.07
C GLU T 45 -43.24 28.14 59.31
N GLN T 46 -43.84 27.31 60.15
CA GLN T 46 -43.40 25.93 60.32
C GLN T 46 -43.48 25.24 58.96
N ALA T 47 -44.49 25.61 58.16
CA ALA T 47 -44.65 25.10 56.79
C ALA T 47 -43.58 25.62 55.82
N GLN T 48 -43.40 26.95 55.79
CA GLN T 48 -42.40 27.62 54.94
C GLN T 48 -40.97 27.13 55.20
N GLN T 49 -40.61 26.99 56.48
CA GLN T 49 -39.32 26.43 56.86
C GLN T 49 -39.19 24.96 56.52
N HIS T 50 -40.29 24.21 56.56
CA HIS T 50 -40.24 22.77 56.27
C HIS T 50 -39.81 22.52 54.86
N TYR T 51 -40.17 23.45 53.98
CA TYR T 51 -39.82 23.37 52.56
C TYR T 51 -38.81 24.44 52.21
N ILE T 52 -37.81 24.63 53.08
CA ILE T 52 -36.79 25.69 52.97
C ILE T 52 -35.99 25.62 51.68
N ASP T 53 -35.76 24.38 51.22
CA ASP T 53 -35.02 24.14 50.00
C ASP T 53 -35.89 24.49 48.81
N LEU T 54 -37.19 24.61 49.05
CA LEU T 54 -38.17 24.87 47.99
C LEU T 54 -38.81 26.26 48.15
N ALA T 55 -38.42 26.95 49.23
CA ALA T 55 -38.92 28.28 49.54
C ALA T 55 -38.81 29.27 48.38
N SER T 56 -38.16 28.85 47.29
CA SER T 56 -38.02 29.66 46.08
C SER T 56 -38.97 29.30 44.91
N LYS T 57 -39.52 28.08 44.93
CA LYS T 57 -40.49 27.55 43.93
C LYS T 57 -41.82 28.30 43.91
N PRO T 58 -42.41 28.55 42.72
CA PRO T 58 -43.54 29.48 42.72
C PRO T 58 -44.82 28.87 43.29
N PHE T 59 -44.85 27.54 43.39
CA PHE T 59 -46.02 26.83 43.94
C PHE T 59 -46.05 26.80 45.46
N TYR T 60 -45.03 27.38 46.09
CA TYR T 60 -44.88 27.35 47.55
C TYR T 60 -46.06 27.96 48.28
N LYS T 61 -46.62 29.04 47.76
CA LYS T 61 -47.75 29.72 48.40
C LYS T 61 -49.04 28.87 48.44
N ASP T 62 -49.38 28.22 47.33
CA ASP T 62 -50.51 27.27 47.34
C ASP T 62 -50.14 25.98 48.09
N LEU T 63 -48.88 25.56 47.96
CA LEU T 63 -48.33 24.44 48.74
C LEU T 63 -48.45 24.70 50.24
N VAL T 64 -48.04 25.89 50.66
CA VAL T 64 -48.12 26.29 52.07
C VAL T 64 -49.58 26.41 52.53
N ALA T 65 -50.40 27.09 51.73
CA ALA T 65 -51.85 27.21 51.99
C ALA T 65 -52.53 25.85 52.16
N TYR T 66 -52.06 24.88 51.38
CA TYR T 66 -52.52 23.49 51.43
C TYR T 66 -52.09 22.81 52.75
N PHE T 67 -50.79 22.82 53.05
CA PHE T 67 -50.26 22.20 54.27
C PHE T 67 -50.73 22.85 55.58
N SER T 68 -51.18 24.09 55.50
CA SER T 68 -51.65 24.84 56.67
C SER T 68 -53.15 24.72 56.87
N SER T 69 -53.85 24.29 55.81
CA SER T 69 -55.33 24.23 55.76
C SER T 69 -55.98 23.20 56.69
N GLY T 70 -55.25 22.12 56.95
CA GLY T 70 -55.78 20.98 57.70
C GLY T 70 -54.83 20.48 58.76
N PRO T 71 -55.28 19.51 59.57
CA PRO T 71 -54.43 19.11 60.66
C PRO T 71 -53.47 18.08 60.13
N ILE T 72 -52.32 17.97 60.80
CA ILE T 72 -51.29 17.01 60.43
C ILE T 72 -50.88 16.30 61.71
N VAL T 73 -50.75 14.98 61.63
CA VAL T 73 -50.16 14.24 62.73
C VAL T 73 -48.65 14.30 62.54
N GLY T 74 -47.93 14.76 63.55
CA GLY T 74 -46.48 14.81 63.47
C GLY T 74 -45.88 13.57 64.10
N MET T 75 -45.02 12.85 63.38
CA MET T 75 -44.50 11.57 63.85
C MET T 75 -42.98 11.52 63.77
N VAL T 76 -42.37 10.67 64.60
CA VAL T 76 -40.96 10.30 64.45
C VAL T 76 -40.74 8.81 64.79
N TRP T 77 -40.16 8.07 63.83
CA TRP T 77 -39.94 6.61 64.00
C TRP T 77 -38.49 6.19 64.04
N GLU T 78 -38.17 5.23 64.90
CA GLU T 78 -36.80 4.75 65.01
C GLU T 78 -36.69 3.24 64.83
N GLY T 79 -35.66 2.82 64.10
CA GLY T 79 -35.49 1.43 63.70
C GLY T 79 -34.67 1.29 62.42
N LYS T 80 -34.48 0.03 62.02
CA LYS T 80 -33.55 -0.35 60.94
C LYS T 80 -33.96 0.20 59.59
N GLY T 81 -33.18 1.14 59.08
CA GLY T 81 -33.36 1.71 57.73
C GLY T 81 -34.68 2.44 57.56
N VAL T 82 -35.06 3.17 58.61
CA VAL T 82 -36.40 3.75 58.72
C VAL T 82 -36.78 4.74 57.62
N VAL T 83 -35.78 5.46 57.09
CA VAL T 83 -36.01 6.50 56.09
C VAL T 83 -36.30 5.90 54.71
N LYS T 84 -35.35 5.12 54.17
CA LYS T 84 -35.60 4.44 52.90
C LYS T 84 -36.77 3.45 53.04
N GLY T 85 -36.86 2.82 54.21
CA GLY T 85 -37.95 1.91 54.55
C GLY T 85 -39.25 2.67 54.72
N GLY T 86 -39.16 3.85 55.33
CA GLY T 86 -40.32 4.71 55.54
C GLY T 86 -40.95 5.18 54.25
N ARG T 87 -40.11 5.48 53.26
CA ARG T 87 -40.56 5.91 51.95
C ARG T 87 -41.29 4.79 51.22
N VAL T 88 -40.74 3.57 51.34
CA VAL T 88 -41.23 2.35 50.71
C VAL T 88 -42.69 2.04 51.05
N LEU T 89 -43.02 2.22 52.31
CA LEU T 89 -44.38 2.02 52.81
C LEU T 89 -45.34 3.04 52.19
N LEU T 90 -44.84 4.27 52.01
CA LEU T 90 -45.62 5.42 51.50
C LEU T 90 -45.97 5.26 50.03
N GLY T 91 -45.02 4.77 49.26
CA GLY T 91 -45.16 4.66 47.82
C GLY T 91 -44.32 5.76 47.24
N ALA T 92 -44.35 5.87 45.92
CA ALA T 92 -43.59 6.88 45.21
C ALA T 92 -44.23 8.25 45.35
N THR T 93 -43.39 9.28 45.25
CA THR T 93 -43.83 10.67 45.42
C THR T 93 -45.15 10.95 44.70
N ASN T 94 -45.35 10.31 43.55
CA ASN T 94 -46.59 10.38 42.81
C ASN T 94 -47.43 9.10 42.99
N PRO T 95 -48.59 9.20 43.67
CA PRO T 95 -49.47 8.05 43.88
C PRO T 95 -49.88 7.28 42.62
N ALA T 96 -49.49 7.76 41.44
CA ALA T 96 -49.69 6.99 40.21
C ALA T 96 -48.56 5.98 40.04
N ASP T 97 -47.37 6.37 40.51
CA ASP T 97 -46.18 5.53 40.40
C ASP T 97 -45.93 4.80 41.70
N SER T 98 -46.74 5.09 42.71
CA SER T 98 -46.81 4.25 43.90
C SER T 98 -47.53 2.98 43.51
N LEU T 99 -46.93 1.86 43.87
CA LEU T 99 -47.48 0.56 43.55
C LEU T 99 -48.50 0.18 44.61
N PRO T 100 -49.49 -0.66 44.25
CA PRO T 100 -50.44 -1.08 45.25
C PRO T 100 -49.73 -1.87 46.35
N GLY T 101 -50.20 -1.72 47.58
CA GLY T 101 -49.51 -2.25 48.75
C GLY T 101 -49.04 -1.08 49.59
N THR T 102 -48.83 0.04 48.91
CA THR T 102 -48.40 1.25 49.57
C THR T 102 -49.60 2.10 49.93
N ILE T 103 -49.33 3.11 50.77
CA ILE T 103 -50.34 3.99 51.33
C ILE T 103 -50.88 4.88 50.23
N ARG T 104 -49.97 5.55 49.51
CA ARG T 104 -50.37 6.36 48.36
C ARG T 104 -50.86 5.50 47.19
N GLY T 105 -50.40 4.25 47.13
CA GLY T 105 -50.98 3.28 46.19
C GLY T 105 -52.37 2.78 46.58
N ASP T 106 -52.63 2.72 47.88
CA ASP T 106 -53.91 2.22 48.38
C ASP T 106 -54.91 3.33 48.64
N PHE T 107 -54.45 4.53 48.96
CA PHE T 107 -55.38 5.54 49.45
C PHE T 107 -55.49 6.88 48.69
N ALA T 108 -54.68 7.10 47.65
CA ALA T 108 -54.73 8.37 46.92
C ALA T 108 -54.63 8.16 45.42
N VAL T 109 -54.69 9.26 44.65
CA VAL T 109 -54.43 9.24 43.20
C VAL T 109 -53.66 10.46 42.68
N ASP T 110 -53.49 11.48 43.54
CA ASP T 110 -52.99 12.79 43.14
C ASP T 110 -51.71 13.19 43.86
N VAL T 111 -50.82 13.90 43.14
CA VAL T 111 -49.56 14.38 43.72
C VAL T 111 -49.80 15.60 44.60
N GLY T 112 -50.72 16.45 44.18
CA GLY T 112 -51.06 17.68 44.88
C GLY T 112 -51.79 17.45 46.19
N ARG T 113 -52.44 16.29 46.29
CA ARG T 113 -53.11 15.85 47.50
C ARG T 113 -52.59 14.45 47.76
N ASN T 114 -51.39 14.36 48.34
CA ASN T 114 -50.67 13.08 48.46
C ASN T 114 -50.53 12.51 49.86
N VAL T 115 -51.47 12.85 50.74
CA VAL T 115 -51.68 12.18 52.04
C VAL T 115 -50.49 12.09 53.02
N CYS T 116 -49.32 11.68 52.54
CA CYS T 116 -48.18 11.45 53.46
C CYS T 116 -46.89 12.19 53.14
N HIS T 117 -46.05 12.31 54.16
CA HIS T 117 -44.72 12.89 54.05
C HIS T 117 -43.82 12.01 54.83
N GLY T 118 -42.80 11.46 54.19
CA GLY T 118 -41.74 10.72 54.88
C GLY T 118 -40.41 11.38 54.58
N SER T 119 -39.44 11.26 55.50
CA SER T 119 -38.13 11.88 55.29
C SER T 119 -37.45 11.31 54.04
N ASP T 120 -36.78 12.17 53.28
CA ASP T 120 -36.15 11.72 52.03
C ASP T 120 -34.69 11.28 52.18
N SER T 121 -34.04 11.78 53.24
CA SER T 121 -32.68 11.38 53.61
C SER T 121 -32.38 11.62 55.09
N VAL T 122 -31.29 11.00 55.56
CA VAL T 122 -30.87 11.03 56.97
C VAL T 122 -30.71 12.47 57.48
N ASP T 123 -30.10 13.31 56.64
CA ASP T 123 -29.93 14.72 56.99
C ASP T 123 -31.26 15.48 57.16
N SER T 124 -32.21 15.27 56.23
CA SER T 124 -33.56 15.85 56.38
C SER T 124 -34.29 15.23 57.58
N ALA T 125 -34.08 13.92 57.76
CA ALA T 125 -34.74 13.15 58.82
C ALA T 125 -34.57 13.81 60.18
N LYS T 126 -33.32 14.08 60.54
CA LYS T 126 -33.00 14.79 61.78
C LYS T 126 -33.46 16.26 61.74
N ARG T 127 -33.28 16.89 60.58
CA ARG T 127 -33.57 18.32 60.42
C ARG T 127 -35.06 18.61 60.60
N GLU T 128 -35.89 17.67 60.15
CA GLU T 128 -37.32 17.78 60.39
C GLU T 128 -37.62 17.44 61.85
N ILE T 129 -36.69 16.74 62.51
CA ILE T 129 -36.84 16.31 63.91
C ILE T 129 -36.66 17.49 64.88
N ALA T 130 -35.59 18.25 64.67
CA ALA T 130 -35.34 19.46 65.43
C ALA T 130 -36.44 20.50 65.20
N PHE T 131 -37.09 20.45 64.04
CA PHE T 131 -37.88 21.59 63.58
C PHE T 131 -39.32 21.69 64.07
N TRP T 132 -40.09 20.62 63.94
CA TRP T 132 -41.50 20.60 64.33
C TRP T 132 -41.65 20.26 65.79
N PHE T 133 -40.70 19.45 66.27
CA PHE T 133 -40.79 18.85 67.60
C PHE T 133 -39.74 19.40 68.52
N LYS T 134 -40.15 19.68 69.76
CA LYS T 134 -39.24 19.95 70.86
C LYS T 134 -38.50 18.63 71.18
N PRO T 135 -37.21 18.72 71.58
CA PRO T 135 -36.35 17.55 71.86
C PRO T 135 -36.95 16.52 72.84
N GLU T 136 -37.55 17.02 73.92
CA GLU T 136 -38.18 16.18 74.95
C GLU T 136 -39.40 15.44 74.41
N GLU T 137 -39.71 15.66 73.13
CA GLU T 137 -40.90 15.10 72.52
C GLU T 137 -40.63 13.80 71.76
N LEU T 138 -39.38 13.35 71.74
CA LEU T 138 -39.08 11.96 71.41
C LEU T 138 -38.80 11.25 72.73
N VAL T 139 -39.54 10.18 73.00
CA VAL T 139 -39.49 9.52 74.30
C VAL T 139 -38.87 8.12 74.20
N ASN T 140 -37.80 7.91 74.96
CA ASN T 140 -37.08 6.63 74.97
C ASN T 140 -37.77 5.53 75.75
N TRP T 141 -38.01 4.39 75.09
CA TRP T 141 -38.57 3.19 75.71
C TRP T 141 -38.17 1.98 74.92
N THR T 142 -38.16 0.81 75.55
CA THR T 142 -37.86 -0.43 74.83
C THR T 142 -39.10 -1.26 74.60
N SER T 143 -39.29 -1.70 73.35
CA SER T 143 -40.44 -2.54 72.96
C SER T 143 -40.26 -4.02 73.39
N HIS T 144 -41.39 -4.71 73.54
CA HIS T 144 -41.43 -6.08 74.01
C HIS T 144 -41.10 -7.08 72.94
N SER T 145 -41.51 -6.77 71.72
CA SER T 145 -41.27 -7.65 70.61
C SER T 145 -39.95 -7.35 69.90
N VAL T 146 -39.22 -6.33 70.38
CA VAL T 146 -37.92 -5.92 69.82
C VAL T 146 -36.96 -7.09 69.55
N LYS T 147 -36.83 -8.01 70.51
CA LYS T 147 -35.93 -9.18 70.42
C LYS T 147 -36.33 -10.12 69.28
N GLN T 148 -37.59 -10.00 68.87
CA GLN T 148 -38.12 -10.70 67.72
C GLN T 148 -38.21 -9.78 66.50
N VAL T 149 -37.85 -8.52 66.69
CA VAL T 149 -37.73 -7.60 65.56
C VAL T 149 -36.27 -7.57 65.13
N TYR T 150 -35.38 -7.60 66.11
CA TYR T 150 -33.94 -7.51 65.86
C TYR T 150 -33.09 -8.66 66.45
N GLU T 151 -31.91 -8.82 65.86
CA GLU T 151 -30.89 -9.80 66.23
C GLU T 151 -30.07 -9.33 67.42
N MET U 1 -61.24 15.59 32.74
CA MET U 1 -60.50 14.30 32.55
C MET U 1 -60.84 13.28 33.65
N THR U 2 -60.77 13.74 34.90
CA THR U 2 -61.02 12.96 36.11
C THR U 2 -62.26 12.04 36.08
N SER U 3 -63.17 12.28 35.15
CA SER U 3 -64.46 11.55 35.13
C SER U 3 -64.42 10.18 34.46
N GLU U 4 -63.23 9.76 34.03
CA GLU U 4 -63.03 8.60 33.15
C GLU U 4 -63.52 7.31 33.78
N ARG U 5 -64.12 6.46 32.94
CA ARG U 5 -64.75 5.22 33.35
C ARG U 5 -63.92 4.00 33.00
N THR U 6 -64.09 2.95 33.81
CA THR U 6 -63.61 1.60 33.49
C THR U 6 -64.60 0.56 34.03
N PHE U 7 -64.66 -0.59 33.36
CA PHE U 7 -65.55 -1.70 33.72
C PHE U 7 -64.69 -2.77 34.37
N ILE U 8 -65.02 -3.11 35.63
CA ILE U 8 -64.36 -4.20 36.38
C ILE U 8 -65.37 -5.27 36.84
N ALA U 9 -65.10 -6.53 36.48
CA ALA U 9 -66.01 -7.62 36.82
C ALA U 9 -65.26 -8.73 37.56
N VAL U 10 -65.79 -9.11 38.71
CA VAL U 10 -65.14 -10.17 39.48
C VAL U 10 -65.75 -11.51 39.07
N LYS U 11 -64.91 -12.49 38.81
CA LYS U 11 -65.35 -13.67 38.09
C LYS U 11 -65.99 -14.71 39.01
N PRO U 12 -66.39 -15.88 38.48
CA PRO U 12 -67.13 -16.85 39.28
C PRO U 12 -66.33 -17.31 40.47
N ASP U 13 -65.05 -17.56 40.25
CA ASP U 13 -64.16 -18.05 41.29
C ASP U 13 -63.93 -17.06 42.42
N GLY U 14 -63.87 -15.78 42.09
CA GLY U 14 -63.69 -14.70 43.09
C GLY U 14 -64.84 -14.53 44.08
N VAL U 15 -66.05 -14.38 43.53
CA VAL U 15 -67.26 -14.46 44.33
C VAL U 15 -67.27 -15.81 45.04
N GLN U 16 -66.88 -16.87 44.32
CA GLN U 16 -66.75 -18.17 44.96
C GLN U 16 -65.61 -18.24 45.97
N ARG U 17 -64.72 -17.24 45.93
CA ARG U 17 -63.55 -17.22 46.81
C ARG U 17 -63.55 -16.12 47.87
N CYS U 18 -64.69 -15.47 48.04
CA CYS U 18 -64.87 -14.50 49.13
C CYS U 18 -64.02 -13.25 48.91
N LEU U 19 -63.97 -12.83 47.66
CA LEU U 19 -63.17 -11.68 47.26
C LEU U 19 -63.96 -10.36 47.15
N VAL U 20 -65.29 -10.45 47.21
CA VAL U 20 -66.19 -9.33 46.89
C VAL U 20 -65.95 -8.09 47.75
N GLY U 21 -65.90 -8.26 49.06
CA GLY U 21 -65.48 -7.19 49.96
C GLY U 21 -64.02 -6.80 49.71
N GLU U 22 -63.19 -7.81 49.48
CA GLU U 22 -61.75 -7.65 49.25
C GLU U 22 -61.39 -6.77 48.04
N ILE U 23 -61.99 -7.07 46.89
CA ILE U 23 -61.75 -6.30 45.67
C ILE U 23 -62.29 -4.87 45.78
N ILE U 24 -63.53 -4.75 46.28
CA ILE U 24 -64.21 -3.46 46.49
C ILE U 24 -63.38 -2.59 47.41
N GLN U 25 -62.82 -3.20 48.46
CA GLN U 25 -62.15 -2.44 49.51
C GLN U 25 -60.90 -1.69 49.02
N ARG U 26 -60.13 -2.29 48.11
CA ARG U 26 -58.89 -1.67 47.67
C ARG U 26 -59.14 -0.48 46.82
N PHE U 27 -60.20 -0.53 46.02
CA PHE U 27 -60.49 0.52 45.06
C PHE U 27 -61.13 1.69 45.74
N GLU U 28 -61.98 1.38 46.73
CA GLU U 28 -62.68 2.36 47.57
C GLU U 28 -61.72 3.30 48.31
N LYS U 29 -60.72 2.69 48.94
CA LYS U 29 -59.70 3.41 49.68
C LYS U 29 -58.75 4.21 48.77
N LYS U 30 -58.53 3.70 47.55
CA LYS U 30 -57.69 4.35 46.55
C LYS U 30 -58.27 5.73 46.26
N GLY U 31 -59.59 5.83 46.45
CA GLY U 31 -60.35 7.02 46.14
C GLY U 31 -61.03 6.88 44.79
N TYR U 32 -61.36 5.65 44.43
CA TYR U 32 -62.09 5.43 43.21
C TYR U 32 -63.58 5.48 43.52
N LYS U 33 -64.33 6.29 42.76
CA LYS U 33 -65.76 6.41 43.01
C LYS U 33 -66.50 5.25 42.37
N LEU U 34 -67.33 4.57 43.17
CA LEU U 34 -68.27 3.59 42.64
C LEU U 34 -69.33 4.36 41.85
N VAL U 35 -69.58 3.94 40.62
CA VAL U 35 -70.69 4.51 39.87
C VAL U 35 -71.75 3.43 39.63
N ALA U 36 -71.32 2.19 39.42
CA ALA U 36 -72.26 1.09 39.22
C ALA U 36 -71.81 -0.23 39.83
N LEU U 37 -72.78 -1.01 40.29
CA LEU U 37 -72.50 -2.26 41.01
C LEU U 37 -73.72 -3.17 41.06
N LYS U 38 -73.56 -4.38 40.53
CA LYS U 38 -74.66 -5.35 40.48
C LYS U 38 -74.24 -6.82 40.52
N MET U 39 -75.20 -7.64 40.92
CA MET U 39 -75.04 -9.08 40.91
C MET U 39 -75.81 -9.61 39.71
N LEU U 40 -75.31 -10.70 39.14
CA LEU U 40 -76.00 -11.38 38.07
C LEU U 40 -75.45 -12.81 37.88
N GLN U 41 -76.17 -13.58 37.06
CA GLN U 41 -75.65 -14.81 36.47
C GLN U 41 -75.70 -14.65 34.96
N PRO U 42 -74.53 -14.52 34.32
CA PRO U 42 -74.56 -14.24 32.90
C PRO U 42 -75.09 -15.42 32.10
N SER U 43 -76.19 -15.20 31.38
CA SER U 43 -76.70 -16.17 30.41
C SER U 43 -75.76 -16.20 29.21
N ALA U 44 -75.93 -17.23 28.37
CA ALA U 44 -75.04 -17.54 27.25
C ALA U 44 -74.75 -16.37 26.29
N GLU U 45 -75.82 -15.75 25.79
CA GLU U 45 -75.75 -14.74 24.74
C GLU U 45 -74.94 -13.51 25.11
N GLN U 46 -75.03 -13.11 26.38
CA GLN U 46 -74.47 -11.86 26.87
C GLN U 46 -72.94 -11.89 26.97
N ALA U 47 -72.42 -12.84 27.76
CA ALA U 47 -70.97 -13.06 27.84
C ALA U 47 -70.43 -13.37 26.45
N GLN U 48 -71.24 -14.03 25.62
CA GLN U 48 -70.84 -14.37 24.25
C GLN U 48 -70.60 -13.12 23.41
N GLN U 49 -71.43 -12.11 23.59
CA GLN U 49 -71.24 -10.82 22.92
C GLN U 49 -70.04 -10.06 23.48
N HIS U 50 -69.82 -10.22 24.78
CA HIS U 50 -68.65 -9.68 25.45
C HIS U 50 -67.41 -10.39 24.96
N TYR U 51 -67.51 -11.71 24.75
CA TYR U 51 -66.41 -12.54 24.27
C TYR U 51 -66.50 -12.85 22.77
N ILE U 52 -67.24 -12.02 22.04
CA ILE U 52 -67.49 -12.28 20.63
C ILE U 52 -66.23 -12.16 19.77
N ASP U 53 -65.24 -11.41 20.26
CA ASP U 53 -64.07 -11.03 19.44
C ASP U 53 -62.94 -12.07 19.47
N LEU U 54 -63.29 -13.31 19.84
CA LEU U 54 -62.38 -14.46 19.73
C LEU U 54 -63.14 -15.65 19.09
N ALA U 55 -64.48 -15.62 19.24
CA ALA U 55 -65.48 -16.70 19.04
C ALA U 55 -65.11 -17.97 18.27
N SER U 56 -64.53 -17.81 17.07
CA SER U 56 -64.19 -18.94 16.20
C SER U 56 -63.02 -19.75 16.75
N LYS U 57 -62.67 -19.51 18.01
CA LYS U 57 -61.48 -20.07 18.65
C LYS U 57 -61.85 -21.42 19.29
N PRO U 58 -60.82 -22.26 19.62
CA PRO U 58 -61.11 -23.45 20.41
C PRO U 58 -61.35 -23.20 21.91
N PHE U 59 -60.61 -22.29 22.53
CA PHE U 59 -60.73 -22.06 23.99
C PHE U 59 -62.04 -21.36 24.41
N TYR U 60 -62.86 -21.06 23.40
CA TYR U 60 -64.02 -20.21 23.58
C TYR U 60 -65.16 -20.90 24.32
N LYS U 61 -65.53 -22.11 23.89
CA LYS U 61 -66.67 -22.83 24.45
C LYS U 61 -66.53 -23.15 25.94
N ASP U 62 -65.34 -23.58 26.34
CA ASP U 62 -65.04 -23.80 27.75
C ASP U 62 -64.98 -22.47 28.50
N LEU U 63 -64.57 -21.39 27.85
CA LEU U 63 -64.62 -20.05 28.48
C LEU U 63 -66.07 -19.67 28.76
N VAL U 64 -66.95 -19.90 27.79
CA VAL U 64 -68.39 -19.77 27.98
C VAL U 64 -68.87 -20.54 29.23
N ALA U 65 -68.34 -21.75 29.43
CA ALA U 65 -68.78 -22.62 30.52
C ALA U 65 -68.35 -22.10 31.88
N TYR U 66 -67.11 -21.63 31.98
CA TYR U 66 -66.56 -21.09 33.23
C TYR U 66 -67.23 -19.79 33.69
N PHE U 67 -67.30 -18.81 32.79
CA PHE U 67 -67.91 -17.51 33.07
C PHE U 67 -69.42 -17.56 33.34
N SER U 68 -70.08 -18.64 32.91
CA SER U 68 -71.52 -18.86 33.19
C SER U 68 -71.80 -19.80 34.40
N SER U 69 -70.75 -20.46 34.92
CA SER U 69 -70.87 -21.44 36.01
C SER U 69 -71.21 -20.85 37.39
N GLY U 70 -70.90 -19.57 37.59
CA GLY U 70 -71.19 -18.90 38.86
C GLY U 70 -71.61 -17.47 38.66
N PRO U 71 -71.92 -16.75 39.77
CA PRO U 71 -72.38 -15.36 39.66
C PRO U 71 -71.24 -14.42 39.35
N ILE U 72 -71.54 -13.31 38.70
CA ILE U 72 -70.57 -12.24 38.47
C ILE U 72 -71.01 -10.99 39.21
N VAL U 73 -70.05 -10.22 39.70
CA VAL U 73 -70.36 -8.90 40.23
C VAL U 73 -69.84 -7.86 39.24
N GLY U 74 -70.78 -7.14 38.65
CA GLY U 74 -70.43 -6.09 37.69
C GLY U 74 -70.17 -4.79 38.41
N MET U 75 -69.27 -3.98 37.84
CA MET U 75 -68.90 -2.71 38.44
C MET U 75 -68.31 -1.72 37.45
N VAL U 76 -68.72 -0.46 37.61
CA VAL U 76 -68.24 0.71 36.86
C VAL U 76 -67.62 1.71 37.84
N TRP U 77 -66.29 1.82 37.79
CA TRP U 77 -65.56 2.77 38.64
C TRP U 77 -65.32 4.09 37.96
N GLU U 78 -64.75 5.03 38.73
CA GLU U 78 -64.49 6.37 38.23
C GLU U 78 -63.20 6.94 38.79
N GLY U 79 -62.39 7.54 37.92
CA GLY U 79 -61.13 8.14 38.33
C GLY U 79 -60.22 8.49 37.17
N LYS U 80 -59.29 9.42 37.42
CA LYS U 80 -58.39 9.90 36.37
C LYS U 80 -57.51 8.76 35.85
N GLY U 81 -57.87 8.29 34.65
CA GLY U 81 -57.19 7.16 34.02
C GLY U 81 -57.50 5.87 34.76
N VAL U 82 -58.75 5.74 35.20
CA VAL U 82 -59.14 4.63 36.09
C VAL U 82 -58.86 3.29 35.42
N VAL U 83 -58.71 3.31 34.10
CA VAL U 83 -58.44 2.12 33.33
C VAL U 83 -57.00 1.68 33.62
N LYS U 84 -56.05 2.60 33.48
CA LYS U 84 -54.61 2.30 33.64
C LYS U 84 -54.27 1.76 35.04
N GLY U 85 -54.86 2.38 36.06
CA GLY U 85 -54.67 1.98 37.46
C GLY U 85 -55.37 0.68 37.80
N GLY U 86 -56.61 0.57 37.35
CA GLY U 86 -57.43 -0.65 37.51
C GLY U 86 -56.82 -1.86 36.83
N ARG U 87 -56.29 -1.65 35.62
CA ARG U 87 -55.43 -2.63 34.94
C ARG U 87 -54.19 -2.96 35.81
N VAL U 88 -53.60 -1.92 36.40
CA VAL U 88 -52.43 -2.06 37.28
C VAL U 88 -52.79 -2.74 38.61
N LEU U 89 -53.89 -2.32 39.23
CA LEU U 89 -54.27 -2.87 40.52
C LEU U 89 -54.63 -4.36 40.44
N LEU U 90 -55.19 -4.79 39.31
CA LEU U 90 -55.50 -6.21 39.08
C LEU U 90 -54.25 -7.09 38.96
N GLY U 91 -53.20 -6.54 38.35
CA GLY U 91 -51.99 -7.29 38.03
C GLY U 91 -52.04 -7.70 36.57
N ALA U 92 -51.06 -8.49 36.13
CA ALA U 92 -51.06 -9.07 34.77
C ALA U 92 -52.10 -10.18 34.60
N THR U 93 -52.58 -10.40 33.37
CA THR U 93 -53.62 -11.42 33.05
C THR U 93 -53.39 -12.75 33.76
N ASN U 94 -52.14 -13.19 33.73
CA ASN U 94 -51.72 -14.45 34.30
C ASN U 94 -51.23 -14.22 35.73
N PRO U 95 -51.85 -14.90 36.72
CA PRO U 95 -51.55 -14.72 38.16
C PRO U 95 -50.12 -15.07 38.54
N ALA U 96 -49.48 -15.86 37.68
CA ALA U 96 -48.08 -16.27 37.86
C ALA U 96 -47.13 -15.09 37.60
N ASP U 97 -47.59 -14.16 36.78
CA ASP U 97 -46.82 -12.98 36.48
C ASP U 97 -47.32 -11.74 37.24
N SER U 98 -48.43 -11.90 37.96
CA SER U 98 -49.03 -10.81 38.78
C SER U 98 -48.25 -10.57 40.06
N LEU U 99 -48.02 -9.29 40.36
CA LEU U 99 -47.22 -8.86 41.51
C LEU U 99 -47.95 -9.00 42.85
N PRO U 100 -47.22 -9.36 43.93
CA PRO U 100 -47.80 -9.23 45.26
C PRO U 100 -48.25 -7.80 45.52
N GLY U 101 -49.36 -7.64 46.24
CA GLY U 101 -49.92 -6.33 46.53
C GLY U 101 -51.13 -6.04 45.66
N THR U 102 -51.12 -6.60 44.44
CA THR U 102 -52.24 -6.44 43.49
C THR U 102 -53.23 -7.59 43.62
N ILE U 103 -54.33 -7.49 42.88
CA ILE U 103 -55.51 -8.34 43.09
C ILE U 103 -55.33 -9.79 42.64
N ARG U 104 -55.05 -10.00 41.36
CA ARG U 104 -54.87 -11.35 40.85
C ARG U 104 -53.66 -12.04 41.48
N GLY U 105 -52.75 -11.27 42.07
CA GLY U 105 -51.50 -11.81 42.59
C GLY U 105 -51.65 -12.39 43.97
N ASP U 106 -52.54 -11.75 44.74
CA ASP U 106 -52.82 -12.20 46.09
C ASP U 106 -53.93 -13.22 46.08
N PHE U 107 -54.71 -13.23 45.00
CA PHE U 107 -55.99 -13.96 45.01
C PHE U 107 -56.24 -14.89 43.83
N ALA U 108 -55.17 -15.48 43.29
CA ALA U 108 -55.25 -16.46 42.19
C ALA U 108 -53.88 -17.07 41.91
N VAL U 109 -53.86 -18.25 41.31
CA VAL U 109 -52.59 -18.87 40.88
C VAL U 109 -52.58 -19.15 39.36
N ASP U 110 -53.76 -19.45 38.81
CA ASP U 110 -53.94 -19.95 37.45
C ASP U 110 -54.72 -18.95 36.60
N VAL U 111 -54.30 -18.76 35.34
CA VAL U 111 -54.96 -17.85 34.37
C VAL U 111 -56.44 -18.17 34.11
N GLY U 112 -56.81 -19.44 34.20
CA GLY U 112 -58.18 -19.86 33.91
C GLY U 112 -59.12 -19.52 35.03
N ARG U 113 -58.54 -19.34 36.22
CA ARG U 113 -59.25 -18.91 37.41
C ARG U 113 -58.56 -17.63 37.91
N ASN U 114 -58.68 -16.58 37.11
CA ASN U 114 -58.03 -15.29 37.38
C ASN U 114 -58.97 -14.26 38.03
N VAL U 115 -60.04 -14.81 38.63
CA VAL U 115 -60.98 -14.11 39.52
C VAL U 115 -61.62 -12.81 39.02
N CYS U 116 -61.08 -12.19 37.97
CA CYS U 116 -61.40 -10.80 37.71
C CYS U 116 -61.15 -10.28 36.30
N HIS U 117 -61.94 -9.29 35.86
CA HIS U 117 -61.70 -8.58 34.58
C HIS U 117 -61.63 -7.07 34.72
N GLY U 118 -60.77 -6.46 33.91
CA GLY U 118 -60.72 -4.99 33.78
C GLY U 118 -60.52 -4.61 32.33
N SER U 119 -61.07 -3.46 31.92
CA SER U 119 -61.10 -3.05 30.50
C SER U 119 -59.71 -2.88 29.85
N ASP U 120 -59.55 -3.32 28.59
CA ASP U 120 -58.25 -3.18 27.90
C ASP U 120 -58.01 -1.76 27.37
N SER U 121 -59.11 -1.03 27.19
CA SER U 121 -59.05 0.33 26.69
C SER U 121 -60.21 1.19 27.15
N VAL U 122 -60.08 2.48 26.86
CA VAL U 122 -61.14 3.47 26.96
C VAL U 122 -62.35 3.01 26.14
N ASP U 123 -62.09 2.69 24.88
CA ASP U 123 -63.11 2.30 23.90
C ASP U 123 -63.88 1.07 24.34
N SER U 124 -63.16 0.05 24.80
CA SER U 124 -63.77 -1.17 25.38
C SER U 124 -64.60 -0.89 26.65
N ALA U 125 -64.11 -0.01 27.52
CA ALA U 125 -64.78 0.31 28.78
C ALA U 125 -66.14 0.87 28.47
N LYS U 126 -66.19 1.83 27.56
CA LYS U 126 -67.45 2.42 27.11
C LYS U 126 -68.35 1.42 26.35
N ARG U 127 -67.75 0.53 25.54
CA ARG U 127 -68.53 -0.52 24.86
C ARG U 127 -69.18 -1.54 25.81
N GLU U 128 -68.44 -1.92 26.86
CA GLU U 128 -68.88 -2.87 27.91
C GLU U 128 -69.89 -2.31 28.89
N ILE U 129 -69.65 -1.08 29.35
CA ILE U 129 -70.54 -0.44 30.32
C ILE U 129 -71.86 -0.12 29.66
N ALA U 130 -71.83 0.14 28.36
CA ALA U 130 -73.05 0.22 27.57
C ALA U 130 -73.71 -1.15 27.42
N PHE U 131 -72.89 -2.19 27.28
CA PHE U 131 -73.41 -3.54 27.06
C PHE U 131 -73.96 -4.20 28.34
N TRP U 132 -73.22 -4.07 29.44
CA TRP U 132 -73.52 -4.76 30.68
C TRP U 132 -74.48 -3.99 31.54
N PHE U 133 -74.45 -2.67 31.41
CA PHE U 133 -75.21 -1.80 32.31
C PHE U 133 -76.24 -0.96 31.59
N LYS U 134 -77.41 -0.85 32.20
CA LYS U 134 -78.44 0.04 31.68
C LYS U 134 -77.98 1.47 32.03
N PRO U 135 -78.29 2.47 31.17
CA PRO U 135 -77.80 3.85 31.42
C PRO U 135 -78.23 4.41 32.79
N GLU U 136 -79.43 4.03 33.22
CA GLU U 136 -79.99 4.54 34.46
C GLU U 136 -79.42 3.84 35.69
N GLU U 137 -78.63 2.78 35.46
CA GLU U 137 -77.88 2.11 36.54
C GLU U 137 -76.63 2.87 36.97
N LEU U 138 -76.07 3.66 36.06
CA LEU U 138 -74.96 4.56 36.38
C LEU U 138 -75.49 5.62 37.33
N VAL U 139 -74.97 5.57 38.56
CA VAL U 139 -75.42 6.45 39.63
C VAL U 139 -74.54 7.70 39.69
N ASN U 140 -75.12 8.84 39.34
CA ASN U 140 -74.35 10.07 39.26
C ASN U 140 -74.33 10.83 40.56
N TRP U 141 -73.16 10.88 41.20
CA TRP U 141 -72.99 11.65 42.43
C TRP U 141 -71.58 12.15 42.67
N THR U 142 -71.38 12.76 43.84
CA THR U 142 -70.08 13.27 44.26
C THR U 142 -69.75 12.77 45.67
N SER U 143 -68.62 12.06 45.77
CA SER U 143 -68.03 11.65 47.04
C SER U 143 -67.55 12.90 47.82
N HIS U 144 -67.77 12.93 49.13
CA HIS U 144 -67.41 14.10 49.95
C HIS U 144 -65.94 14.45 49.95
N SER U 145 -65.10 13.53 49.48
CA SER U 145 -63.67 13.73 49.50
C SER U 145 -63.07 13.99 48.11
N VAL U 146 -63.92 14.38 47.16
CA VAL U 146 -63.52 14.71 45.79
C VAL U 146 -62.39 15.75 45.74
N LYS U 147 -62.58 16.85 46.47
CA LYS U 147 -61.61 17.95 46.50
C LYS U 147 -60.31 17.53 47.18
N GLN U 148 -60.36 16.46 47.96
CA GLN U 148 -59.18 15.95 48.65
C GLN U 148 -58.48 14.87 47.86
N VAL U 149 -59.18 14.31 46.87
CA VAL U 149 -58.62 13.25 46.02
C VAL U 149 -58.23 13.86 44.66
N TYR U 150 -58.74 15.05 44.39
CA TYR U 150 -58.44 15.72 43.13
C TYR U 150 -58.05 17.20 43.30
N GLU U 151 -57.17 17.69 42.43
CA GLU U 151 -56.63 19.05 42.47
C GLU U 151 -57.53 20.11 41.81
N MET V 1 -46.26 -17.00 88.85
CA MET V 1 -47.03 -18.25 89.15
C MET V 1 -47.32 -19.06 87.90
N THR V 2 -47.79 -20.29 88.12
CA THR V 2 -48.35 -21.12 87.06
C THR V 2 -49.79 -20.69 86.97
N SER V 3 -50.15 -20.18 85.79
CA SER V 3 -51.50 -19.69 85.54
C SER V 3 -52.25 -20.76 84.81
N GLU V 4 -53.54 -20.50 84.69
CA GLU V 4 -54.52 -21.36 84.04
C GLU V 4 -54.23 -21.67 82.58
N ARG V 5 -54.69 -22.83 82.12
CA ARG V 5 -54.51 -23.19 80.73
C ARG V 5 -55.84 -23.72 80.25
N THR V 6 -56.23 -23.34 79.03
CA THR V 6 -57.51 -23.78 78.48
C THR V 6 -57.25 -24.67 77.27
N PHE V 7 -58.17 -25.56 76.92
CA PHE V 7 -58.02 -26.34 75.69
C PHE V 7 -58.89 -25.72 74.63
N ILE V 8 -58.29 -25.27 73.51
CA ILE V 8 -58.99 -24.71 72.34
C ILE V 8 -58.57 -25.48 71.09
N ALA V 9 -59.52 -26.14 70.42
CA ALA V 9 -59.22 -26.87 69.17
C ALA V 9 -60.23 -26.52 68.11
N VAL V 10 -59.77 -26.20 66.90
CA VAL V 10 -60.73 -25.77 65.85
C VAL V 10 -61.27 -26.93 64.99
N LYS V 11 -62.56 -26.83 64.69
CA LYS V 11 -63.31 -27.87 63.99
C LYS V 11 -62.90 -28.07 62.51
N PRO V 12 -63.40 -29.16 61.87
CA PRO V 12 -63.02 -29.44 60.49
C PRO V 12 -63.38 -28.26 59.59
N ASP V 13 -64.50 -27.60 59.88
CA ASP V 13 -64.90 -26.37 59.18
C ASP V 13 -63.88 -25.24 59.39
N GLY V 14 -63.29 -25.22 60.59
CA GLY V 14 -62.27 -24.23 60.96
C GLY V 14 -61.06 -24.29 60.04
N VAL V 15 -60.65 -25.52 59.71
CA VAL V 15 -59.56 -25.72 58.76
C VAL V 15 -60.00 -25.35 57.36
N GLN V 16 -61.16 -25.85 56.94
CA GLN V 16 -61.67 -25.70 55.57
C GLN V 16 -62.18 -24.29 55.17
N ARG V 17 -62.68 -23.53 56.15
CA ARG V 17 -63.35 -22.23 55.90
C ARG V 17 -62.49 -20.96 56.05
N CYS V 18 -61.19 -21.14 56.26
CA CYS V 18 -60.22 -20.05 56.30
C CYS V 18 -60.29 -19.22 57.59
N LEU V 19 -60.24 -19.92 58.73
CA LEU V 19 -60.33 -19.30 60.07
C LEU V 19 -59.08 -19.43 60.95
N VAL V 20 -58.31 -20.49 60.75
CA VAL V 20 -57.20 -20.91 61.64
C VAL V 20 -56.29 -19.77 62.14
N GLY V 21 -55.81 -18.92 61.24
CA GLY V 21 -54.98 -17.80 61.66
C GLY V 21 -55.77 -16.81 62.50
N GLU V 22 -57.05 -16.65 62.14
CA GLU V 22 -57.95 -15.65 62.74
C GLU V 22 -58.13 -15.89 64.23
N ILE V 23 -58.40 -17.14 64.58
CA ILE V 23 -58.53 -17.58 65.98
C ILE V 23 -57.22 -17.37 66.72
N ILE V 24 -56.12 -17.78 66.09
CA ILE V 24 -54.76 -17.60 66.64
C ILE V 24 -54.45 -16.12 66.86
N GLN V 25 -54.76 -15.29 65.87
CA GLN V 25 -54.53 -13.85 66.00
C GLN V 25 -55.34 -13.26 67.16
N ARG V 26 -56.51 -13.84 67.43
CA ARG V 26 -57.46 -13.31 68.42
C ARG V 26 -57.01 -13.43 69.89
N PHE V 27 -56.55 -14.61 70.29
CA PHE V 27 -55.98 -14.80 71.62
C PHE V 27 -54.66 -14.04 71.75
N GLU V 28 -53.96 -13.92 70.61
CA GLU V 28 -52.60 -13.35 70.51
C GLU V 28 -52.49 -11.94 71.01
N LYS V 29 -53.42 -11.12 70.54
CA LYS V 29 -53.47 -9.68 70.80
C LYS V 29 -53.87 -9.32 72.23
N LYS V 30 -54.83 -10.07 72.77
CA LYS V 30 -55.30 -9.89 74.15
C LYS V 30 -54.17 -10.11 75.17
N GLY V 31 -53.31 -11.11 74.92
CA GLY V 31 -52.12 -11.33 75.74
C GLY V 31 -51.81 -12.79 76.08
N TYR V 32 -52.49 -13.70 75.40
CA TYR V 32 -52.48 -15.14 75.73
C TYR V 32 -51.37 -15.91 75.02
N LYS V 33 -50.66 -16.74 75.80
CA LYS V 33 -49.43 -17.42 75.34
C LYS V 33 -49.65 -18.87 74.91
N LEU V 34 -49.01 -19.25 73.80
CA LEU V 34 -49.08 -20.62 73.30
C LEU V 34 -48.15 -21.53 74.10
N VAL V 35 -48.61 -22.76 74.32
CA VAL V 35 -47.80 -23.77 74.97
C VAL V 35 -47.69 -25.04 74.14
N ALA V 36 -48.79 -25.43 73.47
CA ALA V 36 -48.86 -26.63 72.61
C ALA V 36 -49.88 -26.55 71.46
N LEU V 37 -49.45 -26.89 70.24
CA LEU V 37 -50.26 -26.71 69.03
C LEU V 37 -49.90 -27.67 67.89
N LYS V 38 -50.86 -28.49 67.46
CA LYS V 38 -50.67 -29.47 66.38
C LYS V 38 -51.92 -29.66 65.54
N MET V 39 -51.76 -29.63 64.23
CA MET V 39 -52.84 -29.85 63.27
C MET V 39 -52.95 -31.34 62.92
N LEU V 40 -54.03 -31.98 63.36
CA LEU V 40 -54.15 -33.44 63.19
C LEU V 40 -55.58 -33.95 63.00
N GLN V 41 -55.71 -34.94 62.10
CA GLN V 41 -57.00 -35.57 61.80
C GLN V 41 -57.42 -36.46 62.95
N PRO V 42 -58.44 -36.03 63.72
CA PRO V 42 -58.84 -36.86 64.86
C PRO V 42 -59.54 -38.17 64.43
N SER V 43 -59.11 -39.28 64.99
CA SER V 43 -59.75 -40.56 64.72
C SER V 43 -61.01 -40.63 65.55
N ALA V 44 -61.84 -41.64 65.31
CA ALA V 44 -63.11 -41.81 66.03
C ALA V 44 -62.94 -42.06 67.53
N GLU V 45 -62.09 -43.03 67.88
CA GLU V 45 -61.86 -43.42 69.28
C GLU V 45 -61.44 -42.27 70.20
N GLN V 46 -60.67 -41.35 69.64
CA GLN V 46 -60.20 -40.18 70.37
C GLN V 46 -61.38 -39.25 70.64
N ALA V 47 -62.19 -39.00 69.62
CA ALA V 47 -63.47 -38.31 69.81
C ALA V 47 -64.37 -39.11 70.75
N GLN V 48 -64.30 -40.44 70.64
CA GLN V 48 -65.05 -41.30 71.55
C GLN V 48 -64.66 -41.11 73.02
N GLN V 49 -63.40 -40.82 73.31
CA GLN V 49 -63.05 -40.45 74.67
C GLN V 49 -63.35 -38.97 74.88
N HIS V 50 -63.17 -38.16 73.84
CA HIS V 50 -63.38 -36.70 73.93
C HIS V 50 -64.82 -36.32 74.23
N TYR V 51 -65.77 -37.04 73.63
CA TYR V 51 -67.17 -36.94 74.00
C TYR V 51 -67.63 -38.29 74.59
N ILE V 52 -66.98 -38.72 75.67
CA ILE V 52 -67.31 -40.00 76.34
C ILE V 52 -68.62 -39.87 77.10
N ASP V 53 -68.83 -38.71 77.70
CA ASP V 53 -69.98 -38.50 78.56
C ASP V 53 -71.28 -38.34 77.78
N LEU V 54 -71.17 -38.13 76.49
CA LEU V 54 -72.33 -38.09 75.61
C LEU V 54 -72.62 -39.45 75.00
N ALA V 55 -71.75 -40.43 75.28
CA ALA V 55 -71.69 -41.72 74.55
C ALA V 55 -73.04 -42.43 74.32
N SER V 56 -74.05 -42.02 75.10
CA SER V 56 -75.39 -42.58 75.01
C SER V 56 -76.39 -41.64 74.33
N LYS V 57 -75.95 -40.44 73.97
CA LYS V 57 -76.82 -39.46 73.32
C LYS V 57 -77.02 -39.78 71.85
N PRO V 58 -78.21 -39.47 71.30
CA PRO V 58 -78.47 -39.90 69.93
C PRO V 58 -77.62 -39.18 68.87
N PHE V 59 -77.01 -38.05 69.26
CA PHE V 59 -76.09 -37.30 68.38
C PHE V 59 -74.61 -37.64 68.61
N TYR V 60 -74.36 -38.85 69.13
CA TYR V 60 -73.03 -39.24 69.53
C TYR V 60 -72.12 -39.69 68.38
N LYS V 61 -72.53 -40.75 67.68
CA LYS V 61 -71.78 -41.29 66.53
C LYS V 61 -71.59 -40.25 65.43
N ASP V 62 -72.68 -39.53 65.15
CA ASP V 62 -72.78 -38.51 64.10
C ASP V 62 -71.80 -37.38 64.31
N LEU V 63 -71.58 -37.00 65.57
CA LEU V 63 -70.62 -35.96 65.93
C LEU V 63 -69.20 -36.49 65.77
N VAL V 64 -68.88 -37.56 66.51
CA VAL V 64 -67.63 -38.31 66.36
C VAL V 64 -67.28 -38.50 64.88
N ALA V 65 -68.33 -38.74 64.08
CA ALA V 65 -68.21 -38.88 62.63
C ALA V 65 -67.83 -37.55 61.97
N TYR V 66 -68.56 -36.49 62.32
CA TYR V 66 -68.29 -35.16 61.79
C TYR V 66 -66.92 -34.64 62.23
N PHE V 67 -66.64 -34.80 63.52
CA PHE V 67 -65.35 -34.44 64.10
C PHE V 67 -64.21 -35.21 63.44
N SER V 68 -64.59 -36.22 62.66
CA SER V 68 -63.65 -37.01 61.86
C SER V 68 -63.59 -36.57 60.41
N SER V 69 -64.53 -35.71 60.00
CA SER V 69 -64.69 -35.33 58.59
C SER V 69 -63.52 -34.50 58.03
N GLY V 70 -62.72 -33.94 58.91
CA GLY V 70 -61.54 -33.16 58.53
C GLY V 70 -60.47 -33.06 59.62
N PRO V 71 -59.37 -32.35 59.31
CA PRO V 71 -58.31 -32.08 60.27
C PRO V 71 -58.74 -31.02 61.29
N ILE V 72 -58.08 -31.04 62.44
CA ILE V 72 -58.39 -30.12 63.53
C ILE V 72 -57.09 -29.46 63.95
N VAL V 73 -57.16 -28.21 64.39
CA VAL V 73 -56.03 -27.55 65.03
C VAL V 73 -56.21 -27.60 66.55
N GLY V 74 -55.50 -28.52 67.21
CA GLY V 74 -55.50 -28.64 68.68
C GLY V 74 -54.56 -27.60 69.27
N MET V 75 -54.96 -26.97 70.37
CA MET V 75 -54.18 -25.86 70.95
C MET V 75 -54.27 -25.75 72.47
N VAL V 76 -53.18 -25.29 73.07
CA VAL V 76 -53.11 -24.96 74.48
C VAL V 76 -52.76 -23.49 74.53
N TRP V 77 -53.41 -22.77 75.43
CA TRP V 77 -53.17 -21.35 75.63
C TRP V 77 -53.11 -21.08 77.12
N GLU V 78 -52.31 -20.11 77.52
CA GLU V 78 -52.06 -19.89 78.94
C GLU V 78 -52.25 -18.43 79.40
N GLY V 79 -52.74 -18.26 80.64
CA GLY V 79 -52.88 -16.94 81.28
C GLY V 79 -53.86 -16.86 82.45
N LYS V 80 -54.27 -15.65 82.82
CA LYS V 80 -55.24 -15.48 83.90
C LYS V 80 -56.70 -15.51 83.41
N GLY V 81 -57.62 -15.81 84.33
CA GLY V 81 -59.03 -16.07 84.01
C GLY V 81 -59.30 -16.69 82.65
N VAL V 82 -58.31 -17.37 82.08
CA VAL V 82 -58.29 -17.71 80.65
C VAL V 82 -59.47 -18.58 80.18
N VAL V 83 -60.04 -19.39 81.07
CA VAL V 83 -61.09 -20.33 80.69
C VAL V 83 -62.40 -19.61 80.40
N LYS V 84 -62.84 -18.74 81.30
CA LYS V 84 -64.12 -18.02 81.18
C LYS V 84 -64.05 -16.93 80.11
N GLY V 85 -63.07 -16.05 80.23
CA GLY V 85 -62.84 -14.96 79.27
C GLY V 85 -62.50 -15.49 77.89
N GLY V 86 -61.76 -16.58 77.85
CA GLY V 86 -61.49 -17.25 76.59
C GLY V 86 -62.76 -17.82 75.98
N ARG V 87 -63.65 -18.31 76.83
CA ARG V 87 -64.90 -18.92 76.39
C ARG V 87 -65.83 -17.87 75.79
N VAL V 88 -65.89 -16.71 76.45
CA VAL V 88 -66.71 -15.58 76.01
C VAL V 88 -66.18 -15.02 74.70
N LEU V 89 -64.85 -14.96 74.58
CA LEU V 89 -64.17 -14.54 73.35
C LEU V 89 -64.61 -15.37 72.13
N LEU V 90 -64.82 -16.66 72.36
CA LEU V 90 -65.30 -17.53 71.31
C LEU V 90 -66.74 -17.19 70.96
N GLY V 91 -67.48 -16.63 71.91
CA GLY V 91 -68.91 -16.36 71.74
C GLY V 91 -69.75 -17.46 72.36
N ALA V 92 -71.06 -17.39 72.14
CA ALA V 92 -72.01 -18.38 72.67
C ALA V 92 -71.95 -19.71 71.93
N THR V 93 -72.29 -20.80 72.64
CA THR V 93 -72.23 -22.16 72.09
C THR V 93 -72.92 -22.30 70.71
N ASN V 94 -74.07 -21.65 70.57
CA ASN V 94 -74.76 -21.53 69.30
C ASN V 94 -74.46 -20.14 68.71
N PRO V 95 -73.97 -20.08 67.44
CA PRO V 95 -73.68 -18.87 66.66
C PRO V 95 -74.81 -17.85 66.55
N ALA V 96 -76.05 -18.31 66.71
CA ALA V 96 -77.22 -17.43 66.73
C ALA V 96 -77.25 -16.61 68.01
N ASP V 97 -76.62 -17.15 69.04
CA ASP V 97 -76.58 -16.51 70.34
C ASP V 97 -75.28 -15.72 70.50
N SER V 98 -74.32 -16.00 69.63
CA SER V 98 -72.98 -15.41 69.70
C SER V 98 -73.00 -13.95 69.30
N LEU V 99 -72.54 -13.11 70.23
CA LEU V 99 -72.45 -11.66 70.05
C LEU V 99 -71.28 -11.31 69.12
N PRO V 100 -71.44 -10.28 68.27
CA PRO V 100 -70.43 -9.98 67.28
C PRO V 100 -69.16 -9.48 67.92
N GLY V 101 -68.03 -9.71 67.26
CA GLY V 101 -66.73 -9.35 67.80
C GLY V 101 -66.08 -10.50 68.54
N THR V 102 -66.88 -11.51 68.85
CA THR V 102 -66.36 -12.76 69.38
C THR V 102 -66.11 -13.71 68.20
N ILE V 103 -65.46 -14.85 68.46
CA ILE V 103 -65.01 -15.72 67.37
C ILE V 103 -66.13 -16.38 66.56
N ARG V 104 -67.12 -16.98 67.23
CA ARG V 104 -68.25 -17.64 66.57
C ARG V 104 -69.22 -16.67 65.89
N GLY V 105 -69.45 -15.52 66.54
CA GLY V 105 -70.41 -14.53 66.05
C GLY V 105 -69.93 -13.84 64.78
N ASP V 106 -68.63 -13.87 64.58
CA ASP V 106 -68.02 -13.21 63.44
C ASP V 106 -67.88 -14.15 62.26
N PHE V 107 -67.90 -15.46 62.54
CA PHE V 107 -67.49 -16.45 61.53
C PHE V 107 -68.36 -17.71 61.39
N ALA V 108 -69.25 -17.97 62.34
CA ALA V 108 -70.10 -19.17 62.30
C ALA V 108 -71.57 -18.82 62.11
N VAL V 109 -72.37 -19.78 61.62
CA VAL V 109 -73.82 -19.53 61.41
C VAL V 109 -74.71 -20.48 62.20
N ASP V 110 -74.23 -21.71 62.34
CA ASP V 110 -75.00 -22.83 62.87
C ASP V 110 -74.15 -23.50 63.94
N VAL V 111 -74.85 -24.07 64.93
CA VAL V 111 -74.26 -24.77 66.06
C VAL V 111 -73.47 -26.04 65.69
N GLY V 112 -74.00 -26.79 64.72
CA GLY V 112 -73.37 -28.04 64.23
C GLY V 112 -72.06 -27.78 63.52
N ARG V 113 -71.88 -26.53 63.10
CA ARG V 113 -70.64 -26.05 62.49
C ARG V 113 -70.25 -24.75 63.19
N ASN V 114 -69.97 -24.83 64.49
CA ASN V 114 -69.67 -23.64 65.30
C ASN V 114 -68.18 -23.28 65.28
N VAL V 115 -67.50 -23.68 64.21
CA VAL V 115 -66.06 -23.44 63.94
C VAL V 115 -64.99 -24.03 64.92
N CYS V 116 -65.25 -23.92 66.22
CA CYS V 116 -64.21 -24.07 67.23
C CYS V 116 -64.74 -24.36 68.64
N HIS V 117 -63.96 -25.11 69.42
CA HIS V 117 -64.33 -25.47 70.79
C HIS V 117 -63.38 -24.91 71.82
N GLY V 118 -63.91 -24.47 72.97
CA GLY V 118 -63.07 -24.07 74.08
C GLY V 118 -63.52 -24.77 75.35
N SER V 119 -62.55 -25.06 76.26
CA SER V 119 -62.82 -25.66 77.56
C SER V 119 -63.87 -24.87 78.29
N ASP V 120 -64.87 -25.58 78.82
CA ASP V 120 -65.94 -24.94 79.57
C ASP V 120 -65.57 -24.76 81.04
N SER V 121 -64.64 -25.55 81.55
CA SER V 121 -64.12 -25.35 82.90
C SER V 121 -62.62 -25.69 82.99
N VAL V 122 -61.97 -25.25 84.09
CA VAL V 122 -60.58 -25.59 84.40
C VAL V 122 -60.43 -27.11 84.51
N ASP V 123 -61.35 -27.72 85.27
CA ASP V 123 -61.48 -29.17 85.42
C ASP V 123 -61.52 -29.88 84.07
N SER V 124 -62.29 -29.33 83.13
CA SER V 124 -62.36 -29.86 81.78
C SER V 124 -61.05 -29.74 81.03
N ALA V 125 -60.33 -28.64 81.28
CA ALA V 125 -59.15 -28.25 80.51
C ALA V 125 -58.02 -29.26 80.57
N LYS V 126 -57.49 -29.46 81.77
CA LYS V 126 -56.35 -30.34 82.00
C LYS V 126 -56.66 -31.74 81.50
N ARG V 127 -57.95 -32.09 81.43
CA ARG V 127 -58.38 -33.38 80.92
C ARG V 127 -58.24 -33.42 79.39
N GLU V 128 -58.69 -32.36 78.73
CA GLU V 128 -58.65 -32.27 77.26
C GLU V 128 -57.21 -31.99 76.78
N ILE V 129 -56.41 -31.38 77.65
CA ILE V 129 -54.97 -31.24 77.44
C ILE V 129 -54.27 -32.60 77.62
N ALA V 130 -54.65 -33.28 78.70
CA ALA V 130 -54.16 -34.62 79.05
C ALA V 130 -54.46 -35.63 77.97
N PHE V 131 -55.58 -35.40 77.28
CA PHE V 131 -56.06 -36.27 76.21
C PHE V 131 -55.36 -36.06 74.85
N TRP V 132 -55.40 -34.82 74.36
CA TRP V 132 -54.91 -34.49 73.01
C TRP V 132 -53.42 -34.43 72.84
N PHE V 133 -52.70 -34.33 73.95
CA PHE V 133 -51.27 -34.08 73.95
C PHE V 133 -50.60 -34.87 75.05
N LYS V 134 -49.33 -35.21 74.80
CA LYS V 134 -48.39 -35.72 75.80
C LYS V 134 -47.87 -34.57 76.69
N PRO V 135 -47.25 -34.87 77.86
CA PRO V 135 -46.53 -33.82 78.59
C PRO V 135 -45.40 -33.16 77.79
N GLU V 136 -44.63 -33.95 77.03
CA GLU V 136 -43.50 -33.41 76.26
C GLU V 136 -43.90 -32.68 74.98
N GLU V 137 -45.20 -32.44 74.79
CA GLU V 137 -45.67 -31.57 73.73
C GLU V 137 -45.86 -30.16 74.24
N LEU V 138 -45.99 -30.02 75.56
CA LEU V 138 -46.17 -28.72 76.24
C LEU V 138 -44.85 -27.91 76.46
N VAL V 139 -44.73 -26.76 75.80
CA VAL V 139 -43.53 -25.91 75.90
C VAL V 139 -43.66 -24.88 77.04
N ASN V 140 -42.55 -24.57 77.72
CA ASN V 140 -42.52 -23.68 78.89
C ASN V 140 -41.59 -22.47 78.66
N TRP V 141 -42.15 -21.27 78.55
CA TRP V 141 -41.35 -20.03 78.33
C TRP V 141 -41.86 -18.80 79.05
N THR V 142 -41.29 -17.64 78.70
CA THR V 142 -41.88 -16.33 78.99
C THR V 142 -41.91 -15.44 77.74
N SER V 143 -43.10 -14.95 77.41
CA SER V 143 -43.31 -14.05 76.29
C SER V 143 -42.73 -12.69 76.63
N HIS V 144 -42.12 -12.05 75.63
CA HIS V 144 -41.44 -10.77 75.81
C HIS V 144 -42.28 -9.67 76.41
N SER V 145 -43.58 -9.88 76.51
CA SER V 145 -44.50 -8.81 76.94
C SER V 145 -45.11 -8.99 78.35
N VAL V 146 -44.98 -10.18 78.92
CA VAL V 146 -45.66 -10.56 80.17
C VAL V 146 -45.77 -9.47 81.24
N LYS V 147 -44.67 -8.75 81.50
CA LYS V 147 -44.63 -7.73 82.56
C LYS V 147 -45.50 -6.48 82.25
N GLN V 148 -45.79 -6.27 80.96
CA GLN V 148 -46.69 -5.21 80.54
C GLN V 148 -48.11 -5.72 80.35
N VAL V 149 -48.30 -6.98 80.76
CA VAL V 149 -49.61 -7.65 80.76
C VAL V 149 -50.08 -7.75 82.21
N TYR V 150 -49.34 -8.48 83.04
CA TYR V 150 -49.70 -8.58 84.46
C TYR V 150 -48.86 -7.60 85.25
N GLU V 151 -49.39 -7.20 86.41
CA GLU V 151 -48.73 -6.27 87.32
C GLU V 151 -47.82 -7.03 88.28
N MET W 1 -73.41 17.98 74.34
CA MET W 1 -73.61 18.16 72.88
C MET W 1 -72.37 17.82 72.06
N THR W 2 -72.40 18.13 70.76
CA THR W 2 -71.35 17.80 69.80
C THR W 2 -69.99 18.43 70.16
N SER W 3 -70.01 19.46 71.01
CA SER W 3 -68.79 20.20 71.34
C SER W 3 -67.93 19.53 72.43
N GLU W 4 -68.53 18.60 73.17
CA GLU W 4 -67.89 17.80 74.23
C GLU W 4 -66.54 17.13 73.84
N ARG W 5 -65.57 17.19 74.74
CA ARG W 5 -64.21 16.74 74.45
C ARG W 5 -63.70 15.80 75.54
N THR W 6 -63.10 14.67 75.15
CA THR W 6 -62.51 13.74 76.13
C THR W 6 -60.97 13.78 76.24
N PHE W 7 -60.44 13.22 77.33
CA PHE W 7 -59.00 12.96 77.45
C PHE W 7 -58.73 11.46 77.49
N ILE W 8 -58.29 10.94 76.35
CA ILE W 8 -57.82 9.58 76.27
C ILE W 8 -56.29 9.60 76.38
N ALA W 9 -55.75 8.56 77.02
CA ALA W 9 -54.33 8.48 77.33
C ALA W 9 -53.79 7.06 77.31
N VAL W 10 -53.20 6.65 76.18
CA VAL W 10 -52.60 5.32 76.07
C VAL W 10 -51.29 5.17 76.88
N LYS W 11 -51.40 4.38 77.95
CA LYS W 11 -50.34 4.22 78.93
C LYS W 11 -49.14 3.43 78.38
N PRO W 12 -48.00 3.42 79.11
CA PRO W 12 -46.74 2.95 78.51
C PRO W 12 -46.82 1.55 77.88
N ASP W 13 -47.50 0.60 78.52
CA ASP W 13 -47.56 -0.77 78.00
C ASP W 13 -48.23 -0.88 76.63
N GLY W 14 -49.14 0.06 76.32
CA GLY W 14 -49.76 0.17 75.00
C GLY W 14 -48.80 0.54 73.89
N VAL W 15 -48.06 1.63 74.11
CA VAL W 15 -47.05 2.08 73.15
C VAL W 15 -46.02 0.97 72.96
N GLN W 16 -45.74 0.28 74.07
CA GLN W 16 -44.83 -0.86 74.13
C GLN W 16 -45.32 -2.10 73.38
N ARG W 17 -46.63 -2.30 73.30
CA ARG W 17 -47.15 -3.53 72.71
C ARG W 17 -47.65 -3.42 71.29
N CYS W 18 -47.09 -2.47 70.54
CA CYS W 18 -47.37 -2.33 69.11
C CYS W 18 -48.82 -1.92 68.80
N LEU W 19 -49.32 -0.95 69.57
CA LEU W 19 -50.76 -0.67 69.63
C LEU W 19 -51.25 0.72 69.24
N VAL W 20 -50.47 1.78 69.49
CA VAL W 20 -51.06 3.13 69.47
C VAL W 20 -51.89 3.46 68.22
N GLY W 21 -51.49 2.93 67.07
CA GLY W 21 -52.26 3.13 65.85
C GLY W 21 -53.59 2.42 65.92
N GLU W 22 -53.53 1.20 66.46
CA GLU W 22 -54.70 0.33 66.69
C GLU W 22 -55.78 1.05 67.47
N ILE W 23 -55.32 1.74 68.53
CA ILE W 23 -56.13 2.54 69.42
C ILE W 23 -56.67 3.77 68.72
N ILE W 24 -55.78 4.57 68.12
CA ILE W 24 -56.20 5.79 67.43
C ILE W 24 -57.19 5.46 66.32
N GLN W 25 -57.00 4.30 65.68
CA GLN W 25 -57.87 3.85 64.58
C GLN W 25 -59.32 3.71 65.03
N ARG W 26 -59.50 3.23 66.27
CA ARG W 26 -60.81 2.94 66.85
C ARG W 26 -61.68 4.16 67.00
N PHE W 27 -61.08 5.24 67.49
CA PHE W 27 -61.79 6.49 67.67
C PHE W 27 -62.01 7.17 66.32
N GLU W 28 -61.04 7.02 65.42
CA GLU W 28 -61.07 7.62 64.07
C GLU W 28 -62.20 7.11 63.18
N LYS W 29 -62.28 5.78 63.06
CA LYS W 29 -63.39 5.13 62.37
C LYS W 29 -64.69 5.33 63.12
N LYS W 30 -64.57 5.57 64.43
CA LYS W 30 -65.71 5.87 65.28
C LYS W 30 -66.33 7.20 64.87
N GLY W 31 -65.48 8.15 64.49
CA GLY W 31 -65.96 9.42 63.95
C GLY W 31 -65.80 10.59 64.91
N TYR W 32 -64.84 10.45 65.81
CA TYR W 32 -64.46 11.53 66.69
C TYR W 32 -63.31 12.26 65.99
N LYS W 33 -63.39 13.59 65.97
CA LYS W 33 -62.30 14.40 65.43
C LYS W 33 -61.16 14.49 66.44
N LEU W 34 -59.94 14.18 65.99
CA LEU W 34 -58.79 14.33 66.86
C LEU W 34 -58.54 15.81 67.00
N VAL W 35 -58.50 16.30 68.24
CA VAL W 35 -58.38 17.75 68.52
C VAL W 35 -56.96 18.17 68.98
N ALA W 36 -56.29 17.29 69.73
CA ALA W 36 -54.96 17.59 70.23
C ALA W 36 -54.20 16.32 70.52
N LEU W 37 -52.92 16.32 70.14
CA LEU W 37 -52.03 15.19 70.41
C LEU W 37 -50.66 15.70 70.82
N LYS W 38 -49.93 14.87 71.57
CA LYS W 38 -48.50 15.10 71.84
C LYS W 38 -47.84 13.91 72.54
N MET W 39 -46.55 13.75 72.26
CA MET W 39 -45.76 12.66 72.86
C MET W 39 -44.89 13.19 73.97
N LEU W 40 -44.98 12.53 75.12
CA LEU W 40 -44.06 12.76 76.24
C LEU W 40 -43.99 11.60 77.23
N GLN W 41 -42.87 11.54 77.94
CA GLN W 41 -42.69 10.68 79.09
C GLN W 41 -43.01 11.62 80.24
N PRO W 42 -44.19 11.43 80.86
CA PRO W 42 -44.63 12.30 81.95
C PRO W 42 -43.78 12.15 83.21
N SER W 43 -43.39 13.30 83.78
CA SER W 43 -42.63 13.33 85.03
C SER W 43 -43.50 12.81 86.17
N ALA W 44 -42.84 12.22 87.18
CA ALA W 44 -43.52 11.76 88.37
C ALA W 44 -44.28 12.92 88.97
N GLU W 45 -43.70 14.11 88.86
CA GLU W 45 -44.28 15.33 89.40
C GLU W 45 -45.47 15.79 88.55
N GLN W 46 -45.34 15.70 87.22
CA GLN W 46 -46.48 15.80 86.29
C GLN W 46 -47.51 14.70 86.61
N ALA W 47 -47.03 13.47 86.72
CA ALA W 47 -47.84 12.35 87.18
C ALA W 47 -48.38 12.61 88.57
N GLN W 48 -47.57 13.28 89.42
CA GLN W 48 -47.98 13.64 90.79
C GLN W 48 -49.27 14.43 90.85
N GLN W 49 -49.42 15.35 89.89
CA GLN W 49 -50.59 16.24 89.83
C GLN W 49 -51.87 15.58 89.30
N HIS W 50 -51.76 14.82 88.21
CA HIS W 50 -52.91 14.10 87.67
C HIS W 50 -53.39 13.07 88.65
N TYR W 51 -52.43 12.51 89.40
CA TYR W 51 -52.71 11.51 90.44
C TYR W 51 -52.65 12.11 91.86
N ILE W 52 -52.86 13.42 92.00
CA ILE W 52 -52.88 14.11 93.30
C ILE W 52 -53.96 13.60 94.27
N ASP W 53 -55.11 13.19 93.74
CA ASP W 53 -56.18 12.59 94.54
C ASP W 53 -55.77 11.22 95.12
N LEU W 54 -54.71 10.65 94.56
CA LEU W 54 -54.19 9.35 95.00
C LEU W 54 -52.88 9.49 95.82
N ALA W 55 -52.85 10.51 96.68
CA ALA W 55 -51.65 11.00 97.39
C ALA W 55 -51.13 10.15 98.57
N SER W 56 -52.06 9.73 99.44
CA SER W 56 -51.66 9.10 100.69
C SER W 56 -51.75 7.56 100.65
N LYS W 57 -52.00 7.02 99.45
CA LYS W 57 -52.28 5.59 99.33
C LYS W 57 -51.05 4.66 99.28
N PRO W 58 -51.24 3.39 99.69
CA PRO W 58 -50.27 2.29 99.54
C PRO W 58 -49.74 2.04 98.14
N PHE W 59 -50.58 2.23 97.11
CA PHE W 59 -50.22 1.90 95.72
C PHE W 59 -49.42 2.96 94.94
N TYR W 60 -49.56 4.22 95.37
CA TYR W 60 -49.00 5.41 94.71
C TYR W 60 -47.58 5.27 94.14
N LYS W 61 -46.66 4.70 94.91
CA LYS W 61 -45.27 4.60 94.46
C LYS W 61 -45.09 3.67 93.25
N ASP W 62 -45.79 2.55 93.27
CA ASP W 62 -45.77 1.58 92.16
C ASP W 62 -46.41 2.16 90.89
N LEU W 63 -47.46 2.94 91.09
CA LEU W 63 -48.19 3.61 90.02
C LEU W 63 -47.28 4.67 89.40
N VAL W 64 -46.70 5.51 90.26
CA VAL W 64 -45.73 6.59 89.90
C VAL W 64 -44.63 6.11 88.96
N ALA W 65 -43.97 5.02 89.35
CA ALA W 65 -42.88 4.43 88.57
C ALA W 65 -43.35 3.96 87.17
N TYR W 66 -44.54 3.36 87.12
CA TYR W 66 -45.17 2.83 85.89
C TYR W 66 -45.51 3.91 84.89
N PHE W 67 -46.28 4.90 85.35
CA PHE W 67 -46.73 5.95 84.45
C PHE W 67 -45.60 6.83 83.92
N SER W 68 -44.41 6.66 84.48
CA SER W 68 -43.21 7.38 84.05
C SER W 68 -42.20 6.49 83.31
N SER W 69 -42.38 5.18 83.40
CA SER W 69 -41.44 4.20 82.82
C SER W 69 -41.32 4.27 81.29
N GLY W 70 -42.24 4.98 80.66
CA GLY W 70 -42.30 5.07 79.21
C GLY W 70 -43.30 6.12 78.76
N PRO W 71 -43.35 6.39 77.44
CA PRO W 71 -44.14 7.50 76.91
C PRO W 71 -45.63 7.24 76.89
N ILE W 72 -46.39 8.31 77.00
CA ILE W 72 -47.85 8.30 76.87
C ILE W 72 -48.22 9.08 75.61
N VAL W 73 -49.24 8.59 74.92
CA VAL W 73 -49.87 9.31 73.82
C VAL W 73 -51.09 10.03 74.38
N GLY W 74 -50.87 11.28 74.80
CA GLY W 74 -51.95 12.12 75.29
C GLY W 74 -52.72 12.66 74.11
N MET W 75 -54.04 12.56 74.18
CA MET W 75 -54.89 13.03 73.09
C MET W 75 -56.11 13.71 73.67
N VAL W 76 -56.77 14.50 72.83
CA VAL W 76 -58.16 14.93 73.05
C VAL W 76 -58.98 14.52 71.82
N TRP W 77 -60.19 14.01 72.07
CA TRP W 77 -61.17 13.75 71.02
C TRP W 77 -62.39 14.57 71.27
N GLU W 78 -62.98 15.10 70.20
CA GLU W 78 -64.28 15.76 70.28
C GLU W 78 -65.32 14.77 69.79
N GLY W 79 -66.59 15.13 69.97
CA GLY W 79 -67.75 14.33 69.51
C GLY W 79 -68.95 14.32 70.46
N LYS W 80 -70.11 13.93 69.95
CA LYS W 80 -71.29 13.74 70.82
C LYS W 80 -71.10 12.51 71.69
N GLY W 81 -71.29 12.70 73.00
CA GLY W 81 -71.17 11.64 74.00
C GLY W 81 -69.78 11.02 74.02
N VAL W 82 -68.77 11.87 73.82
CA VAL W 82 -67.39 11.43 73.62
C VAL W 82 -66.74 10.77 74.84
N VAL W 83 -67.05 11.28 76.03
CA VAL W 83 -66.46 10.80 77.27
C VAL W 83 -67.04 9.43 77.62
N LYS W 84 -68.37 9.35 77.68
CA LYS W 84 -69.03 8.08 77.91
C LYS W 84 -68.78 7.15 76.72
N GLY W 85 -68.69 7.76 75.52
CA GLY W 85 -68.40 7.06 74.25
C GLY W 85 -67.03 6.41 74.17
N GLY W 86 -65.99 7.14 74.58
CA GLY W 86 -64.64 6.57 74.69
C GLY W 86 -64.48 5.50 75.76
N ARG W 87 -64.99 5.78 76.97
CA ARG W 87 -65.03 4.81 78.07
C ARG W 87 -65.68 3.47 77.66
N VAL W 88 -66.72 3.56 76.82
CA VAL W 88 -67.29 2.40 76.15
C VAL W 88 -66.30 1.84 75.13
N LEU W 89 -65.65 2.71 74.37
CA LEU W 89 -64.67 2.27 73.38
C LEU W 89 -63.43 1.66 74.02
N LEU W 90 -63.02 2.19 75.17
CA LEU W 90 -61.92 1.62 75.96
C LEU W 90 -62.27 0.28 76.61
N GLY W 91 -63.49 0.19 77.17
CA GLY W 91 -63.89 -0.96 77.97
C GLY W 91 -63.70 -0.71 79.46
N ALA W 92 -63.87 -1.77 80.25
CA ALA W 92 -63.80 -1.71 81.71
C ALA W 92 -62.38 -1.56 82.25
N THR W 93 -62.28 -0.89 83.40
CA THR W 93 -61.03 -0.74 84.18
C THR W 93 -60.24 -2.04 84.25
N ASN W 94 -60.99 -3.12 84.53
CA ASN W 94 -60.51 -4.48 84.59
C ASN W 94 -60.66 -5.07 83.21
N PRO W 95 -59.54 -5.41 82.54
CA PRO W 95 -59.59 -5.96 81.17
C PRO W 95 -60.26 -7.33 81.04
N ALA W 96 -60.45 -8.02 82.15
CA ALA W 96 -61.25 -9.24 82.16
C ALA W 96 -62.74 -8.90 82.09
N ASP W 97 -63.12 -7.72 82.56
CA ASP W 97 -64.51 -7.28 82.57
C ASP W 97 -64.90 -6.27 81.48
N SER W 98 -63.96 -5.88 80.64
CA SER W 98 -64.33 -5.26 79.37
C SER W 98 -64.65 -6.42 78.43
N LEU W 99 -65.61 -6.28 77.55
CA LEU W 99 -65.81 -7.35 76.61
C LEU W 99 -64.90 -7.16 75.39
N PRO W 100 -64.57 -8.27 74.70
CA PRO W 100 -63.81 -8.20 73.44
C PRO W 100 -64.48 -7.29 72.41
N GLY W 101 -63.66 -6.62 71.60
CA GLY W 101 -64.12 -5.58 70.68
C GLY W 101 -63.73 -4.19 71.18
N THR W 102 -63.48 -4.09 72.48
CA THR W 102 -62.91 -2.88 73.08
C THR W 102 -61.40 -3.07 73.07
N ILE W 103 -60.68 -1.99 73.36
CA ILE W 103 -59.22 -1.96 73.45
C ILE W 103 -58.68 -2.90 74.54
N ARG W 104 -59.16 -2.72 75.79
CA ARG W 104 -58.76 -3.53 76.95
C ARG W 104 -59.20 -4.97 76.80
N GLY W 105 -60.31 -5.17 76.11
CA GLY W 105 -60.85 -6.50 75.87
C GLY W 105 -60.10 -7.21 74.77
N ASP W 106 -59.54 -6.45 73.83
CA ASP W 106 -58.79 -7.01 72.71
C ASP W 106 -57.29 -7.13 72.93
N PHE W 107 -56.72 -6.18 73.68
CA PHE W 107 -55.27 -6.05 73.86
C PHE W 107 -54.84 -5.74 75.31
N ALA W 108 -55.43 -6.44 76.28
CA ALA W 108 -55.07 -6.29 77.69
C ALA W 108 -55.59 -7.49 78.50
N VAL W 109 -55.21 -7.57 79.78
CA VAL W 109 -55.56 -8.73 80.64
C VAL W 109 -55.69 -8.41 82.14
N ASP W 110 -55.04 -7.33 82.58
CA ASP W 110 -54.88 -7.00 83.99
C ASP W 110 -55.11 -5.51 84.21
N VAL W 111 -55.59 -5.17 85.42
CA VAL W 111 -55.91 -3.80 85.85
C VAL W 111 -54.71 -2.84 86.02
N GLY W 112 -53.65 -3.30 86.67
CA GLY W 112 -52.43 -2.51 86.82
C GLY W 112 -51.66 -2.29 85.52
N ARG W 113 -51.92 -3.14 84.53
CA ARG W 113 -51.40 -2.96 83.18
C ARG W 113 -52.55 -2.93 82.17
N ASN W 114 -53.35 -1.86 82.18
CA ASN W 114 -54.59 -1.83 81.37
C ASN W 114 -54.55 -0.99 80.09
N VAL W 115 -53.36 -0.81 79.53
CA VAL W 115 -53.17 -0.34 78.15
C VAL W 115 -53.66 1.09 77.77
N CYS W 116 -54.62 1.64 78.52
CA CYS W 116 -55.17 2.98 78.21
C CYS W 116 -56.11 3.58 79.29
N HIS W 117 -56.18 4.91 79.32
CA HIS W 117 -56.98 5.67 80.30
C HIS W 117 -57.86 6.64 79.56
N GLY W 118 -59.03 6.91 80.12
CA GLY W 118 -59.88 7.94 79.56
C GLY W 118 -60.50 8.81 80.63
N SER W 119 -60.91 10.00 80.23
CA SER W 119 -61.72 10.80 81.12
C SER W 119 -62.96 9.97 81.43
N ASP W 120 -63.31 9.88 82.72
CA ASP W 120 -64.45 9.09 83.18
C ASP W 120 -65.69 9.97 83.31
N SER W 121 -65.49 11.28 83.41
CA SER W 121 -66.62 12.20 83.43
C SER W 121 -66.23 13.58 82.91
N VAL W 122 -67.25 14.39 82.63
CA VAL W 122 -67.12 15.75 82.11
C VAL W 122 -66.17 16.55 82.98
N ASP W 123 -66.31 16.36 84.29
CA ASP W 123 -65.55 17.12 85.26
C ASP W 123 -64.07 16.86 85.19
N SER W 124 -63.70 15.57 85.08
CA SER W 124 -62.31 15.08 84.98
C SER W 124 -61.55 15.52 83.71
N ALA W 125 -62.16 15.26 82.55
CA ALA W 125 -61.68 15.72 81.26
C ALA W 125 -61.21 17.16 81.34
N LYS W 126 -62.06 18.03 81.89
CA LYS W 126 -61.78 19.46 81.97
C LYS W 126 -60.56 19.79 82.84
N ARG W 127 -60.29 18.99 83.87
CA ARG W 127 -59.05 19.09 84.65
C ARG W 127 -57.81 18.62 83.89
N GLU W 128 -57.89 17.39 83.34
CA GLU W 128 -56.80 16.72 82.62
C GLU W 128 -56.45 17.36 81.28
N ILE W 129 -57.47 17.89 80.61
CA ILE W 129 -57.26 18.60 79.37
C ILE W 129 -56.56 19.93 79.66
N ALA W 130 -56.88 20.54 80.81
CA ALA W 130 -56.18 21.73 81.29
C ALA W 130 -54.75 21.43 81.75
N PHE W 131 -54.56 20.31 82.45
CA PHE W 131 -53.23 19.91 82.94
C PHE W 131 -52.27 19.46 81.83
N TRP W 132 -52.80 18.67 80.90
CA TRP W 132 -51.99 18.02 79.87
C TRP W 132 -51.74 18.88 78.65
N PHE W 133 -52.66 19.79 78.35
CA PHE W 133 -52.57 20.62 77.14
C PHE W 133 -52.66 22.12 77.42
N LYS W 134 -51.74 22.89 76.84
CA LYS W 134 -51.87 24.35 76.71
C LYS W 134 -52.98 24.57 75.69
N PRO W 135 -53.78 25.65 75.82
CA PRO W 135 -55.02 25.83 75.01
C PRO W 135 -54.83 25.85 73.48
N GLU W 136 -53.81 26.57 73.01
CA GLU W 136 -53.44 26.65 71.59
C GLU W 136 -53.04 25.30 70.96
N GLU W 137 -53.00 24.27 71.80
CA GLU W 137 -52.60 22.94 71.36
C GLU W 137 -53.78 22.11 70.88
N LEU W 138 -54.97 22.44 71.39
CA LEU W 138 -56.24 21.99 70.81
C LEU W 138 -56.45 22.55 69.40
N VAL W 139 -56.61 21.66 68.41
CA VAL W 139 -56.69 22.02 66.99
C VAL W 139 -58.12 22.36 66.57
N ASN W 140 -58.31 23.55 66.00
CA ASN W 140 -59.65 23.98 65.53
C ASN W 140 -59.87 23.96 64.00
N TRP W 141 -60.75 23.05 63.58
CA TRP W 141 -60.95 22.71 62.17
C TRP W 141 -62.24 21.92 62.02
N THR W 142 -62.66 21.68 60.76
CA THR W 142 -63.85 20.86 60.47
C THR W 142 -63.57 19.63 59.61
N SER W 143 -64.07 18.48 60.08
CA SER W 143 -63.91 17.21 59.39
C SER W 143 -64.75 17.21 58.14
N HIS W 144 -64.17 16.71 57.04
CA HIS W 144 -64.93 16.52 55.81
C HIS W 144 -66.04 15.51 56.00
N SER W 145 -66.03 14.84 57.15
CA SER W 145 -67.00 13.78 57.46
C SER W 145 -68.23 14.30 58.20
N VAL W 146 -68.07 15.46 58.87
CA VAL W 146 -69.07 16.02 59.80
C VAL W 146 -70.53 15.88 59.37
N LYS W 147 -70.83 16.24 58.12
CA LYS W 147 -72.21 16.19 57.61
C LYS W 147 -72.80 14.77 57.51
N GLN W 148 -71.95 13.75 57.53
CA GLN W 148 -72.42 12.36 57.35
C GLN W 148 -72.37 11.53 58.63
N VAL W 149 -71.65 12.05 59.62
CA VAL W 149 -71.59 11.43 60.94
C VAL W 149 -72.67 12.13 61.80
N TYR W 150 -72.82 13.43 61.60
CA TYR W 150 -73.84 14.16 62.30
C TYR W 150 -74.98 14.52 61.36
N GLU W 151 -76.04 15.11 61.93
CA GLU W 151 -77.18 15.62 61.16
C GLU W 151 -76.89 17.06 60.67
N MET X 1 -83.91 -25.26 57.23
CA MET X 1 -82.89 -26.04 56.46
C MET X 1 -82.02 -25.12 55.60
N THR X 2 -81.32 -24.21 56.29
CA THR X 2 -80.28 -23.37 55.69
C THR X 2 -80.76 -22.51 54.49
N SER X 3 -82.06 -22.36 54.34
CA SER X 3 -82.63 -21.56 53.27
C SER X 3 -83.22 -20.21 53.75
N GLU X 4 -83.19 -19.95 55.06
CA GLU X 4 -83.72 -18.69 55.63
C GLU X 4 -83.05 -17.47 54.98
N ARG X 5 -83.86 -16.48 54.58
CA ARG X 5 -83.37 -15.27 53.91
C ARG X 5 -83.43 -14.02 54.78
N THR X 6 -82.54 -13.06 54.51
CA THR X 6 -82.72 -11.71 55.05
C THR X 6 -82.24 -10.61 54.12
N PHE X 7 -82.77 -9.41 54.31
CA PHE X 7 -82.38 -8.25 53.52
C PHE X 7 -81.49 -7.30 54.34
N ILE X 8 -80.36 -6.91 53.74
CA ILE X 8 -79.36 -6.04 54.36
C ILE X 8 -79.04 -4.95 53.35
N ALA X 9 -78.90 -3.71 53.80
CA ALA X 9 -78.47 -2.64 52.89
C ALA X 9 -77.64 -1.61 53.62
N VAL X 10 -76.49 -1.26 53.04
CA VAL X 10 -75.68 -0.17 53.58
C VAL X 10 -76.24 1.18 53.13
N LYS X 11 -76.53 2.04 54.11
CA LYS X 11 -77.17 3.34 53.88
C LYS X 11 -76.19 4.32 53.22
N PRO X 12 -76.65 5.50 52.79
CA PRO X 12 -75.69 6.37 52.09
C PRO X 12 -74.37 6.62 52.85
N ASP X 13 -74.40 6.62 54.17
CA ASP X 13 -73.17 6.88 54.95
C ASP X 13 -72.13 5.77 54.84
N GLY X 14 -72.58 4.53 54.68
CA GLY X 14 -71.67 3.40 54.47
C GLY X 14 -70.98 3.47 53.13
N VAL X 15 -71.76 3.72 52.09
CA VAL X 15 -71.24 3.89 50.74
C VAL X 15 -70.22 5.05 50.70
N GLN X 16 -70.53 6.16 51.39
CA GLN X 16 -69.65 7.32 51.46
C GLN X 16 -68.47 7.16 52.42
N ARG X 17 -68.67 6.45 53.52
CA ARG X 17 -67.57 6.23 54.44
C ARG X 17 -66.73 5.04 53.99
N CYS X 18 -66.79 4.75 52.69
CA CYS X 18 -65.90 3.80 52.02
C CYS X 18 -65.99 2.37 52.59
N LEU X 19 -67.20 1.94 52.93
CA LEU X 19 -67.35 0.77 53.79
C LEU X 19 -67.93 -0.50 53.14
N VAL X 20 -68.41 -0.38 51.91
CA VAL X 20 -69.16 -1.46 51.22
C VAL X 20 -68.51 -2.83 51.37
N GLY X 21 -67.18 -2.85 51.24
CA GLY X 21 -66.43 -4.08 51.21
C GLY X 21 -66.32 -4.81 52.53
N GLU X 22 -65.96 -4.07 53.58
CA GLU X 22 -65.71 -4.61 54.92
C GLU X 22 -66.95 -5.32 55.45
N ILE X 23 -68.09 -4.65 55.30
CA ILE X 23 -69.42 -5.17 55.62
C ILE X 23 -69.76 -6.43 54.82
N ILE X 24 -69.60 -6.37 53.49
CA ILE X 24 -69.82 -7.53 52.62
C ILE X 24 -68.87 -8.64 53.01
N GLN X 25 -67.64 -8.26 53.34
CA GLN X 25 -66.66 -9.20 53.88
C GLN X 25 -67.14 -9.85 55.21
N ARG X 26 -67.77 -9.04 56.07
CA ARG X 26 -68.21 -9.50 57.39
C ARG X 26 -69.23 -10.62 57.32
N PHE X 27 -70.10 -10.55 56.31
CA PHE X 27 -71.04 -11.61 56.02
C PHE X 27 -70.33 -12.83 55.45
N GLU X 28 -69.27 -12.60 54.67
CA GLU X 28 -68.68 -13.66 53.84
C GLU X 28 -67.88 -14.73 54.58
N LYS X 29 -66.93 -14.27 55.37
CA LYS X 29 -66.10 -15.15 56.23
C LYS X 29 -66.96 -15.96 57.23
N LYS X 30 -68.16 -15.41 57.48
CA LYS X 30 -69.10 -15.91 58.45
C LYS X 30 -69.77 -17.23 58.03
N GLY X 31 -70.29 -17.25 56.81
CA GLY X 31 -70.97 -18.44 56.28
C GLY X 31 -72.20 -18.06 55.47
N TYR X 32 -72.37 -16.75 55.30
CA TYR X 32 -73.54 -16.21 54.64
C TYR X 32 -73.34 -16.25 53.13
N LYS X 33 -74.12 -17.09 52.46
CA LYS X 33 -74.13 -17.18 51.00
C LYS X 33 -74.94 -16.02 50.42
N LEU X 34 -74.40 -15.33 49.42
CA LEU X 34 -75.16 -14.26 48.77
C LEU X 34 -76.22 -14.80 47.82
N VAL X 35 -77.38 -14.14 47.82
CA VAL X 35 -78.45 -14.48 46.91
C VAL X 35 -78.68 -13.33 45.92
N ALA X 36 -78.77 -12.10 46.42
CA ALA X 36 -78.93 -10.91 45.56
C ALA X 36 -78.32 -9.64 46.16
N LEU X 37 -77.77 -8.80 45.28
CA LEU X 37 -76.96 -7.66 45.67
C LEU X 37 -77.04 -6.63 44.58
N LYS X 38 -77.38 -5.39 44.93
CA LYS X 38 -77.57 -4.34 43.92
C LYS X 38 -77.20 -2.97 44.45
N MET X 39 -76.55 -2.16 43.60
CA MET X 39 -76.21 -0.75 43.90
C MET X 39 -77.10 0.19 43.08
N LEU X 40 -77.78 1.13 43.76
CA LEU X 40 -78.73 2.05 43.10
C LEU X 40 -79.11 3.26 43.98
N GLN X 41 -79.94 4.14 43.43
CA GLN X 41 -80.52 5.20 44.23
C GLN X 41 -82.01 4.89 44.39
N PRO X 42 -82.44 4.60 45.63
CA PRO X 42 -83.85 4.31 45.90
C PRO X 42 -84.72 5.57 45.80
N SER X 43 -85.91 5.43 45.25
CA SER X 43 -86.81 6.56 45.05
C SER X 43 -87.51 6.97 46.34
N ALA X 44 -88.21 8.11 46.30
CA ALA X 44 -88.98 8.62 47.43
C ALA X 44 -90.04 7.62 47.86
N GLU X 45 -90.77 7.07 46.89
CA GLU X 45 -91.79 6.07 47.21
C GLU X 45 -91.13 4.76 47.64
N GLN X 46 -89.94 4.46 47.10
CA GLN X 46 -89.16 3.29 47.49
C GLN X 46 -88.72 3.28 48.96
N ALA X 47 -88.11 4.36 49.42
CA ALA X 47 -87.75 4.50 50.83
C ALA X 47 -89.01 4.52 51.71
N GLN X 48 -90.06 5.19 51.21
CA GLN X 48 -91.33 5.30 51.93
C GLN X 48 -92.03 3.98 52.20
N GLN X 49 -92.06 3.14 51.17
CA GLN X 49 -92.56 1.76 51.21
C GLN X 49 -91.80 0.87 52.16
N HIS X 50 -90.48 1.03 52.14
CA HIS X 50 -89.56 0.20 52.92
C HIS X 50 -89.73 0.43 54.38
N TYR X 51 -89.92 1.69 54.75
CA TYR X 51 -90.11 2.08 56.15
C TYR X 51 -91.52 2.56 56.43
N ILE X 52 -92.54 1.84 56.00
CA ILE X 52 -93.91 2.33 56.25
C ILE X 52 -94.32 2.19 57.72
N ASP X 53 -93.75 1.22 58.42
CA ASP X 53 -94.07 1.04 59.83
C ASP X 53 -93.45 2.12 60.73
N LEU X 54 -92.54 2.92 60.17
CA LEU X 54 -92.09 4.17 60.80
C LEU X 54 -92.79 5.40 60.20
N ALA X 55 -94.13 5.34 60.16
CA ALA X 55 -95.00 6.23 59.38
C ALA X 55 -95.36 7.60 59.99
N SER X 56 -95.92 7.60 61.19
CA SER X 56 -96.39 8.85 61.77
C SER X 56 -95.39 9.46 62.75
N LYS X 57 -94.23 8.82 62.87
CA LYS X 57 -93.18 9.30 63.77
C LYS X 57 -92.54 10.60 63.26
N PRO X 58 -92.40 11.60 64.16
CA PRO X 58 -91.73 12.89 64.01
C PRO X 58 -90.41 12.89 63.24
N PHE X 59 -89.60 11.84 63.39
CA PHE X 59 -88.31 11.78 62.69
C PHE X 59 -88.41 11.45 61.20
N TYR X 60 -89.61 11.16 60.71
CA TYR X 60 -89.81 10.49 59.40
C TYR X 60 -89.23 11.17 58.15
N LYS X 61 -89.51 12.44 57.95
CA LYS X 61 -89.02 13.11 56.74
C LYS X 61 -87.50 13.14 56.69
N ASP X 62 -86.88 13.26 57.85
CA ASP X 62 -85.42 13.20 58.02
C ASP X 62 -84.91 11.81 57.66
N LEU X 63 -85.71 10.81 58.00
CA LEU X 63 -85.36 9.41 57.79
C LEU X 63 -85.30 9.06 56.30
N VAL X 64 -86.36 9.39 55.57
CA VAL X 64 -86.36 9.08 54.14
C VAL X 64 -85.32 9.91 53.35
N ALA X 65 -85.17 11.19 53.68
CA ALA X 65 -84.23 12.10 53.00
C ALA X 65 -82.76 11.65 53.03
N TYR X 66 -82.31 11.24 54.21
CA TYR X 66 -80.98 10.68 54.42
C TYR X 66 -80.82 9.42 53.58
N PHE X 67 -81.85 8.57 53.64
CA PHE X 67 -81.88 7.29 52.92
C PHE X 67 -81.87 7.48 51.40
N SER X 68 -82.19 8.69 50.92
CA SER X 68 -82.14 8.99 49.49
C SER X 68 -80.99 9.93 49.12
N SER X 69 -80.27 10.42 50.12
CA SER X 69 -79.20 11.40 49.88
C SER X 69 -77.97 10.79 49.18
N GLY X 70 -77.89 9.47 49.18
CA GLY X 70 -76.85 8.73 48.47
C GLY X 70 -77.32 7.37 47.95
N PRO X 71 -76.55 6.77 47.02
CA PRO X 71 -76.89 5.41 46.60
C PRO X 71 -76.67 4.38 47.72
N ILE X 72 -77.56 3.39 47.77
CA ILE X 72 -77.59 2.31 48.77
C ILE X 72 -77.07 1.03 48.13
N VAL X 73 -76.39 0.17 48.88
CA VAL X 73 -76.09 -1.18 48.40
C VAL X 73 -77.00 -2.25 49.07
N GLY X 74 -77.94 -2.77 48.28
CA GLY X 74 -78.86 -3.82 48.73
C GLY X 74 -78.23 -5.20 48.72
N MET X 75 -78.58 -6.01 49.73
CA MET X 75 -78.06 -7.37 49.86
C MET X 75 -79.13 -8.34 50.32
N VAL X 76 -78.92 -9.62 50.02
CA VAL X 76 -79.80 -10.70 50.43
C VAL X 76 -78.90 -11.91 50.72
N TRP X 77 -78.77 -12.25 52.00
CA TRP X 77 -77.85 -13.31 52.48
C TRP X 77 -78.61 -14.45 53.06
N GLU X 78 -78.18 -15.68 52.79
CA GLU X 78 -78.96 -16.88 53.13
C GLU X 78 -78.29 -17.86 54.10
N GLY X 79 -79.07 -18.39 55.03
CA GLY X 79 -78.59 -19.44 55.94
C GLY X 79 -79.41 -19.67 57.18
N LYS X 80 -78.90 -20.48 58.10
CA LYS X 80 -79.53 -20.67 59.41
C LYS X 80 -79.37 -19.42 60.28
N GLY X 81 -80.50 -18.98 60.84
CA GLY X 81 -80.55 -17.76 61.66
C GLY X 81 -79.87 -16.55 61.05
N VAL X 82 -79.81 -16.53 59.72
CA VAL X 82 -79.15 -15.46 58.96
C VAL X 82 -79.77 -14.09 59.28
N VAL X 83 -81.05 -14.08 59.67
CA VAL X 83 -81.72 -12.84 60.04
C VAL X 83 -81.29 -12.32 61.42
N LYS X 84 -81.57 -13.09 62.47
CA LYS X 84 -81.29 -12.65 63.84
C LYS X 84 -79.79 -12.54 64.10
N GLY X 85 -79.03 -13.51 63.58
CA GLY X 85 -77.57 -13.49 63.64
C GLY X 85 -77.00 -12.37 62.80
N GLY X 86 -77.62 -12.11 61.65
CA GLY X 86 -77.24 -11.02 60.76
C GLY X 86 -77.40 -9.65 61.40
N ARG X 87 -78.49 -9.47 62.13
CA ARG X 87 -78.71 -8.23 62.89
C ARG X 87 -77.71 -8.15 64.03
N VAL X 88 -77.51 -9.31 64.67
CA VAL X 88 -76.50 -9.52 65.73
C VAL X 88 -75.11 -9.14 65.25
N LEU X 89 -74.79 -9.47 64.00
CA LEU X 89 -73.56 -9.02 63.36
C LEU X 89 -73.59 -7.51 63.23
N LEU X 90 -74.76 -6.95 62.94
CA LEU X 90 -74.88 -5.52 62.73
C LEU X 90 -74.83 -4.80 64.06
N GLY X 91 -75.40 -5.41 65.10
CA GLY X 91 -75.43 -4.84 66.45
C GLY X 91 -76.78 -4.24 66.77
N ALA X 92 -76.90 -3.60 67.92
CA ALA X 92 -78.14 -2.88 68.25
C ALA X 92 -78.26 -1.65 67.35
N THR X 93 -79.47 -1.40 66.83
CA THR X 93 -79.76 -0.28 65.92
C THR X 93 -78.90 0.96 66.19
N ASN X 94 -78.72 1.26 67.47
CA ASN X 94 -77.99 2.45 67.91
C ASN X 94 -76.55 2.18 68.35
N PRO X 95 -75.58 2.78 67.64
CA PRO X 95 -74.13 2.81 67.85
C PRO X 95 -73.61 2.96 69.28
N ALA X 96 -74.36 3.62 70.17
CA ALA X 96 -73.92 3.81 71.58
C ALA X 96 -74.05 2.56 72.47
N ASP X 97 -75.08 1.76 72.22
CA ASP X 97 -75.22 0.44 72.85
C ASP X 97 -74.40 -0.63 72.14
N SER X 98 -74.15 -0.39 70.84
CA SER X 98 -73.49 -1.34 69.92
C SER X 98 -72.08 -1.76 70.30
N LEU X 99 -71.93 -3.04 70.61
CA LEU X 99 -70.66 -3.60 71.03
C LEU X 99 -69.64 -3.62 69.88
N PRO X 100 -68.47 -3.01 70.08
CA PRO X 100 -67.40 -3.15 69.09
C PRO X 100 -67.13 -4.62 68.73
N GLY X 101 -66.97 -4.88 67.45
CA GLY X 101 -67.02 -6.23 66.94
C GLY X 101 -68.19 -6.32 65.99
N THR X 102 -69.26 -5.58 66.33
CA THR X 102 -70.40 -5.34 65.43
C THR X 102 -70.12 -4.19 64.45
N ILE X 103 -70.96 -4.09 63.41
CA ILE X 103 -70.67 -3.17 62.32
C ILE X 103 -70.83 -1.70 62.74
N ARG X 104 -71.90 -1.37 63.46
CA ARG X 104 -72.14 0.00 63.90
C ARG X 104 -71.28 0.35 65.11
N GLY X 105 -71.06 -0.63 65.98
CA GLY X 105 -70.21 -0.46 67.15
C GLY X 105 -68.76 -0.28 66.75
N ASP X 106 -68.44 -0.66 65.50
CA ASP X 106 -67.11 -0.46 64.92
C ASP X 106 -67.02 0.86 64.14
N PHE X 107 -68.09 1.22 63.45
CA PHE X 107 -68.02 2.27 62.41
C PHE X 107 -68.95 3.47 62.57
N ALA X 108 -69.53 3.68 63.75
CA ALA X 108 -70.51 4.75 63.86
C ALA X 108 -70.62 5.35 65.25
N VAL X 109 -71.00 6.63 65.29
CA VAL X 109 -71.40 7.29 66.54
C VAL X 109 -72.94 7.38 66.65
N ASP X 110 -73.57 8.12 65.75
CA ASP X 110 -74.98 8.44 65.85
C ASP X 110 -75.89 7.34 65.27
N VAL X 111 -77.02 7.07 65.92
CA VAL X 111 -78.03 6.15 65.35
C VAL X 111 -78.68 6.74 64.09
N GLY X 112 -78.77 8.07 64.01
CA GLY X 112 -79.18 8.77 62.79
C GLY X 112 -78.21 8.51 61.65
N ARG X 113 -77.05 7.97 61.99
CA ARG X 113 -76.02 7.63 61.01
C ARG X 113 -75.37 6.27 61.34
N ASN X 114 -76.18 5.23 61.21
CA ASN X 114 -75.82 3.86 61.60
C ASN X 114 -75.40 2.89 60.47
N VAL X 115 -74.86 3.45 59.38
CA VAL X 115 -74.11 2.70 58.36
C VAL X 115 -74.89 1.76 57.43
N CYS X 116 -76.03 1.22 57.87
CA CYS X 116 -76.52 -0.02 57.28
C CYS X 116 -77.86 -0.48 57.84
N HIS X 117 -78.61 -1.24 57.04
CA HIS X 117 -79.89 -1.82 57.49
C HIS X 117 -79.81 -3.32 57.54
N GLY X 118 -80.18 -3.89 58.71
CA GLY X 118 -80.35 -5.33 58.91
C GLY X 118 -81.71 -5.66 59.47
N SER X 119 -82.38 -6.63 58.82
CA SER X 119 -83.79 -6.97 59.09
C SER X 119 -84.06 -7.45 60.53
N ASP X 120 -85.22 -7.08 61.07
CA ASP X 120 -85.63 -7.51 62.41
C ASP X 120 -86.22 -8.94 62.44
N SER X 121 -86.81 -9.38 61.32
CA SER X 121 -87.36 -10.73 61.17
C SER X 121 -87.50 -11.17 59.70
N VAL X 122 -87.62 -12.50 59.51
CA VAL X 122 -87.76 -13.09 58.16
C VAL X 122 -88.98 -12.54 57.44
N ASP X 123 -90.10 -12.43 58.15
CA ASP X 123 -91.32 -11.87 57.59
C ASP X 123 -91.09 -10.45 57.07
N SER X 124 -90.30 -9.66 57.81
CA SER X 124 -89.90 -8.31 57.42
C SER X 124 -88.94 -8.35 56.25
N ALA X 125 -87.96 -9.24 56.35
CA ALA X 125 -87.01 -9.49 55.28
C ALA X 125 -87.75 -9.86 53.97
N LYS X 126 -88.65 -10.85 54.04
CA LYS X 126 -89.47 -11.29 52.89
C LYS X 126 -90.26 -10.16 52.21
N ARG X 127 -90.75 -9.23 53.03
CA ARG X 127 -91.45 -8.03 52.53
C ARG X 127 -90.44 -7.13 51.83
N GLU X 128 -89.26 -7.00 52.43
CA GLU X 128 -88.20 -6.21 51.85
C GLU X 128 -87.54 -6.87 50.62
N ILE X 129 -87.63 -8.21 50.52
CA ILE X 129 -87.09 -8.96 49.36
C ILE X 129 -87.98 -8.69 48.14
N ALA X 130 -89.28 -8.71 48.39
CA ALA X 130 -90.32 -8.58 47.38
C ALA X 130 -90.35 -7.16 46.79
N PHE X 131 -90.20 -6.19 47.67
CA PHE X 131 -90.18 -4.80 47.28
C PHE X 131 -88.85 -4.41 46.65
N TRP X 132 -87.75 -4.86 47.27
CA TRP X 132 -86.40 -4.42 46.91
C TRP X 132 -85.84 -5.07 45.68
N PHE X 133 -86.35 -6.25 45.35
CA PHE X 133 -85.74 -7.06 44.31
C PHE X 133 -86.79 -7.76 43.45
N LYS X 134 -86.44 -7.98 42.18
CA LYS X 134 -87.11 -8.95 41.34
C LYS X 134 -86.68 -10.32 41.86
N PRO X 135 -87.55 -11.34 41.71
CA PRO X 135 -87.15 -12.71 42.06
C PRO X 135 -86.02 -13.23 41.17
N GLU X 136 -86.09 -12.98 39.86
CA GLU X 136 -85.08 -13.42 38.89
C GLU X 136 -83.69 -12.79 39.08
N GLU X 137 -83.56 -11.92 40.09
CA GLU X 137 -82.28 -11.29 40.45
C GLU X 137 -81.58 -12.08 41.56
N LEU X 138 -82.34 -12.97 42.18
CA LEU X 138 -81.84 -13.77 43.28
C LEU X 138 -81.20 -15.04 42.70
N VAL X 139 -79.86 -15.03 42.71
CA VAL X 139 -79.08 -16.06 42.02
C VAL X 139 -79.07 -17.36 42.83
N ASN X 140 -79.73 -18.38 42.29
CA ASN X 140 -79.67 -19.70 42.91
C ASN X 140 -78.38 -20.42 42.54
N TRP X 141 -77.50 -20.53 43.53
CA TRP X 141 -76.28 -21.31 43.42
C TRP X 141 -75.90 -21.78 44.80
N THR X 142 -74.94 -22.71 44.86
CA THR X 142 -74.49 -23.35 46.10
C THR X 142 -73.04 -23.03 46.41
N SER X 143 -72.76 -22.66 47.66
CA SER X 143 -71.38 -22.42 48.10
C SER X 143 -70.59 -23.72 48.09
N HIS X 144 -69.39 -23.70 47.50
CA HIS X 144 -68.54 -24.89 47.42
C HIS X 144 -68.12 -25.33 48.79
N SER X 145 -68.37 -24.47 49.76
CA SER X 145 -68.17 -24.76 51.18
C SER X 145 -69.50 -24.81 51.96
N VAL X 146 -70.57 -25.25 51.28
CA VAL X 146 -71.85 -25.47 51.95
C VAL X 146 -71.71 -26.49 53.05
N LYS X 147 -71.00 -27.58 52.79
CA LYS X 147 -70.92 -28.72 53.68
C LYS X 147 -70.06 -28.49 54.93
N GLN X 148 -69.11 -27.57 54.83
CA GLN X 148 -68.22 -27.27 55.97
C GLN X 148 -68.77 -26.17 56.86
N VAL X 149 -69.70 -25.38 56.35
CA VAL X 149 -70.42 -24.42 57.18
C VAL X 149 -71.67 -25.09 57.81
N TYR X 150 -72.22 -26.12 57.13
CA TYR X 150 -73.51 -26.74 57.49
C TYR X 150 -73.55 -28.28 57.54
N GLU X 151 -74.15 -28.83 58.61
CA GLU X 151 -74.42 -30.29 58.65
C GLU X 151 -75.77 -30.61 58.03
#